data_6YLF
#
_entry.id   6YLF
#
_cell.length_a   1.00
_cell.length_b   1.00
_cell.length_c   1.00
_cell.angle_alpha   90.00
_cell.angle_beta   90.00
_cell.angle_gamma   90.00
#
_symmetry.space_group_name_H-M   'P 1'
#
loop_
_entity.id
_entity.type
_entity.pdbx_description
1 polymer Midasin
2 polymer 'Ribosome assembly protein 4'
#
loop_
_entity_poly.entity_id
_entity_poly.type
_entity_poly.pdbx_seq_one_letter_code
_entity_poly.pdbx_strand_id
1 'polypeptide(L)'
;MSQDRILLDLDVVNQRLILFNSAFPSDAIEAPFHFSNKESTSENLDNLAGTILHSRSITGHVFLYKHIFLEIVARWIKDS
KKKDYVLVIEKLASIITIFPVAMPLIEDYLDKENDHFITILQNPSTQKDSDMFKILLAYYRLLYHNKEVFARFIQPDILY
QLVDLLTKEQENQVVIFLALKVLSLYLDMGEKTLNDMLDTYIKSRDSLLGHFEGDSGIDYSFLELNEAKRCANFSKLPSV
PECFTIEKKSSYFIIEPQDLSTKVASICGVIVPKVHTIHDKVFYPLTFVPTHKTVSSLRQLGRKIQNSTPIMLIGKAGSG
KTFLINELSKYMGCHDSIVKIHLGEQTDAKLLIGTYTSGDKPGTFEWRAGVLATAVKEGRWVLIEDIDKAPTDVLSILLS
LLEKRELTIPSRGETVKAANGFQLISTVRINEDHQKDSSNKIYNLNMIGMRIWNVIELEEPSEEDLTHILAQKFPILTNL
IPKLIDSYKNVKSIYMNTKFISLNKGAHTRVVSVRDLIKLCERLDILFKNNGINKPDQLIQSSVYDSIFSEAADCFAGAI
GEFKALEPIIQAIGESLDIASSRISLFLTQHVPTLENLDDSIKIGRAVLLKEKLNIQKKSMNSTLFAFTNHSLRLMEQIS
VCIQMTEPVLLVGETGTGKTTVVQQLAKMLAKKLTVINVSQQTETGDLLGGYKPVNSKTVAVPIQENFETLFNATFSLKK
NEKFHKMLHRCFNKNQWKNVVKLWNEAYKMAQSILKITNTENENENAKKKKRRLNTHEKKLLLDKWADFNDSVKKFEAQS
SSIENSFVFNFVEGSLVKTIRAGEWLLLDEVNLATADTLESISDLLTEPDSRSILLSEKGDAEPIKAHPDFRIFACMNPA
TDVGKRDLPMGIRSRFTEIYVHSPERDITDLLSIIDKYIGKYSVSDEWVGNDIAELYLEAKKLSDNNTIVDGSNQKPHFS
IRTLTRTLLYVTDIIHIYGLRRSLYDGFCMSFLTLLDQKSEAILKPVIEKFTLGRLKNVKSIMSQTPPSPGPDYVQFKHY
WMKKGPNTIQEQAHYIITPFVEKNMMNLVRATSGKRFPVLIQGPTSSGKTSMIKYLADITGHKFVRINNHEHTDLQEYLG
TYVTDDTGKLSFKEGVLVEALRKGYWIVLDELNLAPTDVLEALNRLLDDNRELFIPETQEVVHPHPDFLLFATQNPPGIY
GGRKILSRAFRNRFLELHFDDIPQDELEIILRERCQIAPSYAKKIVEVYRQLSIERSASRLFEQKNSFATLRDLFRWALR
DAVGYEQLAASGYMLLAERCRTPQEKVTVKKTLEKVMKVKLDMDQYYASLEDKSLEAIGSVTWTKGMRRLSVLVSSCLKN
KEPVLLVGETGCGKTTICQLLAQFMGRELITLNAHQNTETGDILGAQRPVRNRSEIQYKLIKSLKTALNIANDQDVDLKE
LLQLYSKSDNKNIAEDVQLEIQKLRDSLNVLFEWSDGPLIQAMRTGNFFLLDEISLADDSVLERLNSVLEPERSLLLAEQ
GSSDSLVTASENFQFFATMNPGGDYGKKELSPALRNRFTEIWVPSMEDFNDVNMIVSSRLLEDLKDLANPIVKFSEWFGK
KLGGGNATSGVISLRDILAWVEFINKVFPKIQNKSTALIQGASMVFIDALGTNNTAYLAENENDLKSLRTECIIQLLKLC
GDDLELQQIETNEIIVTQDELQVGMFKIPRFPDAQSSSFNLTAPTTASNLVRVVRAMQVHKPILLEGSPGVGKTSLITAL
ANITGNKLTRINLSEQTDLVDLFGADAPGERSGEFLWHDAPFLRAMKKGEWVLLDEMNLASQSVLEGLNACLDHRGEAYI
PELDISFSCHPNFLVFAAQNPQYQGGGRKGLPKSFVNRFSVVFIDMLTSDDLLLIAKHLYPSIEPDIIAKMIKLMSTLED
QVCKRKLWGNSGSPWEFNLRDTLRWLKLLNQYSICEDVDVFDFVDIIVKQRFRTISDKNKAQLLIEDIFGKFSTKENFFK
LTEDYVQINNEVALRNPHYRYPITQNLFPLECNVAVYESVLKAINNNWPLVLVGPSNSGKTETIRFLASILGPRVDVFSM
NSDIDSMDILGGYEQVDLTRQISYITEELTNIVREIISMNMKLSPNATAIMEGLNLLKYLLNNIVTPEKFQDFRNRFNRF
FSHLEGHPLLKTMSMNIEKMTEIITKEASVKFEWFDGMLVKAVEKGHWLILDNANLCSPSVLDRLNSLLEIDGSLLINEC
SQEDGQPRVLKPHPNFRLFLTMDPKYGELSRAMRNRGVEIYIDELHSRSTAFDRLTLGFELGENIDFVSIDDGIKKIKLN
EPDMSIPLKHYVPSYLSRPCIFAQVHDILLLSDEEPIEESLAAVIPISHLGEVGKWANNVLNCTEYSEKKIAERLYVFIT
FLTDMGVLEKINNLYKPANLKFQKALGLHDKQLTEETVSLTLNEYVLPTVSKYSDKIKSPESLYLLSSLRLLLNSLNALK
LINEKSTHGKIDELTYIELSAAAFNGRHLKNIPRIPIFCILYNILTVMSENLKTESLFCGSNQYQYYWDLLVIVIAALET
AVTKDEARLRVYKELIDSWIASVKSKSDIEITPFLNINLEFTDVLQLSRGHSITLLWDIFRKNYPTTSNSWLAFEKLINL
SEKFDKVRLLQFSESYNSIKDLMDVFRLLNDDVLNNKLSEFNLLLSKLEDGINELELISNKFLNKRKHYFADEFDNLIRY
TFSVDTAELIKELAPASSLATQKLTKLITNKYNYPPIFDVLWTEKNAKLTSFTSTIFSSQFLEDVVRKSNNLKSFSGNQI
KQSISDAELLLSSTIKCSPNLLKSQMEYYKNMLLSWLRKVIDIHVGGDCLKLTLKELCSLIEEKTASETRVTFAEYIFPA
LDLAESSKSLEELGEAWITFGTGLLLLFVPDSPYDPAIHDYVLYDLFLKTKTFSQNLMKSWRNVRKVISGDEEIFTEKLI
NTISDDDAPQSPRVYRTGMSIDSLFDEWMAFLSSTMSSRQIKELVSSYKCNSDQSDRRLEMLQQNSAHFLNRLESGYSKF
ADLNDILAGYIYSINFGFDLLKLQKSKDRASFQISPLWSMDPINISCAENVLSAYHELSRFFKKGDMEDTSIEKVLMYFL
TLFKFHKRDTNLLEIFEAALYTLYSRWSVRRFRQEQEENEKSNMFKFNDNSDDYEADFRKLFPDYEDTALVTNEKDISSP
ENLDDIYFKLADTYISVFDKDHDANFSSELKSGAIITTILSEDLKNTRIEELKSGSLSAVINTLDAETQSFKNTEVFGNI
DFYHDFSIPEFQKAGDIIETVLKSVLKLLKQWPEHATLKELYRVSQEFLNYPIKTPLARQLQKIEQIYTYLAEWEKYASS
EVSLNNTVKLITDLIVSWRKLELRTWKGLFNSEDAKTRKSIGKWWFYLYESIVISNFVSEKKETAPNATLLVSSLNLFFS
KSTLGEFNARLDLVKAFYKHIQLIGLRSSKIAGLLHNTIKFYYQFKPLIDERITNGKKSLEKEIDDIILLASWKDVNVDA
LKQSSRKSHNNLYKIVRKYRDLLNGDAKTIIEAGLLYSNENKLKLPTLKQHFYEDPNLEASKNLVKEISTWSMRAAPLRN
IDTVASNMDSYLEKISSQEFPNFADLASDFYAEAERLRKETPNVYTKENKKRLAYLKTQKSKLLGDALKELRRIGLKVNF
REDIQKVQSSTTTILANIAPFNNEYLNSSDAFFFKILDLLPKLRSAASNPSDDIPVAAIERGMALAQSLMFSLITVRHPL
SEFTNDYCKINGMMLDLEHFTCLKGDIVHSSLKANVDNVRLFEKWLPSLLDYAAQTLSVISKYSATSEQQKILLDAKSTL
SSFFVHFNSSRIFDSSFIESYSRFELFINELLKKLENAKETGNAFVFDIIIEWIKANKGGPIKKEQKRGPSVEDVEQAFR
RTFTSIILSFQKVIGDGIESISETDDNWLSASFKKVMVNVKLLRSSVVSKNIETALSLLKDFDFTTTESIYVKSVISFTL
PVITRYYNAMTVVLERSRIYYTNTSRGMYILSTILHSLAKNGFCSPQPPSEEVDDKNLQEGTGLGDGEGAQNNNKDVEQD
EDLTEDAQNENKEQQDKDERDDENEDDAVEMEGDMAGELEDLSNGEENDDEDTDSEEEELDEEIDDLNEDDPNAIDDKMW
DDKASDNSKEKDTDQNLDGKNQEEDVQAAENDEQQRDNKEGGDEDPNAPEDGDEEIENDENAEEENDVGEQEDEVKDEEG
EDLEANVPEIETLDLPEDMNLDSEHEESDEDVDMSDGMPDDLNKEEVGNEDEEVKQESGIESDNENDEPGPEEDAGETET
ALDEEEGAEEDVDMTNDEGKEDEENGPEEQAMSDEEELKQDAAMEENKEKGGEQNTEGLDGVEEKADTEDIDQEAAVQQD
SGSKGAGADATDTQEQDDVGGSGTTQNTYEEDQEDVTKNNEESREEATAALKQLGDSMKEYHRRRQDIKEAQTNGEEDEN
LEKNNERPDEFEHVEGANTETDTQALGSATQDQLQTIDEDMAIDDDREEQEVDQKELVEDADDEKMDIDEEEMLSDIDAH
DANNDVDSKKSGFIGKRKSEEDFENELSNEHFSADQEDDSEIQSLIENIEDNPPDASASLTPERSLEESRELWHKSEIST
ADLVSRLGEQLRLILEPTLATKLKGDYKTGKRLNMKRIIPYIASQFRKDKIWLRRTKPSKRQYQIMIALDDSKSMSESKC
VKLAFDSLCLVSKTLTQLEAGGLSIVKFGENIKEVHSFDQQFSNESGARAFQWFGFQETKTDVKKLVAESTKIFERARAM
VHNDQWQLEIVISDGICEDHETIQKLVRRARENKIMLVFVIIDGITSNESILDMSQVNYIPDQYGNPQLKITKYLDTFPF
EFYVVVHDISELPEMLSLILRQYFTDLASS
;
AP1
2 'polypeptide(L)'
;MSTLIPPPSKKQKKEAQLPREVAIIPKDLPNVSIKFQALDTGDNVGGALRVPGAISEKQLEELLNQLNGTSDDPVPYTFS
CTIQGKKASDPVKTIDITDNLYSSLIKPGYNSTEDQITLLYTPRAVFKVKPVTRSSSAIAGHGSTILCSAFAPHTSSRMV
TGAGDNTARIWDCDTQTPMHTLKGHYNWVLCVSWSPDGEVIATGSMDNTIRLWDPKSGQCLGDALRGHSKWITSLSWEPI
HLVKPGSKPRLASSSKDGTIKIWDTVSRVCQYTMSGHTNSVSCVKWGGQGLLYSGSHDRTVRVWDINSQGRCINILKSHA
HWVNHLSLSTDYALRIGAFDHTGKKPSTPEEAQKKALENYEKICKKNGNSEEMMVTASDDYTMFLWNPLKSTKPIARMTG
HQKLVNHVAFSPDGRYIVSASFDNSIKLWDGRDGKFISTFRGHVASVYQVAWSSDCRLLVSCSKDTTLKVWDVRTRKLSV
DLPGHKDEVYTVDWSVDGKRVCSGGKDKMVRLWTH
;
xP1
#
# COMPACT_ATOMS: atom_id res chain seq x y z
N GLN A 3 39.43 28.60 -34.25
CA GLN A 3 38.12 28.38 -34.86
C GLN A 3 37.02 28.51 -33.81
N ASP A 4 37.02 27.59 -32.85
CA ASP A 4 36.00 27.57 -31.82
C ASP A 4 36.31 28.59 -30.72
N ARG A 5 35.25 29.12 -30.13
CA ARG A 5 35.35 30.24 -29.20
C ARG A 5 34.05 30.32 -28.41
N ILE A 6 33.88 31.42 -27.69
CA ILE A 6 32.75 31.61 -26.80
C ILE A 6 31.51 31.92 -27.62
N LEU A 7 30.38 31.36 -27.20
CA LEU A 7 29.06 31.73 -27.69
C LEU A 7 28.24 32.21 -26.50
N LEU A 8 27.19 32.98 -26.77
CA LEU A 8 26.38 33.50 -25.69
C LEU A 8 25.04 33.96 -26.22
N ASP A 9 23.96 33.31 -25.77
CA ASP A 9 22.62 33.72 -26.14
C ASP A 9 22.18 34.89 -25.27
N LEU A 10 21.06 35.52 -25.69
CA LEU A 10 20.57 36.74 -25.08
C LEU A 10 19.10 36.70 -24.72
N ASP A 11 18.28 35.93 -25.44
CA ASP A 11 16.90 35.74 -25.00
C ASP A 11 16.86 34.96 -23.69
N VAL A 12 17.77 34.00 -23.53
CA VAL A 12 17.82 33.23 -22.29
C VAL A 12 18.39 34.10 -21.18
N VAL A 13 19.26 35.04 -21.50
CA VAL A 13 19.72 36.02 -20.52
C VAL A 13 18.54 36.79 -19.97
N ASN A 14 17.58 37.13 -20.82
CA ASN A 14 16.41 37.87 -20.35
C ASN A 14 15.44 36.95 -19.60
N GLN A 15 15.37 35.68 -19.99
CA GLN A 15 14.66 34.70 -19.16
C GLN A 15 15.24 34.65 -17.75
N ARG A 16 16.57 34.70 -17.66
CA ARG A 16 17.21 34.65 -16.35
C ARG A 16 17.00 35.95 -15.60
N LEU A 17 16.95 37.08 -16.30
CA LEU A 17 16.63 38.34 -15.65
C LEU A 17 15.25 38.29 -15.01
N ILE A 18 14.24 37.85 -15.76
CA ILE A 18 12.90 37.83 -15.22
C ILE A 18 12.78 36.78 -14.11
N LEU A 19 13.59 35.73 -14.17
CA LEU A 19 13.59 34.76 -13.08
C LEU A 19 14.22 35.35 -11.82
N PHE A 20 15.42 35.92 -11.95
CA PHE A 20 16.14 36.45 -10.81
C PHE A 20 15.39 37.60 -10.16
N ASN A 21 15.15 38.68 -10.91
CA ASN A 21 14.56 39.86 -10.29
C ASN A 21 13.10 39.68 -9.91
N SER A 22 12.49 38.55 -10.23
CA SER A 22 11.22 38.18 -9.60
C SER A 22 11.40 37.87 -8.12
N ALA A 23 12.59 37.42 -7.71
CA ALA A 23 12.79 37.00 -6.34
C ALA A 23 12.79 38.19 -5.39
N PHE A 24 13.64 39.18 -5.64
CA PHE A 24 13.97 40.20 -4.66
C PHE A 24 13.31 41.52 -4.96
N THR A 41 32.67 43.71 -28.62
CA THR A 41 34.11 43.58 -28.54
C THR A 41 34.56 44.03 -27.15
N SER A 42 35.86 44.36 -27.01
CA SER A 42 36.39 44.82 -25.74
C SER A 42 35.66 46.04 -25.19
N GLU A 43 35.14 46.89 -26.07
CA GLU A 43 34.39 48.06 -25.63
C GLU A 43 33.15 47.65 -24.82
N ASN A 44 32.43 46.63 -25.29
CA ASN A 44 31.30 46.10 -24.55
C ASN A 44 31.74 45.57 -23.19
N LEU A 45 32.90 44.92 -23.15
CA LEU A 45 33.40 44.39 -21.90
C LEU A 45 33.76 45.48 -20.92
N ASP A 46 34.38 46.57 -21.38
CA ASP A 46 34.67 47.70 -20.51
C ASP A 46 33.38 48.32 -19.97
N ASN A 47 32.39 48.47 -20.83
CA ASN A 47 31.10 49.02 -20.40
C ASN A 47 30.47 48.18 -19.30
N LEU A 48 30.36 46.86 -19.53
CA LEU A 48 29.69 46.02 -18.57
C LEU A 48 30.53 45.86 -17.31
N ALA A 49 31.85 45.90 -17.43
CA ALA A 49 32.71 45.90 -16.26
C ALA A 49 32.43 47.11 -15.38
N GLY A 50 32.38 48.30 -16.00
CA GLY A 50 32.10 49.50 -15.23
C GLY A 50 30.74 49.48 -14.57
N THR A 51 29.71 49.07 -15.31
CA THR A 51 28.37 49.14 -14.75
C THR A 51 28.16 48.06 -13.68
N ILE A 52 28.82 46.91 -13.81
CA ILE A 52 28.70 45.88 -12.79
C ILE A 52 29.51 46.27 -11.56
N LEU A 53 30.63 46.97 -11.76
CA LEU A 53 31.42 47.46 -10.65
C LEU A 53 30.63 48.47 -9.82
N HIS A 54 30.22 49.57 -10.45
CA HIS A 54 29.64 50.68 -9.72
C HIS A 54 28.23 50.38 -9.21
N SER A 55 27.66 49.23 -9.55
CA SER A 55 26.50 48.71 -8.84
C SER A 55 26.91 48.25 -7.44
N ARG A 56 25.91 47.78 -6.69
CA ARG A 56 26.10 47.13 -5.41
C ARG A 56 25.74 45.65 -5.46
N SER A 57 24.71 45.31 -6.24
CA SER A 57 24.35 43.91 -6.41
C SER A 57 25.27 43.26 -7.42
N ILE A 58 25.65 42.01 -7.14
CA ILE A 58 26.67 41.29 -7.90
C ILE A 58 26.11 39.96 -8.38
N THR A 59 25.52 39.21 -7.45
CA THR A 59 25.19 37.81 -7.69
C THR A 59 23.93 37.60 -8.51
N GLY A 60 23.43 38.64 -9.18
CA GLY A 60 22.48 38.48 -10.26
C GLY A 60 23.21 38.56 -11.58
N HIS A 61 24.13 39.52 -11.67
CA HIS A 61 24.98 39.63 -12.85
C HIS A 61 25.77 38.36 -13.08
N VAL A 62 26.23 37.73 -12.00
CA VAL A 62 26.94 36.45 -12.11
C VAL A 62 26.03 35.38 -12.66
N PHE A 63 24.75 35.41 -12.28
CA PHE A 63 23.83 34.40 -12.78
C PHE A 63 23.58 34.55 -14.26
N LEU A 64 23.46 35.78 -14.74
CA LEU A 64 23.27 36.00 -16.16
C LEU A 64 24.55 35.73 -16.93
N TYR A 65 25.66 36.29 -16.47
CA TYR A 65 26.90 36.32 -17.21
C TYR A 65 27.90 35.46 -16.46
N LYS A 66 27.80 34.16 -16.65
CA LYS A 66 28.64 33.20 -15.94
C LYS A 66 29.91 32.85 -16.68
N HIS A 67 29.81 32.30 -17.88
CA HIS A 67 30.95 31.80 -18.61
C HIS A 67 31.84 32.90 -19.16
N ILE A 68 31.37 34.15 -19.18
CA ILE A 68 32.17 35.30 -19.58
C ILE A 68 32.99 35.86 -18.45
N PHE A 69 32.54 35.68 -17.19
CA PHE A 69 32.84 36.59 -16.09
C PHE A 69 34.34 36.80 -15.85
N LEU A 70 35.16 35.78 -16.06
CA LEU A 70 36.56 35.88 -15.71
C LEU A 70 37.28 36.93 -16.56
N GLU A 71 36.82 37.14 -17.80
CA GLU A 71 37.31 38.25 -18.59
C GLU A 71 37.03 39.57 -17.89
N ILE A 72 35.88 39.66 -17.24
CA ILE A 72 35.51 40.89 -16.55
C ILE A 72 36.35 41.04 -15.29
N VAL A 73 36.69 39.92 -14.66
CA VAL A 73 37.57 39.97 -13.50
C VAL A 73 38.94 40.47 -13.91
N ALA A 74 39.45 39.97 -15.04
CA ALA A 74 40.73 40.45 -15.55
C ALA A 74 40.67 41.92 -15.88
N ARG A 75 39.56 42.39 -16.44
CA ARG A 75 39.46 43.79 -16.78
C ARG A 75 39.38 44.66 -15.53
N TRP A 76 38.79 44.14 -14.46
CA TRP A 76 38.86 44.83 -13.17
C TRP A 76 40.28 44.83 -12.64
N ILE A 77 41.04 43.78 -12.93
CA ILE A 77 42.44 43.73 -12.48
C ILE A 77 43.26 44.80 -13.17
N LYS A 78 43.07 44.94 -14.49
CA LYS A 78 43.93 45.86 -15.25
C LYS A 78 43.56 47.31 -15.00
N ASP A 79 42.33 47.69 -15.34
CA ASP A 79 41.93 49.08 -15.18
C ASP A 79 41.75 49.41 -13.70
N SER A 80 42.70 50.19 -13.16
CA SER A 80 42.81 50.41 -11.74
C SER A 80 42.24 51.77 -11.39
N LYS A 81 42.51 52.81 -12.17
CA LYS A 81 42.04 54.18 -11.92
C LYS A 81 42.57 54.77 -10.62
N LYS A 82 43.62 54.18 -10.03
CA LYS A 82 44.41 54.69 -8.91
C LYS A 82 43.69 54.66 -7.56
N LYS A 83 42.38 54.38 -7.52
CA LYS A 83 41.65 54.25 -6.25
C LYS A 83 40.64 53.10 -6.25
N ASP A 84 40.32 52.55 -7.42
CA ASP A 84 39.25 51.57 -7.52
C ASP A 84 39.52 50.28 -6.76
N TYR A 85 40.78 50.00 -6.41
CA TYR A 85 41.28 48.79 -5.76
C TYR A 85 40.37 48.26 -4.65
N VAL A 86 39.88 49.21 -3.84
CA VAL A 86 38.96 48.89 -2.75
C VAL A 86 37.75 48.13 -3.28
N LEU A 87 37.08 48.71 -4.27
CA LEU A 87 35.92 48.04 -4.87
C LEU A 87 36.31 46.73 -5.52
N VAL A 88 37.54 46.65 -6.05
CA VAL A 88 37.98 45.43 -6.71
C VAL A 88 37.96 44.27 -5.73
N ILE A 89 38.71 44.42 -4.62
CA ILE A 89 38.75 43.32 -3.66
C ILE A 89 37.40 43.13 -2.98
N GLU A 90 36.61 44.21 -2.83
CA GLU A 90 35.30 44.09 -2.21
C GLU A 90 34.39 43.18 -3.02
N LYS A 91 34.14 43.53 -4.27
CA LYS A 91 33.25 42.71 -5.07
C LYS A 91 33.87 41.36 -5.37
N LEU A 92 35.20 41.28 -5.41
CA LEU A 92 35.84 39.98 -5.61
C LEU A 92 35.52 39.03 -4.47
N ALA A 93 35.58 39.53 -3.23
CA ALA A 93 35.33 38.66 -2.09
C ALA A 93 33.89 38.19 -2.05
N SER A 94 32.95 39.04 -2.48
CA SER A 94 31.55 38.66 -2.53
C SER A 94 31.28 37.57 -3.56
N ILE A 95 32.16 37.42 -4.55
CA ILE A 95 31.95 36.46 -5.62
C ILE A 95 32.36 35.05 -5.21
N ILE A 96 33.35 34.95 -4.33
CA ILE A 96 34.24 33.80 -4.33
C ILE A 96 33.55 32.50 -3.91
N THR A 97 32.77 32.51 -2.84
CA THR A 97 32.16 31.26 -2.39
C THR A 97 31.10 30.78 -3.35
N ILE A 98 30.41 31.72 -4.00
CA ILE A 98 29.45 31.37 -5.03
C ILE A 98 30.15 30.79 -6.24
N PHE A 99 31.35 31.29 -6.54
CA PHE A 99 31.98 31.13 -7.85
C PHE A 99 33.44 30.82 -7.59
N PRO A 100 33.77 29.58 -7.22
CA PRO A 100 35.10 29.29 -6.68
C PRO A 100 36.15 29.06 -7.75
N VAL A 101 36.20 29.96 -8.73
CA VAL A 101 37.01 29.77 -9.93
C VAL A 101 37.86 30.99 -10.23
N ALA A 102 37.51 32.17 -9.70
CA ALA A 102 38.35 33.35 -9.73
C ALA A 102 39.36 33.38 -8.58
N MET A 103 39.50 32.28 -7.86
CA MET A 103 40.50 32.18 -6.82
C MET A 103 41.94 32.38 -7.31
N PRO A 104 42.32 31.97 -8.53
CA PRO A 104 43.69 32.27 -8.98
C PRO A 104 43.99 33.74 -9.23
N LEU A 105 43.11 34.41 -9.97
CA LEU A 105 43.40 35.77 -10.40
C LEU A 105 43.40 36.72 -9.22
N ILE A 106 42.49 36.53 -8.28
CA ILE A 106 42.48 37.35 -7.07
C ILE A 106 43.77 37.14 -6.28
N GLU A 107 44.24 35.89 -6.23
CA GLU A 107 45.50 35.62 -5.55
C GLU A 107 46.65 36.35 -6.22
N ASP A 108 46.68 36.34 -7.56
CA ASP A 108 47.73 37.05 -8.28
C ASP A 108 47.63 38.55 -8.07
N TYR A 109 46.40 39.07 -7.89
CA TYR A 109 46.19 40.50 -7.74
C TYR A 109 46.84 41.03 -6.47
N LEU A 110 46.72 40.31 -5.37
CA LEU A 110 47.17 40.83 -4.10
C LEU A 110 48.69 40.95 -4.05
N ASP A 111 49.41 40.11 -4.80
CA ASP A 111 50.87 40.20 -4.87
C ASP A 111 51.33 41.58 -5.34
N LYS A 112 50.54 42.21 -6.22
CA LYS A 112 50.86 43.56 -6.65
C LYS A 112 50.23 44.60 -5.74
N GLU A 113 49.05 44.32 -5.20
CA GLU A 113 48.16 45.36 -4.71
C GLU A 113 48.14 45.49 -3.18
N ASN A 114 48.65 44.49 -2.44
CA ASN A 114 48.53 44.43 -0.99
C ASN A 114 49.05 45.68 -0.29
N ASP A 115 50.12 46.27 -0.82
CA ASP A 115 50.74 47.39 -0.15
C ASP A 115 49.85 48.64 -0.19
N HIS A 116 49.02 48.77 -1.23
CA HIS A 116 48.17 49.94 -1.34
C HIS A 116 47.03 49.89 -0.33
N PHE A 117 46.62 48.69 0.08
CA PHE A 117 45.65 48.56 1.15
C PHE A 117 46.31 48.75 2.52
N ILE A 118 47.52 48.20 2.67
CA ILE A 118 48.31 48.39 3.88
C ILE A 118 48.46 49.88 4.18
N THR A 119 48.81 50.67 3.17
CA THR A 119 49.03 52.09 3.38
C THR A 119 47.77 52.86 3.71
N ILE A 120 46.58 52.31 3.44
CA ILE A 120 45.37 52.87 4.01
C ILE A 120 45.28 52.48 5.48
N LEU A 121 45.40 51.19 5.76
CA LEU A 121 45.18 50.70 7.12
C LEU A 121 46.26 51.22 8.06
N GLN A 122 47.51 51.14 7.64
CA GLN A 122 48.56 51.92 8.28
C GLN A 122 48.28 53.39 8.02
N ASN A 123 48.54 54.24 9.03
CA ASN A 123 48.20 55.66 8.95
C ASN A 123 46.73 55.82 8.58
N PRO A 124 45.80 55.63 9.53
CA PRO A 124 44.39 55.45 9.16
C PRO A 124 43.83 56.63 8.39
N SER A 125 42.65 56.43 7.82
CA SER A 125 42.24 57.15 6.61
C SER A 125 42.14 58.65 6.84
N THR A 126 41.56 59.06 7.97
CA THR A 126 41.04 60.42 8.11
C THR A 126 40.03 60.64 6.99
N GLN A 127 39.21 59.61 6.73
CA GLN A 127 38.18 59.62 5.71
C GLN A 127 36.98 58.92 6.29
N LYS A 128 36.03 58.56 5.44
CA LYS A 128 34.96 57.68 5.88
C LYS A 128 35.56 56.31 6.22
N ASP A 129 35.06 55.71 7.30
CA ASP A 129 35.58 54.43 7.77
C ASP A 129 35.37 53.32 6.74
N SER A 130 34.40 53.48 5.84
CA SER A 130 34.06 52.45 4.87
C SER A 130 35.26 52.01 4.04
N ASP A 131 36.16 52.95 3.74
CA ASP A 131 37.35 52.64 2.94
C ASP A 131 38.23 51.58 3.59
N MET A 132 38.16 51.45 4.92
CA MET A 132 38.78 50.33 5.63
C MET A 132 37.83 49.16 5.82
N PHE A 133 36.55 49.45 6.08
CA PHE A 133 35.56 48.43 6.42
C PHE A 133 35.50 47.34 5.36
N LYS A 134 35.46 47.76 4.10
CA LYS A 134 35.33 46.79 3.02
C LYS A 134 36.54 45.87 2.98
N ILE A 135 37.73 46.44 3.19
CA ILE A 135 38.98 45.68 3.07
C ILE A 135 38.96 44.51 4.01
N LEU A 136 38.80 44.80 5.31
CA LEU A 136 38.73 43.77 6.34
C LEU A 136 37.64 42.76 6.03
N LEU A 137 36.48 43.25 5.56
CA LEU A 137 35.39 42.35 5.26
C LEU A 137 35.80 41.35 4.18
N ALA A 138 36.41 41.87 3.11
CA ALA A 138 36.89 40.98 2.06
C ALA A 138 37.93 40.04 2.61
N TYR A 139 38.83 40.57 3.45
CA TYR A 139 39.86 39.75 4.08
C TYR A 139 39.24 38.59 4.80
N TYR A 140 38.14 38.85 5.54
CA TYR A 140 37.50 37.80 6.32
C TYR A 140 37.05 36.67 5.41
N ARG A 141 36.38 37.01 4.31
CA ARG A 141 35.88 35.98 3.42
C ARG A 141 37.03 35.20 2.81
N LEU A 142 38.13 35.89 2.51
CA LEU A 142 39.22 35.21 1.86
C LEU A 142 40.01 34.35 2.83
N LEU A 143 39.79 34.52 4.14
CA LEU A 143 40.28 33.55 5.11
C LEU A 143 39.27 32.45 5.32
N TYR A 144 37.98 32.77 5.24
CA TYR A 144 36.94 31.79 5.47
C TYR A 144 36.78 30.85 4.28
N HIS A 145 37.18 31.28 3.08
CA HIS A 145 37.18 30.37 1.94
C HIS A 145 38.31 29.36 2.08
N ASN A 146 39.53 29.85 2.24
CA ASN A 146 40.64 28.99 2.61
C ASN A 146 41.76 29.86 3.15
N LYS A 147 42.30 29.45 4.30
CA LYS A 147 43.31 30.20 5.01
C LYS A 147 44.72 29.82 4.58
N GLU A 148 44.92 28.61 4.06
CA GLU A 148 46.24 28.12 3.70
C GLU A 148 46.77 28.71 2.40
N VAL A 149 46.02 29.61 1.75
CA VAL A 149 46.53 30.43 0.66
C VAL A 149 46.74 31.87 1.11
N PHE A 150 45.68 32.55 1.52
CA PHE A 150 45.78 33.90 2.04
C PHE A 150 46.21 33.85 3.50
N ALA A 151 47.52 33.73 3.71
CA ALA A 151 48.11 33.83 5.04
C ALA A 151 49.40 34.66 5.04
N ARG A 152 49.74 35.25 3.90
CA ARG A 152 50.95 36.07 3.74
C ARG A 152 50.62 37.49 3.31
N PHE A 153 49.37 37.78 2.95
CA PHE A 153 48.93 39.11 2.59
C PHE A 153 48.35 39.86 3.77
N ILE A 154 48.79 39.55 4.98
CA ILE A 154 48.30 40.16 6.21
C ILE A 154 49.52 40.61 7.01
N GLN A 155 49.36 41.72 7.73
CA GLN A 155 50.36 42.21 8.67
C GLN A 155 49.64 42.45 9.99
N PRO A 156 49.46 41.43 10.84
CA PRO A 156 48.57 41.56 12.00
C PRO A 156 48.92 42.67 12.97
N ASP A 157 50.19 43.07 13.00
CA ASP A 157 50.63 44.16 13.87
C ASP A 157 49.83 45.43 13.60
N ILE A 158 49.58 45.73 12.33
CA ILE A 158 48.88 46.97 11.99
C ILE A 158 47.40 46.84 12.36
N LEU A 159 46.86 45.64 12.27
CA LEU A 159 45.50 45.41 12.74
C LEU A 159 45.38 45.66 14.23
N TYR A 160 46.36 45.17 15.01
CA TYR A 160 46.33 45.47 16.43
C TYR A 160 46.55 46.95 16.70
N GLN A 161 47.33 47.63 15.86
CA GLN A 161 47.49 49.07 16.01
C GLN A 161 46.16 49.79 15.83
N LEU A 162 45.40 49.42 14.80
CA LEU A 162 44.07 49.98 14.61
C LEU A 162 43.16 49.66 15.79
N VAL A 163 43.27 48.45 16.31
CA VAL A 163 42.43 48.05 17.45
C VAL A 163 42.76 48.90 18.66
N ASP A 164 44.04 49.18 18.89
CA ASP A 164 44.44 50.07 19.97
C ASP A 164 43.84 51.46 19.76
N LEU A 165 44.04 52.03 18.57
CA LEU A 165 43.63 53.39 18.32
C LEU A 165 42.13 53.58 18.38
N LEU A 166 41.35 52.56 18.02
CA LEU A 166 39.90 52.63 18.05
C LEU A 166 39.30 52.06 19.34
N THR A 167 40.11 51.49 20.22
CA THR A 167 39.72 51.30 21.61
C THR A 167 39.94 52.56 22.43
N LYS A 168 41.00 53.30 22.15
CA LYS A 168 41.21 54.57 22.85
C LYS A 168 40.22 55.63 22.37
N GLU A 169 39.97 55.67 21.07
CA GLU A 169 38.93 56.52 20.50
C GLU A 169 37.62 55.74 20.44
N GLN A 170 36.51 56.47 20.35
CA GLN A 170 35.18 55.92 20.53
C GLN A 170 34.40 55.88 19.23
N GLU A 171 33.15 55.37 19.33
CA GLU A 171 32.14 55.40 18.28
C GLU A 171 32.42 54.42 17.13
N ASN A 172 33.56 53.73 17.14
CA ASN A 172 33.95 52.82 16.09
C ASN A 172 33.96 51.41 16.65
N GLN A 173 32.81 50.75 16.54
CA GLN A 173 32.56 49.46 17.17
C GLN A 173 32.15 48.42 16.14
N VAL A 174 32.57 48.61 14.90
CA VAL A 174 32.39 47.64 13.83
C VAL A 174 33.72 47.26 13.19
N VAL A 175 34.56 48.27 12.95
CA VAL A 175 35.93 48.04 12.48
C VAL A 175 36.65 47.05 13.39
N ILE A 176 36.58 47.29 14.70
CA ILE A 176 37.32 46.46 15.65
C ILE A 176 36.78 45.03 15.62
N PHE A 177 35.46 44.90 15.46
CA PHE A 177 34.83 43.59 15.39
C PHE A 177 35.40 42.77 14.24
N LEU A 178 35.46 43.35 13.04
CA LEU A 178 36.05 42.65 11.91
C LEU A 178 37.55 42.43 12.10
N ALA A 179 38.23 43.36 12.76
CA ALA A 179 39.67 43.21 12.95
C ALA A 179 39.99 42.01 13.82
N LEU A 180 39.39 41.97 15.00
CA LEU A 180 39.57 40.82 15.88
C LEU A 180 39.03 39.55 15.26
N LYS A 181 38.01 39.66 14.40
CA LYS A 181 37.49 38.46 13.75
C LYS A 181 38.50 37.91 12.76
N VAL A 182 39.18 38.79 12.03
CA VAL A 182 40.25 38.36 11.13
C VAL A 182 41.37 37.71 11.92
N LEU A 183 41.75 38.32 13.05
CA LEU A 183 42.79 37.72 13.88
C LEU A 183 42.39 36.36 14.40
N SER A 184 41.10 36.17 14.70
CA SER A 184 40.65 34.91 15.24
C SER A 184 40.76 33.75 14.25
N LEU A 185 40.85 34.05 12.96
CA LEU A 185 41.09 33.05 11.94
C LEU A 185 42.53 33.03 11.47
N TYR A 186 43.30 34.08 11.76
CA TYR A 186 44.73 34.05 11.48
C TYR A 186 45.47 33.27 12.54
N LEU A 187 45.10 33.46 13.80
CA LEU A 187 45.70 32.78 14.94
C LEU A 187 44.91 31.57 15.40
N ASP A 188 44.03 31.03 14.54
CA ASP A 188 43.18 29.85 14.74
C ASP A 188 42.68 29.66 16.17
N MET A 189 42.02 30.68 16.71
CA MET A 189 41.51 30.61 18.06
C MET A 189 40.31 29.68 18.14
N GLY A 190 39.94 29.35 19.38
CA GLY A 190 38.74 28.60 19.64
C GLY A 190 37.53 29.51 19.68
N GLU A 191 36.74 29.34 20.74
CA GLU A 191 35.40 29.90 20.83
C GLU A 191 35.20 30.70 22.11
N LYS A 192 35.79 30.24 23.21
CA LYS A 192 35.62 30.94 24.48
C LYS A 192 36.64 32.05 24.64
N THR A 193 37.86 31.83 24.14
CA THR A 193 38.81 32.92 24.00
C THR A 193 38.23 34.01 23.11
N LEU A 194 37.49 33.61 22.08
CA LEU A 194 36.90 34.57 21.16
C LEU A 194 35.91 35.48 21.87
N ASN A 195 34.94 34.89 22.58
CA ASN A 195 33.95 35.69 23.29
C ASN A 195 34.59 36.54 24.38
N ASP A 196 35.53 35.97 25.14
CA ASP A 196 36.15 36.72 26.22
C ASP A 196 37.01 37.86 25.66
N MET A 197 37.72 37.59 24.57
CA MET A 197 38.49 38.62 23.88
C MET A 197 37.59 39.74 23.42
N LEU A 198 36.43 39.40 22.84
CA LEU A 198 35.49 40.42 22.41
C LEU A 198 35.02 41.26 23.58
N ASP A 199 34.63 40.62 24.67
CA ASP A 199 34.09 41.33 25.82
C ASP A 199 35.18 41.91 26.73
N THR A 200 36.44 41.83 26.34
CA THR A 200 37.50 42.63 26.95
C THR A 200 37.76 43.92 26.18
N TYR A 201 37.49 43.93 24.87
CA TYR A 201 37.66 45.09 24.03
C TYR A 201 36.36 45.85 23.75
N ILE A 202 35.20 45.25 24.01
CA ILE A 202 33.90 45.82 23.66
C ILE A 202 32.99 45.76 24.87
N LYS A 203 32.22 46.82 25.06
CA LYS A 203 31.16 46.85 26.05
C LYS A 203 29.89 46.26 25.46
N PHE A 222 25.49 41.14 13.90
CA PHE A 222 26.64 40.26 13.73
C PHE A 222 26.70 39.77 12.28
N LEU A 223 27.57 38.81 11.99
CA LEU A 223 28.01 38.51 10.63
C LEU A 223 27.61 37.15 10.09
N GLU A 224 28.06 36.08 10.74
CA GLU A 224 28.31 34.83 10.03
C GLU A 224 27.06 34.06 9.66
N LEU A 225 25.89 34.46 10.14
CA LEU A 225 24.64 33.86 9.71
C LEU A 225 24.14 34.40 8.39
N ASN A 226 24.77 35.47 7.88
CA ASN A 226 24.29 36.15 6.69
C ASN A 226 24.91 35.60 5.42
N GLU A 227 26.25 35.49 5.40
CA GLU A 227 26.97 35.04 4.23
C GLU A 227 26.54 33.64 3.82
N ALA A 228 26.28 32.78 4.80
CA ALA A 228 25.74 31.47 4.51
C ALA A 228 24.39 31.58 3.81
N LYS A 229 23.61 32.58 4.19
CA LYS A 229 22.31 32.77 3.55
C LYS A 229 22.47 33.32 2.15
N ARG A 230 23.53 34.11 1.89
CA ARG A 230 23.81 34.54 0.53
C ARG A 230 24.08 33.34 -0.36
N CYS A 231 24.98 32.47 0.08
CA CYS A 231 25.30 31.29 -0.72
C CYS A 231 24.09 30.37 -0.86
N ALA A 232 23.27 30.25 0.19
CA ALA A 232 22.09 29.40 0.12
C ALA A 232 21.08 29.98 -0.86
N ASN A 233 20.92 31.30 -0.86
CA ASN A 233 20.06 31.95 -1.84
C ASN A 233 20.55 31.69 -3.25
N PHE A 234 21.88 31.68 -3.44
CA PHE A 234 22.40 31.36 -4.76
C PHE A 234 22.05 29.93 -5.16
N SER A 235 22.19 28.98 -4.23
CA SER A 235 21.88 27.60 -4.56
C SER A 235 20.39 27.35 -4.80
N LYS A 236 19.54 28.33 -4.51
CA LYS A 236 18.14 28.25 -4.89
C LYS A 236 17.97 28.15 -6.40
N LEU A 237 18.91 28.70 -7.16
CA LEU A 237 18.79 28.87 -8.61
C LEU A 237 19.25 27.61 -9.33
N PRO A 238 18.86 27.44 -10.61
CA PRO A 238 19.18 26.20 -11.32
C PRO A 238 20.56 26.23 -11.95
N SER A 239 20.91 25.14 -12.62
CA SER A 239 22.20 24.98 -13.26
C SER A 239 22.24 25.78 -14.55
N VAL A 240 23.21 26.70 -14.78
CA VAL A 240 23.33 27.37 -16.07
C VAL A 240 23.87 26.37 -17.11
N PRO A 241 23.59 26.56 -18.40
CA PRO A 241 24.00 25.62 -19.50
C PRO A 241 24.65 26.40 -20.65
N GLU A 242 25.50 25.75 -21.46
CA GLU A 242 26.17 26.35 -22.65
C GLU A 242 25.53 25.74 -23.89
N CYS A 243 25.03 26.54 -24.83
CA CYS A 243 24.30 26.06 -26.03
C CYS A 243 25.21 25.21 -26.91
N PHE A 244 26.46 25.64 -27.18
CA PHE A 244 27.47 24.90 -28.01
C PHE A 244 26.99 24.79 -29.46
N THR A 245 26.12 25.69 -29.96
CA THR A 245 25.55 25.65 -31.33
C THR A 245 25.18 27.07 -31.74
N ILE A 246 25.16 27.38 -33.04
CA ILE A 246 24.79 28.71 -33.58
C ILE A 246 23.27 28.78 -33.72
N GLU A 247 22.54 29.00 -32.61
CA GLU A 247 21.07 29.06 -32.59
C GLU A 247 20.58 30.21 -33.47
N LYS A 248 19.43 30.07 -34.15
CA LYS A 248 18.84 31.11 -35.03
C LYS A 248 18.10 32.12 -34.15
N LYS A 249 18.82 32.95 -33.39
CA LYS A 249 18.26 33.95 -32.44
C LYS A 249 19.39 34.91 -32.07
N SER A 250 19.10 36.04 -31.42
CA SER A 250 20.11 37.03 -31.01
C SER A 250 21.18 36.31 -30.18
N SER A 251 22.47 36.48 -30.49
CA SER A 251 23.62 35.87 -29.78
C SER A 251 24.79 36.84 -29.75
N TYR A 252 25.72 36.70 -28.82
CA TYR A 252 26.90 37.60 -28.66
C TYR A 252 28.17 36.76 -28.89
N PHE A 253 29.12 37.15 -29.77
CA PHE A 253 30.40 36.47 -30.11
C PHE A 253 31.60 37.09 -29.39
N ILE A 254 32.37 36.30 -28.62
CA ILE A 254 33.64 36.71 -27.98
C ILE A 254 34.64 35.72 -28.57
N ILE A 255 35.76 36.17 -29.17
CA ILE A 255 36.68 35.32 -29.92
C ILE A 255 38.00 35.16 -29.17
N GLU A 256 38.90 34.40 -29.80
CA GLU A 256 40.17 34.06 -29.16
C GLU A 256 41.04 35.29 -28.87
N PRO A 257 41.25 36.20 -29.84
CA PRO A 257 42.12 37.37 -29.64
C PRO A 257 41.60 38.38 -28.61
N GLN A 258 40.37 38.17 -28.10
CA GLN A 258 39.73 39.06 -27.10
C GLN A 258 39.53 38.30 -25.79
N ASP A 259 40.61 37.72 -25.25
CA ASP A 259 40.59 36.97 -23.97
C ASP A 259 41.48 37.68 -22.94
N LEU A 260 41.75 38.97 -23.11
CA LEU A 260 42.57 39.83 -22.20
C LEU A 260 43.91 39.13 -21.82
N THR A 262 44.48 39.26 -20.61
CA THR A 262 45.71 38.54 -20.21
C THR A 262 45.47 37.82 -18.88
N LYS A 263 46.19 36.72 -18.60
CA LYS A 263 46.09 35.84 -17.40
C LYS A 263 44.72 35.17 -17.37
N VAL A 264 44.18 34.85 -18.55
CA VAL A 264 42.90 34.14 -18.82
C VAL A 264 43.05 33.61 -20.25
N ALA A 265 42.86 32.30 -20.48
CA ALA A 265 43.14 31.70 -21.80
C ALA A 265 41.88 31.18 -22.50
N SER A 266 41.71 31.60 -23.76
CA SER A 266 40.68 31.13 -24.67
C SER A 266 40.78 29.62 -24.82
N ILE A 267 39.64 29.00 -25.11
CA ILE A 267 39.56 27.56 -25.25
C ILE A 267 38.23 27.26 -25.94
N CYS A 268 38.13 26.08 -26.55
CA CYS A 268 36.91 25.69 -27.26
C CYS A 268 35.69 25.74 -26.35
N GLY A 269 35.86 25.35 -25.10
CA GLY A 269 34.81 25.43 -24.12
C GLY A 269 34.75 26.79 -23.46
N VAL A 270 34.85 26.78 -22.14
CA VAL A 270 34.65 27.99 -21.34
C VAL A 270 35.98 28.48 -20.83
N ILE A 271 36.12 29.80 -20.74
CA ILE A 271 37.33 30.51 -20.37
C ILE A 271 37.99 29.94 -19.14
N VAL A 272 39.32 29.94 -19.13
CA VAL A 272 40.16 29.34 -18.09
C VAL A 272 41.24 30.36 -17.77
N PRO A 273 41.70 30.38 -16.49
CA PRO A 273 42.71 31.34 -16.00
C PRO A 273 44.00 31.46 -16.83
N LYS A 274 44.74 32.55 -16.60
CA LYS A 274 46.02 32.89 -17.29
C LYS A 274 47.09 33.18 -16.24
N VAL A 275 47.58 32.15 -15.55
CA VAL A 275 48.64 32.23 -14.49
C VAL A 275 49.96 31.70 -15.07
N HIS A 276 51.05 31.73 -14.28
CA HIS A 276 52.45 31.25 -14.53
C HIS A 276 53.25 32.28 -15.35
N THR A 277 54.59 32.24 -15.22
CA THR A 277 55.56 33.17 -15.86
C THR A 277 55.95 32.67 -17.26
N HIS A 279 56.57 31.50 -17.36
CA HIS A 279 57.02 30.88 -18.63
C HIS A 279 55.88 31.00 -19.66
N ASP A 280 56.09 31.65 -20.82
CA ASP A 280 55.10 31.88 -21.90
C ASP A 280 55.77 32.56 -23.09
N LYS A 281 56.61 31.82 -23.82
CA LYS A 281 57.36 32.31 -25.02
C LYS A 281 56.86 31.54 -26.25
N VAL A 282 56.46 32.22 -27.33
CA VAL A 282 55.94 31.57 -28.57
C VAL A 282 57.03 31.63 -29.65
N LYS A 293 34.39 15.52 -32.91
CA LYS A 293 33.77 15.41 -31.58
C LYS A 293 34.74 14.95 -30.51
N THR A 294 36.01 14.71 -30.85
CA THR A 294 37.13 14.88 -29.94
C THR A 294 37.03 16.14 -29.10
N VAL A 295 36.58 17.24 -29.70
CA VAL A 295 36.45 18.51 -29.00
C VAL A 295 35.43 18.41 -27.87
N SER A 296 34.52 17.44 -27.92
CA SER A 296 33.73 17.12 -26.74
C SER A 296 34.62 16.76 -25.57
N SER A 297 35.56 15.84 -25.77
CA SER A 297 36.51 15.50 -24.71
C SER A 297 37.39 16.69 -24.36
N LEU A 298 37.71 17.52 -25.34
CA LEU A 298 38.56 18.68 -25.06
C LEU A 298 37.85 19.69 -24.19
N ARG A 299 36.58 19.94 -24.47
CA ARG A 299 35.77 20.83 -23.63
C ARG A 299 35.56 20.22 -22.25
N GLN A 300 35.45 18.88 -22.19
CA GLN A 300 35.40 18.19 -20.91
C GLN A 300 36.65 18.47 -20.09
N LEU A 301 37.81 18.39 -20.74
CA LEU A 301 39.07 18.70 -20.06
C LEU A 301 39.14 20.15 -19.63
N GLY A 302 38.65 21.05 -20.49
CA GLY A 302 38.57 22.45 -20.11
C GLY A 302 37.65 22.68 -18.93
N ARG A 303 36.62 21.86 -18.78
CA ARG A 303 35.75 21.97 -17.63
C ARG A 303 36.47 21.50 -16.37
N LYS A 304 37.21 20.41 -16.47
CA LYS A 304 37.87 19.88 -15.28
C LYS A 304 38.98 20.79 -14.80
N ILE A 305 39.74 21.39 -15.72
CA ILE A 305 40.74 22.39 -15.35
C ILE A 305 40.11 23.74 -15.01
N GLN A 306 38.81 23.93 -15.29
CA GLN A 306 38.13 25.17 -14.91
C GLN A 306 38.26 25.43 -13.42
N ASN A 307 38.08 24.40 -12.61
CA ASN A 307 38.52 24.37 -11.22
C ASN A 307 39.84 23.62 -11.21
N SER A 308 40.92 24.31 -10.85
CA SER A 308 42.25 23.73 -10.99
C SER A 308 42.38 22.52 -10.09
N THR A 309 42.34 21.33 -10.69
CA THR A 309 42.21 20.07 -9.96
C THR A 309 42.82 18.96 -10.79
N PRO A 310 43.26 17.86 -10.18
CA PRO A 310 43.80 16.75 -10.98
C PRO A 310 42.73 15.97 -11.73
N ILE A 311 43.19 15.02 -12.52
CA ILE A 311 42.39 14.31 -13.50
C ILE A 311 43.15 13.07 -13.95
N MET A 312 42.41 12.00 -14.25
CA MET A 312 42.95 10.78 -14.84
C MET A 312 42.43 10.62 -16.27
N LEU A 313 43.31 10.10 -17.13
CA LEU A 313 43.09 9.99 -18.56
C LEU A 313 43.45 8.58 -18.98
N ILE A 314 42.48 7.90 -19.60
CA ILE A 314 42.52 6.46 -19.79
C ILE A 314 41.97 6.14 -21.18
N GLY A 315 42.44 5.05 -21.76
CA GLY A 315 41.91 4.60 -23.03
C GLY A 315 42.69 3.41 -23.54
N LYS A 316 42.20 2.90 -24.67
CA LYS A 316 42.92 1.85 -25.39
C LYS A 316 44.30 2.34 -25.80
N ALA A 317 45.18 1.39 -26.10
CA ALA A 317 46.57 1.72 -26.39
C ALA A 317 46.67 2.51 -27.68
N GLY A 318 47.27 3.70 -27.60
CA GLY A 318 47.54 4.49 -28.76
C GLY A 318 46.34 5.17 -29.39
N SER A 319 45.49 5.82 -28.58
CA SER A 319 44.49 6.76 -29.09
C SER A 319 45.05 8.17 -29.19
N GLY A 320 46.36 8.33 -29.23
CA GLY A 320 46.96 9.64 -29.03
C GLY A 320 46.52 10.21 -27.70
N LYS A 321 46.93 9.58 -26.61
CA LYS A 321 46.62 10.13 -25.30
C LYS A 321 47.50 11.34 -25.01
N THR A 322 48.75 11.28 -25.46
CA THR A 322 49.62 12.45 -25.38
C THR A 322 49.18 13.56 -26.32
N PHE A 323 48.38 13.22 -27.34
CA PHE A 323 47.98 14.18 -28.36
C PHE A 323 47.16 15.31 -27.75
N LEU A 324 46.24 15.00 -26.85
CA LEU A 324 45.35 16.01 -26.32
C LEU A 324 46.11 16.99 -25.44
N ILE A 325 47.01 16.46 -24.62
CA ILE A 325 47.76 17.31 -23.70
C ILE A 325 48.82 18.10 -24.44
N ASN A 326 49.45 17.50 -25.45
CA ASN A 326 50.37 18.23 -26.31
C ASN A 326 49.65 19.34 -27.06
N GLU A 327 48.36 19.15 -27.33
CA GLU A 327 47.56 20.22 -27.91
C GLU A 327 47.20 21.27 -26.87
N LEU A 328 47.01 20.86 -25.61
CA LEU A 328 46.49 21.78 -24.62
C LEU A 328 47.46 22.90 -24.28
N SER A 329 48.74 22.56 -24.06
CA SER A 329 49.74 23.55 -23.67
C SER A 329 49.88 24.69 -24.66
N LYS A 330 49.59 24.44 -25.95
CA LYS A 330 49.49 25.53 -26.90
C LYS A 330 48.46 26.57 -26.44
N TYR A 331 47.29 26.12 -25.98
CA TYR A 331 46.25 27.06 -25.59
C TYR A 331 46.62 27.76 -24.31
N MET A 332 46.86 27.00 -23.26
CA MET A 332 47.06 27.51 -21.91
C MET A 332 48.50 27.92 -21.66
N GLY A 333 49.41 27.63 -22.58
CA GLY A 333 50.72 28.21 -22.52
C GLY A 333 51.65 27.64 -21.46
N CYS A 334 51.85 26.32 -21.49
CA CYS A 334 52.96 25.72 -20.75
C CYS A 334 53.44 24.50 -21.53
N HIS A 335 54.38 24.74 -22.45
CA HIS A 335 55.06 23.69 -23.20
C HIS A 335 56.57 23.87 -23.07
N ASP A 336 57.00 25.13 -23.10
CA ASP A 336 58.35 25.53 -22.77
C ASP A 336 58.64 25.48 -21.28
N SER A 337 57.64 25.18 -20.44
CA SER A 337 57.81 25.13 -18.99
C SER A 337 57.15 23.93 -18.35
N ILE A 338 56.66 22.95 -19.11
CA ILE A 338 56.02 21.79 -18.52
C ILE A 338 57.06 20.93 -17.83
N VAL A 339 56.60 19.99 -17.02
CA VAL A 339 57.41 18.93 -16.48
C VAL A 339 56.70 17.62 -16.77
N LYS A 340 57.44 16.68 -17.37
CA LYS A 340 56.88 15.49 -17.96
C LYS A 340 57.84 14.35 -17.70
N ILE A 341 57.30 13.14 -17.63
CA ILE A 341 58.08 11.96 -17.28
C ILE A 341 57.52 10.75 -18.01
N HIS A 342 58.40 10.05 -18.73
CA HIS A 342 58.05 8.81 -19.41
C HIS A 342 57.71 7.73 -18.40
N LEU A 343 58.66 7.35 -17.55
CA LEU A 343 58.45 6.80 -16.21
C LEU A 343 59.82 6.61 -15.58
N GLY A 344 59.93 6.79 -14.27
CA GLY A 344 61.18 6.62 -13.56
C GLY A 344 61.09 5.51 -12.54
N GLU A 345 61.73 4.38 -12.87
CA GLU A 345 61.99 3.32 -11.90
C GLU A 345 63.43 2.81 -11.99
N GLN A 346 64.04 2.87 -13.18
CA GLN A 346 65.40 2.41 -13.42
C GLN A 346 66.37 3.56 -13.67
N THR A 347 65.88 4.79 -13.76
CA THR A 347 66.73 5.98 -13.79
C THR A 347 66.50 6.91 -12.60
N ASP A 348 65.41 6.69 -11.85
CA ASP A 348 65.08 7.58 -10.74
C ASP A 348 63.94 6.98 -9.94
N ALA A 349 64.02 7.15 -8.63
CA ALA A 349 62.86 7.05 -7.77
C ALA A 349 62.80 8.16 -6.72
N LYS A 350 63.91 8.89 -6.53
CA LYS A 350 64.00 9.92 -5.50
C LYS A 350 64.68 11.20 -5.99
N LEU A 351 65.39 11.15 -7.12
CA LEU A 351 66.11 12.33 -7.57
C LEU A 351 65.16 13.44 -8.03
N LEU A 352 63.96 13.08 -8.49
CA LEU A 352 62.94 14.07 -8.82
C LEU A 352 62.65 15.01 -7.67
N ILE A 353 62.67 14.50 -6.44
CA ILE A 353 62.50 15.31 -5.25
C ILE A 353 63.85 15.77 -4.68
N GLY A 354 64.95 15.14 -5.09
CA GLY A 354 66.26 15.73 -4.96
C GLY A 354 67.10 15.08 -3.87
N THR A 355 68.34 15.56 -3.78
CA THR A 355 69.29 15.06 -2.79
C THR A 355 70.49 15.99 -2.76
N TYR A 356 71.13 16.03 -1.59
CA TYR A 356 72.29 16.87 -1.33
C TYR A 356 73.47 16.41 -2.19
N THR A 357 74.48 17.29 -2.30
CA THR A 357 75.77 16.92 -2.86
C THR A 357 76.86 17.34 -1.89
N SER A 358 77.70 16.38 -1.50
CA SER A 358 78.78 16.63 -0.56
C SER A 358 80.03 17.10 -1.28
N PHE A 365 79.62 20.18 -1.59
CA PHE A 365 79.06 20.45 -0.28
C PHE A 365 77.95 21.48 -0.41
N GLU A 366 76.82 21.02 -0.94
CA GLU A 366 75.76 21.91 -1.38
C GLU A 366 74.45 21.14 -1.45
N TRP A 367 73.35 21.89 -1.42
CA TRP A 367 72.02 21.34 -1.62
C TRP A 367 71.61 21.47 -3.08
N ARG A 368 70.90 20.46 -3.58
CA ARG A 368 70.36 20.45 -4.93
C ARG A 368 68.87 20.14 -4.83
N ALA A 369 68.05 21.12 -5.16
CA ALA A 369 66.60 20.96 -5.15
C ALA A 369 66.17 20.14 -6.36
N GLY A 370 65.36 19.12 -6.10
CA GLY A 370 64.91 18.24 -7.15
C GLY A 370 64.00 18.91 -8.15
N VAL A 371 63.58 18.15 -9.17
CA VAL A 371 62.79 18.74 -10.24
C VAL A 371 61.36 18.98 -9.77
N LEU A 372 60.67 17.93 -9.31
CA LEU A 372 59.26 18.05 -8.93
C LEU A 372 59.06 19.04 -7.80
N ALA A 373 60.02 19.13 -6.89
CA ALA A 373 59.96 20.15 -5.86
C ALA A 373 59.92 21.54 -6.47
N THR A 374 60.73 21.79 -7.49
CA THR A 374 60.71 23.09 -8.16
C THR A 374 59.43 23.27 -8.97
N ALA A 375 58.93 22.21 -9.58
CA ALA A 375 57.66 22.25 -10.29
C ALA A 375 56.54 22.74 -9.39
N VAL A 376 56.44 22.15 -8.19
CA VAL A 376 55.46 22.61 -7.22
C VAL A 376 55.76 24.05 -6.82
N LYS A 377 56.96 24.31 -6.31
CA LYS A 377 57.22 25.55 -5.57
C LYS A 377 57.16 26.77 -6.49
N GLU A 378 57.72 26.67 -7.68
CA GLU A 378 57.61 27.77 -8.64
C GLU A 378 56.22 27.76 -9.28
N GLY A 379 55.59 26.61 -9.35
CA GLY A 379 54.21 26.50 -9.80
C GLY A 379 54.13 26.30 -11.28
N ARG A 380 53.65 25.12 -11.70
CA ARG A 380 53.58 24.77 -13.11
C ARG A 380 52.94 23.39 -13.26
N TRP A 381 52.70 22.99 -14.51
CA TRP A 381 52.06 21.73 -14.80
C TRP A 381 53.00 20.58 -14.48
N VAL A 382 52.44 19.40 -14.28
CA VAL A 382 53.20 18.16 -14.08
C VAL A 382 52.41 17.04 -14.72
N LEU A 383 53.10 16.19 -15.48
CA LEU A 383 52.48 15.10 -16.24
C LEU A 383 53.16 13.80 -15.86
N ILE A 384 52.36 12.77 -15.62
CA ILE A 384 52.81 11.42 -15.32
C ILE A 384 52.28 10.50 -16.41
N GLU A 385 53.16 9.67 -16.97
CA GLU A 385 52.85 8.80 -18.09
C GLU A 385 52.84 7.34 -17.67
N ASP A 386 51.66 6.72 -17.78
CA ASP A 386 51.49 5.30 -17.48
C ASP A 386 51.80 5.04 -16.01
N ILE A 387 51.10 5.76 -15.13
CA ILE A 387 51.35 5.66 -13.70
C ILE A 387 51.10 4.27 -13.13
N ASP A 388 50.25 3.46 -13.79
CA ASP A 388 49.99 2.11 -13.31
C ASP A 388 51.26 1.27 -13.26
N LYS A 389 52.22 1.55 -14.13
CA LYS A 389 53.51 0.88 -14.14
C LYS A 389 54.45 1.39 -13.06
N ALA A 390 54.08 2.44 -12.33
CA ALA A 390 55.03 3.10 -11.46
C ALA A 390 55.33 2.26 -10.23
N PRO A 391 56.45 2.50 -9.54
CA PRO A 391 56.66 1.83 -8.25
C PRO A 391 55.67 2.29 -7.20
N THR A 392 55.26 1.40 -6.30
CA THR A 392 54.38 1.79 -5.21
C THR A 392 55.03 2.80 -4.27
N ASP A 393 56.36 2.89 -4.26
CA ASP A 393 57.04 3.98 -3.57
C ASP A 393 56.61 5.33 -4.13
N VAL A 394 56.31 5.39 -5.42
CA VAL A 394 56.03 6.67 -6.07
C VAL A 394 54.57 7.08 -5.89
N LEU A 395 53.68 6.13 -5.61
CA LEU A 395 52.33 6.47 -5.20
C LEU A 395 52.27 6.99 -3.77
N SER A 396 53.20 6.58 -2.91
CA SER A 396 53.23 7.05 -1.54
C SER A 396 53.45 8.54 -1.44
N ILE A 397 54.24 9.11 -2.36
CA ILE A 397 54.41 10.56 -2.41
C ILE A 397 53.23 11.23 -3.11
N LEU A 398 52.68 10.62 -4.16
CA LEU A 398 51.61 11.27 -4.89
C LEU A 398 50.30 11.31 -4.11
N LEU A 399 50.14 10.44 -3.12
CA LEU A 399 49.01 10.59 -2.21
C LEU A 399 49.08 11.91 -1.46
N SER A 400 50.28 12.42 -1.19
CA SER A 400 50.43 13.70 -0.51
C SER A 400 50.11 14.86 -1.43
N LEU A 401 50.31 14.71 -2.73
CA LEU A 401 49.92 15.76 -3.67
C LEU A 401 48.42 15.81 -3.84
N LEU A 402 47.75 14.67 -3.68
CA LEU A 402 46.30 14.61 -3.58
C LEU A 402 45.81 14.75 -2.14
N GLU A 403 46.66 15.25 -1.24
CA GLU A 403 46.28 15.59 0.13
C GLU A 403 46.05 17.08 0.17
N LYS A 404 45.31 17.53 1.18
CA LYS A 404 44.99 18.95 1.30
C LYS A 404 46.26 19.77 1.43
N ARG A 405 46.18 21.02 0.94
CA ARG A 405 47.29 21.92 0.58
C ARG A 405 47.93 21.51 -0.74
N GLU A 406 47.52 20.39 -1.37
CA GLU A 406 48.03 20.00 -2.68
C GLU A 406 49.52 19.75 -2.51
N LEU A 407 49.85 18.92 -1.52
CA LEU A 407 51.02 19.09 -0.68
C LEU A 407 52.18 18.22 -1.11
N THR A 408 53.39 18.67 -0.79
CA THR A 408 54.61 17.86 -0.87
C THR A 408 55.41 18.13 0.38
N ILE A 409 56.14 17.13 0.84
CA ILE A 409 56.89 17.18 2.09
C ILE A 409 58.17 16.36 1.91
N PRO A 410 59.37 17.00 1.92
CA PRO A 410 60.61 16.22 1.88
C PRO A 410 61.10 15.86 3.27
N SER A 411 62.17 15.08 3.34
CA SER A 411 62.85 14.77 4.60
C SER A 411 63.96 15.80 4.79
N ARG A 412 63.57 17.08 4.81
CA ARG A 412 64.46 18.20 5.04
C ARG A 412 63.93 19.10 6.15
N GLY A 413 62.86 18.67 6.83
CA GLY A 413 62.13 19.52 7.76
C GLY A 413 61.10 20.41 7.12
N GLU A 414 61.22 20.69 5.83
CA GLU A 414 60.30 21.58 5.14
C GLU A 414 58.98 20.86 4.84
N THR A 415 58.02 21.63 4.36
CA THR A 415 56.86 21.12 3.67
C THR A 415 56.52 22.15 2.60
N VAL A 416 56.18 21.67 1.42
CA VAL A 416 56.10 22.50 0.22
C VAL A 416 54.66 22.51 -0.26
N LYS A 417 54.11 23.70 -0.43
CA LYS A 417 52.72 23.89 -0.82
C LYS A 417 52.65 24.29 -2.28
N ALA A 418 51.58 23.87 -2.95
CA ALA A 418 51.39 24.25 -4.33
C ALA A 418 51.03 25.71 -4.45
N ALA A 419 51.85 26.46 -5.18
CA ALA A 419 51.51 27.81 -5.56
C ALA A 419 50.40 27.75 -6.61
N ASN A 420 49.98 28.92 -7.06
CA ASN A 420 48.72 29.04 -7.76
C ASN A 420 48.76 28.47 -9.19
N GLY A 421 49.94 28.25 -9.75
CA GLY A 421 50.06 27.74 -11.10
C GLY A 421 50.30 26.25 -11.18
N PHE A 422 49.99 25.51 -10.12
CA PHE A 422 50.17 24.07 -10.13
C PHE A 422 49.01 23.38 -10.85
N GLN A 423 49.31 22.23 -11.45
CA GLN A 423 48.29 21.37 -12.03
C GLN A 423 48.94 20.02 -12.30
N LEU A 424 48.30 18.95 -11.85
CA LEU A 424 48.76 17.59 -12.09
C LEU A 424 47.83 16.95 -13.09
N ILE A 425 48.38 16.12 -13.96
CA ILE A 425 47.64 15.46 -15.02
C ILE A 425 48.27 14.11 -15.25
N SER A 426 47.44 13.11 -15.51
CA SER A 426 47.89 11.73 -15.69
C SER A 426 47.42 11.23 -17.03
N THR A 427 48.20 10.34 -17.64
CA THR A 427 47.82 9.64 -18.86
C THR A 427 48.14 8.16 -18.67
N VAL A 428 47.11 7.33 -18.81
CA VAL A 428 47.14 5.93 -18.43
C VAL A 428 46.60 5.11 -19.60
N ARG A 429 46.98 3.84 -19.65
CA ARG A 429 46.71 2.97 -20.78
C ARG A 429 45.67 1.90 -20.42
N ASN A 444 44.18 0.49 -8.58
CA ASN A 444 45.16 -0.57 -8.45
C ASN A 444 45.37 -0.92 -6.98
N LEU A 445 46.11 -0.05 -6.28
CA LEU A 445 46.33 -0.18 -4.84
C LEU A 445 46.16 1.13 -4.09
N ASN A 446 46.02 2.26 -4.79
CA ASN A 446 45.88 3.58 -4.19
C ASN A 446 44.48 4.07 -4.54
N MET A 447 43.50 3.67 -3.74
CA MET A 447 42.11 3.96 -4.07
C MET A 447 41.80 5.44 -3.95
N ILE A 448 42.42 6.14 -2.99
CA ILE A 448 42.23 7.58 -2.89
C ILE A 448 42.71 8.26 -4.17
N GLY A 449 43.72 7.69 -4.84
CA GLY A 449 44.02 8.07 -6.20
C GLY A 449 42.91 7.79 -7.18
N MET A 450 42.30 6.59 -7.09
CA MET A 450 41.13 6.30 -7.91
C MET A 450 39.90 7.05 -7.44
N ARG A 451 39.89 7.51 -6.19
CA ARG A 451 38.69 8.14 -5.64
C ARG A 451 38.60 9.61 -6.00
N ILE A 452 39.70 10.36 -5.86
CA ILE A 452 39.67 11.80 -6.11
C ILE A 452 39.83 12.15 -7.59
N TRP A 453 40.64 11.42 -8.33
CA TRP A 453 40.84 11.68 -9.75
C TRP A 453 39.53 11.53 -10.50
N ASN A 454 39.29 12.46 -11.40
CA ASN A 454 38.21 12.35 -12.36
C ASN A 454 38.73 11.57 -13.56
N VAL A 455 38.14 10.40 -13.80
CA VAL A 455 38.42 9.68 -15.03
C VAL A 455 37.89 10.48 -16.21
N ILE A 456 38.66 10.51 -17.29
CA ILE A 456 38.15 10.89 -18.60
C ILE A 456 38.68 9.86 -19.60
N GLU A 457 37.82 9.45 -20.52
CA GLU A 457 38.03 8.27 -21.34
C GLU A 457 38.17 8.71 -22.78
N LEU A 458 39.35 8.46 -23.37
CA LEU A 458 39.61 8.80 -24.76
C LEU A 458 39.37 7.60 -25.66
N GLU A 459 38.95 7.89 -26.88
CA GLU A 459 38.77 6.87 -27.91
C GLU A 459 38.72 7.59 -29.25
N GLU A 460 39.71 7.30 -30.11
CA GLU A 460 39.76 7.89 -31.44
C GLU A 460 39.05 6.95 -32.41
N PRO A 461 38.04 7.40 -33.15
CA PRO A 461 37.09 6.46 -33.74
C PRO A 461 37.60 5.81 -35.01
N SER A 462 36.77 4.92 -35.57
CA SER A 462 37.08 4.24 -36.83
C SER A 462 36.23 4.81 -37.96
N GLU A 463 36.75 4.66 -39.18
CA GLU A 463 35.94 4.66 -40.40
C GLU A 463 35.46 6.03 -40.87
N GLU A 464 35.62 7.08 -40.06
CA GLU A 464 35.25 8.43 -40.47
C GLU A 464 36.32 9.49 -40.16
N ASP A 465 36.96 9.42 -39.00
CA ASP A 465 38.08 10.31 -38.69
C ASP A 465 39.36 9.88 -39.38
N LEU A 466 39.46 8.63 -39.82
CA LEU A 466 40.73 8.16 -40.36
C LEU A 466 40.98 8.79 -41.73
N THR A 467 39.91 9.16 -42.44
CA THR A 467 40.05 10.03 -43.60
C THR A 467 40.08 11.50 -43.21
N HIS A 468 39.31 11.89 -42.21
CA HIS A 468 39.15 13.30 -41.86
C HIS A 468 40.43 13.93 -41.35
N ILE A 469 41.11 13.28 -40.41
CA ILE A 469 42.32 13.79 -39.77
C ILE A 469 43.39 14.16 -40.79
N LEU A 470 43.44 13.48 -41.93
CA LEU A 470 44.31 13.86 -43.04
C LEU A 470 43.63 14.86 -43.96
N ALA A 471 42.32 14.73 -44.18
CA ALA A 471 41.65 15.36 -45.30
C ALA A 471 41.69 16.89 -45.25
N GLN A 472 41.90 17.48 -44.07
CA GLN A 472 42.09 18.92 -43.95
C GLN A 472 43.54 19.34 -43.78
N LYS A 473 44.48 18.38 -43.70
CA LYS A 473 45.89 18.68 -43.45
C LYS A 473 46.79 18.38 -44.63
N PHE A 474 46.72 17.18 -45.22
CA PHE A 474 47.50 16.79 -46.38
C PHE A 474 46.52 16.29 -47.45
N PRO A 475 45.67 17.16 -47.98
CA PRO A 475 44.50 16.69 -48.74
C PRO A 475 44.90 16.08 -50.07
N ILE A 476 45.41 14.86 -50.02
CA ILE A 476 45.78 14.09 -51.20
C ILE A 476 45.26 12.67 -50.99
N LEU A 477 44.12 12.35 -51.58
CA LEU A 477 43.48 11.05 -51.37
C LEU A 477 42.51 10.78 -52.50
N THR A 478 42.75 9.71 -53.26
CA THR A 478 41.71 9.12 -54.07
C THR A 478 41.78 7.59 -54.10
N ASN A 479 42.70 6.99 -53.34
CA ASN A 479 42.74 5.53 -53.20
C ASN A 479 43.13 5.09 -51.80
N LEU A 480 43.05 5.97 -50.80
CA LEU A 480 43.60 5.72 -49.47
C LEU A 480 42.53 5.39 -48.45
N ILE A 481 41.41 6.12 -48.47
CA ILE A 481 40.27 5.81 -47.60
C ILE A 481 39.77 4.39 -47.80
N PRO A 482 39.74 3.77 -49.00
CA PRO A 482 39.46 2.34 -49.02
C PRO A 482 40.57 1.47 -48.46
N LYS A 483 41.79 1.99 -48.43
CA LYS A 483 42.99 1.22 -48.13
C LYS A 483 43.44 1.37 -46.69
N LEU A 484 43.29 2.57 -46.11
CA LEU A 484 43.69 2.79 -44.74
C LEU A 484 42.89 1.92 -43.78
N ILE A 485 41.56 1.92 -43.92
CA ILE A 485 40.73 1.09 -43.06
C ILE A 485 40.99 -0.39 -43.31
N ASP A 486 41.24 -0.76 -44.56
CA ASP A 486 41.52 -2.16 -44.87
C ASP A 486 42.82 -2.61 -44.21
N SER A 487 43.83 -1.76 -44.22
CA SER A 487 45.07 -2.05 -43.50
C SER A 487 44.84 -2.11 -42.01
N TYR A 488 44.07 -1.19 -41.46
CA TYR A 488 43.94 -1.10 -40.01
C TYR A 488 43.13 -2.26 -39.45
N LYS A 489 42.00 -2.59 -40.06
CA LYS A 489 41.17 -3.69 -39.56
C LYS A 489 41.89 -5.02 -39.58
N ASN A 490 42.73 -5.25 -40.58
CA ASN A 490 43.41 -6.53 -40.75
C ASN A 490 44.72 -6.60 -39.96
N VAL A 491 45.45 -5.49 -39.85
CA VAL A 491 46.62 -5.47 -39.01
C VAL A 491 46.22 -5.62 -37.54
N LYS A 492 45.04 -5.11 -37.19
CA LYS A 492 44.52 -5.31 -35.84
C LYS A 492 43.95 -6.72 -35.68
N SER A 493 43.48 -7.32 -36.77
CA SER A 493 42.99 -8.69 -36.73
C SER A 493 44.11 -9.72 -36.72
N ILE A 494 45.10 -9.58 -37.60
CA ILE A 494 46.28 -10.44 -37.56
C ILE A 494 47.07 -10.29 -36.27
N TYR A 495 46.95 -9.13 -35.60
CA TYR A 495 47.61 -8.92 -34.32
C TYR A 495 47.16 -9.93 -33.26
N MET A 496 45.97 -10.50 -33.40
CA MET A 496 45.49 -11.53 -32.51
C MET A 496 46.19 -12.87 -32.72
N ASN A 497 46.47 -13.24 -33.97
CA ASN A 497 47.08 -14.53 -34.31
C ASN A 497 48.60 -14.46 -34.38
N THR A 498 49.17 -13.27 -34.56
CA THR A 498 50.63 -13.17 -34.49
C THR A 498 51.12 -13.43 -33.06
N LYS A 499 50.31 -13.07 -32.06
CA LYS A 499 50.66 -13.35 -30.67
C LYS A 499 50.35 -14.80 -30.32
N PHE A 500 49.40 -15.43 -31.03
CA PHE A 500 49.19 -16.86 -30.92
C PHE A 500 50.40 -17.67 -31.34
N ILE A 501 51.28 -17.10 -32.17
CA ILE A 501 52.50 -17.74 -32.65
C ILE A 501 53.67 -16.98 -32.03
N SER A 502 53.49 -16.54 -30.79
CA SER A 502 54.56 -15.82 -30.10
C SER A 502 55.69 -16.77 -29.79
N LEU A 503 56.65 -16.86 -30.71
CA LEU A 503 57.89 -17.59 -30.51
C LEU A 503 59.04 -16.60 -30.62
N ASN A 504 59.08 -15.85 -31.72
CA ASN A 504 59.99 -14.72 -31.89
C ASN A 504 59.34 -13.48 -32.47
N LYS A 505 58.21 -13.60 -33.18
CA LYS A 505 57.42 -12.44 -33.53
C LYS A 505 56.75 -11.82 -32.31
N GLY A 506 56.45 -12.63 -31.30
CA GLY A 506 56.26 -12.15 -29.94
C GLY A 506 55.16 -11.12 -29.76
N ALA A 507 55.27 -10.35 -28.69
CA ALA A 507 54.37 -9.25 -28.40
C ALA A 507 54.77 -8.05 -29.24
N HIS A 508 54.15 -7.93 -30.41
CA HIS A 508 54.42 -6.79 -31.28
C HIS A 508 54.01 -5.50 -30.58
N THR A 509 54.89 -4.51 -30.64
CA THR A 509 54.54 -3.17 -30.19
C THR A 509 53.30 -2.70 -30.94
N ARG A 510 52.35 -2.14 -30.19
CA ARG A 510 51.01 -1.95 -30.72
C ARG A 510 51.00 -0.87 -31.80
N VAL A 511 50.06 -1.02 -32.73
CA VAL A 511 49.88 -0.08 -33.82
C VAL A 511 49.12 1.13 -33.30
N VAL A 512 49.55 2.31 -33.73
CA VAL A 512 48.83 3.54 -33.48
C VAL A 512 48.45 4.11 -34.84
N SER A 513 47.35 4.87 -34.87
CA SER A 513 47.04 5.66 -36.05
C SER A 513 48.04 6.78 -36.27
N VAL A 514 48.85 7.11 -35.25
CA VAL A 514 50.01 7.97 -35.46
C VAL A 514 51.00 7.35 -36.42
N ARG A 515 51.07 6.02 -36.49
CA ARG A 515 51.90 5.41 -37.52
C ARG A 515 51.28 5.60 -38.90
N ASP A 516 49.95 5.57 -39.00
CA ASP A 516 49.31 5.93 -40.25
C ASP A 516 49.54 7.40 -40.59
N LEU A 517 49.73 8.24 -39.58
CA LEU A 517 50.12 9.63 -39.81
C LEU A 517 51.57 9.77 -40.22
N ILE A 518 52.43 8.85 -39.78
CA ILE A 518 53.76 8.78 -40.36
C ILE A 518 53.65 8.39 -41.83
N LYS A 519 52.71 7.50 -42.15
CA LYS A 519 52.47 7.11 -43.52
C LYS A 519 51.85 8.23 -44.36
N LEU A 520 51.11 9.17 -43.75
CA LEU A 520 50.86 10.45 -44.40
C LEU A 520 52.17 11.11 -44.79
N CYS A 521 53.06 11.30 -43.81
CA CYS A 521 54.37 11.89 -44.08
C CYS A 521 55.19 11.05 -45.03
N GLU A 522 54.93 9.74 -45.10
CA GLU A 522 55.54 8.89 -46.11
C GLU A 522 54.92 9.08 -47.48
N ARG A 523 53.62 9.39 -47.54
CA ARG A 523 53.00 9.77 -48.80
C ARG A 523 53.41 11.17 -49.25
N LEU A 524 54.08 11.95 -48.41
CA LEU A 524 54.66 13.19 -48.90
C LEU A 524 55.84 12.92 -49.81
N ASP A 525 56.70 11.97 -49.43
CA ASP A 525 57.92 11.74 -50.18
C ASP A 525 57.71 10.92 -51.44
N ILE A 526 56.66 10.10 -51.51
CA ILE A 526 56.31 9.45 -52.76
C ILE A 526 55.86 10.49 -53.78
N LEU A 527 55.25 11.58 -53.32
CA LEU A 527 54.93 12.73 -54.17
C LEU A 527 56.12 13.65 -54.36
N PHE A 528 57.16 13.53 -53.54
CA PHE A 528 58.47 14.08 -53.84
C PHE A 528 59.24 13.18 -54.81
N LYS A 529 58.94 11.88 -54.82
CA LYS A 529 59.33 10.99 -55.91
C LYS A 529 58.32 11.01 -57.06
N ASN A 530 57.42 12.00 -57.08
CA ASN A 530 56.45 12.24 -58.14
C ASN A 530 56.26 13.75 -58.17
N ASN A 531 55.16 14.25 -58.72
CA ASN A 531 54.86 15.67 -58.71
C ASN A 531 53.41 15.86 -58.29
N GLY A 532 53.15 17.02 -57.67
CA GLY A 532 51.82 17.40 -57.20
C GLY A 532 50.75 17.28 -58.26
N ILE A 533 49.73 16.47 -57.94
CA ILE A 533 48.73 16.08 -58.93
C ILE A 533 47.55 15.51 -58.15
N ASN A 534 46.35 15.69 -58.69
CA ASN A 534 45.14 15.18 -58.04
C ASN A 534 45.11 13.67 -57.94
N LYS A 535 45.63 12.96 -58.95
CA LYS A 535 45.74 11.51 -58.94
C LYS A 535 47.02 11.08 -59.65
N PRO A 536 48.00 10.51 -58.96
CA PRO A 536 48.99 9.67 -59.65
C PRO A 536 48.37 8.33 -60.01
N ASP A 537 48.29 8.03 -61.30
CA ASP A 537 47.67 6.82 -61.81
C ASP A 537 48.70 5.73 -62.08
N GLN A 538 49.76 5.69 -61.27
CA GLN A 538 50.89 4.79 -61.47
C GLN A 538 50.65 3.50 -60.69
N LEU A 539 50.70 2.38 -61.40
CA LEU A 539 50.53 1.09 -60.77
C LEU A 539 51.69 0.72 -59.87
N ILE A 540 52.92 0.77 -60.40
CA ILE A 540 54.08 0.32 -59.64
C ILE A 540 54.26 1.16 -58.38
N GLN A 541 54.06 2.47 -58.48
CA GLN A 541 54.18 3.32 -57.30
C GLN A 541 53.04 3.11 -56.33
N SER A 542 51.83 2.91 -56.82
CA SER A 542 50.72 2.48 -55.98
C SER A 542 50.92 1.07 -55.44
N SER A 543 51.74 0.25 -56.11
CA SER A 543 52.09 -1.08 -55.65
C SER A 543 53.37 -1.11 -54.82
N VAL A 544 54.29 -0.19 -55.06
CA VAL A 544 55.49 -0.07 -54.22
C VAL A 544 55.11 0.55 -52.88
N TYR A 545 54.28 1.59 -52.92
CA TYR A 545 53.63 2.15 -51.75
C TYR A 545 52.36 1.40 -51.37
N ASP A 546 52.25 0.14 -51.78
CA ASP A 546 51.44 -0.85 -51.11
C ASP A 546 52.26 -1.64 -50.11
N SER A 547 53.37 -2.22 -50.56
CA SER A 547 54.30 -2.90 -49.67
C SER A 547 54.88 -1.97 -48.63
N ILE A 548 55.37 -0.79 -49.04
CA ILE A 548 56.00 0.11 -48.08
C ILE A 548 54.95 0.76 -47.18
N PHE A 549 53.79 1.09 -47.72
CA PHE A 549 52.68 1.58 -46.90
C PHE A 549 52.30 0.56 -45.83
N SER A 550 52.34 -0.73 -46.17
CA SER A 550 52.08 -1.76 -45.19
C SER A 550 53.28 -2.02 -44.27
N GLU A 551 54.47 -1.60 -44.68
CA GLU A 551 55.68 -1.93 -43.93
C GLU A 551 55.93 -0.99 -42.77
N ALA A 552 55.64 0.30 -42.93
CA ALA A 552 55.79 1.25 -41.83
C ALA A 552 54.89 0.92 -40.64
N ALA A 553 53.79 0.21 -40.87
CA ALA A 553 52.98 -0.34 -39.80
C ALA A 553 53.69 -1.46 -39.05
N ASP A 554 54.79 -1.98 -39.59
CA ASP A 554 55.60 -3.02 -38.98
C ASP A 554 57.00 -2.46 -38.75
N CYS A 555 57.84 -3.24 -38.07
CA CYS A 555 59.23 -2.89 -37.81
C CYS A 555 60.03 -4.18 -37.95
N PHE A 556 61.25 -4.16 -37.42
CA PHE A 556 61.95 -5.42 -37.24
C PHE A 556 61.14 -6.32 -36.31
N ALA A 557 61.12 -7.61 -36.60
CA ALA A 557 60.31 -8.56 -35.86
C ALA A 557 60.92 -9.94 -36.04
N GLY A 558 60.17 -10.96 -35.65
CA GLY A 558 60.70 -12.31 -35.64
C GLY A 558 60.89 -12.92 -37.02
N ALA A 559 60.22 -12.38 -38.03
CA ALA A 559 60.43 -12.78 -39.42
C ALA A 559 60.08 -14.24 -39.68
N ILE A 560 58.82 -14.61 -39.48
CA ILE A 560 58.30 -15.92 -39.88
C ILE A 560 57.69 -15.77 -41.27
N GLY A 561 57.12 -14.59 -41.56
CA GLY A 561 56.65 -14.25 -42.87
C GLY A 561 55.22 -14.63 -43.17
N GLU A 562 54.40 -14.91 -42.15
CA GLU A 562 52.98 -15.12 -42.39
C GLU A 562 52.34 -13.88 -42.98
N PHE A 563 52.64 -12.72 -42.42
CA PHE A 563 52.15 -11.46 -42.96
C PHE A 563 52.80 -11.11 -44.29
N LYS A 564 53.96 -11.69 -44.60
CA LYS A 564 54.60 -11.44 -45.89
C LYS A 564 53.76 -11.96 -47.05
N ALA A 565 52.89 -12.95 -46.80
CA ALA A 565 51.94 -13.37 -47.82
C ALA A 565 50.81 -12.36 -47.98
N LEU A 566 50.43 -11.71 -46.88
CA LEU A 566 49.34 -10.74 -46.89
C LEU A 566 49.82 -9.33 -47.22
N GLU A 567 51.00 -8.96 -46.73
CA GLU A 567 51.54 -7.60 -46.72
C GLU A 567 51.62 -6.95 -48.11
N PRO A 568 52.30 -7.56 -49.11
CA PRO A 568 52.47 -6.83 -50.39
C PRO A 568 51.17 -6.73 -51.17
N ILE A 569 50.42 -7.82 -51.23
CA ILE A 569 49.12 -7.88 -51.90
C ILE A 569 48.05 -7.77 -50.82
N ILE A 570 47.68 -6.53 -50.49
CA ILE A 570 46.90 -6.24 -49.29
C ILE A 570 45.71 -5.34 -49.58
N GLN A 571 45.74 -4.59 -50.69
CA GLN A 571 44.56 -3.84 -51.12
C GLN A 571 43.77 -4.67 -52.13
N ALA A 572 44.35 -4.93 -53.31
CA ALA A 572 43.79 -5.86 -54.28
C ALA A 572 44.85 -6.54 -55.14
N ILE A 573 46.14 -6.24 -54.90
CA ILE A 573 47.17 -6.43 -55.92
C ILE A 573 48.53 -6.35 -55.24
N GLY A 574 49.46 -7.16 -55.72
CA GLY A 574 50.84 -7.14 -55.27
C GLY A 574 51.48 -8.50 -55.49
N GLU A 575 52.75 -8.59 -55.11
CA GLU A 575 53.50 -9.85 -55.19
C GLU A 575 54.78 -9.69 -54.40
N SER A 576 55.23 -10.80 -53.80
CA SER A 576 56.41 -10.75 -52.94
C SER A 576 57.69 -10.58 -53.76
N LEU A 577 58.79 -10.41 -53.04
CA LEU A 577 60.12 -10.35 -53.64
C LEU A 577 60.85 -11.67 -53.40
N PHE A 628 78.86 -7.69 -49.89
CA PHE A 628 78.81 -6.33 -49.36
C PHE A 628 77.45 -6.08 -48.70
N THR A 629 76.41 -6.02 -49.52
CA THR A 629 75.06 -5.80 -49.01
C THR A 629 74.05 -6.35 -50.00
N ASN A 630 73.42 -7.46 -49.63
CA ASN A 630 72.33 -8.05 -50.40
C ASN A 630 71.09 -8.14 -49.52
N HIS A 631 71.23 -8.74 -48.35
CA HIS A 631 70.21 -8.64 -47.30
C HIS A 631 70.28 -7.31 -46.59
N SER A 632 71.49 -6.79 -46.39
CA SER A 632 71.66 -5.46 -45.82
C SER A 632 71.06 -4.37 -46.69
N LEU A 633 70.96 -4.61 -48.02
CA LEU A 633 70.28 -3.68 -48.92
C LEU A 633 68.91 -3.28 -48.41
N ARG A 634 68.14 -4.25 -47.92
CA ARG A 634 66.81 -3.94 -47.40
C ARG A 634 66.90 -3.03 -46.19
N LEU A 635 67.77 -3.35 -45.23
CA LEU A 635 67.98 -2.49 -44.09
C LEU A 635 68.63 -1.17 -44.50
N MET A 636 69.55 -1.23 -45.45
CA MET A 636 70.28 -0.06 -45.93
C MET A 636 69.34 0.93 -46.61
N GLU A 637 68.21 0.45 -47.15
CA GLU A 637 67.20 1.32 -47.74
C GLU A 637 66.15 1.72 -46.73
N GLN A 638 65.83 0.83 -45.78
CA GLN A 638 64.83 1.15 -44.77
C GLN A 638 65.33 2.23 -43.82
N ILE A 639 66.61 2.19 -43.46
CA ILE A 639 67.19 3.24 -42.64
C ILE A 639 67.15 4.57 -43.40
N SER A 640 67.38 4.54 -44.70
CA SER A 640 67.25 5.75 -45.51
C SER A 640 65.82 6.27 -45.52
N VAL A 641 64.85 5.36 -45.62
CA VAL A 641 63.44 5.75 -45.55
C VAL A 641 63.13 6.39 -44.21
N CYS A 642 63.68 5.84 -43.12
CA CYS A 642 63.31 6.32 -41.79
C CYS A 642 64.00 7.64 -41.46
N ILE A 643 65.27 7.80 -41.79
CA ILE A 643 65.94 9.08 -41.59
C ILE A 643 65.40 10.13 -42.53
N GLN A 644 64.99 9.74 -43.74
CA GLN A 644 64.35 10.67 -44.66
C GLN A 644 63.05 11.21 -44.08
N MET A 645 62.30 10.35 -43.40
CA MET A 645 61.21 10.77 -42.51
C MET A 645 61.70 10.97 -41.09
N THR A 646 62.44 12.03 -40.84
CA THR A 646 63.17 12.24 -39.59
C THR A 646 62.25 12.34 -38.37
N GLU A 647 62.87 12.59 -37.20
CA GLU A 647 62.30 12.63 -35.83
C GLU A 647 60.91 13.25 -35.81
N PRO A 648 60.01 12.83 -34.90
CA PRO A 648 60.17 12.21 -33.57
C PRO A 648 60.33 10.68 -33.42
N VAL A 649 60.53 9.88 -34.47
CA VAL A 649 60.44 8.42 -34.38
C VAL A 649 61.77 7.77 -34.77
N LEU A 650 62.14 6.72 -34.03
CA LEU A 650 63.06 5.69 -34.48
C LEU A 650 62.83 4.46 -33.61
N LEU A 651 62.96 3.29 -34.21
CA LEU A 651 62.72 2.03 -33.50
C LEU A 651 63.51 0.92 -34.18
N VAL A 652 64.36 0.25 -33.40
CA VAL A 652 65.11 -0.91 -33.88
C VAL A 652 65.15 -1.94 -32.75
N GLY A 653 64.85 -3.20 -33.07
CA GLY A 653 65.06 -4.34 -32.21
C GLY A 653 66.05 -5.35 -32.74
N GLU A 654 66.46 -5.21 -34.00
CA GLU A 654 67.52 -6.03 -34.55
C GLU A 654 68.80 -5.82 -33.74
N THR A 655 69.50 -6.92 -33.47
CA THR A 655 70.68 -6.88 -32.62
C THR A 655 71.76 -6.00 -33.22
N GLY A 656 72.55 -5.38 -32.34
CA GLY A 656 73.64 -4.52 -32.78
C GLY A 656 74.70 -5.23 -33.60
N THR A 657 74.79 -6.55 -33.47
CA THR A 657 75.79 -7.32 -34.22
C THR A 657 75.59 -7.16 -35.72
N GLY A 658 74.38 -7.46 -36.21
CA GLY A 658 74.07 -7.23 -37.61
C GLY A 658 73.88 -5.77 -37.98
N LYS A 659 73.81 -4.88 -37.00
CA LYS A 659 73.52 -3.47 -37.20
C LYS A 659 74.75 -2.63 -37.53
N THR A 660 75.95 -3.17 -37.32
CA THR A 660 77.14 -2.32 -37.35
C THR A 660 77.57 -2.00 -38.78
N THR A 661 77.11 -2.77 -39.77
CA THR A 661 77.28 -2.36 -41.16
C THR A 661 76.61 -1.02 -41.42
N VAL A 662 75.47 -0.75 -40.79
CA VAL A 662 74.82 0.54 -40.92
C VAL A 662 75.58 1.61 -40.14
N VAL A 663 76.18 1.22 -39.00
CA VAL A 663 77.02 2.14 -38.25
C VAL A 663 78.16 2.64 -39.11
N GLN A 664 78.83 1.73 -39.82
CA GLN A 664 79.89 2.13 -40.74
C GLN A 664 79.34 2.87 -41.95
N GLN A 665 78.14 2.53 -42.40
CA GLN A 665 77.57 3.18 -43.57
C GLN A 665 77.36 4.67 -43.35
N LEU A 666 76.53 5.04 -42.38
CA LEU A 666 76.22 6.43 -42.08
C LEU A 666 77.42 7.21 -41.56
N ALA A 667 78.48 6.52 -41.13
CA ALA A 667 79.72 7.16 -40.71
C ALA A 667 80.52 7.70 -41.90
N LYS A 668 80.11 7.36 -43.14
CA LYS A 668 80.83 7.80 -44.33
C LYS A 668 79.90 8.19 -45.46
N MET A 669 78.62 8.49 -45.17
CA MET A 669 77.68 8.87 -46.21
C MET A 669 77.89 10.34 -46.48
N LEU A 670 77.56 11.24 -45.56
CA LEU A 670 77.87 12.66 -45.62
C LEU A 670 78.33 13.23 -44.29
N ALA A 671 77.86 12.64 -43.17
CA ALA A 671 78.21 13.06 -41.82
C ALA A 671 78.74 11.85 -41.05
N LYS A 672 79.16 12.10 -39.81
CA LYS A 672 79.65 11.07 -38.91
C LYS A 672 78.69 10.88 -37.73
N LYS A 673 79.09 10.00 -36.81
CA LYS A 673 78.25 9.64 -35.67
C LYS A 673 79.13 9.01 -34.60
N LEU A 674 78.48 8.47 -33.57
CA LEU A 674 79.15 7.71 -32.54
C LEU A 674 78.11 6.89 -31.80
N THR A 675 78.54 6.27 -30.70
CA THR A 675 77.65 5.58 -29.78
C THR A 675 78.17 5.72 -28.36
N VAL A 676 77.30 5.46 -27.39
CA VAL A 676 77.65 5.39 -25.99
C VAL A 676 76.88 4.24 -25.37
N ILE A 677 77.58 3.44 -24.56
CA ILE A 677 76.92 2.38 -23.81
C ILE A 677 75.99 3.01 -22.77
N ASN A 678 74.77 2.50 -22.68
CA ASN A 678 73.78 2.96 -21.72
C ASN A 678 73.64 2.02 -20.54
N VAL A 679 74.10 0.76 -20.65
CA VAL A 679 73.98 -0.19 -19.55
C VAL A 679 74.84 0.22 -18.35
N SER A 680 76.01 0.78 -18.58
CA SER A 680 76.86 1.29 -17.53
C SER A 680 76.43 2.71 -17.18
N GLN A 681 76.78 3.14 -15.97
CA GLN A 681 76.43 4.48 -15.50
C GLN A 681 77.26 5.50 -16.25
N GLN A 682 76.61 6.35 -17.03
CA GLN A 682 77.24 7.39 -17.82
C GLN A 682 77.01 8.75 -17.16
N THR A 683 78.10 9.52 -17.04
CA THR A 683 78.06 10.86 -16.47
C THR A 683 78.47 11.94 -17.47
N GLU A 684 78.84 11.56 -18.70
CA GLU A 684 79.15 12.52 -19.75
C GLU A 684 77.91 13.13 -20.39
N THR A 685 76.71 12.75 -19.95
CA THR A 685 75.49 13.37 -20.46
C THR A 685 75.47 14.86 -20.18
N GLY A 686 75.99 15.27 -19.01
CA GLY A 686 76.03 16.66 -18.61
C GLY A 686 77.34 16.99 -17.92
N ASP A 687 77.35 18.16 -17.30
CA ASP A 687 78.57 18.69 -16.69
C ASP A 687 78.90 17.92 -15.42
N LEU A 688 80.17 17.98 -15.02
CA LEU A 688 80.65 17.35 -13.80
C LEU A 688 81.79 18.16 -13.20
N VAL A 812 83.56 20.34 -15.47
CA VAL A 812 83.82 20.07 -16.88
C VAL A 812 82.53 19.60 -17.56
N GLU A 813 82.30 20.09 -18.77
CA GLU A 813 81.02 19.83 -19.44
C GLU A 813 80.96 18.40 -19.96
N GLY A 814 79.74 17.91 -20.13
CA GLY A 814 79.55 16.58 -20.69
C GLY A 814 79.87 16.53 -22.17
N SER A 815 80.54 15.45 -22.57
CA SER A 815 80.94 15.28 -23.96
C SER A 815 79.75 15.06 -24.88
N LEU A 816 78.64 14.54 -24.35
CA LEU A 816 77.43 14.39 -25.15
C LEU A 816 76.78 15.73 -25.47
N VAL A 817 77.15 16.80 -24.77
CA VAL A 817 76.63 18.12 -25.08
C VAL A 817 77.18 18.63 -26.42
N LYS A 818 78.26 18.04 -26.92
CA LYS A 818 78.93 18.56 -28.11
C LYS A 818 78.33 17.96 -29.38
N THR A 819 78.05 16.65 -29.36
CA THR A 819 77.41 16.03 -30.51
C THR A 819 76.03 16.61 -30.80
N ILE A 820 75.27 16.95 -29.77
CA ILE A 820 74.03 17.69 -29.99
C ILE A 820 74.35 19.10 -30.50
N ARG A 821 75.42 19.71 -29.99
CA ARG A 821 75.79 21.04 -30.45
C ARG A 821 76.24 21.00 -31.90
N ALA A 822 76.90 19.92 -32.30
CA ALA A 822 77.25 19.67 -33.69
C ALA A 822 76.09 18.99 -34.41
N GLY A 823 76.24 18.74 -35.70
CA GLY A 823 75.34 17.90 -36.45
C GLY A 823 75.70 16.44 -36.44
N GLU A 824 76.74 16.04 -35.72
CA GLU A 824 77.08 14.63 -35.56
C GLU A 824 75.93 13.89 -34.89
N TRP A 825 75.62 12.72 -35.41
CA TRP A 825 74.54 11.89 -34.90
C TRP A 825 75.05 11.02 -33.76
N LEU A 826 74.14 10.24 -33.19
CA LEU A 826 74.43 9.44 -32.02
C LEU A 826 73.52 8.22 -31.98
N LEU A 827 74.10 7.08 -31.62
CA LEU A 827 73.37 5.85 -31.32
C LEU A 827 73.52 5.56 -29.84
N LEU A 828 72.67 4.69 -29.31
CA LEU A 828 72.77 4.23 -27.92
C LEU A 828 72.85 2.71 -27.95
N ASP A 829 73.95 2.18 -27.40
CA ASP A 829 74.19 0.74 -27.39
C ASP A 829 73.48 0.07 -26.23
N GLU A 830 72.58 -0.88 -26.53
CA GLU A 830 71.99 -1.75 -25.53
C GLU A 830 71.24 -0.97 -24.46
N VAL A 831 70.13 -0.34 -24.84
CA VAL A 831 69.34 0.51 -23.94
C VAL A 831 68.93 -0.27 -22.71
N ASN A 832 69.20 0.32 -21.55
CA ASN A 832 68.82 -0.24 -20.25
C ASN A 832 68.19 0.81 -19.34
N LEU A 833 68.00 2.04 -19.84
CA LEU A 833 67.37 3.12 -19.09
C LEU A 833 68.10 3.42 -17.79
N ALA A 834 69.37 3.80 -17.89
CA ALA A 834 70.11 4.33 -16.74
C ALA A 834 69.79 5.81 -16.61
N THR A 835 69.83 6.53 -17.73
CA THR A 835 69.25 7.85 -17.85
C THR A 835 68.67 7.99 -19.24
N ALA A 836 67.36 8.22 -19.29
CA ALA A 836 66.66 8.49 -20.55
C ALA A 836 65.60 9.56 -20.38
N ASP A 837 65.62 10.29 -19.26
CA ASP A 837 64.66 11.37 -19.07
C ASP A 837 64.95 12.51 -20.02
N THR A 838 66.18 13.03 -20.01
CA THR A 838 66.59 14.07 -20.93
C THR A 838 66.46 13.65 -22.39
N LEU A 839 66.63 12.36 -22.68
CA LEU A 839 66.57 11.86 -24.04
C LEU A 839 65.17 11.89 -24.62
N GLU A 840 64.14 11.65 -23.81
CA GLU A 840 62.78 11.68 -24.36
C GLU A 840 62.37 13.10 -24.71
N SER A 841 62.97 14.09 -24.06
CA SER A 841 62.87 15.46 -24.55
C SER A 841 63.59 15.64 -25.88
N ILE A 842 64.71 14.93 -26.05
CA ILE A 842 65.47 15.04 -27.30
C ILE A 842 64.74 14.39 -28.47
N SER A 843 63.79 13.48 -28.21
CA SER A 843 63.13 12.73 -29.27
C SER A 843 62.37 13.64 -30.23
N ASP A 844 61.55 14.55 -29.70
CA ASP A 844 60.64 15.36 -30.51
C ASP A 844 61.12 16.80 -30.67
N LEU A 845 62.44 17.03 -30.75
CA LEU A 845 62.94 18.37 -30.98
C LEU A 845 62.86 18.75 -32.45
N LEU A 846 63.36 17.88 -33.32
CA LEU A 846 63.53 18.19 -34.73
C LEU A 846 62.15 18.17 -35.38
N THR A 847 61.43 19.27 -35.22
CA THR A 847 60.05 19.41 -35.68
C THR A 847 59.70 20.89 -35.67
N GLU A 848 58.56 21.25 -36.25
CA GLU A 848 58.30 22.67 -36.51
C GLU A 848 58.05 23.48 -35.23
N PRO A 849 57.23 23.04 -34.24
CA PRO A 849 57.10 23.85 -33.03
C PRO A 849 58.39 23.88 -32.21
N ASP A 850 58.44 24.74 -31.20
CA ASP A 850 59.64 24.90 -30.39
C ASP A 850 59.69 23.82 -29.30
N SER A 851 60.90 23.36 -29.01
CA SER A 851 61.11 22.29 -28.04
C SER A 851 62.58 22.31 -27.63
N ARG A 852 62.85 22.59 -26.35
CA ARG A 852 64.22 22.60 -25.84
C ARG A 852 64.66 21.19 -25.47
N SER A 853 65.92 20.89 -25.75
CA SER A 853 66.49 19.59 -25.39
C SER A 853 66.55 19.40 -23.89
N ILE A 854 67.43 20.16 -23.23
CA ILE A 854 67.70 20.01 -21.81
C ILE A 854 68.51 21.22 -21.33
N LEU A 855 68.37 21.52 -20.04
CA LEU A 855 69.13 22.59 -19.39
C LEU A 855 70.31 22.00 -18.63
N LEU A 856 71.27 22.86 -18.29
CA LEU A 856 72.41 22.52 -17.45
C LEU A 856 72.69 23.67 -16.49
N SER A 857 73.59 23.42 -15.54
CA SER A 857 73.99 24.44 -14.58
C SER A 857 75.33 24.08 -13.95
N ALA A 862 78.04 24.20 -18.33
CA ALA A 862 76.62 24.29 -18.61
C ALA A 862 76.36 24.97 -19.95
N GLU A 863 75.48 24.38 -20.76
CA GLU A 863 75.17 24.91 -22.07
C GLU A 863 73.77 24.45 -22.46
N PRO A 864 72.71 25.13 -22.02
CA PRO A 864 71.38 24.86 -22.58
C PRO A 864 71.36 25.11 -24.07
N ILE A 865 70.41 24.44 -24.74
CA ILE A 865 70.37 24.41 -26.20
C ILE A 865 68.99 23.94 -26.63
N LYS A 866 68.55 24.40 -27.79
CA LYS A 866 67.28 23.92 -28.33
C LYS A 866 67.47 22.58 -29.03
N ALA A 867 68.23 22.58 -30.12
CA ALA A 867 68.46 21.38 -30.92
C ALA A 867 69.48 21.73 -32.00
N HIS A 868 69.69 20.78 -32.90
CA HIS A 868 70.41 20.97 -34.15
C HIS A 868 69.51 20.56 -35.32
N PRO A 869 69.41 21.37 -36.39
CA PRO A 869 68.45 21.00 -37.45
C PRO A 869 68.91 19.84 -38.30
N ASP A 870 70.21 19.54 -38.26
CA ASP A 870 70.78 18.37 -38.92
C ASP A 870 71.21 17.38 -37.86
N PHE A 871 70.29 16.52 -37.42
CA PHE A 871 70.55 15.56 -36.35
C PHE A 871 69.57 14.41 -36.46
N ARG A 872 70.01 13.22 -36.07
CA ARG A 872 69.13 12.05 -36.04
C ARG A 872 69.73 11.04 -35.06
N ILE A 873 69.11 10.90 -33.90
CA ILE A 873 69.51 9.90 -32.94
C ILE A 873 69.21 8.51 -33.50
N PHE A 874 69.86 7.49 -32.94
CA PHE A 874 69.56 6.09 -33.22
C PHE A 874 69.41 5.35 -31.91
N ALA A 875 68.93 4.11 -31.99
CA ALA A 875 68.61 3.30 -30.81
C ALA A 875 68.89 1.84 -31.12
N CYS A 876 69.54 1.15 -30.17
CA CYS A 876 69.91 -0.25 -30.33
C CYS A 876 69.60 -1.01 -29.05
N MET A 877 69.46 -2.32 -29.19
CA MET A 877 69.27 -3.24 -28.07
C MET A 877 70.24 -4.41 -28.17
N ASP A 907 68.15 -13.99 -44.25
CA ASP A 907 69.47 -14.58 -44.49
C ASP A 907 69.34 -15.70 -45.52
N ILE A 908 68.95 -15.33 -46.74
CA ILE A 908 68.76 -16.28 -47.85
C ILE A 908 69.48 -15.82 -49.12
N THR A 909 69.89 -14.54 -49.17
CA THR A 909 70.75 -14.04 -50.25
C THR A 909 72.21 -14.02 -49.85
N ASP A 910 72.50 -14.10 -48.54
CA ASP A 910 73.86 -14.26 -48.06
C ASP A 910 74.36 -15.70 -48.17
N LEU A 911 73.54 -16.63 -48.68
CA LEU A 911 73.99 -17.98 -48.97
C LEU A 911 75.25 -17.97 -49.83
N LEU A 912 75.25 -17.14 -50.87
CA LEU A 912 76.46 -16.97 -51.66
C LEU A 912 77.54 -16.26 -50.85
N SER A 913 77.16 -15.23 -50.08
CA SER A 913 78.15 -14.49 -49.31
C SER A 913 78.78 -15.36 -48.23
N ILE A 914 78.04 -16.34 -47.71
CA ILE A 914 78.60 -17.18 -46.66
C ILE A 914 79.68 -18.09 -47.23
N ILE A 915 79.43 -18.69 -48.40
CA ILE A 915 80.42 -19.50 -49.09
C ILE A 915 81.48 -18.60 -49.70
N ASP A 916 81.17 -17.31 -49.91
CA ASP A 916 82.16 -16.33 -50.35
C ASP A 916 83.24 -16.06 -49.30
N LYS A 917 83.01 -16.47 -48.05
CA LYS A 917 84.07 -16.49 -47.04
C LYS A 917 85.31 -17.20 -47.55
N TYR A 918 85.15 -18.29 -48.30
CA TYR A 918 86.27 -19.10 -48.74
C TYR A 918 87.14 -18.31 -49.71
N ILE A 919 88.45 -18.47 -49.56
CA ILE A 919 89.42 -17.84 -50.46
C ILE A 919 89.15 -18.19 -51.92
N GLY A 920 88.71 -19.42 -52.19
CA GLY A 920 88.36 -19.84 -53.54
C GLY A 920 89.45 -20.69 -54.17
N LYS A 921 89.89 -20.25 -55.35
CA LYS A 921 90.93 -20.93 -56.12
C LYS A 921 90.50 -22.33 -56.54
N TYR A 922 89.19 -22.60 -56.59
CA TYR A 922 88.68 -23.93 -56.87
C TYR A 922 87.17 -23.87 -57.02
N SER A 923 86.64 -24.65 -57.96
CA SER A 923 85.20 -24.74 -58.21
C SER A 923 84.58 -25.51 -57.06
N VAL A 924 84.09 -24.77 -56.07
CA VAL A 924 83.44 -25.36 -54.90
C VAL A 924 81.98 -25.64 -55.24
N SER A 925 81.50 -26.80 -54.79
CA SER A 925 80.07 -27.07 -54.82
C SER A 925 79.36 -26.17 -53.82
N ASP A 926 78.33 -25.47 -54.30
CA ASP A 926 77.59 -24.52 -53.48
C ASP A 926 76.67 -25.19 -52.46
N GLU A 927 76.59 -26.52 -52.45
CA GLU A 927 75.80 -27.25 -51.46
C GLU A 927 76.49 -27.38 -50.12
N TRP A 928 77.64 -26.72 -49.92
CA TRP A 928 78.18 -26.58 -48.59
C TRP A 928 77.17 -25.92 -47.66
N VAL A 929 76.45 -24.92 -48.18
CA VAL A 929 75.41 -24.23 -47.43
C VAL A 929 74.06 -24.89 -47.62
N GLY A 930 73.86 -25.62 -48.73
CA GLY A 930 72.69 -26.48 -48.82
C GLY A 930 72.65 -27.51 -47.70
N ASN A 931 73.82 -28.00 -47.31
CA ASN A 931 73.94 -28.80 -46.09
C ASN A 931 73.43 -28.04 -44.87
N ASP A 932 73.76 -26.76 -44.78
CA ASP A 932 73.37 -25.95 -43.62
C ASP A 932 71.86 -25.88 -43.48
N ILE A 933 71.15 -25.45 -44.51
CA ILE A 933 69.71 -25.38 -44.44
C ILE A 933 69.08 -26.76 -44.38
N ALA A 934 69.69 -27.77 -45.02
CA ALA A 934 69.12 -29.12 -44.99
C ALA A 934 69.15 -29.68 -43.58
N GLU A 935 70.17 -29.34 -42.80
CA GLU A 935 70.21 -29.71 -41.39
C GLU A 935 69.31 -28.82 -40.55
N LEU A 936 69.35 -27.51 -40.80
CA LEU A 936 68.57 -26.55 -40.04
C LEU A 936 67.08 -26.79 -40.13
N TYR A 937 66.62 -27.34 -41.27
CA TYR A 937 65.23 -27.77 -41.38
C TYR A 937 64.90 -28.84 -40.35
N LEU A 938 65.78 -29.83 -40.18
CA LEU A 938 65.58 -30.88 -39.20
C LEU A 938 65.85 -30.41 -37.77
N GLU A 939 66.68 -29.39 -37.60
CA GLU A 939 67.16 -28.98 -36.29
C GLU A 939 66.06 -28.45 -35.38
N ALA A 940 64.87 -28.14 -35.93
CA ALA A 940 63.69 -27.82 -35.15
C ALA A 940 62.52 -28.75 -35.49
N LYS A 941 62.80 -29.91 -36.10
CA LYS A 941 61.76 -30.87 -36.46
C LYS A 941 61.90 -32.18 -35.69
N LYS A 942 63.07 -32.82 -35.81
CA LYS A 942 63.22 -34.21 -35.43
C LYS A 942 64.66 -34.47 -35.02
N LEU A 943 64.88 -34.50 -33.70
CA LEU A 943 66.15 -34.99 -33.16
C LEU A 943 65.92 -35.80 -31.89
N SER A 944 64.73 -36.36 -31.73
CA SER A 944 64.42 -37.26 -30.61
C SER A 944 64.60 -36.58 -29.26
N ASP A 945 64.16 -35.32 -29.13
CA ASP A 945 64.23 -34.57 -27.89
C ASP A 945 65.68 -34.47 -27.46
N ASN A 946 66.48 -33.72 -28.22
CA ASN A 946 67.94 -33.82 -28.13
C ASN A 946 68.45 -33.36 -26.77
N ASN A 947 68.76 -34.36 -25.94
CA ASN A 947 69.53 -34.35 -24.70
C ASN A 947 68.83 -33.69 -23.52
N THR A 948 67.97 -32.69 -23.74
CA THR A 948 66.65 -32.63 -23.12
C THR A 948 65.71 -31.65 -23.82
N ILE A 949 66.18 -30.98 -24.88
CA ILE A 949 65.85 -29.58 -25.12
C ILE A 949 65.89 -29.28 -26.62
N VAL A 950 65.37 -28.11 -26.97
CA VAL A 950 65.53 -27.55 -28.31
C VAL A 950 67.00 -27.57 -28.69
N ASP A 951 67.31 -28.30 -29.75
CA ASP A 951 68.69 -28.50 -30.15
C ASP A 951 69.27 -27.25 -30.78
N GLY A 952 68.47 -26.52 -31.53
CA GLY A 952 68.91 -25.30 -32.17
C GLY A 952 68.14 -25.02 -33.42
N SER A 953 67.86 -23.74 -33.65
CA SER A 953 67.37 -23.26 -34.93
C SER A 953 67.88 -21.86 -35.27
N ASN A 954 68.85 -21.33 -34.50
CA ASN A 954 69.45 -20.02 -34.76
C ASN A 954 70.96 -19.99 -34.56
N GLN A 955 71.50 -20.96 -33.80
CA GLN A 955 72.93 -21.07 -33.56
C GLN A 955 73.68 -21.72 -34.70
N LYS A 956 73.01 -22.52 -35.51
CA LYS A 956 73.62 -23.34 -36.54
C LYS A 956 74.17 -22.56 -37.74
N PRO A 957 73.61 -21.42 -38.16
CA PRO A 957 74.28 -20.65 -39.23
C PRO A 957 75.52 -19.89 -38.76
N HIS A 958 75.48 -19.32 -37.55
CA HIS A 958 76.70 -18.78 -36.96
C HIS A 958 77.74 -19.88 -36.79
N PHE A 959 77.31 -21.05 -36.36
CA PHE A 959 78.24 -22.18 -36.28
C PHE A 959 78.66 -22.66 -37.66
N SER A 960 77.84 -22.41 -38.69
CA SER A 960 78.24 -22.78 -40.04
C SER A 960 79.35 -21.89 -40.56
N ILE A 961 79.26 -20.58 -40.32
CA ILE A 961 80.39 -19.72 -40.68
C ILE A 961 81.59 -20.01 -39.78
N ARG A 962 81.35 -20.40 -38.53
CA ARG A 962 82.42 -20.88 -37.67
C ARG A 962 83.10 -22.13 -38.24
N THR A 963 82.31 -23.00 -38.87
CA THR A 963 82.85 -24.22 -39.46
C THR A 963 83.84 -23.91 -40.56
N LEU A 964 83.57 -22.88 -41.37
CA LEU A 964 84.55 -22.43 -42.34
C LEU A 964 85.80 -21.88 -41.67
N THR A 965 85.68 -21.35 -40.45
CA THR A 965 86.83 -20.83 -39.74
C THR A 965 87.75 -21.91 -39.19
N ARG A 966 87.31 -23.18 -39.21
CA ARG A 966 88.13 -24.25 -38.65
C ARG A 966 89.23 -24.67 -39.62
N THR A 967 88.98 -24.57 -40.94
CA THR A 967 90.07 -24.80 -41.89
C THR A 967 91.09 -23.68 -41.86
N LEU A 968 90.70 -22.51 -41.36
CA LEU A 968 91.66 -21.53 -40.87
C LEU A 968 92.11 -21.97 -39.49
N LEU A 969 93.34 -21.59 -39.13
CA LEU A 969 94.03 -22.16 -37.97
C LEU A 969 94.21 -23.68 -38.13
N TYR A 970 94.41 -24.14 -39.36
CA TYR A 970 94.53 -25.56 -39.67
C TYR A 970 95.54 -25.72 -40.81
N VAL A 971 96.21 -26.88 -40.83
CA VAL A 971 97.30 -27.13 -41.75
C VAL A 971 96.85 -27.00 -43.20
N THR A 972 97.82 -26.79 -44.08
CA THR A 972 97.54 -26.89 -45.51
C THR A 972 97.12 -28.33 -45.83
N ASP A 973 95.84 -28.49 -46.10
CA ASP A 973 95.25 -29.77 -46.46
C ASP A 973 93.92 -29.44 -47.12
N ILE A 974 93.48 -30.34 -48.00
CA ILE A 974 92.34 -30.02 -48.86
C ILE A 974 91.09 -29.86 -48.02
N ILE A 975 90.10 -29.18 -48.60
CA ILE A 975 88.84 -28.93 -47.90
C ILE A 975 87.83 -30.03 -48.21
N HIS A 976 88.02 -30.77 -49.30
CA HIS A 976 87.14 -31.90 -49.60
C HIS A 976 87.28 -33.00 -48.55
N ILE A 977 88.52 -33.32 -48.16
CA ILE A 977 88.71 -34.24 -47.04
C ILE A 977 88.19 -33.63 -45.74
N TYR A 978 88.22 -32.29 -45.63
CA TYR A 978 87.89 -31.61 -44.38
C TYR A 978 86.40 -31.61 -44.08
N GLY A 979 85.57 -31.26 -45.06
CA GLY A 979 84.15 -31.15 -44.84
C GLY A 979 83.48 -32.41 -44.36
N LEU A 980 84.00 -33.58 -44.74
CA LEU A 980 83.46 -34.85 -44.32
C LEU A 980 84.02 -35.31 -42.98
N ARG A 981 85.20 -34.82 -42.60
CA ARG A 981 85.67 -34.90 -41.23
C ARG A 981 85.01 -33.83 -40.37
N ARG A 982 84.73 -32.67 -40.97
CA ARG A 982 84.25 -31.52 -40.22
C ARG A 982 82.72 -31.50 -40.13
N SER A 983 82.01 -32.12 -41.07
CA SER A 983 80.57 -32.26 -40.90
C SER A 983 80.25 -33.17 -39.73
N LEU A 984 81.03 -34.23 -39.55
CA LEU A 984 80.97 -35.04 -38.34
C LEU A 984 81.18 -34.20 -37.09
N TYR A 985 82.19 -33.33 -37.12
CA TYR A 985 82.53 -32.46 -36.01
C TYR A 985 81.48 -31.40 -35.74
N ASP A 986 80.72 -31.01 -36.76
CA ASP A 986 79.69 -29.99 -36.62
C ASP A 986 78.46 -30.56 -35.95
N GLY A 987 77.85 -31.58 -36.55
CA GLY A 987 76.64 -32.16 -36.02
C GLY A 987 76.89 -33.28 -35.03
N PHE A 988 77.98 -33.18 -34.26
CA PHE A 988 78.42 -34.30 -33.43
C PHE A 988 77.39 -34.63 -32.35
N CYS A 989 77.18 -33.72 -31.41
CA CYS A 989 76.15 -33.92 -30.40
C CYS A 989 74.76 -33.81 -30.98
N MET A 990 74.61 -33.09 -32.10
CA MET A 990 73.31 -33.01 -32.77
C MET A 990 72.77 -34.38 -33.12
N SER A 991 73.63 -35.32 -33.49
CA SER A 991 73.22 -36.69 -33.74
C SER A 991 72.71 -37.35 -32.46
N PHE A 992 73.42 -37.16 -31.35
CA PHE A 992 73.06 -37.70 -30.04
C PHE A 992 73.11 -39.23 -30.00
N LEU A 993 73.71 -39.87 -31.02
CA LEU A 993 73.74 -41.32 -31.15
C LEU A 993 72.34 -41.96 -31.12
N THR A 994 71.33 -41.20 -31.57
CA THR A 994 70.00 -41.71 -31.83
C THR A 994 69.63 -41.47 -33.29
N LEU A 995 70.25 -40.45 -33.89
CA LEU A 995 70.12 -40.17 -35.32
C LEU A 995 71.52 -39.91 -35.88
N LEU A 996 72.13 -40.93 -36.47
CA LEU A 996 73.49 -40.88 -36.97
C LEU A 996 73.61 -41.37 -38.42
N ASP A 997 72.48 -41.56 -39.10
CA ASP A 997 72.45 -42.03 -40.48
C ASP A 997 71.91 -40.91 -41.36
N GLN A 998 70.93 -40.16 -40.86
CA GLN A 998 70.52 -38.93 -41.51
C GLN A 998 71.62 -37.88 -41.48
N LYS A 999 72.51 -37.96 -40.48
CA LYS A 999 73.72 -37.14 -40.48
C LYS A 999 74.77 -37.73 -41.41
N SER A 1000 74.77 -39.06 -41.59
CA SER A 1000 75.67 -39.65 -42.56
C SER A 1000 75.39 -39.12 -43.96
N GLU A 1001 74.10 -38.95 -44.29
CA GLU A 1001 73.73 -38.27 -45.52
C GLU A 1001 74.17 -36.80 -45.51
N ALA A 1002 74.16 -36.15 -44.35
CA ALA A 1002 74.70 -34.81 -44.25
C ALA A 1002 76.18 -34.78 -44.60
N ILE A 1003 76.89 -35.85 -44.28
CA ILE A 1003 78.30 -35.98 -44.64
C ILE A 1003 78.49 -36.36 -46.10
N LEU A 1004 77.44 -36.85 -46.76
CA LEU A 1004 77.55 -37.25 -48.16
C LEU A 1004 77.43 -36.08 -49.12
N LYS A 1005 76.53 -35.13 -48.85
CA LYS A 1005 76.34 -33.93 -49.67
C LYS A 1005 77.65 -33.21 -49.98
N PRO A 1006 78.61 -33.12 -49.02
CA PRO A 1006 79.97 -32.68 -49.39
C PRO A 1006 80.61 -33.41 -50.56
N VAL A 1007 80.30 -34.68 -50.77
CA VAL A 1007 80.92 -35.42 -51.87
C VAL A 1007 80.51 -34.81 -53.20
N PRO A 1059 89.20 -47.19 -25.11
CA PRO A 1059 89.06 -47.22 -26.56
C PRO A 1059 87.77 -46.61 -27.05
N PHE A 1060 86.65 -47.00 -26.44
CA PHE A 1060 85.36 -46.42 -26.82
C PHE A 1060 85.29 -44.95 -26.42
N VAL A 1061 85.77 -44.62 -25.22
CA VAL A 1061 85.86 -43.23 -24.79
C VAL A 1061 87.15 -42.57 -25.29
N GLU A 1062 88.18 -43.34 -25.59
CA GLU A 1062 89.38 -42.79 -26.23
C GLU A 1062 89.08 -42.27 -27.62
N LYS A 1063 88.00 -42.73 -28.25
CA LYS A 1063 87.43 -42.03 -29.39
C LYS A 1063 87.24 -40.55 -29.08
N ASN A 1064 86.59 -40.25 -27.97
CA ASN A 1064 86.42 -38.86 -27.56
C ASN A 1064 87.76 -38.20 -27.26
N MET A 1065 88.75 -38.96 -26.76
CA MET A 1065 90.07 -38.39 -26.53
C MET A 1065 90.72 -37.95 -27.83
N MET A 1066 90.66 -38.79 -28.87
CA MET A 1066 91.21 -38.39 -30.17
C MET A 1066 90.41 -37.25 -30.77
N ASN A 1067 89.09 -37.24 -30.57
CA ASN A 1067 88.29 -36.13 -31.05
C ASN A 1067 88.64 -34.84 -30.32
N LEU A 1068 89.11 -34.94 -29.08
CA LEU A 1068 89.56 -33.77 -28.34
C LEU A 1068 90.94 -33.32 -28.75
N VAL A 1069 91.83 -34.24 -29.12
CA VAL A 1069 93.07 -33.83 -29.78
C VAL A 1069 92.74 -33.09 -31.07
N ARG A 1070 91.74 -33.56 -31.80
CA ARG A 1070 91.26 -32.85 -32.97
C ARG A 1070 90.64 -31.51 -32.60
N ALA A 1071 90.07 -31.41 -31.40
CA ALA A 1071 89.51 -30.16 -30.92
C ALA A 1071 90.56 -29.14 -30.52
N THR A 1072 91.71 -29.60 -30.03
CA THR A 1072 92.78 -28.68 -29.64
C THR A 1072 93.57 -28.14 -30.81
N SER A 1073 93.31 -28.62 -32.03
CA SER A 1073 94.08 -28.17 -33.19
C SER A 1073 93.87 -26.67 -33.46
N GLY A 1074 92.70 -26.14 -33.10
CA GLY A 1074 92.36 -24.76 -33.35
C GLY A 1074 92.18 -24.01 -32.05
N LYS A 1075 93.03 -23.03 -31.80
CA LYS A 1075 93.06 -22.30 -30.55
C LYS A 1075 92.33 -20.97 -30.69
N ARG A 1076 91.92 -20.43 -29.55
CA ARG A 1076 90.94 -19.35 -29.45
C ARG A 1076 89.58 -19.81 -29.93
N PHE A 1077 89.24 -21.08 -29.70
CA PHE A 1077 87.95 -21.68 -30.04
C PHE A 1077 87.30 -22.19 -28.75
N PRO A 1078 86.40 -21.40 -28.12
CA PRO A 1078 85.71 -21.87 -26.91
C PRO A 1078 85.01 -23.22 -27.06
N VAL A 1079 85.39 -24.16 -26.18
CA VAL A 1079 84.87 -25.53 -26.20
C VAL A 1079 83.97 -25.73 -24.99
N LEU A 1080 83.15 -26.77 -25.05
CA LEU A 1080 82.26 -27.13 -23.95
C LEU A 1080 81.87 -28.59 -24.12
N ILE A 1081 81.79 -29.28 -22.98
CA ILE A 1081 81.40 -30.68 -22.93
C ILE A 1081 80.20 -30.83 -22.01
N GLN A 1082 79.34 -31.78 -22.36
CA GLN A 1082 78.16 -32.10 -21.57
C GLN A 1082 78.03 -33.62 -21.53
N GLY A 1083 77.37 -34.11 -20.49
CA GLY A 1083 77.27 -35.52 -20.24
C GLY A 1083 77.37 -35.84 -18.76
N PRO A 1084 77.57 -37.11 -18.41
CA PRO A 1084 77.69 -37.46 -16.99
C PRO A 1084 79.02 -36.98 -16.42
N THR A 1085 78.95 -36.45 -15.20
CA THR A 1085 80.11 -35.91 -14.51
C THR A 1085 80.77 -37.00 -13.68
N SER A 1086 82.09 -36.93 -13.58
CA SER A 1086 82.90 -37.93 -12.89
C SER A 1086 82.75 -39.32 -13.48
N SER A 1087 82.34 -39.42 -14.75
CA SER A 1087 82.20 -40.68 -15.46
C SER A 1087 83.37 -40.95 -16.40
N GLY A 1088 84.56 -40.51 -16.03
CA GLY A 1088 85.73 -40.51 -16.91
C GLY A 1088 85.99 -39.18 -17.59
N LYS A 1089 85.20 -38.14 -17.31
CA LYS A 1089 85.26 -36.93 -18.13
C LYS A 1089 86.52 -36.14 -17.88
N THR A 1090 86.71 -35.62 -16.66
CA THR A 1090 87.88 -34.82 -16.35
C THR A 1090 89.16 -35.64 -16.32
N SER A 1091 89.07 -36.92 -15.99
CA SER A 1091 90.24 -37.79 -16.00
C SER A 1091 90.86 -37.86 -17.38
N MET A 1092 90.04 -37.75 -18.44
CA MET A 1092 90.59 -37.79 -19.79
C MET A 1092 91.48 -36.59 -20.07
N ILE A 1093 91.00 -35.38 -19.81
CA ILE A 1093 91.84 -34.21 -20.04
C ILE A 1093 93.03 -34.19 -19.09
N LYS A 1094 92.88 -34.68 -17.86
CA LYS A 1094 94.02 -34.71 -16.96
C LYS A 1094 95.08 -35.70 -17.43
N TYR A 1095 94.63 -36.85 -17.95
CA TYR A 1095 95.53 -37.80 -18.60
C TYR A 1095 96.20 -37.19 -19.82
N LEU A 1096 95.47 -36.34 -20.53
CA LEU A 1096 95.96 -35.71 -21.76
C LEU A 1096 97.01 -34.64 -21.50
N ALA A 1097 96.82 -33.79 -20.49
CA ALA A 1097 97.64 -32.58 -20.35
C ALA A 1097 99.11 -32.89 -20.14
N ASP A 1098 99.44 -34.09 -19.66
CA ASP A 1098 100.81 -34.59 -19.67
C ASP A 1098 101.17 -35.24 -20.99
N ILE A 1099 100.21 -35.90 -21.66
CA ILE A 1099 100.48 -36.54 -22.93
C ILE A 1099 100.82 -35.50 -24.00
N THR A 1100 100.13 -34.36 -23.98
CA THR A 1100 100.43 -33.26 -24.90
C THR A 1100 101.71 -32.51 -24.54
N GLY A 1101 102.28 -32.75 -23.36
CA GLY A 1101 103.50 -32.08 -22.97
C GLY A 1101 103.35 -30.59 -22.72
N HIS A 1102 102.12 -30.11 -22.56
CA HIS A 1102 101.83 -28.72 -22.21
C HIS A 1102 101.73 -28.61 -20.70
N LYS A 1103 101.50 -27.40 -20.22
CA LYS A 1103 101.33 -27.13 -18.80
C LYS A 1103 100.16 -27.94 -18.23
N PHE A 1104 100.12 -28.04 -16.90
CA PHE A 1104 99.19 -28.91 -16.20
C PHE A 1104 97.78 -28.33 -16.21
N VAL A 1105 96.77 -29.21 -16.14
CA VAL A 1105 95.38 -28.82 -15.96
C VAL A 1105 95.24 -27.94 -14.72
N ARG A 1106 94.81 -26.70 -14.91
CA ARG A 1106 94.26 -25.86 -13.86
C ARG A 1106 92.75 -26.04 -13.88
N ILE A 1107 92.11 -25.94 -12.72
CA ILE A 1107 90.66 -26.04 -12.61
C ILE A 1107 90.20 -25.17 -11.45
N ASN A 1108 89.08 -24.48 -11.65
CA ASN A 1108 88.47 -23.64 -10.62
C ASN A 1108 86.96 -23.82 -10.66
N ASN A 1109 86.40 -24.18 -9.51
CA ASN A 1109 84.97 -24.42 -9.37
C ASN A 1109 84.27 -23.08 -9.21
N HIS A 1110 83.24 -22.83 -10.02
CA HIS A 1110 82.47 -21.59 -9.99
C HIS A 1110 80.99 -21.92 -9.79
N GLU A 1111 80.55 -21.89 -8.53
CA GLU A 1111 79.15 -21.68 -8.20
C GLU A 1111 78.96 -20.42 -7.35
N HIS A 1112 80.05 -19.77 -6.95
CA HIS A 1112 80.04 -18.45 -6.35
C HIS A 1112 81.45 -17.90 -6.39
N THR A 1113 81.60 -16.63 -6.80
CA THR A 1113 82.91 -16.01 -6.95
C THR A 1113 82.84 -14.59 -6.41
N ASP A 1114 84.01 -13.93 -6.41
CA ASP A 1114 84.15 -12.56 -5.95
C ASP A 1114 85.01 -11.68 -6.87
N LEU A 1115 85.54 -12.23 -7.97
CA LEU A 1115 86.37 -11.56 -8.96
C LEU A 1115 87.74 -11.14 -8.43
N GLN A 1116 88.13 -11.61 -7.24
CA GLN A 1116 89.54 -11.79 -6.92
C GLN A 1116 89.84 -13.27 -6.68
N GLU A 1117 88.81 -14.11 -6.63
CA GLU A 1117 88.93 -15.54 -6.91
C GLU A 1117 89.15 -15.77 -8.40
N TYR A 1118 88.36 -15.11 -9.23
CA TYR A 1118 88.56 -15.20 -10.68
C TYR A 1118 89.79 -14.43 -11.12
N LEU A 1119 90.02 -13.26 -10.54
CA LEU A 1119 91.19 -12.43 -10.87
C LEU A 1119 92.35 -12.76 -9.95
N GLY A 1135 94.31 -16.10 -9.71
CA GLY A 1135 93.51 -15.69 -10.85
C GLY A 1135 93.56 -16.68 -12.00
N VAL A 1136 92.38 -17.19 -12.36
CA VAL A 1136 92.30 -18.12 -13.48
C VAL A 1136 92.76 -17.46 -14.78
N LEU A 1137 92.44 -16.18 -14.97
CA LEU A 1137 92.92 -15.44 -16.13
C LEU A 1137 94.30 -14.88 -15.91
N VAL A 1138 94.59 -14.42 -14.68
CA VAL A 1138 95.92 -13.90 -14.37
C VAL A 1138 96.96 -15.02 -14.51
N GLU A 1139 96.55 -16.27 -14.21
CA GLU A 1139 97.38 -17.41 -14.56
C GLU A 1139 97.57 -17.53 -16.06
N ALA A 1140 96.48 -17.40 -16.84
CA ALA A 1140 96.49 -17.66 -18.27
C ALA A 1140 97.48 -16.79 -19.04
N LEU A 1141 97.84 -15.62 -18.51
CA LEU A 1141 98.83 -14.78 -19.15
C LEU A 1141 100.23 -15.37 -18.98
N ARG A 1142 101.16 -14.85 -19.78
CA ARG A 1142 102.58 -15.14 -19.65
C ARG A 1142 102.87 -16.63 -19.80
N LYS A 1143 102.43 -17.19 -20.94
CA LYS A 1143 102.50 -18.63 -21.18
C LYS A 1143 101.76 -19.41 -20.10
N GLY A 1144 100.59 -18.91 -19.70
CA GLY A 1144 99.73 -19.66 -18.82
C GLY A 1144 99.15 -20.85 -19.55
N TYR A 1145 98.48 -21.76 -18.83
CA TYR A 1145 98.03 -22.98 -19.48
C TYR A 1145 96.77 -22.68 -20.30
N TRP A 1146 95.64 -22.50 -19.64
CA TRP A 1146 94.44 -21.84 -20.15
C TRP A 1146 93.38 -21.96 -19.05
N ILE A 1147 92.25 -21.30 -19.25
CA ILE A 1147 91.18 -21.25 -18.26
C ILE A 1147 90.33 -22.51 -18.38
N VAL A 1148 89.76 -22.93 -17.25
CA VAL A 1148 88.96 -24.15 -17.14
C VAL A 1148 87.80 -23.89 -16.19
N LEU A 1149 86.65 -24.49 -16.48
CA LEU A 1149 85.47 -24.45 -15.62
C LEU A 1149 84.96 -25.88 -15.41
N ASP A 1150 84.70 -26.23 -14.15
CA ASP A 1150 84.26 -27.58 -13.82
C ASP A 1150 82.75 -27.74 -14.02
N GLU A 1151 81.99 -26.69 -13.74
CA GLU A 1151 80.53 -26.77 -13.75
C GLU A 1151 79.98 -25.40 -14.10
N LEU A 1152 79.10 -25.37 -15.11
CA LEU A 1152 78.48 -24.14 -15.59
C LEU A 1152 76.96 -24.16 -15.47
N ASN A 1153 76.36 -25.33 -15.21
CA ASN A 1153 74.92 -25.43 -15.01
C ASN A 1153 74.42 -24.55 -13.88
N LEU A 1154 75.13 -24.59 -12.74
CA LEU A 1154 74.80 -23.78 -11.57
C LEU A 1154 75.85 -22.70 -11.35
N ALA A 1155 76.41 -22.16 -12.43
CA ALA A 1155 77.36 -21.05 -12.35
C ALA A 1155 76.70 -19.85 -11.69
N PRO A 1156 77.43 -18.99 -11.00
CA PRO A 1156 76.80 -17.83 -10.36
C PRO A 1156 76.47 -16.75 -11.38
N THR A 1157 75.25 -16.21 -11.27
CA THR A 1157 74.79 -15.17 -12.16
C THR A 1157 75.50 -13.84 -11.97
N ASP A 1158 76.24 -13.66 -10.87
CA ASP A 1158 76.93 -12.40 -10.62
C ASP A 1158 77.95 -12.09 -11.71
N VAL A 1159 78.62 -13.12 -12.24
CA VAL A 1159 79.69 -12.98 -13.21
C VAL A 1159 79.36 -13.87 -14.40
N LEU A 1160 78.64 -13.32 -15.37
CA LEU A 1160 78.43 -13.99 -16.66
C LEU A 1160 78.52 -13.03 -17.84
N GLU A 1161 78.69 -11.73 -17.60
CA GLU A 1161 78.75 -10.75 -18.68
C GLU A 1161 80.16 -10.47 -19.15
N ALA A 1162 81.15 -10.39 -18.27
CA ALA A 1162 82.55 -10.31 -18.67
C ALA A 1162 83.15 -11.67 -19.04
N LEU A 1163 82.33 -12.74 -19.02
CA LEU A 1163 82.72 -14.02 -19.55
C LEU A 1163 82.31 -14.21 -21.00
N ASN A 1164 81.22 -13.57 -21.43
CA ASN A 1164 80.92 -13.44 -22.85
C ASN A 1164 81.84 -12.46 -23.55
N ARG A 1165 82.40 -11.50 -22.79
CA ARG A 1165 83.54 -10.73 -23.27
C ARG A 1165 84.67 -11.65 -23.74
N LEU A 1166 84.90 -12.75 -23.01
CA LEU A 1166 85.95 -13.67 -23.39
C LEU A 1166 85.57 -14.50 -24.60
N LEU A 1167 84.27 -14.70 -24.85
CA LEU A 1167 83.82 -15.35 -26.07
C LEU A 1167 84.04 -14.50 -27.30
N ASP A 1168 84.20 -13.19 -27.15
CA ASP A 1168 84.68 -12.35 -28.23
C ASP A 1168 86.18 -12.56 -28.39
N ASP A 1169 86.58 -13.19 -29.49
CA ASP A 1169 87.99 -13.38 -29.79
C ASP A 1169 88.71 -12.08 -30.15
N ASN A 1170 87.96 -11.03 -30.49
CA ASN A 1170 88.51 -9.69 -30.67
C ASN A 1170 88.38 -8.84 -29.42
N ARG A 1171 88.30 -9.46 -28.24
CA ARG A 1171 88.19 -8.76 -26.97
C ARG A 1171 89.35 -7.82 -26.72
N GLU A 1172 89.11 -6.77 -25.94
CA GLU A 1172 90.16 -5.95 -25.34
C GLU A 1172 89.81 -5.83 -23.86
N LEU A 1173 90.60 -6.48 -23.01
CA LEU A 1173 90.25 -6.71 -21.60
C LEU A 1173 91.06 -5.75 -20.72
N PHE A 1174 90.50 -4.56 -20.48
CA PHE A 1174 91.05 -3.62 -19.52
C PHE A 1174 90.19 -3.67 -18.27
N ILE A 1175 90.71 -4.29 -17.20
CA ILE A 1175 90.01 -4.36 -15.92
C ILE A 1175 90.46 -3.15 -15.10
N PRO A 1176 89.55 -2.29 -14.63
CA PRO A 1176 89.97 -1.13 -13.84
C PRO A 1176 90.10 -1.38 -12.34
N GLU A 1177 89.91 -2.61 -11.87
CA GLU A 1177 90.16 -2.92 -10.46
C GLU A 1177 91.63 -2.72 -10.14
N THR A 1178 92.49 -3.40 -10.90
CA THR A 1178 93.94 -3.24 -10.82
C THR A 1178 94.52 -2.60 -12.07
N GLN A 1179 93.69 -2.01 -12.94
CA GLN A 1179 94.13 -1.25 -14.11
C GLN A 1179 94.97 -2.12 -15.05
N GLU A 1180 94.60 -3.40 -15.16
CA GLU A 1180 95.35 -4.37 -15.94
C GLU A 1180 94.75 -4.50 -17.34
N VAL A 1181 95.61 -4.32 -18.36
CA VAL A 1181 95.22 -4.41 -19.76
C VAL A 1181 95.71 -5.76 -20.29
N VAL A 1182 94.87 -6.41 -21.08
CA VAL A 1182 95.12 -7.76 -21.59
C VAL A 1182 94.45 -7.86 -22.95
N HIS A 1183 95.07 -8.61 -23.85
CA HIS A 1183 94.54 -8.95 -25.16
C HIS A 1183 94.45 -10.45 -25.28
N PRO A 1184 93.86 -10.98 -26.38
CA PRO A 1184 93.86 -12.44 -26.58
C PRO A 1184 95.24 -13.08 -26.53
N HIS A 1185 95.41 -13.98 -25.58
CA HIS A 1185 96.69 -14.63 -25.33
C HIS A 1185 96.92 -15.74 -26.36
N PRO A 1186 98.19 -16.05 -26.70
CA PRO A 1186 98.41 -17.22 -27.58
C PRO A 1186 97.96 -18.53 -26.98
N ASP A 1187 98.45 -18.89 -25.80
CA ASP A 1187 98.07 -20.14 -25.14
C ASP A 1187 96.82 -19.89 -24.31
N PHE A 1188 95.67 -20.03 -24.97
CA PHE A 1188 94.38 -19.81 -24.31
C PHE A 1188 93.35 -20.76 -24.91
N LEU A 1189 92.46 -21.24 -24.06
CA LEU A 1189 91.44 -22.22 -24.44
C LEU A 1189 90.37 -22.16 -23.37
N LEU A 1190 89.19 -21.66 -23.72
CA LEU A 1190 88.10 -21.59 -22.75
C LEU A 1190 87.48 -22.97 -22.66
N PHE A 1191 88.04 -23.79 -21.77
CA PHE A 1191 87.44 -25.08 -21.47
C PHE A 1191 86.25 -24.90 -20.53
N ALA A 1192 85.17 -25.59 -20.87
CA ALA A 1192 83.93 -25.54 -20.12
C ALA A 1192 83.42 -26.95 -19.88
N THR A 1193 82.74 -27.14 -18.77
CA THR A 1193 82.16 -28.41 -18.39
C THR A 1193 80.83 -28.17 -17.70
N GLN A 1194 79.87 -29.06 -17.95
CA GLN A 1194 78.50 -28.85 -17.51
C GLN A 1194 77.77 -30.17 -17.54
N ASN A 1195 76.74 -30.29 -16.68
CA ASN A 1195 75.83 -31.43 -16.67
C ASN A 1195 74.51 -30.93 -17.22
N PRO A 1196 73.79 -31.70 -18.05
CA PRO A 1196 72.50 -31.20 -18.55
C PRO A 1196 71.42 -31.36 -17.51
N PRO A 1197 70.20 -30.87 -17.78
CA PRO A 1197 69.08 -31.18 -16.90
C PRO A 1197 68.78 -32.67 -16.89
N GLY A 1198 67.98 -33.08 -15.91
CA GLY A 1198 67.56 -34.46 -15.75
C GLY A 1198 66.12 -34.65 -16.18
N ILE A 1199 65.24 -34.77 -15.19
CA ILE A 1199 63.80 -34.85 -15.41
C ILE A 1199 63.16 -33.46 -15.43
N TYR A 1200 63.95 -32.40 -15.53
CA TYR A 1200 63.44 -31.03 -15.51
C TYR A 1200 63.20 -30.53 -16.93
N GLY A 1201 62.41 -29.47 -17.04
CA GLY A 1201 62.03 -28.91 -18.32
C GLY A 1201 62.95 -27.81 -18.82
N GLY A 1202 64.21 -27.85 -18.42
CA GLY A 1202 65.20 -26.82 -18.76
C GLY A 1202 65.69 -26.12 -17.51
N ARG A 1203 66.93 -26.44 -17.12
CA ARG A 1203 67.43 -26.18 -15.77
C ARG A 1203 68.71 -25.37 -15.72
N LYS A 1204 69.51 -25.34 -16.79
CA LYS A 1204 70.80 -24.66 -16.77
C LYS A 1204 70.62 -23.17 -16.48
N ILE A 1205 71.70 -22.58 -15.95
CA ILE A 1205 71.85 -21.13 -15.85
C ILE A 1205 72.58 -20.56 -17.07
N LEU A 1206 72.65 -21.32 -18.17
CA LEU A 1206 73.35 -20.93 -19.39
C LEU A 1206 72.29 -20.61 -20.43
N SER A 1207 72.56 -19.60 -21.24
CA SER A 1207 71.63 -19.19 -22.29
C SER A 1207 72.06 -19.80 -23.62
N ARG A 1208 71.06 -20.16 -24.41
CA ARG A 1208 71.26 -20.61 -25.77
C ARG A 1208 71.99 -19.61 -26.64
N ALA A 1209 71.85 -18.31 -26.35
CA ALA A 1209 72.68 -17.27 -26.93
C ALA A 1209 74.09 -17.29 -26.40
N PHE A 1210 74.28 -17.59 -25.12
CA PHE A 1210 75.60 -17.82 -24.57
C PHE A 1210 76.17 -19.15 -25.03
N ARG A 1211 75.31 -20.13 -25.31
CA ARG A 1211 75.68 -21.38 -25.94
C ARG A 1211 76.13 -21.21 -27.37
N ASN A 1212 75.77 -20.09 -28.02
CA ASN A 1212 75.99 -19.95 -29.45
C ASN A 1212 77.47 -19.97 -29.81
N ARG A 1213 78.28 -19.21 -29.09
CA ARG A 1213 79.73 -19.25 -29.22
C ARG A 1213 80.25 -20.28 -28.22
N PHE A 1214 79.88 -21.54 -28.42
CA PHE A 1214 80.47 -22.63 -27.66
C PHE A 1214 80.40 -23.92 -28.48
N LEU A 1215 81.50 -24.63 -28.56
CA LEU A 1215 81.60 -25.84 -29.36
C LEU A 1215 80.94 -26.97 -28.60
N GLU A 1216 79.76 -27.38 -29.08
CA GLU A 1216 79.00 -28.41 -28.39
C GLU A 1216 79.71 -29.75 -28.47
N LEU A 1217 79.66 -30.51 -27.37
CA LEU A 1217 80.21 -31.85 -27.34
C LEU A 1217 79.35 -32.70 -26.41
N HIS A 1218 79.45 -34.02 -26.59
CA HIS A 1218 78.84 -35.00 -25.72
C HIS A 1218 79.88 -36.03 -25.31
N PHE A 1219 79.74 -36.51 -24.08
CA PHE A 1219 80.72 -37.36 -23.44
C PHE A 1219 80.30 -38.83 -23.57
N ASP A 1220 81.24 -39.67 -24.00
CA ASP A 1220 80.98 -41.09 -24.15
C ASP A 1220 80.86 -41.77 -22.80
N ASP A 1221 80.36 -43.01 -22.81
CA ASP A 1221 80.20 -43.80 -21.60
C ASP A 1221 80.09 -45.27 -22.00
N ILE A 1222 81.01 -46.08 -21.51
CA ILE A 1222 81.05 -47.52 -21.78
C ILE A 1222 80.48 -48.24 -20.56
N PRO A 1223 79.75 -49.38 -20.72
CA PRO A 1223 79.31 -50.11 -19.53
C PRO A 1223 80.40 -50.93 -18.88
N GLN A 1224 81.33 -51.45 -19.68
CA GLN A 1224 82.37 -52.35 -19.19
C GLN A 1224 83.39 -51.67 -18.27
N ASP A 1225 83.38 -50.33 -18.16
CA ASP A 1225 84.44 -49.64 -17.41
C ASP A 1225 84.53 -50.08 -15.96
N GLU A 1226 83.41 -50.40 -15.32
CA GLU A 1226 83.45 -50.87 -13.93
C GLU A 1226 84.13 -52.22 -13.81
N LEU A 1227 84.11 -53.04 -14.86
CA LEU A 1227 84.88 -54.28 -14.87
C LEU A 1227 86.38 -54.00 -14.99
N GLU A 1228 86.77 -52.83 -15.49
CA GLU A 1228 88.13 -52.65 -15.96
C GLU A 1228 89.02 -51.98 -14.93
N ILE A 1229 88.44 -51.10 -14.09
CA ILE A 1229 89.24 -50.52 -13.02
C ILE A 1229 89.69 -51.62 -12.06
N ILE A 1230 88.78 -52.51 -11.66
CA ILE A 1230 89.20 -53.66 -10.86
C ILE A 1230 90.13 -54.56 -11.66
N LEU A 1231 90.06 -54.52 -12.98
CA LEU A 1231 90.98 -55.31 -13.79
C LEU A 1231 92.40 -54.78 -13.72
N ARG A 1232 92.60 -53.47 -13.54
CA ARG A 1232 93.97 -52.95 -13.46
C ARG A 1232 94.53 -53.14 -12.05
N GLU A 1233 93.66 -53.29 -11.05
CA GLU A 1233 94.08 -53.67 -9.72
C GLU A 1233 92.85 -54.06 -8.91
N ARG A 1234 92.94 -55.17 -8.19
CA ARG A 1234 91.82 -55.65 -7.39
C ARG A 1234 91.51 -54.67 -6.26
N CYS A 1235 90.23 -54.53 -5.94
CA CYS A 1235 89.80 -53.65 -4.86
C CYS A 1235 88.38 -54.03 -4.44
N GLN A 1236 87.83 -53.26 -3.49
CA GLN A 1236 86.49 -53.46 -2.97
C GLN A 1236 85.58 -52.25 -3.18
N ILE A 1237 86.13 -51.04 -3.25
CA ILE A 1237 85.38 -49.89 -3.75
C ILE A 1237 85.28 -49.88 -5.27
N ALA A 1238 86.10 -50.66 -5.96
CA ALA A 1238 85.96 -50.81 -7.39
C ALA A 1238 84.59 -51.42 -7.69
N PRO A 1239 84.11 -52.37 -6.86
CA PRO A 1239 82.66 -52.59 -6.81
C PRO A 1239 81.85 -51.32 -6.60
N SER A 1240 82.07 -50.56 -5.53
CA SER A 1240 81.26 -49.40 -5.20
C SER A 1240 81.69 -48.13 -5.91
N TYR A 1241 82.57 -48.23 -6.93
CA TYR A 1241 83.03 -47.06 -7.64
C TYR A 1241 81.90 -46.32 -8.33
N ALA A 1242 80.89 -47.06 -8.81
CA ALA A 1242 79.70 -46.48 -9.39
C ALA A 1242 78.43 -47.21 -8.97
N LYS A 1243 78.46 -48.02 -7.92
CA LYS A 1243 77.35 -48.88 -7.56
C LYS A 1243 76.49 -48.27 -6.46
N LYS A 1244 77.12 -47.54 -5.53
CA LYS A 1244 76.41 -46.86 -4.45
C LYS A 1244 75.41 -45.83 -4.95
N ILE A 1245 75.57 -45.34 -6.18
CA ILE A 1245 74.65 -44.35 -6.75
C ILE A 1245 73.24 -44.89 -6.95
N VAL A 1246 73.04 -46.21 -6.89
CA VAL A 1246 71.71 -46.79 -7.04
C VAL A 1246 70.74 -46.28 -5.98
N GLU A 1247 71.23 -45.95 -4.79
CA GLU A 1247 70.42 -45.33 -3.74
C GLU A 1247 69.34 -46.27 -3.20
N ARG A 1260 66.22 -47.02 -11.10
CA ARG A 1260 66.75 -47.60 -9.87
C ARG A 1260 66.91 -49.10 -10.02
N LEU A 1261 65.80 -49.78 -10.32
CA LEU A 1261 65.82 -51.23 -10.45
C LEU A 1261 66.62 -51.68 -11.66
N PHE A 1262 66.33 -51.13 -12.84
CA PHE A 1262 67.14 -51.46 -14.02
C PHE A 1262 68.59 -51.03 -13.85
N GLU A 1263 68.82 -49.89 -13.20
CA GLU A 1263 70.19 -49.49 -12.88
C GLU A 1263 70.87 -50.53 -12.00
N GLN A 1264 70.16 -50.99 -10.97
CA GLN A 1264 70.69 -52.00 -10.08
C GLN A 1264 70.99 -53.29 -10.82
N LYS A 1265 70.10 -53.72 -11.71
CA LYS A 1265 70.33 -54.97 -12.44
C LYS A 1265 71.54 -54.85 -13.37
N ASN A 1266 71.67 -53.73 -14.07
CA ASN A 1266 72.80 -53.60 -14.99
C ASN A 1266 74.13 -53.52 -14.23
N SER A 1267 74.15 -52.78 -13.12
CA SER A 1267 75.35 -52.75 -12.31
C SER A 1267 75.61 -54.10 -11.65
N PHE A 1268 74.55 -54.87 -11.39
CA PHE A 1268 74.70 -56.24 -10.94
C PHE A 1268 75.31 -57.13 -12.01
N ALA A 1269 74.96 -56.90 -13.28
CA ALA A 1269 75.63 -57.63 -14.36
C ALA A 1269 77.10 -57.27 -14.44
N THR A 1270 77.42 -56.00 -14.22
CA THR A 1270 78.83 -55.61 -14.11
C THR A 1270 79.50 -56.34 -12.96
N LEU A 1271 78.83 -56.45 -11.81
CA LEU A 1271 79.39 -57.17 -10.68
C LEU A 1271 79.45 -58.67 -10.93
N ARG A 1272 78.62 -59.20 -11.84
CA ARG A 1272 78.71 -60.61 -12.21
C ARG A 1272 79.95 -60.86 -13.05
N ASP A 1273 80.16 -60.02 -14.06
CA ASP A 1273 81.40 -60.05 -14.82
C ASP A 1273 82.62 -59.82 -13.92
N LEU A 1274 82.44 -59.04 -12.86
CA LEU A 1274 83.48 -58.89 -11.85
C LEU A 1274 83.68 -60.18 -11.06
N PHE A 1275 82.59 -60.86 -10.71
CA PHE A 1275 82.67 -62.11 -9.95
C PHE A 1275 83.44 -63.17 -10.73
N ARG A 1276 83.28 -63.21 -12.05
CA ARG A 1276 84.11 -64.12 -12.82
C ARG A 1276 85.58 -63.72 -12.80
N TRP A 1277 85.86 -62.43 -12.63
CA TRP A 1277 87.21 -61.90 -12.65
C TRP A 1277 87.86 -61.96 -11.27
N ALA A 1278 89.14 -62.28 -11.24
CA ALA A 1278 89.94 -62.16 -10.03
C ALA A 1278 89.95 -60.73 -9.52
N VAL A 1283 84.25 -66.98 -6.21
CA VAL A 1283 84.74 -66.15 -5.12
C VAL A 1283 83.66 -65.97 -4.07
N GLY A 1284 83.90 -66.52 -2.88
CA GLY A 1284 83.10 -66.25 -1.72
C GLY A 1284 83.63 -65.13 -0.84
N TYR A 1285 84.85 -64.65 -1.08
CA TYR A 1285 85.45 -63.66 -0.20
C TYR A 1285 84.81 -62.28 -0.42
N GLU A 1286 85.02 -61.69 -1.61
CA GLU A 1286 84.43 -60.39 -1.88
C GLU A 1286 82.97 -60.48 -2.29
N GLN A 1287 82.50 -61.65 -2.70
CA GLN A 1287 81.06 -61.85 -2.80
C GLN A 1287 80.40 -61.61 -1.46
N LEU A 1288 80.89 -62.28 -0.42
CA LEU A 1288 80.41 -62.05 0.94
C LEU A 1288 80.65 -60.61 1.38
N ALA A 1289 81.79 -60.03 1.01
CA ALA A 1289 82.08 -58.65 1.43
C ALA A 1289 81.10 -57.66 0.81
N ALA A 1290 80.86 -57.75 -0.49
CA ALA A 1290 79.88 -56.90 -1.14
C ALA A 1290 78.47 -57.20 -0.67
N SER A 1291 78.19 -58.45 -0.29
CA SER A 1291 76.88 -58.76 0.29
C SER A 1291 76.70 -58.04 1.62
N GLY A 1292 77.71 -58.10 2.48
CA GLY A 1292 77.66 -57.37 3.73
C GLY A 1292 77.59 -55.87 3.53
N TYR A 1293 78.24 -55.37 2.50
CA TYR A 1293 78.16 -53.94 2.18
C TYR A 1293 76.76 -53.55 1.70
N MET A 1294 76.15 -54.38 0.85
CA MET A 1294 74.77 -54.19 0.45
C MET A 1294 73.84 -54.19 1.63
N LEU A 1295 74.04 -55.13 2.55
CA LEU A 1295 73.25 -55.19 3.76
C LEU A 1295 73.53 -54.00 4.68
N LEU A 1296 74.69 -53.38 4.53
CA LEU A 1296 75.04 -52.21 5.32
C LEU A 1296 74.41 -50.92 4.80
N ALA A 1297 74.20 -50.81 3.49
CA ALA A 1297 73.62 -49.61 2.92
C ALA A 1297 72.19 -49.36 3.38
N GLU A 1298 71.50 -50.40 3.86
CA GLU A 1298 70.11 -50.31 4.30
C GLU A 1298 69.93 -51.08 5.61
N ARG A 1299 70.91 -50.95 6.51
CA ARG A 1299 70.79 -51.56 7.83
C ARG A 1299 69.60 -51.00 8.59
N CYS A 1300 69.51 -49.67 8.70
CA CYS A 1300 68.38 -49.00 9.33
C CYS A 1300 67.96 -47.77 8.55
N ARG A 1301 68.39 -47.66 7.29
CA ARG A 1301 67.92 -46.58 6.43
C ARG A 1301 66.41 -46.69 6.21
N THR A 1302 65.92 -47.92 6.10
CA THR A 1302 64.52 -48.17 5.86
C THR A 1302 64.27 -49.67 6.01
N PRO A 1303 63.01 -50.10 6.25
CA PRO A 1303 62.75 -51.55 6.26
C PRO A 1303 62.56 -52.17 4.89
N GLN A 1304 62.98 -51.50 3.82
CA GLN A 1304 62.73 -51.99 2.48
C GLN A 1304 63.43 -53.33 2.24
N GLU A 1305 62.98 -54.02 1.20
CA GLU A 1305 63.54 -55.30 0.78
C GLU A 1305 64.38 -55.13 -0.50
N LYS A 1306 64.89 -53.92 -0.74
CA LYS A 1306 65.85 -53.74 -1.81
C LYS A 1306 67.09 -54.58 -1.57
N VAL A 1307 67.54 -54.67 -0.32
CA VAL A 1307 68.63 -55.59 0.03
C VAL A 1307 68.22 -57.02 -0.25
N THR A 1308 66.95 -57.36 -0.04
CA THR A 1308 66.51 -58.72 -0.29
C THR A 1308 66.60 -59.08 -1.77
N VAL A 1309 66.12 -58.21 -2.65
CA VAL A 1309 66.21 -58.48 -4.07
C VAL A 1309 67.66 -58.41 -4.54
N LYS A 1310 68.47 -57.55 -3.90
CA LYS A 1310 69.89 -57.50 -4.22
C LYS A 1310 70.56 -58.83 -3.92
N LYS A 1311 70.37 -59.35 -2.72
CA LYS A 1311 70.98 -60.63 -2.35
C LYS A 1311 70.34 -61.78 -3.13
N THR A 1312 69.08 -61.64 -3.54
CA THR A 1312 68.46 -62.64 -4.41
C THR A 1312 69.18 -62.70 -5.75
N LEU A 1313 69.32 -61.57 -6.44
CA LEU A 1313 70.03 -61.54 -7.71
C LEU A 1313 71.51 -61.83 -7.55
N GLU A 1314 72.07 -61.63 -6.35
CA GLU A 1314 73.41 -62.10 -6.04
C GLU A 1314 73.46 -63.62 -5.95
N LYS A 1315 72.42 -64.25 -5.43
CA LYS A 1315 72.35 -65.71 -5.41
C LYS A 1315 72.14 -66.26 -6.81
N VAL A 1316 71.64 -65.44 -7.74
CA VAL A 1316 71.74 -65.76 -9.16
C VAL A 1316 73.16 -65.56 -9.66
N MET A 1317 73.80 -64.47 -9.24
CA MET A 1317 75.21 -64.25 -9.52
C MET A 1317 76.09 -65.32 -8.88
N LYS A 1318 75.63 -65.89 -7.76
CA LYS A 1318 76.32 -66.99 -7.12
C LYS A 1318 76.39 -68.20 -8.05
N LEU A 1335 83.93 -61.56 17.71
CA LEU A 1335 84.77 -60.41 17.39
C LEU A 1335 85.48 -59.92 18.65
N GLU A 1336 84.72 -59.84 19.75
CA GLU A 1336 85.27 -59.51 21.06
C GLU A 1336 85.97 -58.15 21.10
N ALA A 1337 85.21 -57.08 20.89
CA ALA A 1337 85.71 -55.74 21.18
C ALA A 1337 85.65 -55.53 22.68
N ILE A 1338 86.07 -54.34 23.11
CA ILE A 1338 86.02 -53.97 24.54
C ILE A 1338 85.72 -52.48 24.63
N GLY A 1339 84.75 -52.13 25.46
CA GLY A 1339 84.37 -50.75 25.65
C GLY A 1339 83.59 -50.60 26.93
N SER A 1340 83.16 -49.37 27.19
CA SER A 1340 82.27 -49.14 28.33
C SER A 1340 80.93 -49.83 28.11
N VAL A 1341 80.50 -49.91 26.86
CA VAL A 1341 79.23 -50.53 26.48
C VAL A 1341 79.52 -51.60 25.43
N THR A 1342 78.88 -52.77 25.59
CA THR A 1342 79.04 -53.82 24.59
C THR A 1342 78.25 -53.52 23.32
N TRP A 1343 76.97 -53.15 23.44
CA TRP A 1343 76.10 -52.86 22.31
C TRP A 1343 76.09 -54.03 21.32
N THR A 1344 75.48 -55.14 21.74
CA THR A 1344 75.50 -56.38 20.97
C THR A 1344 74.94 -56.19 19.56
N LYS A 1345 74.03 -55.22 19.38
CA LYS A 1345 73.62 -54.82 18.04
C LYS A 1345 74.80 -54.38 17.19
N GLY A 1346 75.76 -53.66 17.77
CA GLY A 1346 76.88 -53.14 17.01
C GLY A 1346 78.04 -54.10 16.82
N MET A 1347 77.89 -55.35 17.27
CA MET A 1347 78.99 -56.30 17.17
C MET A 1347 79.32 -56.64 15.72
N ARG A 1348 78.34 -57.10 14.95
CA ARG A 1348 78.57 -57.31 13.52
C ARG A 1348 78.76 -55.98 12.80
N ARG A 1349 78.16 -54.91 13.33
CA ARG A 1349 78.43 -53.57 12.82
C ARG A 1349 79.90 -53.21 12.91
N LEU A 1350 80.49 -53.38 14.10
CA LEU A 1350 81.91 -53.10 14.25
C LEU A 1350 82.78 -54.11 13.52
N SER A 1351 82.30 -55.35 13.34
CA SER A 1351 83.00 -56.28 12.47
C SER A 1351 83.09 -55.76 11.05
N VAL A 1352 81.97 -55.27 10.51
CA VAL A 1352 81.95 -54.65 9.20
C VAL A 1352 82.87 -53.44 9.15
N LEU A 1353 82.84 -52.61 10.18
CA LEU A 1353 83.69 -51.42 10.21
C LEU A 1353 85.16 -51.78 10.24
N VAL A 1354 85.55 -52.74 11.06
CA VAL A 1354 86.92 -53.22 11.10
C VAL A 1354 87.34 -53.80 9.75
N SER A 1355 86.46 -54.56 9.09
CA SER A 1355 86.83 -55.14 7.80
C SER A 1355 87.01 -54.06 6.75
N SER A 1356 86.13 -53.05 6.74
CA SER A 1356 86.30 -51.94 5.82
C SER A 1356 87.58 -51.16 6.09
N CYS A 1357 87.87 -50.90 7.36
CA CYS A 1357 89.13 -50.28 7.77
C CYS A 1357 90.33 -51.12 7.40
N LEU A 1358 90.17 -52.45 7.34
CA LEU A 1358 91.26 -53.40 7.24
C LEU A 1358 91.54 -53.82 5.80
N LYS A 1359 90.51 -54.30 5.08
CA LYS A 1359 90.71 -54.70 3.70
C LYS A 1359 91.02 -53.52 2.78
N ASN A 1360 90.66 -52.30 3.19
CA ASN A 1360 90.72 -51.16 2.28
C ASN A 1360 90.89 -49.88 3.10
N LYS A 1361 91.15 -48.79 2.38
CA LYS A 1361 91.11 -47.42 2.91
C LYS A 1361 89.72 -46.82 2.72
N GLU A 1362 88.70 -47.66 2.71
CA GLU A 1362 87.39 -47.25 2.23
C GLU A 1362 86.70 -46.36 3.26
N PRO A 1363 86.57 -45.05 3.03
CA PRO A 1363 85.98 -44.18 4.05
C PRO A 1363 84.49 -44.45 4.22
N VAL A 1364 84.08 -44.57 5.47
CA VAL A 1364 82.72 -44.91 5.85
C VAL A 1364 82.05 -43.63 6.37
N LEU A 1365 80.77 -43.47 6.05
CA LEU A 1365 80.03 -42.24 6.29
C LEU A 1365 78.75 -42.60 7.02
N LEU A 1366 78.63 -42.14 8.27
CA LEU A 1366 77.45 -42.45 9.08
C LEU A 1366 76.36 -41.42 8.84
N VAL A 1367 75.13 -41.90 8.76
CA VAL A 1367 73.94 -41.07 8.65
C VAL A 1367 72.85 -41.77 9.45
N GLY A 1368 72.30 -41.10 10.46
CA GLY A 1368 71.19 -41.68 11.18
C GLY A 1368 70.95 -41.05 12.53
N GLU A 1369 70.30 -41.82 13.39
CA GLU A 1369 69.83 -41.38 14.69
C GLU A 1369 70.96 -41.40 15.70
N THR A 1370 71.31 -40.23 16.22
CA THR A 1370 72.32 -40.15 17.27
C THR A 1370 71.78 -40.75 18.57
N GLY A 1371 72.70 -41.04 19.48
CA GLY A 1371 72.35 -41.58 20.78
C GLY A 1371 71.68 -42.93 20.73
N CYS A 1372 71.89 -43.68 19.64
CA CYS A 1372 71.35 -45.02 19.51
C CYS A 1372 72.35 -45.90 18.76
N GLY A 1373 73.64 -45.58 18.88
CA GLY A 1373 74.69 -46.29 18.19
C GLY A 1373 75.77 -45.36 17.66
N LYS A 1374 75.41 -44.12 17.33
CA LYS A 1374 76.38 -43.17 16.79
C LYS A 1374 77.47 -42.81 17.79
N THR A 1375 77.15 -42.81 19.09
CA THR A 1375 78.07 -42.29 20.10
C THR A 1375 78.85 -43.40 20.77
N THR A 1376 78.15 -44.45 21.19
CA THR A 1376 78.80 -45.57 21.88
C THR A 1376 79.83 -46.27 21.00
N ILE A 1377 79.63 -46.25 19.67
CA ILE A 1377 80.55 -46.93 18.78
C ILE A 1377 81.90 -46.21 18.75
N CYS A 1378 81.89 -44.88 18.79
CA CYS A 1378 83.14 -44.13 18.79
C CYS A 1378 83.94 -44.36 20.06
N GLN A 1379 83.29 -44.54 21.19
CA GLN A 1379 83.96 -44.89 22.44
C GLN A 1379 84.46 -46.33 22.41
N LEU A 1380 83.61 -47.26 21.99
CA LEU A 1380 84.00 -48.67 21.89
C LEU A 1380 85.21 -48.85 20.99
N LEU A 1381 85.26 -48.10 19.89
CA LEU A 1381 86.41 -48.11 19.00
C LEU A 1381 87.67 -47.62 19.71
N ALA A 1382 87.63 -46.39 20.25
CA ALA A 1382 88.83 -45.80 20.85
C ALA A 1382 89.30 -46.58 22.06
N GLN A 1383 88.41 -47.31 22.74
CA GLN A 1383 88.86 -48.23 23.79
C GLN A 1383 89.49 -49.48 23.20
N PHE A 1384 88.91 -50.02 22.12
CA PHE A 1384 89.43 -51.26 21.55
C PHE A 1384 90.77 -51.03 20.86
N MET A 1385 91.03 -49.81 20.39
CA MET A 1385 92.29 -49.51 19.72
C MET A 1385 92.58 -48.02 19.80
N GLY A 1386 93.87 -47.69 19.80
CA GLY A 1386 94.33 -46.32 19.79
C GLY A 1386 94.73 -45.85 18.40
N ARG A 1387 95.73 -44.95 18.38
CA ARG A 1387 96.25 -44.28 17.19
C ARG A 1387 95.30 -43.22 16.63
N GLU A 1388 94.09 -43.12 17.17
CA GLU A 1388 93.03 -42.36 16.53
C GLU A 1388 92.80 -41.03 17.23
N LEU A 1389 92.68 -39.97 16.45
CA LEU A 1389 92.26 -38.68 16.95
C LEU A 1389 90.74 -38.64 16.98
N ILE A 1390 90.17 -39.05 18.10
CA ILE A 1390 88.72 -39.04 18.32
C ILE A 1390 88.38 -37.68 18.93
N THR A 1391 87.65 -36.87 18.16
CA THR A 1391 87.47 -35.47 18.50
C THR A 1391 86.18 -34.95 17.87
N LEU A 1392 85.58 -33.97 18.53
CA LEU A 1392 84.40 -33.27 18.01
C LEU A 1392 84.87 -32.15 17.09
N ASN A 1393 84.75 -32.37 15.78
CA ASN A 1393 85.19 -31.44 14.75
C ASN A 1393 83.99 -31.00 13.93
N ALA A 1394 83.55 -29.75 14.13
CA ALA A 1394 82.38 -29.19 13.46
C ALA A 1394 82.83 -28.11 12.49
N HIS A 1395 82.05 -27.93 11.42
CA HIS A 1395 82.38 -26.95 10.39
C HIS A 1395 81.09 -26.47 9.72
N GLN A 1396 80.54 -25.37 10.23
CA GLN A 1396 79.51 -24.60 9.53
C GLN A 1396 79.98 -23.16 9.36
N ASN A 1397 80.58 -22.63 10.43
CA ASN A 1397 81.09 -21.27 10.49
C ASN A 1397 82.61 -21.21 10.69
N THR A 1398 83.24 -22.34 11.01
CA THR A 1398 84.68 -22.36 11.24
C THR A 1398 85.42 -21.99 9.96
N GLU A 1399 86.62 -21.45 10.10
CA GLU A 1399 87.43 -21.09 8.95
C GLU A 1399 87.94 -22.37 8.28
N THR A 1400 88.08 -22.31 6.96
CA THR A 1400 88.35 -23.51 6.18
C THR A 1400 89.82 -23.88 6.18
N GLY A 1401 90.70 -22.96 6.59
CA GLY A 1401 92.10 -23.29 6.80
C GLY A 1401 92.39 -23.72 8.23
N ASP A 1402 91.78 -23.05 9.20
CA ASP A 1402 91.98 -23.39 10.60
C ASP A 1402 91.40 -24.75 10.96
N ILE A 1403 90.47 -25.29 10.16
CA ILE A 1403 90.08 -26.68 10.30
C ILE A 1403 91.28 -27.60 10.09
N LEU A 1404 92.24 -27.17 9.25
CA LEU A 1404 93.53 -27.80 9.09
C LEU A 1404 94.65 -27.05 9.83
N GLY A 1405 94.46 -25.77 10.11
CA GLY A 1405 95.47 -24.96 10.75
C GLY A 1405 96.28 -24.17 9.75
N ALA A 1406 96.46 -22.88 10.01
CA ALA A 1406 97.19 -22.00 9.09
C ALA A 1406 97.50 -20.71 9.82
N GLN A 1407 98.16 -19.80 9.11
CA GLN A 1407 98.52 -18.50 9.68
C GLN A 1407 97.33 -17.55 9.60
N GLU A 1473 104.45 -18.56 9.67
CA GLU A 1473 104.22 -19.79 10.44
C GLU A 1473 103.03 -20.55 9.86
N TRP A 1474 102.77 -21.74 10.41
CA TRP A 1474 101.63 -22.56 10.00
C TRP A 1474 101.08 -23.28 11.23
N SER A 1475 99.86 -22.94 11.61
CA SER A 1475 99.21 -23.61 12.73
C SER A 1475 98.72 -24.98 12.29
N ASP A 1476 98.24 -25.76 13.26
CA ASP A 1476 97.84 -27.15 13.06
C ASP A 1476 96.42 -27.33 13.59
N GLY A 1477 95.56 -27.89 12.75
CA GLY A 1477 94.19 -28.17 13.12
C GLY A 1477 94.07 -29.53 13.77
N PRO A 1478 92.84 -29.98 14.02
CA PRO A 1478 92.66 -31.39 14.40
C PRO A 1478 92.83 -32.32 13.22
N LEU A 1479 92.23 -31.99 12.09
CA LEU A 1479 92.28 -32.84 10.91
C LEU A 1479 93.68 -32.98 10.35
N ILE A 1480 94.57 -32.02 10.62
CA ILE A 1480 95.95 -32.15 10.14
C ILE A 1480 96.63 -33.33 10.81
N GLN A 1481 96.27 -33.63 12.06
CA GLN A 1481 96.85 -34.78 12.75
C GLN A 1481 96.24 -36.09 12.27
N ALA A 1482 94.93 -36.13 12.05
CA ALA A 1482 94.31 -37.31 11.45
C ALA A 1482 94.86 -37.60 10.07
N MET A 1483 95.15 -36.56 9.29
CA MET A 1483 95.92 -36.72 8.06
C MET A 1483 97.33 -37.20 8.34
N ARG A 1484 97.96 -36.71 9.42
CA ARG A 1484 99.30 -37.13 9.81
C ARG A 1484 99.35 -38.58 10.27
N THR A 1485 98.35 -38.99 11.05
CA THR A 1485 98.28 -40.36 11.54
C THR A 1485 96.89 -40.57 12.11
N GLY A 1486 96.36 -41.77 11.89
CA GLY A 1486 95.05 -42.08 12.41
C GLY A 1486 94.57 -43.42 11.86
N ASN A 1487 93.51 -43.90 12.51
CA ASN A 1487 92.74 -45.04 12.02
C ASN A 1487 91.24 -44.70 12.03
N PHE A 1488 90.91 -43.42 12.26
CA PHE A 1488 89.53 -43.00 12.49
C PHE A 1488 89.50 -41.48 12.65
N PHE A 1489 88.41 -40.85 12.20
CA PHE A 1489 88.14 -39.44 12.48
C PHE A 1489 86.67 -39.33 12.85
N LEU A 1490 86.29 -38.17 13.38
CA LEU A 1490 84.89 -37.90 13.71
C LEU A 1490 84.62 -36.43 13.45
N LEU A 1491 84.12 -36.13 12.25
CA LEU A 1491 83.75 -34.77 11.86
C LEU A 1491 82.25 -34.67 11.94
N ASP A 1492 81.75 -33.50 12.34
CA ASP A 1492 80.35 -33.27 12.63
C ASP A 1492 79.86 -32.04 11.88
N GLU A 1493 78.55 -31.84 11.87
CA GLU A 1493 77.94 -30.68 11.21
C GLU A 1493 78.26 -30.72 9.73
N ILE A 1494 78.35 -31.93 9.16
CA ILE A 1494 78.97 -32.13 7.85
C ILE A 1494 77.99 -32.04 6.70
N SER A 1495 76.73 -32.43 6.88
CA SER A 1495 75.68 -32.15 5.92
C SER A 1495 75.33 -30.66 5.88
N LEU A 1496 75.62 -29.93 6.96
CA LEU A 1496 75.38 -28.50 7.04
C LEU A 1496 76.64 -27.69 6.68
N ALA A 1497 77.61 -28.33 6.03
CA ALA A 1497 78.94 -27.77 5.80
C ALA A 1497 79.12 -27.40 4.33
N ASP A 1498 80.24 -26.75 4.04
CA ASP A 1498 80.50 -26.26 2.70
C ASP A 1498 81.01 -27.37 1.79
N ASP A 1499 80.28 -27.60 0.69
CA ASP A 1499 80.67 -28.63 -0.26
C ASP A 1499 82.04 -28.34 -0.89
N SER A 1500 82.37 -27.08 -1.12
CA SER A 1500 83.64 -26.75 -1.77
C SER A 1500 84.84 -27.13 -0.91
N VAL A 1501 84.72 -26.94 0.41
CA VAL A 1501 85.80 -27.34 1.31
C VAL A 1501 85.91 -28.84 1.36
N LEU A 1502 84.79 -29.54 1.27
CA LEU A 1502 84.79 -30.99 1.42
C LEU A 1502 85.23 -31.71 0.15
N GLU A 1503 85.07 -31.08 -1.01
CA GLU A 1503 85.63 -31.64 -2.24
C GLU A 1503 87.11 -31.33 -2.37
N ARG A 1504 87.58 -30.26 -1.73
CA ARG A 1504 89.01 -30.09 -1.53
C ARG A 1504 89.57 -31.22 -0.66
N LEU A 1505 88.76 -31.74 0.25
CA LEU A 1505 89.10 -32.87 1.10
C LEU A 1505 88.93 -34.21 0.41
N ASN A 1506 88.74 -34.24 -0.92
CA ASN A 1506 88.50 -35.46 -1.65
C ASN A 1506 89.73 -36.36 -1.79
N SER A 1507 90.92 -35.86 -1.44
CA SER A 1507 92.16 -36.62 -1.60
C SER A 1507 92.55 -37.43 -0.37
N VAL A 1508 91.92 -37.19 0.79
CA VAL A 1508 92.17 -38.04 1.96
C VAL A 1508 91.51 -39.41 1.87
N LEU A 1509 90.75 -39.67 0.80
CA LEU A 1509 90.13 -40.96 0.51
C LEU A 1509 91.18 -41.89 -0.07
N GLU A 1510 90.76 -42.87 -0.88
CA GLU A 1510 91.72 -43.71 -1.62
C GLU A 1510 92.92 -42.97 -2.22
N PRO A 1511 92.81 -41.75 -2.75
CA PRO A 1511 94.04 -41.02 -3.12
C PRO A 1511 94.91 -40.75 -1.91
N GLU A 1512 96.12 -40.28 -2.16
CA GLU A 1512 97.12 -40.17 -1.11
C GLU A 1512 96.67 -39.22 -0.01
N ARG A 1513 96.99 -39.59 1.24
CA ARG A 1513 96.47 -38.87 2.39
C ARG A 1513 97.15 -37.51 2.46
N SER A 1514 96.65 -36.58 1.64
CA SER A 1514 97.31 -35.33 1.35
C SER A 1514 96.38 -34.43 0.56
N LEU A 1515 96.43 -33.12 0.81
CA LEU A 1515 95.52 -32.16 0.23
C LEU A 1515 96.29 -30.90 -0.17
N LEU A 1516 95.55 -29.85 -0.49
CA LEU A 1516 96.17 -28.58 -0.84
C LEU A 1516 96.93 -28.02 0.37
N LEU A 1517 98.08 -27.41 0.09
CA LEU A 1517 98.85 -26.71 1.10
C LEU A 1517 99.50 -25.49 0.46
N ALA A 1518 99.93 -24.57 1.31
CA ALA A 1518 100.59 -23.35 0.87
C ALA A 1518 101.66 -22.98 1.88
N GLU A 1519 102.40 -21.93 1.57
CA GLU A 1519 103.46 -21.42 2.44
C GLU A 1519 104.54 -22.46 2.70
N SER A 1523 103.29 -25.60 6.66
CA SER A 1523 103.68 -26.88 6.07
C SER A 1523 103.15 -27.01 4.65
N ASP A 1524 104.04 -27.40 3.73
CA ASP A 1524 103.69 -27.63 2.34
C ASP A 1524 104.34 -28.91 1.84
N SER A 1525 104.49 -29.89 2.73
CA SER A 1525 105.13 -31.16 2.43
C SER A 1525 104.09 -32.26 2.30
N LEU A 1526 104.45 -33.30 1.56
CA LEU A 1526 103.55 -34.43 1.39
C LEU A 1526 103.49 -35.25 2.69
N VAL A 1527 102.30 -35.72 3.03
CA VAL A 1527 102.02 -36.36 4.32
C VAL A 1527 101.85 -37.86 4.10
N THR A 1528 102.20 -38.64 5.12
CA THR A 1528 102.12 -40.09 5.05
C THR A 1528 100.70 -40.55 4.78
N ALA A 1529 100.59 -41.71 4.13
CA ALA A 1529 99.32 -42.35 3.82
C ALA A 1529 99.39 -43.82 4.20
N SER A 1530 98.31 -44.31 4.80
CA SER A 1530 98.16 -45.72 5.15
C SER A 1530 96.81 -46.20 4.67
N GLU A 1531 96.79 -47.33 3.97
CA GLU A 1531 95.53 -47.88 3.49
C GLU A 1531 94.67 -48.43 4.62
N ASN A 1532 95.23 -48.66 5.80
CA ASN A 1532 94.43 -48.98 6.98
C ASN A 1532 93.71 -47.78 7.54
N PHE A 1533 94.17 -46.56 7.26
CA PHE A 1533 93.43 -45.36 7.63
C PHE A 1533 92.04 -45.40 6.98
N GLN A 1534 91.03 -45.03 7.77
CA GLN A 1534 89.66 -44.99 7.32
C GLN A 1534 89.02 -43.72 7.85
N PHE A 1535 88.98 -42.69 7.02
CA PHE A 1535 88.36 -41.44 7.40
C PHE A 1535 86.88 -41.67 7.67
N PHE A 1536 86.40 -41.12 8.77
CA PHE A 1536 85.03 -41.35 9.23
C PHE A 1536 84.45 -40.03 9.71
N ALA A 1537 83.17 -39.84 9.46
CA ALA A 1537 82.41 -38.73 9.98
C ALA A 1537 80.98 -39.22 10.19
N THR A 1538 80.10 -38.30 10.59
CA THR A 1538 78.71 -38.63 10.80
C THR A 1538 77.85 -37.44 10.45
N MET A 1539 76.64 -37.73 9.98
CA MET A 1539 75.66 -36.73 9.61
C MET A 1539 74.66 -36.56 10.76
N ASN A 1540 73.84 -35.53 10.63
CA ASN A 1540 73.04 -35.07 11.76
C ASN A 1540 71.88 -36.03 12.04
N PRO A 1541 71.23 -35.93 13.21
CA PRO A 1541 70.06 -36.77 13.46
C PRO A 1541 68.91 -36.40 12.52
N GLY A 1542 67.97 -37.33 12.39
CA GLY A 1542 66.88 -37.20 11.42
C GLY A 1542 65.99 -35.99 11.64
N GLY A 1543 65.94 -35.45 12.85
CA GLY A 1543 65.10 -34.30 13.12
C GLY A 1543 65.74 -32.97 12.78
N ASP A 1544 67.05 -32.94 12.60
CA ASP A 1544 67.74 -31.68 12.34
C ASP A 1544 67.50 -31.22 10.91
N TYR A 1545 67.22 -29.93 10.75
CA TYR A 1545 67.06 -29.36 9.41
C TYR A 1545 68.36 -29.40 8.62
N GLY A 1546 69.52 -29.38 9.30
CA GLY A 1546 70.79 -29.43 8.61
C GLY A 1546 71.16 -30.80 8.06
N LYS A 1547 70.40 -31.85 8.43
CA LYS A 1547 70.64 -33.15 7.82
C LYS A 1547 70.25 -33.15 6.35
N LYS A 1548 69.36 -32.25 5.96
CA LYS A 1548 69.13 -31.97 4.55
C LYS A 1548 70.34 -31.24 3.98
N GLU A 1549 70.30 -30.93 2.68
CA GLU A 1549 71.47 -30.42 1.96
C GLU A 1549 72.59 -31.46 2.05
N LEU A 1550 72.28 -32.70 1.65
CA LEU A 1550 73.28 -33.76 1.57
C LEU A 1550 74.00 -33.63 0.24
N SER A 1551 75.32 -33.83 0.26
CA SER A 1551 76.10 -33.72 -0.95
C SER A 1551 76.09 -35.05 -1.73
N PRO A 1552 75.69 -35.09 -3.01
CA PRO A 1552 75.66 -36.39 -3.68
C PRO A 1552 77.04 -36.89 -4.06
N ALA A 1553 78.00 -35.98 -4.26
CA ALA A 1553 79.39 -36.37 -4.49
C ALA A 1553 79.96 -37.20 -3.36
N LEU A 1554 79.49 -37.00 -2.13
CA LEU A 1554 79.97 -37.71 -0.96
C LEU A 1554 79.13 -38.93 -0.62
N ARG A 1555 78.24 -39.36 -1.51
CA ARG A 1555 77.43 -40.57 -1.33
C ARG A 1555 77.65 -41.53 -2.50
N ASN A 1556 78.82 -41.45 -3.13
CA ASN A 1556 79.30 -42.49 -4.05
C ASN A 1556 80.73 -42.89 -3.73
N ARG A 1557 81.51 -41.99 -3.12
CA ARG A 1557 82.91 -42.21 -2.82
C ARG A 1557 83.13 -42.77 -1.42
N PHE A 1558 82.08 -43.19 -0.73
CA PHE A 1558 82.10 -43.58 0.68
C PHE A 1558 81.33 -44.89 0.84
N THR A 1559 81.11 -45.28 2.09
CA THR A 1559 80.32 -46.46 2.44
C THR A 1559 79.16 -46.04 3.32
N GLU A 1560 77.98 -46.52 2.97
CA GLU A 1560 76.74 -46.15 3.65
C GLU A 1560 76.50 -47.06 4.84
N ILE A 1561 76.00 -46.46 5.92
CA ILE A 1561 75.71 -47.17 7.16
C ILE A 1561 74.73 -46.33 7.96
N TRP A 1562 73.70 -46.97 8.50
CA TRP A 1562 72.67 -46.30 9.27
C TRP A 1562 72.65 -46.82 10.69
N VAL A 1563 72.31 -45.94 11.64
CA VAL A 1563 72.27 -46.27 13.05
C VAL A 1563 71.11 -47.24 13.28
N PRO A 1564 71.31 -48.44 13.84
CA PRO A 1564 70.15 -49.28 14.16
C PRO A 1564 69.27 -48.62 15.22
N SER A 1565 68.04 -48.32 14.82
CA SER A 1565 67.06 -47.66 15.69
C SER A 1565 66.44 -48.71 16.59
N MET A 1566 65.97 -48.28 17.76
CA MET A 1566 65.29 -49.17 18.68
C MET A 1566 63.80 -49.23 18.34
N GLU A 1567 63.35 -50.42 17.93
CA GLU A 1567 61.93 -50.72 17.80
C GLU A 1567 61.68 -52.14 18.28
N ASP A 1568 60.56 -52.35 18.97
CA ASP A 1568 60.20 -53.63 19.57
C ASP A 1568 61.29 -54.11 20.55
N PHE A 1569 61.92 -53.16 21.23
CA PHE A 1569 62.78 -53.46 22.36
C PHE A 1569 62.52 -52.44 23.45
N ASN A 1570 62.46 -52.93 24.71
CA ASN A 1570 62.43 -52.03 25.86
C ASN A 1570 63.57 -52.33 26.84
N ASP A 1571 64.53 -53.17 26.49
CA ASP A 1571 65.76 -53.37 27.26
C ASP A 1571 66.88 -52.44 26.83
N VAL A 1572 66.81 -51.92 25.59
CA VAL A 1572 67.84 -51.01 25.12
C VAL A 1572 67.84 -49.70 25.88
N ASN A 1573 66.67 -49.19 26.28
CA ASN A 1573 66.63 -48.05 27.19
C ASN A 1573 67.12 -48.42 28.58
N MET A 1574 67.03 -49.68 28.96
CA MET A 1574 67.34 -50.07 30.33
C MET A 1574 68.82 -49.90 30.66
N ILE A 1575 69.70 -50.02 29.66
CA ILE A 1575 71.11 -49.77 29.92
C ILE A 1575 71.35 -48.28 30.16
N VAL A 1576 70.61 -47.41 29.49
CA VAL A 1576 70.82 -45.98 29.62
C VAL A 1576 70.10 -45.43 30.85
N SER A 1577 69.13 -46.17 31.38
CA SER A 1577 68.54 -45.85 32.68
C SER A 1577 69.33 -46.42 33.85
N SER A 1578 70.04 -47.53 33.66
CA SER A 1578 70.83 -48.13 34.72
C SER A 1578 72.10 -47.35 35.04
N ARG A 1579 72.69 -46.68 34.04
CA ARG A 1579 73.93 -45.92 34.23
C ARG A 1579 73.83 -44.86 35.32
N LEU A 1580 72.62 -44.36 35.60
CA LEU A 1580 72.43 -43.38 36.65
C LEU A 1580 72.83 -43.97 38.00
N LEU A 1581 73.16 -43.08 38.94
CA LEU A 1581 73.43 -43.50 40.32
C LEU A 1581 72.25 -44.27 40.90
N GLU A 1582 71.05 -43.71 40.84
CA GLU A 1582 69.84 -44.40 41.28
C GLU A 1582 69.35 -45.32 40.15
N ASP A 1583 69.35 -46.61 40.43
CA ASP A 1583 68.95 -47.62 39.46
C ASP A 1583 67.44 -47.79 39.35
N LEU A 1584 66.66 -47.00 40.10
CA LEU A 1584 65.23 -47.19 40.23
C LEU A 1584 64.46 -46.70 39.02
N LYS A 1585 65.08 -45.90 38.16
CA LYS A 1585 64.42 -45.52 36.91
C LYS A 1585 64.19 -46.71 36.00
N ASP A 1586 65.04 -47.73 36.09
CA ASP A 1586 64.82 -48.98 35.37
C ASP A 1586 63.53 -49.68 35.79
N LEU A 1587 63.07 -49.46 37.03
CA LEU A 1587 61.82 -50.03 37.50
C LEU A 1587 60.61 -49.19 37.15
N ALA A 1588 60.71 -47.87 37.22
CA ALA A 1588 59.55 -46.99 37.11
C ALA A 1588 59.31 -46.54 35.68
N ASN A 1589 60.37 -46.28 34.93
CA ASN A 1589 60.24 -45.80 33.56
C ASN A 1589 59.54 -46.81 32.65
N PRO A 1590 59.95 -48.08 32.60
CA PRO A 1590 59.33 -48.98 31.61
C PRO A 1590 57.89 -49.31 31.90
N ILE A 1591 57.49 -49.43 33.17
CA ILE A 1591 56.10 -49.78 33.48
C ILE A 1591 55.15 -48.67 33.06
N VAL A 1592 55.44 -47.42 33.44
CA VAL A 1592 54.54 -46.32 33.07
C VAL A 1592 54.68 -46.00 31.59
N LYS A 1593 55.87 -46.23 31.02
CA LYS A 1593 56.06 -46.17 29.58
C LYS A 1593 55.12 -47.13 28.86
N PHE A 1594 55.01 -48.36 29.35
CA PHE A 1594 54.11 -49.34 28.77
C PHE A 1594 52.65 -48.98 28.96
N SER A 1595 52.29 -48.43 30.12
CA SER A 1595 50.90 -48.00 30.31
C SER A 1595 50.55 -46.86 29.37
N GLU A 1596 51.49 -45.93 29.18
CA GLU A 1596 51.32 -44.88 28.18
C GLU A 1596 51.16 -45.45 26.77
N TRP A 1597 52.00 -46.41 26.40
CA TRP A 1597 51.90 -47.03 25.09
C TRP A 1597 50.61 -47.81 24.93
N PHE A 1598 50.10 -48.38 26.02
CA PHE A 1598 48.77 -48.99 26.05
C PHE A 1598 47.69 -47.95 25.81
N GLY A 1599 47.80 -46.79 26.45
CA GLY A 1599 46.95 -45.65 26.14
C GLY A 1599 47.36 -44.86 24.92
N LYS A 1600 48.35 -45.34 24.16
CA LYS A 1600 48.86 -44.69 22.96
C LYS A 1600 49.54 -43.37 23.30
N ASN A 1606 56.89 -45.57 20.01
CA ASN A 1606 57.34 -45.83 21.37
C ASN A 1606 58.77 -45.31 21.58
N ALA A 1607 59.56 -45.28 20.50
CA ALA A 1607 60.90 -44.71 20.60
C ALA A 1607 60.86 -43.22 20.90
N THR A 1608 59.78 -42.54 20.51
CA THR A 1608 59.60 -41.15 20.94
C THR A 1608 59.39 -41.06 22.45
N SER A 1609 58.71 -42.04 23.04
CA SER A 1609 58.68 -42.11 24.50
C SER A 1609 60.04 -42.44 25.07
N GLY A 1610 60.89 -43.14 24.31
CA GLY A 1610 62.28 -43.28 24.71
C GLY A 1610 63.03 -41.97 24.70
N VAL A 1611 62.75 -41.12 23.70
CA VAL A 1611 63.33 -39.78 23.67
C VAL A 1611 62.83 -38.96 24.85
N ILE A 1612 61.56 -39.14 25.22
CA ILE A 1612 61.04 -38.42 26.37
C ILE A 1612 61.68 -38.91 27.67
N SER A 1613 61.92 -40.21 27.81
CA SER A 1613 62.64 -40.70 28.98
C SER A 1613 64.08 -40.23 28.97
N LEU A 1614 64.68 -40.10 27.78
CA LEU A 1614 66.00 -39.53 27.66
C LEU A 1614 66.03 -38.08 28.14
N ARG A 1615 64.99 -37.32 27.81
CA ARG A 1615 64.87 -35.98 28.38
C ARG A 1615 64.62 -36.03 29.88
N ASP A 1616 63.92 -37.06 30.35
CA ASP A 1616 63.55 -37.13 31.76
C ASP A 1616 64.75 -37.43 32.65
N ILE A 1617 65.65 -38.32 32.22
CA ILE A 1617 66.88 -38.53 32.97
C ILE A 1617 67.69 -37.25 33.04
N LEU A 1618 67.71 -36.45 31.97
CA LEU A 1618 68.44 -35.20 31.98
C LEU A 1618 67.77 -34.18 32.89
N ALA A 1619 66.43 -34.19 32.90
CA ALA A 1619 65.66 -33.42 33.86
C ALA A 1619 65.99 -33.80 35.29
N TRP A 1620 66.17 -35.08 35.55
CA TRP A 1620 66.41 -35.59 36.88
C TRP A 1620 67.88 -35.54 37.28
N VAL A 1621 68.79 -35.78 36.32
CA VAL A 1621 70.20 -35.60 36.60
C VAL A 1621 70.49 -34.14 36.92
N GLU A 1622 69.74 -33.21 36.33
CA GLU A 1622 69.76 -31.82 36.74
C GLU A 1622 69.14 -31.63 38.12
N PHE A 1623 68.11 -32.38 38.46
CA PHE A 1623 67.45 -32.28 39.76
C PHE A 1623 68.41 -32.69 40.86
N ILE A 1624 68.87 -31.71 41.64
CA ILE A 1624 69.34 -31.96 42.98
C ILE A 1624 68.82 -30.90 43.94
N ASN A 1625 67.78 -30.16 43.52
CA ASN A 1625 67.35 -28.99 44.27
C ASN A 1625 66.72 -29.38 45.61
N LYS A 1626 66.01 -30.50 45.64
CA LYS A 1626 65.43 -31.06 46.84
C LYS A 1626 66.49 -31.97 47.49
N VAL A 1627 66.13 -32.88 48.39
CA VAL A 1627 67.05 -33.85 48.98
C VAL A 1627 67.34 -35.02 48.05
N PHE A 1628 66.89 -34.95 46.78
CA PHE A 1628 67.00 -36.02 45.80
C PHE A 1628 66.14 -37.21 46.23
N PRO A 1629 64.83 -37.01 46.55
CA PRO A 1629 64.02 -38.15 46.99
C PRO A 1629 63.45 -38.90 45.79
N LYS A 1630 62.57 -39.86 46.04
CA LYS A 1630 61.87 -40.60 45.00
C LYS A 1630 60.72 -39.78 44.43
N ILE A 1631 61.05 -38.62 43.84
CA ILE A 1631 60.08 -37.71 43.23
C ILE A 1631 60.24 -37.63 41.71
N GLN A 1632 61.27 -38.29 41.16
CA GLN A 1632 61.47 -38.37 39.71
C GLN A 1632 60.22 -38.85 38.97
N ASN A 1633 59.48 -39.80 39.53
CA ASN A 1633 58.29 -40.31 38.90
C ASN A 1633 57.15 -39.31 38.95
N LYS A 1634 56.99 -38.60 40.07
CA LYS A 1634 56.06 -37.48 40.16
C LYS A 1634 56.35 -36.43 39.11
N SER A 1635 57.63 -36.24 38.77
CA SER A 1635 58.00 -35.24 37.78
C SER A 1635 57.70 -35.69 36.36
N THR A 1636 58.10 -36.91 36.00
CA THR A 1636 58.13 -37.35 34.62
C THR A 1636 56.75 -37.60 34.01
N ALA A 1637 55.68 -37.54 34.80
CA ALA A 1637 54.35 -37.76 34.25
C ALA A 1637 53.80 -36.52 33.56
N LEU A 1638 54.22 -35.33 33.99
CA LEU A 1638 53.87 -34.10 33.31
C LEU A 1638 54.33 -34.07 31.87
N ILE A 1639 55.62 -34.30 31.64
CA ILE A 1639 56.18 -34.27 30.29
C ILE A 1639 55.55 -35.31 29.36
N GLN A 1640 55.06 -36.42 29.89
CA GLN A 1640 54.55 -37.53 29.11
C GLN A 1640 53.03 -37.60 29.15
N GLY A 1641 52.44 -37.52 30.34
CA GLY A 1641 51.00 -37.54 30.47
C GLY A 1641 50.34 -36.26 30.00
N ALA A 1642 50.73 -35.14 30.59
CA ALA A 1642 50.10 -33.86 30.31
C ALA A 1642 50.33 -33.38 28.88
N SER A 1643 51.39 -33.86 28.22
CA SER A 1643 51.72 -33.44 26.87
C SER A 1643 51.00 -34.26 25.80
N MET A 1644 50.02 -35.09 26.18
CA MET A 1644 49.35 -35.95 25.23
C MET A 1644 48.28 -35.24 24.39
N VAL A 1645 47.89 -34.03 24.77
CA VAL A 1645 46.82 -33.33 24.05
C VAL A 1645 47.30 -32.91 22.66
N PHE A 1646 48.61 -32.83 22.44
CA PHE A 1646 49.13 -32.50 21.11
C PHE A 1646 48.72 -33.56 20.07
N ILE A 1647 49.21 -34.79 20.24
CA ILE A 1647 48.98 -35.84 19.26
C ILE A 1647 47.53 -36.26 19.17
N ASP A 1648 46.78 -36.17 20.27
CA ASP A 1648 45.36 -36.51 20.27
C ASP A 1648 44.63 -35.66 21.30
N ALA A 1649 43.99 -34.59 20.85
CA ALA A 1649 43.20 -33.72 21.72
C ALA A 1649 41.83 -34.37 21.87
N LEU A 1650 41.48 -34.73 23.11
CA LEU A 1650 40.29 -35.52 23.37
C LEU A 1650 39.84 -35.27 24.80
N GLY A 1651 38.53 -35.33 25.01
CA GLY A 1651 37.94 -35.05 26.30
C GLY A 1651 38.26 -36.02 27.41
N THR A 1652 38.85 -37.18 27.09
CA THR A 1652 39.20 -38.19 28.08
C THR A 1652 40.67 -38.18 28.46
N ASN A 1653 41.49 -37.30 27.87
CA ASN A 1653 42.92 -37.28 28.17
C ASN A 1653 43.20 -36.89 29.62
N ASN A 1654 42.32 -36.11 30.24
CA ASN A 1654 42.44 -35.88 31.67
C ASN A 1654 42.36 -37.17 32.48
N THR A 1655 41.40 -38.04 32.14
CA THR A 1655 41.33 -39.34 32.81
C THR A 1655 42.53 -40.21 32.47
N ALA A 1656 43.14 -40.02 31.30
CA ALA A 1656 44.38 -40.73 30.99
C ALA A 1656 45.52 -40.25 31.88
N TYR A 1657 45.62 -38.94 32.10
CA TYR A 1657 46.57 -38.42 33.08
C TYR A 1657 46.28 -38.97 34.48
N LEU A 1658 45.00 -39.13 34.81
CA LEU A 1658 44.65 -39.70 36.11
C LEU A 1658 45.09 -41.14 36.24
N ALA A 1659 44.89 -41.93 35.17
CA ALA A 1659 45.35 -43.32 35.20
C ALA A 1659 46.87 -43.40 35.23
N GLU A 1660 47.55 -42.48 34.56
CA GLU A 1660 49.00 -42.43 34.65
C GLU A 1660 49.46 -42.04 36.05
N ASN A 1661 48.69 -41.19 36.74
CA ASN A 1661 48.95 -40.91 38.15
C ASN A 1661 48.73 -42.13 39.03
N GLU A 1662 47.71 -42.94 38.71
CA GLU A 1662 47.51 -44.17 39.45
C GLU A 1662 48.70 -45.12 39.27
N ASN A 1663 49.18 -45.28 38.04
CA ASN A 1663 50.37 -46.09 37.83
C ASN A 1663 51.60 -45.43 38.45
N ASP A 1664 51.64 -44.10 38.49
CA ASP A 1664 52.74 -43.39 39.14
C ASP A 1664 52.83 -43.78 40.61
N LEU A 1665 51.71 -43.68 41.33
CA LEU A 1665 51.71 -44.09 42.73
C LEU A 1665 51.91 -45.59 42.88
N LYS A 1666 51.44 -46.39 41.91
CA LYS A 1666 51.69 -47.82 41.94
C LYS A 1666 53.18 -48.14 41.87
N SER A 1667 53.92 -47.44 41.00
CA SER A 1667 55.36 -47.65 40.91
C SER A 1667 56.06 -47.21 42.19
N LEU A 1668 55.51 -46.20 42.86
CA LEU A 1668 56.07 -45.73 44.11
C LEU A 1668 55.90 -46.78 45.20
N PHE A 1719 46.64 -17.51 36.10
CA PHE A 1719 47.34 -16.27 35.81
C PHE A 1719 47.31 -15.35 37.03
N ASN A 1720 46.17 -15.34 37.70
CA ASN A 1720 45.99 -14.61 38.96
C ASN A 1720 46.16 -15.59 40.11
N LEU A 1721 46.45 -15.05 41.30
CA LEU A 1721 46.37 -15.86 42.50
C LEU A 1721 44.90 -16.17 42.70
N THR A 1722 44.48 -17.35 42.26
CA THR A 1722 43.08 -17.70 42.17
C THR A 1722 42.95 -19.22 42.27
N ALA A 1723 41.90 -19.64 42.98
CA ALA A 1723 41.72 -21.06 43.28
C ALA A 1723 41.62 -21.97 42.05
N PRO A 1724 41.04 -21.54 40.90
CA PRO A 1724 41.06 -22.42 39.72
C PRO A 1724 42.42 -22.90 39.27
N THR A 1725 42.42 -23.98 38.46
CA THR A 1725 43.63 -24.62 37.97
C THR A 1725 44.49 -23.73 37.09
N THR A 1726 43.98 -22.58 36.64
CA THR A 1726 44.82 -21.59 35.98
C THR A 1726 46.00 -21.18 36.84
N ALA A 1727 45.82 -21.18 38.16
CA ALA A 1727 46.93 -20.98 39.08
C ALA A 1727 47.79 -22.22 39.23
N SER A 1728 47.22 -23.42 39.10
CA SER A 1728 48.02 -24.63 39.04
C SER A 1728 48.92 -24.63 37.81
N ASN A 1729 48.38 -24.16 36.69
CA ASN A 1729 49.15 -24.02 35.44
C ASN A 1729 50.42 -23.20 35.63
N LEU A 1730 50.40 -22.22 36.53
CA LEU A 1730 51.53 -21.34 36.73
C LEU A 1730 52.79 -22.10 37.15
N VAL A 1731 52.75 -22.76 38.30
CA VAL A 1731 53.92 -23.52 38.74
C VAL A 1731 54.05 -24.82 37.95
N ARG A 1732 52.97 -25.28 37.31
CA ARG A 1732 53.09 -26.37 36.35
C ARG A 1732 54.05 -26.01 35.23
N VAL A 1733 54.04 -24.76 34.78
CA VAL A 1733 55.05 -24.33 33.83
C VAL A 1733 56.43 -24.29 34.46
N VAL A 1734 56.53 -23.87 35.73
CA VAL A 1734 57.83 -23.77 36.37
C VAL A 1734 58.46 -25.14 36.59
N ARG A 1735 57.65 -26.19 36.65
CA ARG A 1735 58.18 -27.56 36.58
C ARG A 1735 59.00 -27.76 35.32
N ALA A 1736 58.62 -27.11 34.21
CA ALA A 1736 59.38 -27.19 32.97
C ALA A 1736 60.61 -26.31 32.96
N MET A 1737 60.68 -25.29 33.82
CA MET A 1737 61.80 -24.37 33.87
C MET A 1737 62.98 -25.08 34.52
N GLN A 1738 63.60 -26.00 33.78
CA GLN A 1738 64.71 -26.81 34.25
C GLN A 1738 65.93 -26.49 33.41
N VAL A 1739 65.76 -26.57 32.09
CA VAL A 1739 66.74 -26.14 31.10
C VAL A 1739 66.05 -25.12 30.22
N HIS A 1740 64.95 -25.53 29.60
CA HIS A 1740 64.01 -24.63 28.95
C HIS A 1740 64.65 -23.84 27.82
N LYS A 1741 65.05 -24.52 26.74
CA LYS A 1741 65.40 -23.76 25.55
C LYS A 1741 64.09 -23.17 25.01
N PRO A 1742 63.11 -23.98 24.51
CA PRO A 1742 61.80 -23.41 24.15
C PRO A 1742 60.78 -23.62 25.26
N ILE A 1743 59.55 -23.15 25.03
CA ILE A 1743 58.38 -23.82 25.61
C ILE A 1743 57.24 -23.74 24.60
N LEU A 1744 56.90 -24.88 24.01
CA LEU A 1744 55.76 -24.95 23.11
C LEU A 1744 54.47 -25.07 23.90
N LEU A 1745 53.37 -24.61 23.31
CA LEU A 1745 52.09 -24.57 23.99
C LEU A 1745 50.95 -24.77 23.01
N GLU A 1746 49.83 -25.27 23.53
CA GLU A 1746 48.62 -25.49 22.76
C GLU A 1746 47.42 -25.05 23.59
N GLY A 1747 46.30 -24.81 22.90
CA GLY A 1747 45.12 -24.23 23.50
C GLY A 1747 44.77 -22.97 22.76
N SER A 1748 43.56 -22.44 22.95
CA SER A 1748 43.21 -21.19 22.32
C SER A 1748 44.10 -20.07 22.87
N PRO A 1749 45.09 -19.57 22.10
CA PRO A 1749 46.15 -18.76 22.73
C PRO A 1749 45.68 -17.37 23.12
N GLY A 1750 46.44 -16.73 24.01
CA GLY A 1750 46.10 -15.44 24.57
C GLY A 1750 45.00 -15.44 25.61
N VAL A 1751 44.27 -16.55 25.77
CA VAL A 1751 43.13 -16.64 26.68
C VAL A 1751 43.62 -17.25 27.97
N GLY A 1752 44.12 -16.39 28.87
CA GLY A 1752 44.86 -16.85 30.04
C GLY A 1752 46.34 -17.05 29.79
N LYS A 1753 46.73 -17.39 28.56
CA LYS A 1753 48.13 -17.69 28.28
C LYS A 1753 49.00 -16.44 28.43
N THR A 1754 48.71 -15.41 27.63
CA THR A 1754 49.49 -14.18 27.71
C THR A 1754 49.32 -13.49 29.05
N SER A 1755 48.14 -13.62 29.66
CA SER A 1755 47.91 -13.03 30.98
C SER A 1755 48.80 -13.68 32.03
N LEU A 1756 49.05 -14.99 31.88
CA LEU A 1756 49.93 -15.71 32.79
C LEU A 1756 51.33 -15.14 32.80
N ILE A 1757 51.95 -14.98 31.64
CA ILE A 1757 53.27 -14.37 31.56
C ILE A 1757 53.25 -12.90 31.98
N THR A 1758 52.16 -12.16 31.73
CA THR A 1758 52.13 -10.80 32.25
C THR A 1758 52.18 -10.80 33.77
N ALA A 1759 51.45 -11.73 34.38
CA ALA A 1759 51.55 -11.94 35.81
C ALA A 1759 52.96 -12.33 36.21
N LEU A 1760 53.62 -13.21 35.44
CA LEU A 1760 55.00 -13.57 35.73
C LEU A 1760 55.92 -12.36 35.75
N ALA A 1761 55.79 -11.47 34.76
CA ALA A 1761 56.57 -10.23 34.78
C ALA A 1761 56.28 -9.40 36.01
N ASN A 1762 55.03 -9.38 36.47
CA ASN A 1762 54.72 -8.63 37.67
C ASN A 1762 55.28 -9.29 38.93
N ILE A 1763 55.28 -10.63 38.98
CA ILE A 1763 55.59 -11.34 40.22
C ILE A 1763 57.09 -11.28 40.52
N THR A 1764 57.93 -11.31 39.48
CA THR A 1764 59.38 -11.19 39.63
C THR A 1764 59.82 -9.87 39.01
N GLY A 1765 60.58 -9.10 39.78
CA GLY A 1765 61.15 -7.89 39.25
C GLY A 1765 62.27 -8.17 38.28
N ASN A 1766 62.76 -7.10 37.65
CA ASN A 1766 63.95 -7.15 36.81
C ASN A 1766 63.75 -8.04 35.58
N LYS A 1767 62.49 -8.20 35.15
CA LYS A 1767 62.12 -9.08 34.04
C LYS A 1767 61.34 -8.32 32.98
N LEU A 1768 61.96 -8.14 31.82
CA LEU A 1768 61.33 -7.58 30.63
C LEU A 1768 60.79 -8.71 29.77
N THR A 1769 59.77 -8.42 28.97
CA THR A 1769 59.31 -9.32 27.91
C THR A 1769 58.80 -8.47 26.76
N ARG A 1770 58.69 -9.06 25.58
CA ARG A 1770 58.16 -8.36 24.41
C ARG A 1770 57.43 -9.33 23.49
N ILE A 1771 56.13 -9.13 23.34
CA ILE A 1771 55.33 -9.93 22.42
C ILE A 1771 55.80 -9.71 20.99
N ASN A 1772 55.69 -10.76 20.17
CA ASN A 1772 56.22 -10.77 18.81
C ASN A 1772 55.44 -11.78 17.97
N LEU A 1773 54.55 -11.29 17.12
CA LEU A 1773 53.87 -12.18 16.18
C LEU A 1773 54.85 -12.67 15.11
N SER A 1774 54.50 -13.78 14.46
CA SER A 1774 55.28 -14.25 13.34
C SER A 1774 54.41 -15.15 12.46
N GLU A 1775 53.87 -14.61 11.37
CA GLU A 1775 53.20 -15.42 10.36
C GLU A 1775 53.69 -15.08 8.96
N GLN A 1776 54.09 -13.83 8.74
CA GLN A 1776 54.84 -13.43 7.55
C GLN A 1776 55.79 -12.34 7.98
N THR A 1777 57.09 -12.57 7.80
CA THR A 1777 58.08 -11.76 8.45
C THR A 1777 59.43 -12.00 7.79
N ASP A 1778 60.47 -11.47 8.42
CA ASP A 1778 61.82 -11.50 7.85
C ASP A 1778 62.79 -11.13 8.96
N LEU A 1779 64.05 -11.53 8.77
CA LEU A 1779 65.12 -11.11 9.68
C LEU A 1779 65.22 -9.60 9.83
N VAL A 1780 64.85 -8.84 8.81
CA VAL A 1780 64.99 -7.39 8.85
C VAL A 1780 63.91 -6.75 9.72
N ASP A 1781 62.75 -7.41 9.84
CA ASP A 1781 61.76 -7.04 10.85
C ASP A 1781 62.05 -7.65 12.21
N LEU A 1782 63.17 -8.36 12.36
CA LEU A 1782 63.50 -9.08 13.58
C LEU A 1782 64.95 -8.87 14.03
N PHE A 1783 65.84 -8.50 13.10
CA PHE A 1783 67.28 -8.42 13.32
C PHE A 1783 67.92 -7.13 12.81
N GLY A 1784 67.38 -6.53 11.76
CA GLY A 1784 67.90 -5.27 11.24
C GLY A 1784 69.16 -5.44 10.44
N ALA A 1785 69.65 -4.30 9.94
CA ALA A 1785 70.86 -4.26 9.13
C ALA A 1785 72.09 -4.58 9.98
N HIS A 1798 72.16 -6.35 14.59
CA HIS A 1798 72.68 -4.99 14.63
C HIS A 1798 71.76 -4.07 15.43
N ASP A 1799 70.51 -3.95 14.98
CA ASP A 1799 69.51 -3.09 15.61
C ASP A 1799 68.13 -3.63 15.31
N ALA A 1800 67.45 -4.13 16.33
CA ALA A 1800 66.13 -4.73 16.17
C ALA A 1800 65.56 -5.03 17.55
N PRO A 1801 64.23 -5.16 17.66
CA PRO A 1801 63.65 -5.31 19.00
C PRO A 1801 63.94 -6.66 19.63
N PHE A 1802 63.86 -7.74 18.86
CA PHE A 1802 64.25 -9.06 19.35
C PHE A 1802 65.71 -9.10 19.79
N LEU A 1803 66.58 -8.38 19.09
CA LEU A 1803 68.00 -8.38 19.40
C LEU A 1803 68.35 -7.34 20.46
N ARG A 1804 67.71 -6.17 20.41
CA ARG A 1804 67.78 -5.22 21.52
C ARG A 1804 67.24 -5.84 22.80
N ALA A 1805 66.24 -6.71 22.69
CA ALA A 1805 65.79 -7.50 23.82
C ALA A 1805 66.74 -8.63 24.16
N MET A 1806 67.29 -9.31 23.16
CA MET A 1806 68.25 -10.38 23.41
C MET A 1806 69.55 -9.79 23.93
N LYS A 1807 70.24 -10.57 24.77
CA LYS A 1807 71.49 -10.16 25.39
C LYS A 1807 71.30 -9.01 26.39
N LYS A 1808 70.05 -8.71 26.75
CA LYS A 1808 69.71 -7.61 27.65
C LYS A 1808 68.77 -8.05 28.75
N GLY A 1809 67.83 -8.93 28.43
CA GLY A 1809 66.85 -9.43 29.37
C GLY A 1809 67.08 -10.89 29.70
N GLU A 1810 65.97 -11.58 29.95
CA GLU A 1810 65.98 -13.01 30.25
C GLU A 1810 64.86 -13.79 29.54
N TRP A 1811 63.91 -13.11 28.89
CA TRP A 1811 62.72 -13.77 28.39
C TRP A 1811 62.12 -12.87 27.30
N VAL A 1812 61.57 -13.53 26.28
CA VAL A 1812 60.73 -12.87 25.28
C VAL A 1812 59.50 -13.73 25.06
N LEU A 1813 58.35 -13.06 24.97
CA LEU A 1813 57.08 -13.73 24.69
C LEU A 1813 57.06 -13.99 23.19
N LEU A 1814 56.19 -14.88 22.74
CA LEU A 1814 55.93 -15.08 21.31
C LEU A 1814 54.50 -15.52 21.12
N ASP A 1815 53.94 -15.22 19.95
CA ASP A 1815 52.55 -15.48 19.63
C ASP A 1815 52.43 -15.89 18.17
N GLU A 1816 51.50 -16.80 17.89
CA GLU A 1816 51.11 -17.12 16.52
C GLU A 1816 52.27 -17.69 15.72
N MET A 1817 52.81 -18.82 16.16
CA MET A 1817 53.82 -19.56 15.40
C MET A 1817 53.14 -20.75 14.72
N ASN A 1818 51.90 -20.55 14.29
CA ASN A 1818 51.18 -21.60 13.58
C ASN A 1818 51.78 -21.84 12.20
N LEU A 1819 51.98 -20.76 11.44
CA LEU A 1819 52.55 -20.82 10.09
C LEU A 1819 53.63 -19.76 10.01
N ALA A 1820 54.85 -20.13 10.40
CA ALA A 1820 55.96 -19.19 10.35
C ALA A 1820 56.58 -19.18 8.95
N SER A 1821 57.73 -18.53 8.83
CA SER A 1821 58.32 -18.31 7.52
C SER A 1821 58.91 -19.60 6.95
N GLN A 1822 59.57 -20.41 7.80
CA GLN A 1822 60.43 -21.53 7.40
C GLN A 1822 61.73 -21.07 6.74
N SER A 1823 62.01 -19.76 6.75
CA SER A 1823 63.29 -19.20 6.32
C SER A 1823 63.95 -18.58 7.54
N VAL A 1824 63.16 -17.83 8.31
CA VAL A 1824 63.57 -17.30 9.60
C VAL A 1824 63.68 -18.44 10.60
N LEU A 1825 62.87 -19.49 10.41
CA LEU A 1825 62.91 -20.65 11.30
C LEU A 1825 64.28 -21.29 11.33
N GLU A 1826 64.99 -21.30 10.20
CA GLU A 1826 66.40 -21.65 10.21
C GLU A 1826 67.17 -20.74 11.14
N GLY A 1827 66.94 -19.43 11.05
CA GLY A 1827 67.62 -18.50 11.94
C GLY A 1827 67.21 -18.67 13.38
N LEU A 1828 65.95 -19.06 13.62
CA LEU A 1828 65.50 -19.31 14.99
C LEU A 1828 66.17 -20.52 15.60
N ASN A 1829 66.15 -21.66 14.92
CA ASN A 1829 66.84 -22.85 15.40
C ASN A 1829 68.36 -22.67 15.40
N ALA A 1830 68.89 -21.68 14.68
CA ALA A 1830 70.32 -21.40 14.71
C ALA A 1830 70.71 -20.60 15.95
N CYS A 1831 69.90 -19.61 16.32
CA CYS A 1831 70.24 -18.72 17.43
C CYS A 1831 69.77 -19.33 18.74
N LEU A 1832 70.68 -19.43 19.71
CA LEU A 1832 70.35 -19.84 21.06
C LEU A 1832 69.73 -21.23 21.08
N ASP A 1833 70.53 -22.24 20.74
CA ASP A 1833 70.19 -23.60 21.15
C ASP A 1833 70.70 -23.74 22.57
N HIS A 1834 72.02 -23.71 22.74
CA HIS A 1834 72.67 -23.29 23.97
C HIS A 1834 73.93 -22.47 23.65
N ARG A 1835 74.08 -22.04 22.39
CA ARG A 1835 75.30 -21.41 21.93
C ARG A 1835 75.27 -19.91 22.16
N GLY A 1836 74.11 -19.30 21.88
CA GLY A 1836 73.96 -17.85 21.98
C GLY A 1836 74.23 -17.15 20.67
N GLU A 1837 75.47 -17.23 20.19
CA GLU A 1837 75.89 -16.52 18.99
C GLU A 1837 75.08 -16.98 17.78
N ALA A 1838 74.46 -16.02 17.10
CA ALA A 1838 73.64 -16.32 15.92
C ALA A 1838 74.50 -16.29 14.67
N TYR A 1839 73.95 -16.84 13.58
CA TYR A 1839 74.69 -16.90 12.33
C TYR A 1839 73.82 -17.30 11.14
N ILE A 1840 73.97 -16.61 10.02
CA ILE A 1840 73.54 -17.10 8.73
C ILE A 1840 74.45 -16.51 7.66
N ILE A 1845 76.65 -13.38 8.01
CA ILE A 1845 76.30 -12.49 9.12
C ILE A 1845 76.13 -13.30 10.40
N SER A 1846 76.69 -12.79 11.50
CA SER A 1846 76.62 -13.44 12.81
C SER A 1846 76.69 -12.38 13.90
N PHE A 1847 76.36 -12.79 15.13
CA PHE A 1847 76.25 -11.84 16.23
C PHE A 1847 76.14 -12.61 17.54
N SER A 1848 76.87 -12.13 18.55
CA SER A 1848 76.99 -12.80 19.85
C SER A 1848 75.82 -12.46 20.76
N CYS A 1849 75.33 -13.47 21.48
CA CYS A 1849 74.16 -13.32 22.35
C CYS A 1849 74.21 -14.34 23.48
N HIS A 1850 73.18 -14.31 24.33
CA HIS A 1850 72.91 -15.24 25.44
C HIS A 1850 73.94 -15.24 26.57
N PRO A 1851 73.94 -14.21 27.43
CA PRO A 1851 74.35 -14.43 28.81
C PRO A 1851 73.23 -15.12 29.58
N ASN A 1852 72.00 -14.72 29.28
CA ASN A 1852 70.78 -15.38 29.76
C ASN A 1852 69.61 -14.85 28.94
N PHE A 1853 68.80 -15.75 28.38
CA PHE A 1853 67.65 -15.37 27.57
C PHE A 1853 66.80 -16.59 27.30
N LEU A 1854 65.49 -16.42 27.42
CA LEU A 1854 64.52 -17.51 27.35
C LEU A 1854 63.53 -17.23 26.24
N VAL A 1855 62.70 -18.24 25.95
CA VAL A 1855 61.80 -18.23 24.79
C VAL A 1855 60.46 -18.77 25.24
N PHE A 1856 59.40 -18.25 24.64
CA PHE A 1856 58.03 -18.67 24.83
C PHE A 1856 57.41 -18.86 23.45
N ALA A 1857 56.25 -19.52 23.39
CA ALA A 1857 55.66 -19.84 22.10
C ALA A 1857 54.22 -20.30 22.28
N ALA A 1858 53.56 -20.54 21.15
CA ALA A 1858 52.15 -20.92 21.11
C ALA A 1858 51.86 -21.67 19.83
N GLN A 1859 50.63 -22.18 19.73
CA GLN A 1859 50.14 -22.83 18.53
C GLN A 1859 48.67 -22.51 18.39
N ASN A 1860 48.25 -22.16 17.16
CA ASN A 1860 46.86 -21.83 16.87
C ASN A 1860 46.22 -23.00 16.13
N PRO A 1861 45.47 -23.89 16.82
CA PRO A 1861 44.73 -24.89 16.06
C PRO A 1861 43.50 -24.32 15.36
N LYS A 1869 46.24 -28.40 9.56
CA LYS A 1869 47.36 -27.58 10.00
C LYS A 1869 48.58 -27.80 9.11
N GLY A 1870 49.65 -27.07 9.38
CA GLY A 1870 50.93 -27.34 8.78
C GLY A 1870 52.07 -26.91 9.68
N LEU A 1871 52.96 -27.83 10.01
CA LEU A 1871 54.12 -27.54 10.86
C LEU A 1871 55.27 -28.49 10.51
N PRO A 1872 56.53 -28.06 10.55
CA PRO A 1872 57.64 -28.97 10.25
C PRO A 1872 58.02 -29.82 11.46
N LYS A 1873 58.90 -30.78 11.21
CA LYS A 1873 59.49 -31.58 12.28
C LYS A 1873 60.51 -30.78 13.10
N SER A 1874 61.12 -29.75 12.52
CA SER A 1874 61.99 -28.87 13.31
C SER A 1874 61.19 -28.11 14.35
N PHE A 1875 59.88 -27.92 14.11
CA PHE A 1875 58.99 -27.44 15.15
C PHE A 1875 58.73 -28.52 16.19
N VAL A 1876 58.59 -29.77 15.74
CA VAL A 1876 58.46 -30.89 16.68
C VAL A 1876 59.79 -31.20 17.37
N ASN A 1877 60.92 -30.83 16.76
CA ASN A 1877 62.24 -31.00 17.34
C ASN A 1877 62.41 -30.29 18.68
N ARG A 1878 61.62 -29.25 18.93
CA ARG A 1878 61.89 -28.30 20.01
C ARG A 1878 61.85 -29.00 21.36
N PHE A 1879 62.84 -28.68 22.20
CA PHE A 1879 63.23 -29.54 23.31
C PHE A 1879 62.14 -29.67 24.37
N SER A 1880 61.20 -28.73 24.42
CA SER A 1880 60.24 -28.61 25.50
C SER A 1880 58.84 -28.47 24.91
N VAL A 1881 57.89 -29.19 25.50
CA VAL A 1881 56.49 -29.20 25.05
C VAL A 1881 55.60 -29.20 26.27
N VAL A 1882 54.50 -28.44 26.20
CA VAL A 1882 53.52 -28.32 27.28
C VAL A 1882 52.17 -28.11 26.62
N PHE A 1883 51.11 -28.55 27.30
CA PHE A 1883 49.75 -28.12 27.01
C PHE A 1883 49.23 -27.32 28.19
N ILE A 1884 48.62 -26.19 27.90
CA ILE A 1884 48.09 -25.30 28.93
C ILE A 1884 46.72 -25.80 29.36
N ASP A 1885 46.24 -25.26 30.48
CA ASP A 1885 44.87 -25.45 30.95
C ASP A 1885 44.07 -24.22 30.52
N MET A 1886 43.21 -24.38 29.53
CA MET A 1886 42.37 -23.27 29.11
C MET A 1886 41.39 -22.91 30.21
N LEU A 1887 40.74 -21.75 30.08
CA LEU A 1887 39.91 -21.24 31.14
C LEU A 1887 38.64 -22.08 31.29
N THR A 1888 37.90 -21.79 32.35
CA THR A 1888 36.59 -22.37 32.61
C THR A 1888 35.64 -21.29 33.13
N SER A 1889 34.42 -21.23 32.57
CA SER A 1889 33.47 -20.12 32.70
C SER A 1889 33.41 -19.46 34.07
N ASP A 1890 33.40 -20.27 35.12
CA ASP A 1890 33.39 -19.72 36.47
C ASP A 1890 34.75 -19.12 36.86
N ASP A 1891 35.85 -19.64 36.32
CA ASP A 1891 37.16 -19.03 36.56
C ASP A 1891 37.19 -17.57 36.12
N LEU A 1892 36.54 -17.25 35.01
CA LEU A 1892 36.54 -15.88 34.52
C LEU A 1892 35.68 -15.00 35.43
N LEU A 1893 34.52 -15.52 35.85
CA LEU A 1893 33.68 -14.85 36.82
C LEU A 1893 34.41 -14.53 38.11
N LEU A 1894 35.35 -15.38 38.52
CA LEU A 1894 36.01 -15.20 39.81
C LEU A 1894 37.13 -14.19 39.78
N ILE A 1895 37.93 -14.16 38.72
CA ILE A 1895 38.86 -13.04 38.56
C ILE A 1895 38.10 -11.73 38.43
N ALA A 1896 36.98 -11.74 37.69
CA ALA A 1896 36.17 -10.53 37.59
C ALA A 1896 35.62 -10.11 38.94
N LYS A 1897 35.04 -11.06 39.68
CA LYS A 1897 34.48 -10.84 41.00
C LYS A 1897 35.53 -10.51 42.06
N HIS A 1898 36.80 -10.78 41.79
CA HIS A 1898 37.90 -10.24 42.58
C HIS A 1898 38.23 -8.81 42.22
N LEU A 1899 38.21 -8.48 40.93
CA LEU A 1899 38.65 -7.15 40.49
C LEU A 1899 37.60 -6.09 40.77
N TYR A 1900 36.43 -6.23 40.18
CA TYR A 1900 35.43 -5.17 40.08
C TYR A 1900 34.53 -4.92 41.30
N PRO A 1901 34.06 -5.97 42.05
CA PRO A 1901 33.00 -5.71 43.04
C PRO A 1901 33.41 -4.81 44.19
N SER A 1902 33.45 -3.52 43.87
CA SER A 1902 33.51 -2.45 44.86
C SER A 1902 32.18 -1.71 44.84
N ILE A 1903 31.49 -1.71 43.69
CA ILE A 1903 30.16 -1.13 43.58
C ILE A 1903 29.34 -1.94 42.59
N GLU A 1904 28.22 -2.51 43.08
CA GLU A 1904 27.23 -3.23 42.28
C GLU A 1904 27.89 -4.37 41.52
N PRO A 1905 28.24 -5.51 42.18
CA PRO A 1905 28.93 -6.60 41.47
C PRO A 1905 28.17 -7.06 40.24
N ASP A 1906 26.86 -7.16 40.39
CA ASP A 1906 25.95 -7.46 39.29
C ASP A 1906 26.31 -8.81 38.66
N ILE A 1907 26.71 -9.74 39.53
CA ILE A 1907 27.28 -11.01 39.12
C ILE A 1907 26.33 -11.80 38.24
N ILE A 1908 25.02 -11.68 38.45
CA ILE A 1908 24.07 -12.33 37.56
C ILE A 1908 24.10 -11.69 36.19
N ALA A 1909 24.20 -10.37 36.11
CA ALA A 1909 24.34 -9.68 34.83
C ALA A 1909 25.72 -9.84 34.24
N LYS A 1910 26.74 -9.90 35.10
CA LYS A 1910 28.07 -10.30 34.68
C LYS A 1910 28.03 -11.63 33.94
N MET A 1911 27.32 -12.60 34.51
CA MET A 1911 27.19 -13.90 33.86
C MET A 1911 26.50 -13.78 32.51
N ILE A 1912 25.46 -12.96 32.43
CA ILE A 1912 24.71 -12.88 31.18
C ILE A 1912 25.58 -12.26 30.09
N LYS A 1913 26.24 -11.15 30.37
CA LYS A 1913 27.09 -10.52 29.35
C LYS A 1913 28.29 -11.39 29.03
N LEU A 1914 28.81 -12.11 30.04
CA LEU A 1914 29.97 -12.95 29.88
C LEU A 1914 29.67 -14.19 29.05
N MET A 1915 28.48 -14.76 29.23
CA MET A 1915 28.06 -15.85 28.38
C MET A 1915 27.69 -15.37 26.99
N SER A 1916 27.26 -14.10 26.87
CA SER A 1916 26.93 -13.58 25.54
C SER A 1916 28.15 -13.59 24.63
N THR A 1917 29.25 -12.97 25.06
CA THR A 1917 30.43 -12.85 24.20
C THR A 1917 31.11 -14.19 23.94
N LEU A 1918 30.93 -15.18 24.81
CA LEU A 1918 31.55 -16.49 24.60
C LEU A 1918 30.66 -17.39 23.76
N GLU A 1919 29.35 -17.40 24.04
CA GLU A 1919 28.40 -18.13 23.23
C GLU A 1919 28.37 -17.58 21.81
N ASP A 1920 28.67 -16.30 21.63
CA ASP A 1920 28.80 -15.75 20.29
C ASP A 1920 29.96 -16.39 19.53
N GLN A 1921 30.97 -16.91 20.23
CA GLN A 1921 32.03 -17.63 19.53
C GLN A 1921 31.53 -18.95 18.96
N VAL A 1922 30.73 -19.68 19.74
CA VAL A 1922 30.09 -20.90 19.23
C VAL A 1922 29.16 -20.56 18.08
N CYS A 1923 28.44 -19.45 18.18
CA CYS A 1923 27.55 -19.05 17.09
C CYS A 1923 28.35 -18.63 15.86
N LYS A 1924 29.51 -18.00 16.06
CA LYS A 1924 30.40 -17.60 14.97
C LYS A 1924 30.96 -18.78 14.20
N ARG A 1925 31.51 -19.78 14.91
CA ARG A 1925 32.16 -20.91 14.25
C ARG A 1925 31.20 -21.80 13.46
N LYS A 1926 29.88 -21.53 13.54
CA LYS A 1926 28.88 -22.12 12.67
C LYS A 1926 28.35 -21.08 11.68
N LEU A 1927 29.26 -20.27 11.13
CA LEU A 1927 28.97 -19.32 10.06
C LEU A 1927 27.94 -18.26 10.43
N TRP A 1928 28.33 -17.34 11.31
CA TRP A 1928 27.55 -16.15 11.63
C TRP A 1928 28.03 -14.96 10.80
N GLY A 1929 28.48 -15.25 9.58
CA GLY A 1929 29.12 -14.23 8.77
C GLY A 1929 30.53 -13.94 9.24
N ASN A 1930 31.30 -13.31 8.35
CA ASN A 1930 32.70 -13.00 8.62
C ASN A 1930 33.09 -11.72 7.91
N SER A 1931 33.88 -10.90 8.61
CA SER A 1931 34.52 -9.72 8.07
C SER A 1931 36.04 -9.78 8.23
N GLY A 1932 36.54 -10.69 9.08
CA GLY A 1932 37.96 -10.82 9.31
C GLY A 1932 38.38 -12.21 9.75
N SER A 1933 39.68 -12.47 9.77
CA SER A 1933 40.17 -13.82 10.06
C SER A 1933 40.20 -14.13 11.55
N PRO A 1934 40.84 -13.33 12.44
CA PRO A 1934 40.69 -13.58 13.88
C PRO A 1934 39.40 -12.99 14.42
N TRP A 1935 38.28 -13.49 13.89
CA TRP A 1935 36.95 -12.94 14.19
C TRP A 1935 36.36 -13.75 15.33
N GLU A 1936 36.86 -13.51 16.53
CA GLU A 1936 36.55 -14.31 17.71
C GLU A 1936 36.24 -13.36 18.86
N PHE A 1937 36.14 -13.90 20.07
CA PHE A 1937 35.81 -13.14 21.26
C PHE A 1937 36.69 -13.61 22.41
N ASN A 1938 36.48 -13.01 23.58
CA ASN A 1938 37.52 -12.90 24.59
C ASN A 1938 36.87 -12.62 25.94
N LEU A 1939 37.73 -12.38 26.93
CA LEU A 1939 37.32 -11.70 28.16
C LEU A 1939 37.43 -10.19 28.03
N ARG A 1940 38.34 -9.70 27.19
CA ARG A 1940 38.63 -8.28 27.15
C ARG A 1940 37.42 -7.46 26.72
N ASP A 1941 36.57 -8.02 25.87
CA ASP A 1941 35.34 -7.35 25.50
C ASP A 1941 34.44 -7.10 26.70
N THR A 1942 34.11 -8.15 27.45
CA THR A 1942 33.27 -7.98 28.62
C THR A 1942 33.98 -7.18 29.71
N LEU A 1943 35.31 -7.21 29.75
CA LEU A 1943 36.02 -6.35 30.69
C LEU A 1943 35.88 -4.88 30.31
N ARG A 1944 35.87 -4.57 29.02
CA ARG A 1944 35.62 -3.19 28.61
C ARG A 1944 34.19 -2.78 28.93
N TRP A 1945 33.23 -3.68 28.68
CA TRP A 1945 31.86 -3.50 29.14
C TRP A 1945 31.82 -3.17 30.63
N LEU A 1946 32.56 -3.92 31.43
CA LEU A 1946 32.65 -3.66 32.85
C LEU A 1946 33.27 -2.30 33.14
N LYS A 1947 34.30 -1.94 32.39
CA LYS A 1947 35.01 -0.70 32.67
C LYS A 1947 34.14 0.50 32.42
N LEU A 1948 33.37 0.49 31.33
CA LEU A 1948 32.41 1.56 31.12
C LEU A 1948 31.23 1.48 32.07
N LEU A 1949 30.87 0.30 32.55
CA LEU A 1949 29.75 0.18 33.47
C LEU A 1949 30.02 0.89 34.79
N ASN A 1950 31.29 1.08 35.15
CA ASN A 1950 31.70 1.98 36.22
C ASN A 1950 32.21 3.31 35.68
N GLN A 1951 31.59 3.81 34.61
CA GLN A 1951 31.82 5.19 34.22
C GLN A 1951 31.43 6.10 35.38
N TYR A 1952 32.26 7.11 35.63
CA TYR A 1952 32.11 7.97 36.80
C TYR A 1952 30.75 8.67 36.82
N SER A 1953 30.48 9.45 35.78
CA SER A 1953 29.21 10.13 35.63
C SER A 1953 28.91 10.22 34.15
N ILE A 1954 28.13 9.26 33.67
CA ILE A 1954 27.66 9.22 32.28
C ILE A 1954 26.75 10.42 31.92
N CYS A 1955 26.27 11.19 32.90
CA CYS A 1955 25.18 12.15 32.73
C CYS A 1955 23.89 11.41 32.41
N GLU A 1956 23.64 10.38 33.20
CA GLU A 1956 22.49 9.48 33.06
C GLU A 1956 22.50 8.57 34.27
N ASP A 1957 21.34 8.03 34.59
CA ASP A 1957 21.20 7.02 35.64
C ASP A 1957 21.00 5.63 35.07
N VAL A 1958 21.39 5.40 33.82
CA VAL A 1958 21.26 4.10 33.16
C VAL A 1958 22.43 3.89 32.22
N ASP A 1959 23.09 2.76 32.38
CA ASP A 1959 23.90 2.17 31.31
C ASP A 1959 23.92 0.67 31.54
N VAL A 1960 22.93 -0.02 30.96
CA VAL A 1960 22.73 -1.45 31.17
C VAL A 1960 22.83 -2.15 29.83
N PHE A 1961 21.94 -1.77 28.92
CA PHE A 1961 21.84 -2.34 27.58
C PHE A 1961 22.06 -1.20 26.59
N ASP A 1962 23.05 -0.34 26.90
CA ASP A 1962 23.47 0.77 26.05
C ASP A 1962 24.98 0.67 25.86
N PHE A 1963 25.51 -0.56 25.88
CA PHE A 1963 26.87 -0.85 25.48
C PHE A 1963 26.87 -1.89 24.37
N VAL A 1964 25.70 -2.45 24.04
CA VAL A 1964 25.59 -3.25 22.82
C VAL A 1964 25.28 -2.28 21.69
N ASP A 1965 26.27 -1.47 21.35
CA ASP A 1965 26.35 -0.71 20.11
C ASP A 1965 27.77 -0.72 19.54
N ILE A 1966 28.74 -1.21 20.32
CA ILE A 1966 30.17 -1.01 20.08
C ILE A 1966 30.93 -2.32 20.08
N ILE A 1967 30.44 -3.32 20.81
CA ILE A 1967 31.22 -4.48 21.21
C ILE A 1967 30.63 -5.77 20.63
N VAL A 1968 29.34 -5.74 20.31
CA VAL A 1968 28.68 -6.80 19.57
C VAL A 1968 28.20 -6.26 18.23
N LYS A 1969 27.71 -5.02 18.24
CA LYS A 1969 26.87 -4.56 17.16
C LYS A 1969 27.69 -4.00 16.00
N GLN A 1970 28.48 -2.95 16.24
CA GLN A 1970 29.13 -2.20 15.18
C GLN A 1970 30.49 -2.77 14.78
N ARG A 1971 31.07 -3.66 15.59
CA ARG A 1971 32.17 -4.50 15.12
C ARG A 1971 31.79 -5.29 13.89
N PHE A 1972 30.55 -5.74 13.82
CA PHE A 1972 30.07 -6.62 12.77
C PHE A 1972 29.48 -5.75 11.66
N ARG A 1973 29.56 -6.23 10.43
CA ARG A 1973 29.21 -5.42 9.28
C ARG A 1973 27.73 -5.03 9.30
N THR A 1974 27.43 -3.88 8.70
CA THR A 1974 26.06 -3.39 8.61
C THR A 1974 25.29 -4.27 7.64
N ILE A 1975 24.58 -5.26 8.17
CA ILE A 1975 23.98 -6.30 7.35
C ILE A 1975 22.79 -6.89 8.09
N SER A 1976 21.93 -7.62 7.37
CA SER A 1976 20.76 -8.21 8.00
C SER A 1976 21.12 -9.26 9.06
N ASP A 1977 22.23 -9.96 8.86
CA ASP A 1977 22.75 -10.86 9.89
C ASP A 1977 23.04 -10.13 11.20
N LYS A 1978 23.36 -8.84 11.14
CA LYS A 1978 23.61 -8.07 12.35
C LYS A 1978 22.37 -8.00 13.23
N ASN A 1979 21.19 -8.04 12.64
CA ASN A 1979 19.96 -8.19 13.40
C ASN A 1979 19.92 -9.50 14.15
N LYS A 1980 20.54 -10.55 13.60
CA LYS A 1980 20.45 -11.85 14.24
C LYS A 1980 21.28 -11.88 15.52
N ALA A 1981 22.31 -11.04 15.63
CA ALA A 1981 22.97 -10.84 16.91
C ALA A 1981 22.02 -10.23 17.93
N GLN A 1982 21.17 -9.29 17.51
CA GLN A 1982 20.13 -8.77 18.39
C GLN A 1982 19.15 -9.85 18.81
N LEU A 1983 18.77 -10.73 17.87
CA LEU A 1983 17.92 -11.86 18.21
C LEU A 1983 18.56 -12.74 19.27
N LEU A 1984 19.84 -13.06 19.09
CA LEU A 1984 20.56 -13.87 20.05
C LEU A 1984 20.61 -13.21 21.43
N ILE A 1985 20.99 -11.93 21.48
CA ILE A 1985 21.17 -11.28 22.77
C ILE A 1985 19.85 -10.79 23.37
N GLU A 1986 18.75 -10.84 22.61
CA GLU A 1986 17.42 -10.71 23.20
C GLU A 1986 16.85 -12.05 23.66
N ASP A 1987 17.38 -13.16 23.14
CA ASP A 1987 17.06 -14.48 23.65
C ASP A 1987 17.72 -14.77 25.00
N ILE A 1988 18.65 -13.92 25.44
CA ILE A 1988 19.38 -14.10 26.70
C ILE A 1988 19.05 -12.96 27.66
N PHE A 1989 18.69 -11.80 27.12
CA PHE A 1989 18.49 -10.58 27.88
C PHE A 1989 17.20 -9.93 27.41
N GLY A 1990 16.65 -9.05 28.24
CA GLY A 1990 15.48 -8.29 27.85
C GLY A 1990 15.80 -7.29 26.75
N LYS A 1991 14.75 -6.60 26.28
CA LYS A 1991 14.87 -5.59 25.25
C LYS A 1991 14.77 -4.19 25.85
N PHE A 1992 15.47 -3.25 25.22
CA PHE A 1992 15.32 -1.83 25.46
C PHE A 1992 15.75 -1.08 24.22
N SER A 1993 14.99 -0.04 23.87
CA SER A 1993 15.31 0.84 22.74
C SER A 1993 15.11 2.27 23.20
N THR A 1994 15.81 3.21 22.57
CA THR A 1994 16.03 4.53 23.12
C THR A 1994 16.11 5.59 22.04
N LYS A 1995 16.54 6.78 22.45
CA LYS A 1995 16.74 7.89 21.52
C LYS A 1995 17.97 7.63 20.67
N GLU A 1996 17.83 7.85 19.36
CA GLU A 1996 18.85 7.38 18.42
C GLU A 1996 19.97 8.40 18.25
N ASN A 1997 19.67 9.68 18.48
CA ASN A 1997 20.61 10.76 18.20
C ASN A 1997 20.38 11.94 19.12
N PHE A 1998 21.48 12.50 19.59
CA PHE A 1998 21.49 13.79 20.27
C PHE A 1998 22.92 14.29 20.30
N PHE A 1999 23.19 15.40 19.62
CA PHE A 1999 24.55 15.84 19.34
C PHE A 1999 24.92 17.19 19.93
N LYS A 2000 23.93 18.03 20.27
CA LYS A 2000 24.11 19.48 20.34
C LYS A 2000 25.25 19.88 21.26
N LEU A 2001 26.03 20.86 20.82
CA LEU A 2001 27.29 21.24 21.43
C LEU A 2001 27.20 22.65 22.00
N THR A 2002 28.27 23.05 22.68
CA THR A 2002 28.42 24.34 23.31
C THR A 2002 29.79 24.89 22.95
N GLU A 2003 30.19 25.96 23.63
CA GLU A 2003 31.57 26.41 23.59
C GLU A 2003 32.44 25.70 24.62
N ASP A 2004 31.85 25.18 25.70
CA ASP A 2004 32.58 24.48 26.74
C ASP A 2004 32.54 22.97 26.54
N TYR A 2005 31.34 22.39 26.51
CA TYR A 2005 31.16 20.94 26.51
C TYR A 2005 30.44 20.48 25.26
N VAL A 2006 30.85 19.31 24.77
CA VAL A 2006 30.11 18.59 23.73
C VAL A 2006 29.28 17.52 24.43
N GLN A 2007 28.28 16.97 23.72
CA GLN A 2007 27.42 15.92 24.29
C GLN A 2007 26.88 15.08 23.14
N ILE A 2008 27.19 13.79 23.15
CA ILE A 2008 26.83 12.89 22.05
C ILE A 2008 26.18 11.61 22.58
N ASN A 2009 24.87 11.67 22.80
CA ASN A 2009 23.94 10.56 23.03
C ASN A 2009 24.10 9.83 24.36
N ASN A 2010 25.30 9.81 24.92
CA ASN A 2010 25.47 9.55 26.34
C ASN A 2010 26.57 10.42 26.93
N GLU A 2011 27.59 10.70 26.14
CA GLU A 2011 28.92 11.03 26.63
C GLU A 2011 29.23 12.47 26.30
N VAL A 2012 29.92 13.12 27.24
CA VAL A 2012 30.31 14.52 27.12
C VAL A 2012 31.82 14.54 27.02
N ALA A 2013 32.35 15.65 26.55
CA ALA A 2013 33.78 15.85 26.46
C ALA A 2013 34.09 17.33 26.38
N LEU A 2014 35.32 17.67 26.73
CA LEU A 2014 35.76 19.04 26.79
C LEU A 2014 36.43 19.41 25.48
N ARG A 2015 36.58 20.70 25.25
CA ARG A 2015 37.26 21.22 24.08
C ARG A 2015 38.18 22.33 24.53
N ASN A 2016 39.37 22.32 24.01
CA ASN A 2016 40.36 23.28 24.49
C ASN A 2016 40.16 24.62 23.79
N PRO A 2017 39.93 25.70 24.52
CA PRO A 2017 40.17 27.02 23.92
C PRO A 2017 41.64 27.28 23.66
N HIS A 2018 41.95 28.48 23.16
CA HIS A 2018 43.28 28.97 22.82
C HIS A 2018 43.84 28.36 21.53
N TYR A 2019 43.17 27.36 20.96
CA TYR A 2019 43.64 26.73 19.73
C TYR A 2019 42.61 25.73 19.28
N ARG A 2020 42.45 25.63 17.96
CA ARG A 2020 42.01 24.41 17.32
C ARG A 2020 42.81 24.29 16.03
N TYR A 2021 42.64 23.17 15.34
CA TYR A 2021 43.39 22.93 14.13
C TYR A 2021 42.59 23.44 12.93
N PRO A 2022 43.14 24.29 12.07
CA PRO A 2022 42.38 24.73 10.91
C PRO A 2022 42.13 23.58 9.96
N ILE A 2023 40.86 23.33 9.67
CA ILE A 2023 40.43 22.25 8.79
C ILE A 2023 39.68 22.88 7.64
N THR A 2024 40.37 23.05 6.51
CA THR A 2024 39.71 23.37 5.25
C THR A 2024 39.01 22.10 4.76
N GLN A 2025 38.32 22.21 3.63
CA GLN A 2025 37.32 21.21 3.28
C GLN A 2025 36.33 21.15 4.43
N ASN A 2026 35.56 22.23 4.61
CA ASN A 2026 34.79 22.43 5.82
C ASN A 2026 33.81 21.29 6.08
N LEU A 2027 33.68 20.93 7.36
CA LEU A 2027 32.87 19.81 7.80
C LEU A 2027 31.66 20.29 8.58
N PHE A 2028 30.72 19.40 8.73
CA PHE A 2028 29.52 19.50 9.52
C PHE A 2028 29.14 18.11 10.00
N PRO A 2029 28.44 17.99 11.13
CA PRO A 2029 28.05 16.65 11.58
C PRO A 2029 27.06 16.02 10.62
N LEU A 2030 27.00 14.70 10.65
CA LEU A 2030 26.03 13.95 9.86
C LEU A 2030 24.89 13.48 10.77
N GLU A 2031 23.68 13.60 10.25
CA GLU A 2031 22.52 13.04 10.92
C GLU A 2031 22.67 11.55 11.14
N CYS A 2032 23.26 10.84 10.19
CA CYS A 2032 23.71 9.48 10.37
C CYS A 2032 25.10 9.48 10.98
N ASN A 2033 25.55 8.30 11.40
CA ASN A 2033 26.90 8.08 11.91
C ASN A 2033 27.24 8.91 13.16
N VAL A 2034 26.24 9.46 13.84
CA VAL A 2034 26.48 9.97 15.19
C VAL A 2034 26.82 8.85 16.16
N ALA A 2035 26.31 7.64 15.90
CA ALA A 2035 26.64 6.48 16.71
C ALA A 2035 28.13 6.18 16.70
N VAL A 2036 28.84 6.59 15.65
CA VAL A 2036 30.24 6.25 15.50
C VAL A 2036 31.11 7.28 16.21
N TYR A 2037 30.75 8.55 16.12
CA TYR A 2037 31.51 9.57 16.83
C TYR A 2037 31.29 9.44 18.34
N GLU A 2038 30.15 8.89 18.74
CA GLU A 2038 29.96 8.45 20.12
C GLU A 2038 31.09 7.51 20.54
N SER A 2039 31.24 6.39 19.84
CA SER A 2039 32.24 5.39 20.21
C SER A 2039 33.66 5.93 20.10
N VAL A 2040 33.90 6.86 19.18
CA VAL A 2040 35.23 7.45 19.05
C VAL A 2040 35.58 8.21 20.32
N LEU A 2041 34.64 9.03 20.80
CA LEU A 2041 34.87 9.80 22.00
C LEU A 2041 34.91 8.89 23.21
N LYS A 2042 34.14 7.80 23.17
CA LYS A 2042 34.24 6.75 24.16
C LYS A 2042 35.66 6.22 24.26
N ALA A 2043 36.28 5.99 23.11
CA ALA A 2043 37.63 5.45 23.06
C ALA A 2043 38.65 6.42 23.61
N ILE A 2044 38.69 7.64 23.09
CA ILE A 2044 39.68 8.62 23.54
C ILE A 2044 39.37 9.18 24.91
N ASN A 2045 38.22 8.86 25.49
CA ASN A 2045 37.99 9.16 26.90
C ASN A 2045 38.47 8.00 27.77
N ASN A 2046 38.25 6.77 27.31
CA ASN A 2046 38.82 5.60 27.98
C ASN A 2046 40.24 5.27 27.49
N ASN A 2047 40.76 6.01 26.51
CA ASN A 2047 42.10 5.78 25.97
C ASN A 2047 42.25 4.37 25.42
N TRP A 2048 41.49 4.05 24.35
CA TRP A 2048 41.65 2.82 23.60
C TRP A 2048 42.01 3.17 22.17
N PRO A 2049 43.05 2.59 21.57
CA PRO A 2049 43.23 2.74 20.12
C PRO A 2049 42.05 2.20 19.34
N LEU A 2050 41.90 2.69 18.12
CA LEU A 2050 40.78 2.37 17.24
C LEU A 2050 41.27 1.87 15.89
N VAL A 2051 40.45 1.02 15.27
CA VAL A 2051 40.53 0.73 13.85
C VAL A 2051 39.13 0.87 13.29
N LEU A 2052 39.05 1.40 12.07
CA LEU A 2052 37.79 1.48 11.33
C LEU A 2052 37.97 0.74 10.02
N VAL A 2053 36.86 0.20 9.51
CA VAL A 2053 36.85 -0.55 8.27
C VAL A 2053 35.67 -0.06 7.44
N GLY A 2054 35.95 0.35 6.21
CA GLY A 2054 34.92 0.80 5.30
C GLY A 2054 35.31 0.63 3.85
N PRO A 2055 34.35 0.84 2.94
CA PRO A 2055 34.56 0.52 1.53
C PRO A 2055 35.29 1.59 0.73
N SER A 2056 36.03 2.48 1.38
CA SER A 2056 36.70 3.63 0.74
C SER A 2056 35.67 4.66 0.31
N ASN A 2057 34.71 4.92 1.19
CA ASN A 2057 33.80 6.05 1.08
C ASN A 2057 33.13 6.19 2.44
N SER A 2058 32.26 7.18 2.58
CA SER A 2058 31.41 7.38 3.76
C SER A 2058 32.15 7.96 4.96
N GLY A 2059 33.47 8.09 4.88
CA GLY A 2059 34.19 8.92 5.82
C GLY A 2059 34.77 8.11 6.95
N LYS A 2060 36.07 7.83 6.86
CA LYS A 2060 36.80 7.20 7.95
C LYS A 2060 37.75 8.19 8.61
N THR A 2061 38.65 8.76 7.83
CA THR A 2061 39.42 9.92 8.26
C THR A 2061 38.54 11.15 8.46
N GLU A 2062 37.39 11.20 7.79
CA GLU A 2062 36.49 12.33 7.95
C GLU A 2062 35.95 12.40 9.37
N THR A 2063 35.69 11.24 9.98
CA THR A 2063 35.15 11.21 11.33
C THR A 2063 36.09 11.90 12.32
N ILE A 2064 37.33 11.44 12.39
CA ILE A 2064 38.28 12.00 13.35
C ILE A 2064 38.56 13.46 13.02
N ARG A 2065 38.61 13.79 11.73
CA ARG A 2065 38.94 15.15 11.32
C ARG A 2065 37.82 16.12 11.64
N PHE A 2066 36.58 15.62 11.72
CA PHE A 2066 35.49 16.48 12.16
C PHE A 2066 35.66 16.82 13.63
N LEU A 2067 35.73 15.80 14.49
CA LEU A 2067 35.77 16.03 15.92
C LEU A 2067 37.02 16.78 16.34
N ALA A 2068 38.13 16.59 15.64
CA ALA A 2068 39.36 17.29 16.00
C ALA A 2068 39.43 18.69 15.45
N SER A 2069 38.34 19.20 14.86
CA SER A 2069 38.20 20.64 14.63
C SER A 2069 37.51 21.33 15.79
N ILE A 2070 36.58 20.63 16.43
CA ILE A 2070 35.88 21.13 17.61
C ILE A 2070 36.83 21.27 18.78
N LEU A 2071 37.40 20.15 19.19
CA LEU A 2071 38.16 20.02 20.41
C LEU A 2071 39.62 19.69 20.19
N GLY A 2072 40.06 19.50 18.96
CA GLY A 2072 41.25 18.72 18.71
C GLY A 2072 42.53 19.47 18.98
N PRO A 2073 43.60 18.75 19.30
CA PRO A 2073 44.93 19.23 18.98
C PRO A 2073 45.21 18.82 17.53
N ARG A 2074 46.46 19.01 17.11
CA ARG A 2074 46.87 18.64 15.77
C ARG A 2074 46.58 17.18 15.45
N VAL A 2075 46.57 16.84 14.17
CA VAL A 2075 46.55 15.47 13.72
C VAL A 2075 47.62 15.31 12.67
N ASP A 2076 48.36 14.20 12.77
CA ASP A 2076 49.50 13.91 11.91
C ASP A 2076 49.17 12.61 11.18
N VAL A 2077 48.72 12.73 9.95
CA VAL A 2077 48.33 11.58 9.15
C VAL A 2077 49.60 10.93 8.59
N PHE A 2078 49.56 9.62 8.49
CA PHE A 2078 50.69 8.83 8.01
C PHE A 2078 50.11 7.67 7.19
N SER A 2079 50.29 7.76 5.88
CA SER A 2079 49.74 6.79 4.96
C SER A 2079 50.79 5.70 4.71
N MET A 2080 50.37 4.46 4.90
CA MET A 2080 51.24 3.30 4.90
C MET A 2080 51.06 2.57 3.58
N ASN A 2081 52.08 2.65 2.73
CA ASN A 2081 51.97 2.17 1.36
C ASN A 2081 53.16 1.31 0.95
N SER A 2082 54.33 1.49 1.58
CA SER A 2082 55.40 0.51 1.48
C SER A 2082 56.24 0.37 2.74
N ASP A 2083 55.88 1.08 3.81
CA ASP A 2083 56.79 1.24 4.93
C ASP A 2083 56.97 -0.07 5.69
N ILE A 2084 57.96 -0.07 6.58
CA ILE A 2084 58.39 -1.25 7.31
C ILE A 2084 58.82 -0.78 8.70
N ASP A 2085 59.12 -1.73 9.59
CA ASP A 2085 59.50 -1.44 10.98
C ASP A 2085 60.63 -0.42 11.08
N SER A 2086 61.57 -0.44 10.15
CA SER A 2086 62.65 0.55 10.15
C SER A 2086 62.21 1.91 9.63
N MET A 2087 60.93 2.07 9.25
CA MET A 2087 60.39 3.33 8.73
C MET A 2087 59.22 3.84 9.57
N ASP A 2088 58.47 2.92 10.19
CA ASP A 2088 57.30 3.30 10.99
C ASP A 2088 57.67 4.25 12.11
N ILE A 2089 58.86 4.08 12.70
CA ILE A 2089 59.34 4.88 13.81
C ILE A 2089 60.67 5.49 13.40
N LEU A 2090 61.59 4.65 12.94
CA LEU A 2090 62.92 5.11 12.59
C LEU A 2090 62.87 5.91 11.30
N GLY A 2091 63.11 7.21 11.41
CA GLY A 2091 63.53 7.98 10.25
C GLY A 2091 64.86 7.46 9.75
N GLY A 2092 65.22 7.90 8.55
CA GLY A 2092 66.46 7.49 7.94
C GLY A 2092 67.61 8.22 8.59
N TYR A 2093 68.57 8.62 7.75
CA TYR A 2093 69.74 9.35 8.20
C TYR A 2093 70.04 10.47 7.21
N GLU A 2094 70.37 11.64 7.74
CA GLU A 2094 70.65 12.83 6.95
C GLU A 2094 72.12 13.16 7.06
N GLN A 2095 72.73 13.51 5.92
CA GLN A 2095 74.16 13.74 5.88
C GLN A 2095 74.57 14.95 6.71
N VAL A 2096 73.80 16.03 6.62
CA VAL A 2096 74.15 17.31 7.26
C VAL A 2096 73.27 17.49 8.49
N ASP A 2097 71.95 17.50 8.28
CA ASP A 2097 70.97 17.56 9.36
C ASP A 2097 71.11 18.88 10.15
N LEU A 2098 71.01 20.00 9.46
CA LEU A 2098 71.12 21.33 10.06
C LEU A 2098 69.81 22.11 10.03
N THR A 2099 69.28 22.41 8.85
CA THR A 2099 68.09 23.25 8.77
C THR A 2099 66.83 22.43 8.98
N ARG A 2100 66.92 21.12 8.73
CA ARG A 2100 65.92 20.18 9.22
C ARG A 2100 65.71 20.36 10.72
N GLN A 2101 66.79 20.36 11.49
CA GLN A 2101 66.68 20.51 12.94
C GLN A 2101 66.09 21.85 13.35
N ILE A 2102 66.34 22.90 12.58
CA ILE A 2102 65.86 24.23 12.93
C ILE A 2102 64.35 24.33 12.82
N SER A 2103 63.73 23.46 12.01
CA SER A 2103 62.27 23.39 11.94
C SER A 2103 61.67 23.09 13.30
N TYR A 2104 62.34 22.29 14.12
CA TYR A 2104 61.80 21.94 15.44
C TYR A 2104 61.67 23.18 16.32
N ILE A 2105 62.76 23.92 16.50
CA ILE A 2105 62.72 25.12 17.33
C ILE A 2105 61.77 26.16 16.73
N THR A 2106 61.74 26.28 15.40
CA THR A 2106 60.83 27.22 14.75
C THR A 2106 59.37 26.89 15.06
N GLU A 2107 58.97 25.66 14.78
CA GLU A 2107 57.62 25.20 15.04
C GLU A 2107 57.24 25.32 16.52
N GLU A 2108 58.19 25.03 17.41
CA GLU A 2108 57.94 25.18 18.83
C GLU A 2108 57.64 26.62 19.20
N LEU A 2109 58.45 27.56 18.70
CA LEU A 2109 58.20 28.97 18.95
C LEU A 2109 56.85 29.39 18.40
N THR A 2110 56.48 28.87 17.24
CA THR A 2110 55.17 29.17 16.68
C THR A 2110 54.04 28.71 17.60
N ASN A 2111 54.06 27.44 17.98
CA ASN A 2111 52.95 26.88 18.75
C ASN A 2111 52.85 27.47 20.15
N ILE A 2112 53.97 27.90 20.75
CA ILE A 2112 53.87 28.56 22.05
C ILE A 2112 53.46 30.02 21.89
N VAL A 2113 53.88 30.70 20.81
CA VAL A 2113 53.54 32.10 20.67
C VAL A 2113 52.05 32.26 20.39
N ARG A 2114 51.44 31.27 19.71
CA ARG A 2114 49.99 31.29 19.54
C ARG A 2114 49.26 31.34 20.88
N GLU A 2115 49.54 30.41 21.77
CA GLU A 2115 48.84 30.40 23.05
C GLU A 2115 49.18 31.61 23.89
N ILE A 2116 50.44 32.07 23.87
CA ILE A 2116 50.77 33.19 24.76
C ILE A 2116 50.15 34.49 24.24
N ILE A 2117 50.07 34.66 22.92
CA ILE A 2117 49.50 35.89 22.39
C ILE A 2117 47.99 35.88 22.59
N SER A 2118 47.33 34.71 22.48
CA SER A 2118 45.91 34.65 22.75
C SER A 2118 45.61 34.87 24.22
N MET A 2119 46.47 34.33 25.11
CA MET A 2119 46.31 34.56 26.53
C MET A 2119 46.49 36.02 26.90
N ASN A 2120 47.45 36.72 26.30
CA ASN A 2120 47.64 38.14 26.53
C ASN A 2120 46.59 38.98 25.80
N MET A 2121 45.81 38.37 24.90
CA MET A 2121 44.60 39.01 24.38
C MET A 2121 43.39 38.82 25.30
N LYS A 2122 43.37 37.73 26.07
CA LYS A 2122 42.27 37.49 27.00
C LYS A 2122 42.33 38.41 28.21
N LEU A 2123 43.53 38.74 28.67
CA LEU A 2123 43.75 39.69 29.76
C LEU A 2123 44.92 40.56 29.38
N SER A 2124 44.98 41.78 29.94
CA SER A 2124 46.21 42.57 29.97
C SER A 2124 46.73 42.85 28.56
N PRO A 2125 46.14 43.82 27.82
CA PRO A 2125 46.51 43.99 26.41
C PRO A 2125 47.99 44.20 26.12
N ASN A 2126 48.61 45.27 26.66
CA ASN A 2126 50.03 45.51 26.50
C ASN A 2126 50.45 45.56 25.04
N ALA A 2127 50.02 46.60 24.31
CA ALA A 2127 50.31 46.76 22.89
C ALA A 2127 51.79 46.63 22.57
N THR A 2128 52.66 47.14 23.44
CA THR A 2128 54.07 47.35 23.12
C THR A 2128 54.81 46.06 22.76
N ALA A 2129 54.41 44.92 23.32
CA ALA A 2129 55.06 43.64 23.09
C ALA A 2129 54.16 42.63 22.40
N ILE A 2130 52.84 42.78 22.53
CA ILE A 2130 51.92 41.98 21.73
C ILE A 2130 52.14 42.27 20.24
N MET A 2131 52.46 43.52 19.91
CA MET A 2131 52.73 43.87 18.52
C MET A 2131 54.00 43.20 18.01
N GLU A 2132 55.05 43.20 18.83
CA GLU A 2132 56.26 42.48 18.48
C GLU A 2132 56.00 40.98 18.34
N GLY A 2133 55.16 40.43 19.19
CA GLY A 2133 54.83 39.02 19.11
C GLY A 2133 54.16 38.68 17.79
N LEU A 2134 53.21 39.51 17.38
CA LEU A 2134 52.60 39.29 16.07
C LEU A 2134 53.59 39.48 14.92
N ASN A 2135 54.44 40.51 15.01
CA ASN A 2135 55.46 40.74 13.98
C ASN A 2135 56.37 39.54 13.83
N LEU A 2136 56.73 38.91 14.93
CA LEU A 2136 57.59 37.74 14.89
C LEU A 2136 56.84 36.51 14.39
N LEU A 2137 55.60 36.33 14.82
CA LEU A 2137 54.79 35.22 14.33
C LEU A 2137 54.63 35.26 12.83
N LYS A 2138 54.39 36.45 12.27
CA LYS A 2138 54.28 36.56 10.82
C LYS A 2138 55.59 36.21 10.12
N TYR A 2139 56.72 36.59 10.72
CA TYR A 2139 58.01 36.31 10.13
C TYR A 2139 58.33 34.83 10.15
N LEU A 2140 57.86 34.12 11.17
CA LEU A 2140 58.01 32.67 11.21
C LEU A 2140 57.04 32.00 10.24
N LEU A 2141 55.82 32.50 10.16
CA LEU A 2141 54.77 31.80 9.45
C LEU A 2141 54.94 31.93 7.95
N ASN A 2142 55.23 33.13 7.46
CA ASN A 2142 55.36 33.35 6.03
C ASN A 2142 56.63 32.77 5.45
N ASN A 2143 57.67 32.58 6.28
CA ASN A 2143 59.03 32.35 5.79
C ASN A 2143 59.68 31.21 6.58
N ILE A 2144 60.46 30.41 5.87
CA ILE A 2144 61.32 29.40 6.49
C ILE A 2144 62.67 30.02 6.80
N VAL A 2145 63.28 29.57 7.89
CA VAL A 2145 64.60 30.07 8.30
C VAL A 2145 65.68 29.17 7.72
N THR A 2146 66.77 29.79 7.30
CA THR A 2146 67.99 29.15 6.84
C THR A 2146 69.13 29.61 7.75
N PRO A 2147 70.33 29.02 7.60
CA PRO A 2147 71.54 29.74 8.05
C PRO A 2147 71.58 31.17 7.53
N GLU A 2148 72.33 32.03 8.22
CA GLU A 2148 72.04 33.45 8.39
C GLU A 2148 70.84 33.59 9.31
N LYS A 2149 70.85 32.84 10.41
CA LYS A 2149 69.84 32.89 11.45
C LYS A 2149 69.91 34.16 12.29
N PHE A 2150 71.04 34.89 12.24
CA PHE A 2150 71.31 35.96 13.20
C PHE A 2150 70.22 37.02 13.22
N GLN A 2151 69.57 37.24 12.07
CA GLN A 2151 68.34 38.03 12.06
C GLN A 2151 67.27 37.44 12.96
N ASP A 2152 67.05 36.13 12.87
CA ASP A 2152 66.03 35.50 13.71
C ASP A 2152 66.39 35.58 15.17
N PHE A 2153 67.66 35.39 15.52
CA PHE A 2153 68.10 35.53 16.92
C PHE A 2153 67.88 36.95 17.43
N ARG A 2154 68.29 37.95 16.64
CA ARG A 2154 68.14 39.33 17.08
C ARG A 2154 66.67 39.72 17.19
N ASN A 2155 65.84 39.27 16.26
CA ASN A 2155 64.42 39.55 16.31
C ASN A 2155 63.78 38.87 17.51
N ARG A 2156 64.21 37.64 17.81
CA ARG A 2156 63.70 36.93 18.99
C ARG A 2156 64.04 37.68 20.26
N PHE A 2157 65.30 38.09 20.42
CA PHE A 2157 65.65 38.80 21.64
C PHE A 2157 65.01 40.18 21.70
N ASN A 2158 64.82 40.83 20.56
CA ASN A 2158 64.09 42.08 20.53
C ASN A 2158 62.64 41.89 20.96
N ARG A 2159 62.07 40.72 20.67
CA ARG A 2159 60.74 40.38 21.19
C ARG A 2159 60.79 40.06 22.68
N PHE A 2160 61.89 39.49 23.16
CA PHE A 2160 61.99 38.98 24.53
C PHE A 2160 62.34 40.08 25.53
N PHE A 2161 62.08 41.35 25.19
CA PHE A 2161 61.88 42.35 26.23
C PHE A 2161 60.91 41.85 27.29
N SER A 2162 59.78 41.29 26.86
CA SER A 2162 58.77 40.72 27.74
C SER A 2162 59.14 39.28 28.10
N HIS A 2163 59.17 39.00 29.40
CA HIS A 2163 59.25 37.64 29.92
C HIS A 2163 58.01 37.38 30.75
N LEU A 2164 57.14 36.50 30.26
CA LEU A 2164 55.92 36.10 30.96
C LEU A 2164 55.80 34.59 31.10
N GLU A 2165 56.71 33.83 30.49
CA GLU A 2165 56.85 32.41 30.72
C GLU A 2165 58.31 32.07 30.92
N GLY A 2166 58.57 31.09 31.78
CA GLY A 2166 59.92 30.56 31.90
C GLY A 2166 60.33 29.66 30.75
N HIS A 2167 59.37 29.18 29.96
CA HIS A 2167 59.64 28.28 28.85
C HIS A 2167 60.54 28.94 27.80
N PRO A 2168 60.33 30.21 27.44
CA PRO A 2168 61.31 30.91 26.59
C PRO A 2168 62.72 30.91 27.15
N LEU A 2169 62.89 30.87 28.47
CA LEU A 2169 64.24 30.80 29.03
C LEU A 2169 64.92 29.48 28.66
N LEU A 2170 64.12 28.43 28.43
CA LEU A 2170 64.66 27.20 27.85
C LEU A 2170 64.91 27.37 26.37
N LYS A 2171 64.06 28.12 25.68
CA LYS A 2171 64.13 28.21 24.23
C LYS A 2171 65.32 29.05 23.78
N THR A 2172 65.65 30.11 24.52
CA THR A 2172 66.86 30.85 24.22
C THR A 2172 68.10 30.00 24.37
N MET A 2173 68.13 29.12 25.37
CA MET A 2173 69.17 28.11 25.44
C MET A 2173 69.12 27.19 24.24
N SER A 2174 67.92 26.91 23.74
CA SER A 2174 67.79 26.12 22.51
C SER A 2174 68.16 26.92 21.27
N MET A 2175 68.36 28.24 21.39
CA MET A 2175 68.86 29.03 20.27
C MET A 2175 70.39 29.04 20.24
N ASN A 2176 71.01 29.35 21.38
CA ASN A 2176 72.47 29.49 21.41
C ASN A 2176 73.17 28.18 21.10
N ILE A 2177 72.63 27.05 21.55
CA ILE A 2177 73.14 25.74 21.16
C ILE A 2177 73.17 25.58 19.65
N GLU A 2178 72.18 26.11 18.93
CA GLU A 2178 72.22 26.04 17.47
C GLU A 2178 73.27 26.99 16.91
N LYS A 2179 73.45 28.13 17.57
CA LYS A 2179 74.40 29.13 17.08
C LYS A 2179 75.82 28.57 17.08
N MET A 2180 76.27 28.04 18.22
CA MET A 2180 77.51 27.29 18.25
C MET A 2180 77.49 26.10 17.32
N THR A 2181 76.31 25.51 17.08
CA THR A 2181 76.20 24.43 16.12
C THR A 2181 76.17 24.94 14.70
N GLU A 2182 75.75 26.20 14.49
CA GLU A 2182 75.71 26.74 13.12
C GLU A 2182 77.10 27.06 12.61
N ILE A 2183 78.00 27.49 13.51
CA ILE A 2183 79.37 27.74 13.10
C ILE A 2183 80.11 26.42 12.83
N ILE A 2184 79.78 25.36 13.57
CA ILE A 2184 80.58 24.13 13.55
C ILE A 2184 80.11 23.14 12.49
N THR A 2185 79.23 23.53 11.57
CA THR A 2185 78.74 22.58 10.58
C THR A 2185 79.83 22.19 9.59
N LYS A 2186 80.81 23.05 9.37
CA LYS A 2186 81.89 22.81 8.41
C LYS A 2186 82.74 21.59 8.73
N GLU A 2187 82.87 21.21 10.00
CA GLU A 2187 83.77 20.13 10.40
C GLU A 2187 83.06 18.78 10.54
N ALA A 2188 81.73 18.76 10.41
CA ALA A 2188 80.95 17.53 10.33
C ALA A 2188 80.12 17.59 9.06
N SER A 2189 80.77 17.95 7.94
CA SER A 2189 80.07 18.18 6.69
C SER A 2189 79.34 16.93 6.21
N VAL A 2190 79.91 15.75 6.49
CA VAL A 2190 79.30 14.46 6.17
C VAL A 2190 79.12 13.70 7.47
N LYS A 2191 77.86 13.55 7.89
CA LYS A 2191 77.55 12.80 9.10
C LYS A 2191 76.14 12.27 9.02
N PHE A 2192 75.98 10.99 8.68
CA PHE A 2192 74.66 10.37 8.69
C PHE A 2192 74.17 10.24 10.12
N GLU A 2193 73.26 11.14 10.51
CA GLU A 2193 72.71 11.20 11.85
C GLU A 2193 71.24 10.85 11.80
N TRP A 2194 70.79 10.08 12.78
CA TRP A 2194 69.39 9.71 12.87
C TRP A 2194 68.56 10.92 13.26
N PHE A 2195 67.38 11.04 12.63
CA PHE A 2195 66.39 12.05 12.96
C PHE A 2195 65.09 11.35 13.33
N ASP A 2196 64.28 12.03 14.12
CA ASP A 2196 63.07 11.43 14.68
C ASP A 2196 61.97 11.36 13.64
N GLY A 2197 61.24 10.25 13.62
CA GLY A 2197 60.13 10.08 12.73
C GLY A 2197 58.93 10.94 13.10
N MET A 2198 57.78 10.56 12.57
CA MET A 2198 56.54 11.30 12.82
C MET A 2198 55.87 10.82 14.10
N LEU A 2199 55.65 9.51 14.20
CA LEU A 2199 54.93 8.93 15.33
C LEU A 2199 55.62 9.25 16.65
N VAL A 2200 56.94 9.28 16.65
CA VAL A 2200 57.68 9.76 17.81
C VAL A 2200 57.27 11.18 18.15
N LYS A 2201 57.33 12.07 17.16
CA LYS A 2201 57.08 13.48 17.42
C LYS A 2201 55.67 13.74 17.92
N ALA A 2202 54.69 13.00 17.43
CA ALA A 2202 53.36 13.07 18.02
C ALA A 2202 53.36 12.58 19.45
N VAL A 2203 53.74 11.32 19.66
CA VAL A 2203 53.76 10.73 21.00
C VAL A 2203 54.69 11.50 21.93
N GLU A 2204 55.72 12.17 21.39
CA GLU A 2204 56.63 12.97 22.19
C GLU A 2204 56.00 14.32 22.55
N LYS A 2205 55.26 14.91 21.62
CA LYS A 2205 54.74 16.26 21.79
C LYS A 2205 53.36 16.25 22.42
N GLY A 2206 52.53 15.30 22.00
CA GLY A 2206 51.15 15.21 22.38
C GLY A 2206 50.27 15.79 21.30
N HIS A 2207 49.83 14.91 20.40
CA HIS A 2207 48.72 15.13 19.50
C HIS A 2207 48.51 13.86 18.70
N TRP A 2208 47.41 13.79 17.97
CA TRP A 2208 46.88 12.51 17.54
C TRP A 2208 47.62 11.98 16.32
N LEU A 2209 47.38 10.70 16.05
CA LEU A 2209 47.68 10.07 14.77
C LEU A 2209 46.38 9.59 14.16
N ILE A 2210 46.27 9.72 12.84
CA ILE A 2210 45.23 9.03 12.08
C ILE A 2210 45.96 8.31 10.97
N LEU A 2211 46.38 7.08 11.25
CA LEU A 2211 46.98 6.24 10.23
C LEU A 2211 45.91 5.92 9.21
N ASP A 2212 46.25 6.05 7.94
CA ASP A 2212 45.39 5.60 6.86
C ASP A 2212 45.58 4.10 6.71
N ASN A 2213 45.12 3.53 5.60
CA ASN A 2213 45.11 2.08 5.36
C ASN A 2213 46.44 1.41 5.66
N ALA A 2214 46.38 0.15 6.09
CA ALA A 2214 47.56 -0.62 6.45
C ALA A 2214 47.80 -1.63 5.34
N ASN A 2215 47.68 -1.15 4.10
CA ASN A 2215 47.63 -2.04 2.93
C ASN A 2215 48.91 -2.86 2.80
N LEU A 2216 50.04 -2.19 2.54
CA LEU A 2216 51.36 -2.81 2.52
C LEU A 2216 52.02 -2.44 3.83
N CYS A 2217 51.44 -2.93 4.94
CA CYS A 2217 51.91 -2.62 6.27
C CYS A 2217 52.55 -3.85 6.90
N SER A 2218 52.22 -5.05 6.39
CA SER A 2218 53.00 -6.26 6.68
C SER A 2218 53.01 -6.57 8.18
N PRO A 2219 51.94 -7.21 8.74
CA PRO A 2219 51.61 -7.09 10.18
C PRO A 2219 52.72 -7.18 11.22
N SER A 2220 53.89 -7.73 10.85
CA SER A 2220 55.03 -7.75 11.76
C SER A 2220 55.65 -6.36 11.96
N VAL A 2221 55.16 -5.34 11.25
CA VAL A 2221 55.48 -3.96 11.61
C VAL A 2221 54.77 -3.57 12.91
N LEU A 2222 53.44 -3.69 12.91
CA LEU A 2222 52.60 -3.19 14.00
C LEU A 2222 52.85 -3.88 15.33
N ASP A 2223 53.64 -4.95 15.37
CA ASP A 2223 54.05 -5.51 16.65
C ASP A 2223 54.81 -4.51 17.50
N ARG A 2224 55.51 -3.53 16.88
CA ARG A 2224 56.12 -2.46 17.65
C ARG A 2224 55.09 -1.68 18.45
N LEU A 2225 53.85 -1.63 17.97
CA LEU A 2225 52.76 -0.93 18.62
C LEU A 2225 52.07 -1.79 19.68
N ASN A 2226 52.58 -2.99 19.98
CA ASN A 2226 52.08 -3.74 21.12
C ASN A 2226 52.45 -3.11 22.45
N SER A 2227 53.43 -2.20 22.47
CA SER A 2227 53.88 -1.53 23.68
C SER A 2227 53.32 -0.12 23.83
N LEU A 2228 52.32 0.26 23.02
CA LEU A 2228 51.61 1.54 23.15
C LEU A 2228 50.12 1.32 22.95
N LEU A 2229 49.59 0.31 23.60
CA LEU A 2229 48.32 -0.31 23.24
C LEU A 2229 47.42 -0.30 24.48
N GLU A 2230 46.34 -1.09 24.48
CA GLU A 2230 45.53 -1.30 25.68
C GLU A 2230 46.36 -1.57 26.93
N ILE A 2231 47.47 -2.28 26.81
CA ILE A 2231 48.43 -2.45 27.90
C ILE A 2231 49.04 -1.09 28.21
N ASP A 2232 49.27 -0.82 29.48
CA ASP A 2232 49.95 0.40 29.89
C ASP A 2232 51.32 0.45 29.24
N GLY A 2233 51.48 1.40 28.31
CA GLY A 2233 52.44 1.21 27.25
C GLY A 2233 53.75 1.94 27.50
N SER A 2234 54.76 1.54 26.74
CA SER A 2234 56.09 2.14 26.76
C SER A 2234 56.87 1.66 25.55
N LEU A 2235 57.44 2.60 24.79
CA LEU A 2235 58.03 2.30 23.49
C LEU A 2235 59.55 2.39 23.55
N LEU A 2236 60.21 1.51 22.80
CA LEU A 2236 61.67 1.48 22.75
C LEU A 2236 62.14 2.18 21.49
N ILE A 2237 63.43 2.50 21.46
CA ILE A 2237 63.96 3.48 20.52
C ILE A 2237 65.45 3.25 20.29
N GLN A 2246 71.89 5.76 24.07
CA GLN A 2246 70.91 4.68 23.99
C GLN A 2246 69.60 5.01 24.73
N PRO A 2247 69.64 5.28 26.04
CA PRO A 2247 68.37 5.42 26.77
C PRO A 2247 67.66 6.71 26.37
N ARG A 2248 66.61 6.55 25.58
CA ARG A 2248 65.76 7.64 25.13
C ARG A 2248 64.30 7.19 25.22
N VAL A 2249 64.03 6.20 26.07
CA VAL A 2249 62.79 5.45 26.07
C VAL A 2249 61.63 6.37 26.39
N LEU A 2250 60.54 6.23 25.66
CA LEU A 2250 59.41 7.15 25.68
C LEU A 2250 58.15 6.42 26.10
N LYS A 2251 57.21 7.18 26.65
CA LYS A 2251 55.85 6.74 26.91
C LYS A 2251 54.89 7.80 26.39
N PRO A 2252 53.59 7.51 26.28
CA PRO A 2252 52.66 8.48 25.72
C PRO A 2252 52.59 9.80 26.47
N HIS A 2253 52.02 10.75 25.84
CA HIS A 2253 51.64 12.05 26.35
C HIS A 2253 50.25 11.95 26.96
N PRO A 2254 49.89 12.78 27.97
CA PRO A 2254 48.49 12.70 28.46
C PRO A 2254 47.47 13.51 27.66
N ASN A 2255 47.63 13.51 26.34
CA ASN A 2255 46.52 13.72 25.41
C ASN A 2255 46.64 12.86 24.16
N PHE A 2256 47.66 12.00 24.08
CA PHE A 2256 47.88 11.20 22.88
C PHE A 2256 46.86 10.09 22.80
N ARG A 2257 46.33 9.86 21.61
CA ARG A 2257 45.54 8.70 21.29
C ARG A 2257 45.89 8.30 19.85
N LEU A 2258 45.37 7.14 19.43
CA LEU A 2258 45.77 6.51 18.19
C LEU A 2258 44.55 5.98 17.47
N PHE A 2259 44.59 6.06 16.15
CA PHE A 2259 43.48 5.72 15.27
C PHE A 2259 44.05 5.01 14.05
N LEU A 2260 43.22 4.17 13.44
CA LEU A 2260 43.59 3.43 12.25
C LEU A 2260 42.40 3.32 11.33
N THR A 2261 42.67 2.99 10.07
CA THR A 2261 41.65 2.76 9.07
C THR A 2261 42.04 1.57 8.23
N MET A 2262 41.07 1.01 7.53
CA MET A 2262 41.31 -0.11 6.63
C MET A 2262 40.14 -0.24 5.68
N ASP A 2263 40.35 -1.03 4.64
CA ASP A 2263 39.36 -1.47 3.69
C ASP A 2263 39.27 -3.00 3.75
N PRO A 2264 38.08 -3.60 3.78
CA PRO A 2264 38.02 -5.05 4.06
C PRO A 2264 38.57 -5.93 2.96
N LYS A 2265 38.75 -5.41 1.74
CA LYS A 2265 39.36 -6.21 0.68
C LYS A 2265 40.81 -6.58 0.98
N TYR A 2266 41.50 -5.78 1.80
CA TYR A 2266 42.76 -6.17 2.41
C TYR A 2266 42.55 -6.66 3.83
N GLY A 2267 42.03 -5.79 4.71
CA GLY A 2267 41.55 -6.16 6.03
C GLY A 2267 42.53 -6.97 6.86
N GLU A 2268 41.99 -7.75 7.81
CA GLU A 2268 42.74 -8.75 8.55
C GLU A 2268 43.98 -8.14 9.21
N LEU A 2269 43.75 -7.23 10.15
CA LEU A 2269 44.81 -6.40 10.68
C LEU A 2269 45.74 -7.16 11.60
N SER A 2270 45.24 -7.64 12.75
CA SER A 2270 45.93 -8.62 13.58
C SER A 2270 44.96 -9.08 14.66
N ARG A 2271 45.10 -10.32 15.12
CA ARG A 2271 44.34 -10.77 16.28
C ARG A 2271 44.66 -9.97 17.53
N ALA A 2272 45.86 -9.41 17.62
CA ALA A 2272 46.24 -8.49 18.69
C ALA A 2272 45.73 -7.08 18.45
N MET A 2273 44.94 -6.85 17.39
CA MET A 2273 44.33 -5.54 17.17
C MET A 2273 42.91 -5.66 16.61
N ARG A 2274 42.26 -6.82 16.78
CA ARG A 2274 40.83 -6.95 16.51
C ARG A 2274 40.05 -7.57 17.66
N ASN A 2275 40.59 -8.57 18.37
CA ASN A 2275 40.12 -8.91 19.70
C ASN A 2275 40.79 -8.04 20.77
N ARG A 2276 41.65 -7.11 20.36
CA ARG A 2276 42.20 -6.08 21.22
C ARG A 2276 42.00 -4.76 20.49
N GLY A 2277 41.95 -3.66 21.24
CA GLY A 2277 41.49 -2.42 20.66
C GLY A 2277 40.00 -2.47 20.39
N VAL A 2278 39.58 -1.68 19.41
CA VAL A 2278 38.18 -1.58 19.03
C VAL A 2278 38.10 -1.49 17.52
N GLU A 2279 37.10 -2.18 16.94
CA GLU A 2279 36.83 -2.16 15.51
C GLU A 2279 35.39 -1.73 15.28
N ILE A 2280 35.18 -0.94 14.22
CA ILE A 2280 33.87 -0.42 13.85
C ILE A 2280 33.75 -0.52 12.34
N TYR A 2281 32.61 -1.02 11.86
CA TYR A 2281 32.31 -1.01 10.44
C TYR A 2281 31.66 0.30 10.04
N ILE A 2282 31.86 0.69 8.79
CA ILE A 2282 31.21 1.85 8.20
C ILE A 2282 30.82 1.46 6.79
N ASP A 2283 29.54 1.20 6.57
CA ASP A 2283 29.02 0.97 5.23
C ASP A 2283 29.21 2.21 4.37
N GLU A 2284 29.00 2.04 3.06
CA GLU A 2284 29.07 3.17 2.14
C GLU A 2284 28.02 4.22 2.51
N LEU A 2285 28.17 5.43 1.98
CA LEU A 2285 27.43 6.56 2.51
C LEU A 2285 25.96 6.52 2.13
N HIS A 2286 25.66 6.46 0.84
CA HIS A 2286 24.31 6.72 0.37
C HIS A 2286 23.33 5.57 0.64
N SER A 2287 23.78 4.51 1.32
CA SER A 2287 22.89 3.53 1.94
C SER A 2287 22.67 3.79 3.43
N ARG A 2288 23.50 4.61 4.06
CA ARG A 2288 23.29 5.05 5.44
C ARG A 2288 22.35 6.23 5.54
N SER A 2289 22.35 7.10 4.52
CA SER A 2289 22.00 8.50 4.73
C SER A 2289 20.51 8.70 4.94
N THR A 2290 20.17 9.89 5.40
CA THR A 2290 18.81 10.39 5.48
C THR A 2290 18.65 11.53 4.47
N ALA A 2291 17.39 11.91 4.19
CA ALA A 2291 17.13 12.87 3.13
C ALA A 2291 17.69 14.24 3.48
N PHE A 2292 17.69 14.59 4.76
CA PHE A 2292 18.37 15.81 5.17
C PHE A 2292 19.87 15.71 4.95
N ASP A 2293 20.47 14.61 5.39
CA ASP A 2293 21.88 14.36 5.14
C ASP A 2293 22.19 14.34 3.66
N ARG A 2294 21.28 13.82 2.84
CA ARG A 2294 21.40 13.98 1.40
C ARG A 2294 21.26 15.43 0.96
N LEU A 2295 20.37 16.18 1.60
CA LEU A 2295 20.03 17.52 1.15
C LEU A 2295 21.06 18.57 1.57
N THR A 2296 21.72 18.36 2.70
CA THR A 2296 22.84 19.22 3.09
C THR A 2296 24.09 18.96 2.26
N LEU A 2297 24.09 17.94 1.41
CA LEU A 2297 25.11 17.70 0.40
C LEU A 2297 24.52 18.00 -0.97
N GLY A 2298 25.38 18.44 -1.89
CA GLY A 2298 24.98 18.54 -3.27
C GLY A 2298 24.72 17.16 -3.84
N PHE A 2299 23.45 16.86 -4.07
CA PHE A 2299 23.01 15.52 -4.46
C PHE A 2299 21.74 15.58 -5.30
N PRO A 2322 13.29 28.41 -7.28
CA PRO A 2322 12.83 27.09 -6.83
C PRO A 2322 13.42 26.69 -5.48
N ASP A 2323 12.56 26.41 -4.50
CA ASP A 2323 13.03 26.16 -3.14
C ASP A 2323 13.40 24.68 -3.00
N MET A 2324 14.65 24.37 -3.32
CA MET A 2324 15.25 23.07 -3.06
C MET A 2324 16.67 23.33 -2.56
N SER A 2325 16.81 24.42 -1.80
CA SER A 2325 18.11 25.04 -1.59
C SER A 2325 19.05 24.14 -0.80
N ILE A 2326 20.28 24.60 -0.70
CA ILE A 2326 21.28 24.01 0.20
C ILE A 2326 21.07 24.70 1.54
N PRO A 2327 20.88 23.98 2.65
CA PRO A 2327 20.80 24.68 3.94
C PRO A 2327 22.11 25.30 4.37
N LEU A 2328 22.07 25.98 5.50
CA LEU A 2328 23.18 26.81 5.95
C LEU A 2328 24.33 26.02 6.55
N LYS A 2329 24.09 24.79 7.00
CA LYS A 2329 25.17 24.00 7.59
C LYS A 2329 26.27 23.69 6.59
N HIS A 2330 25.95 23.65 5.30
CA HIS A 2330 26.95 23.54 4.26
C HIS A 2330 27.90 24.73 4.24
N TYR A 2331 27.44 25.90 4.69
CA TYR A 2331 28.21 27.14 4.62
C TYR A 2331 28.53 27.73 5.98
N VAL A 2332 28.10 27.10 7.07
CA VAL A 2332 28.34 27.60 8.43
C VAL A 2332 29.60 26.94 8.97
N PRO A 2333 30.44 27.63 9.74
CA PRO A 2333 31.47 26.90 10.50
C PRO A 2333 30.82 26.06 11.58
N SER A 2334 31.08 24.75 11.53
CA SER A 2334 30.55 23.80 12.49
C SER A 2334 31.40 23.67 13.74
N TYR A 2335 32.25 24.65 14.04
CA TYR A 2335 33.02 24.72 15.28
C TYR A 2335 32.63 25.93 16.12
N LEU A 2336 31.40 26.43 15.98
CA LEU A 2336 30.85 27.47 16.83
C LEU A 2336 29.43 27.09 17.19
N SER A 2337 28.93 27.68 18.27
CA SER A 2337 27.65 27.30 18.84
C SER A 2337 26.54 28.27 18.45
N ARG A 2338 26.83 29.56 18.51
CA ARG A 2338 25.86 30.62 18.25
C ARG A 2338 25.22 30.55 16.87
N PRO A 2339 25.99 30.37 15.79
CA PRO A 2339 25.34 30.22 14.48
C PRO A 2339 24.65 28.89 14.25
N CYS A 2340 25.25 27.77 14.68
CA CYS A 2340 24.77 26.46 14.27
C CYS A 2340 23.37 26.16 14.81
N ILE A 2341 22.93 26.86 15.85
CA ILE A 2341 21.56 26.73 16.31
C ILE A 2341 20.61 27.51 15.41
N PHE A 2342 20.99 28.72 15.03
CA PHE A 2342 20.16 29.47 14.10
C PHE A 2342 20.18 28.85 12.72
N ALA A 2343 21.22 28.08 12.40
CA ALA A 2343 21.17 27.24 11.22
C ALA A 2343 20.00 26.29 11.28
N GLN A 2344 19.86 25.57 12.40
CA GLN A 2344 18.72 24.69 12.59
C GLN A 2344 17.40 25.44 12.55
N VAL A 2345 17.37 26.67 13.06
CA VAL A 2345 16.16 27.48 13.00
C VAL A 2345 15.74 27.71 11.55
N HIS A 2346 16.62 28.32 10.77
CA HIS A 2346 16.33 28.59 9.37
C HIS A 2346 16.03 27.32 8.58
N ASP A 2347 16.66 26.21 8.95
CA ASP A 2347 16.43 24.96 8.23
C ASP A 2347 15.07 24.37 8.56
N ILE A 2348 14.62 24.53 9.80
CA ILE A 2348 13.29 24.06 10.17
C ILE A 2348 12.24 24.91 9.48
N LEU A 2349 12.49 26.22 9.38
CA LEU A 2349 11.60 27.05 8.57
C LEU A 2349 11.61 26.64 7.10
N LEU A 2350 12.77 26.21 6.60
CA LEU A 2350 12.86 25.75 5.22
C LEU A 2350 11.98 24.53 4.96
N LEU A 2351 12.21 23.43 5.69
CA LEU A 2351 11.62 22.16 5.31
C LEU A 2351 10.09 22.15 5.34
N SER A 2352 9.48 22.97 6.18
CA SER A 2352 8.03 22.99 6.24
C SER A 2352 7.45 23.71 5.03
N ASP A 2353 6.52 23.03 4.36
CA ASP A 2353 5.78 23.68 3.27
C ASP A 2353 4.90 24.80 3.77
N GLU A 2354 4.32 24.65 4.97
CA GLU A 2354 3.44 25.63 5.59
C GLU A 2354 4.25 26.46 6.58
N GLU A 2355 3.67 27.58 6.99
CA GLU A 2355 4.25 28.39 8.04
C GLU A 2355 4.00 27.70 9.38
N PRO A 2356 5.04 27.25 10.11
CA PRO A 2356 4.75 26.78 11.46
C PRO A 2356 4.41 27.93 12.38
N ILE A 2357 3.11 28.11 12.66
CA ILE A 2357 2.72 29.02 13.72
C ILE A 2357 3.02 28.39 15.06
N GLU A 2358 3.18 27.06 15.09
CA GLU A 2358 3.79 26.38 16.21
C GLU A 2358 5.18 26.94 16.49
N GLU A 2359 5.41 27.28 17.75
CA GLU A 2359 6.77 27.45 18.24
C GLU A 2359 7.41 26.08 18.39
N SER A 2360 8.36 25.78 17.52
CA SER A 2360 9.23 24.62 17.69
C SER A 2360 10.65 25.07 17.38
N LEU A 2361 10.97 26.29 17.81
CA LEU A 2361 12.22 26.96 17.50
C LEU A 2361 13.02 27.32 18.75
N ALA A 2362 12.35 27.83 19.79
CA ALA A 2362 12.91 27.84 21.13
C ALA A 2362 12.95 26.45 21.73
N ALA A 2363 12.26 25.50 21.10
CA ALA A 2363 12.49 24.07 21.29
C ALA A 2363 13.93 23.67 20.99
N VAL A 2364 14.63 24.43 20.15
CA VAL A 2364 15.99 24.14 19.74
C VAL A 2364 16.99 25.09 20.36
N ILE A 2365 16.60 26.34 20.58
CA ILE A 2365 17.57 27.29 21.13
C ILE A 2365 17.79 26.95 22.62
N PRO A 2366 19.02 26.96 23.13
CA PRO A 2366 19.19 26.80 24.58
C PRO A 2366 18.59 27.96 25.34
N ILE A 2367 18.35 27.72 26.64
CA ILE A 2367 17.85 28.79 27.49
C ILE A 2367 18.91 29.87 27.63
N SER A 2368 20.18 29.49 27.52
CA SER A 2368 21.23 30.48 27.35
C SER A 2368 21.19 31.00 25.93
N HIS A 2369 21.60 32.26 25.76
CA HIS A 2369 21.38 33.08 24.57
C HIS A 2369 20.00 32.83 23.95
N LEU A 2370 19.00 33.04 24.79
CA LEU A 2370 17.67 33.43 24.33
C LEU A 2370 17.58 34.92 24.10
N GLY A 2371 18.36 35.72 24.83
CA GLY A 2371 18.41 37.15 24.62
C GLY A 2371 18.97 37.55 23.27
N GLU A 2372 19.61 36.63 22.55
CA GLU A 2372 20.05 36.91 21.19
C GLU A 2372 18.91 36.96 20.19
N VAL A 2373 17.70 36.57 20.60
CA VAL A 2373 16.57 36.51 19.67
C VAL A 2373 16.22 37.90 19.16
N GLY A 2374 16.31 38.90 20.02
CA GLY A 2374 15.98 40.26 19.60
C GLY A 2374 16.95 40.75 18.55
N LYS A 2375 18.23 40.50 18.75
CA LYS A 2375 19.22 40.88 17.76
C LYS A 2375 19.08 40.06 16.50
N TRP A 2376 18.61 38.82 16.61
CA TRP A 2376 18.35 38.02 15.44
C TRP A 2376 17.24 38.61 14.57
N ALA A 2377 16.13 38.99 15.19
CA ALA A 2377 15.03 39.58 14.41
C ALA A 2377 15.41 40.95 13.88
N ASN A 2378 16.14 41.75 14.67
CA ASN A 2378 16.66 43.01 14.18
C ASN A 2378 17.59 42.82 12.98
N ASN A 2379 18.43 41.79 13.00
CA ASN A 2379 19.28 41.49 11.85
C ASN A 2379 18.45 41.08 10.65
N VAL A 2380 17.40 40.29 10.88
CA VAL A 2380 16.49 39.87 9.81
C VAL A 2380 15.91 41.09 9.10
N LEU A 2381 15.41 42.06 9.86
CA LEU A 2381 14.85 43.25 9.22
C LEU A 2381 15.92 44.14 8.62
N ASN A 2382 17.01 44.42 9.33
CA ASN A 2382 18.02 45.40 8.91
C ASN A 2382 18.69 44.99 7.59
N CYS A 2383 18.75 43.68 7.32
CA CYS A 2383 19.27 43.18 6.06
C CYS A 2383 18.12 42.79 5.13
N THR A 2384 18.49 42.38 3.91
CA THR A 2384 17.53 42.16 2.83
C THR A 2384 17.13 40.70 2.64
N GLU A 2385 17.98 39.76 3.05
CA GLU A 2385 17.71 38.36 2.85
C GLU A 2385 16.69 37.87 3.86
N TYR A 2386 16.55 36.54 3.98
CA TYR A 2386 15.57 35.95 4.87
C TYR A 2386 14.17 36.36 4.45
N SER A 2387 13.71 35.80 3.31
CA SER A 2387 12.36 36.02 2.78
C SER A 2387 11.28 35.99 3.86
N GLU A 2388 11.40 35.09 4.83
CA GLU A 2388 10.59 35.16 6.03
C GLU A 2388 11.20 36.16 7.00
N LYS A 2389 10.38 37.09 7.48
CA LYS A 2389 10.77 38.04 8.52
C LYS A 2389 9.72 38.23 9.60
N LYS A 2390 8.53 37.64 9.45
CA LYS A 2390 7.51 37.73 10.47
C LYS A 2390 7.73 36.72 11.59
N ILE A 2391 8.15 35.51 11.24
CA ILE A 2391 8.18 34.42 12.21
C ILE A 2391 9.30 34.65 13.21
N ALA A 2392 10.38 35.30 12.77
CA ALA A 2392 11.43 35.69 13.69
C ALA A 2392 10.95 36.73 14.69
N GLU A 2393 9.93 37.50 14.33
CA GLU A 2393 9.31 38.41 15.28
C GLU A 2393 8.37 37.66 16.20
N ARG A 2394 7.61 36.72 15.66
CA ARG A 2394 6.69 35.93 16.45
C ARG A 2394 7.39 35.14 17.55
N LEU A 2395 8.48 34.47 17.22
CA LEU A 2395 9.23 33.74 18.23
C LEU A 2395 9.80 34.69 19.29
N TYR A 2396 10.17 35.91 18.89
CA TYR A 2396 10.64 36.88 19.86
C TYR A 2396 9.52 37.31 20.79
N VAL A 2397 8.32 37.47 20.24
CA VAL A 2397 7.16 37.78 21.07
C VAL A 2397 6.88 36.63 22.02
N PHE A 2398 7.15 35.39 21.58
CA PHE A 2398 6.98 34.25 22.46
C PHE A 2398 7.93 34.34 23.64
N ILE A 2399 9.20 34.64 23.39
CA ILE A 2399 10.17 34.70 24.48
C ILE A 2399 9.84 35.85 25.43
N THR A 2400 9.51 37.02 24.90
CA THR A 2400 9.19 38.12 25.79
C THR A 2400 7.85 37.93 26.48
N PHE A 2401 7.00 37.02 25.99
CA PHE A 2401 5.84 36.58 26.75
C PHE A 2401 6.24 35.61 27.86
N LEU A 2402 7.33 34.86 27.66
CA LEU A 2402 7.78 33.98 28.73
C LEU A 2402 8.42 34.76 29.86
N THR A 2403 9.30 35.71 29.53
CA THR A 2403 9.88 36.57 30.55
C THR A 2403 8.86 37.47 31.23
N ASP A 2404 7.73 37.75 30.58
CA ASP A 2404 6.61 38.41 31.24
C ASP A 2404 6.05 37.56 32.37
N MET A 2405 5.98 36.25 32.18
CA MET A 2405 5.79 35.32 33.27
C MET A 2405 7.10 35.19 34.03
N GLY A 2406 7.01 34.68 35.25
CA GLY A 2406 8.17 34.21 35.97
C GLY A 2406 8.35 32.74 35.70
N VAL A 2407 8.42 32.37 34.42
CA VAL A 2407 8.38 30.98 33.99
C VAL A 2407 9.79 30.44 33.74
N LEU A 2408 10.66 31.27 33.17
CA LEU A 2408 12.00 30.80 32.87
C LEU A 2408 12.85 30.70 34.12
N GLU A 2409 12.54 31.47 35.15
CA GLU A 2409 13.13 31.20 36.45
C GLU A 2409 12.79 29.79 36.93
N LYS A 2410 11.56 29.32 36.66
CA LYS A 2410 11.17 27.97 37.05
C LYS A 2410 12.03 26.93 36.35
N ILE A 2411 12.15 27.04 35.03
CA ILE A 2411 12.76 25.97 34.25
C ILE A 2411 14.27 26.05 34.35
N ASN A 2412 14.81 27.26 34.49
CA ASN A 2412 16.23 27.40 34.78
C ASN A 2412 16.57 26.88 36.16
N ASN A 2413 15.68 27.05 37.13
CA ASN A 2413 15.85 26.41 38.43
C ASN A 2413 15.62 24.91 38.36
N LEU A 2414 14.95 24.44 37.31
CA LEU A 2414 14.59 23.03 37.21
C LEU A 2414 15.78 22.18 36.75
N TYR A 2415 16.52 22.66 35.76
CA TYR A 2415 17.62 21.92 35.16
C TYR A 2415 18.89 21.91 36.00
N LYS A 2416 18.95 22.70 37.07
CA LYS A 2416 20.17 22.90 37.86
C LYS A 2416 20.80 21.61 38.37
N PRO A 2417 20.04 20.57 38.73
CA PRO A 2417 20.68 19.26 38.91
C PRO A 2417 21.40 18.76 37.67
N ALA A 2418 20.86 19.01 36.47
CA ALA A 2418 21.53 18.55 35.26
C ALA A 2418 22.84 19.27 35.05
N ASN A 2419 22.90 20.56 35.37
CA ASN A 2419 24.16 21.28 35.30
C ASN A 2419 25.17 20.79 36.33
N LEU A 2420 24.72 20.09 37.37
CA LEU A 2420 25.63 19.55 38.36
C LEU A 2420 26.34 18.31 37.84
N LYS A 2421 25.63 17.47 37.09
CA LYS A 2421 26.27 16.34 36.43
C LYS A 2421 27.32 16.82 35.42
N PHE A 2422 27.02 17.88 34.68
CA PHE A 2422 28.04 18.45 33.79
C PHE A 2422 29.12 19.14 34.59
N GLN A 2423 28.82 19.60 35.79
CA GLN A 2423 29.85 20.21 36.62
C GLN A 2423 30.84 19.17 37.10
N LYS A 2424 30.36 17.96 37.39
CA LYS A 2424 31.21 16.92 37.97
C LYS A 2424 31.89 16.06 36.91
N ALA A 2425 31.28 15.88 35.76
CA ALA A 2425 31.91 15.10 34.70
C ALA A 2425 33.18 15.77 34.19
N LEU A 2426 33.25 17.10 34.27
CA LEU A 2426 34.33 17.87 33.69
C LEU A 2426 35.27 18.39 34.77
N GLY A 2427 36.57 18.33 34.46
CA GLY A 2427 37.61 18.72 35.39
C GLY A 2427 37.52 20.16 35.85
N LEU A 2428 37.02 21.03 34.98
CA LEU A 2428 36.81 22.44 35.30
C LEU A 2428 35.50 22.87 34.66
N HIS A 2429 34.58 23.34 35.49
CA HIS A 2429 33.28 23.76 35.01
C HIS A 2429 32.64 24.64 36.07
N ASP A 2430 32.46 25.91 35.73
CA ASP A 2430 31.79 26.86 36.61
C ASP A 2430 30.29 26.61 36.55
N LYS A 2431 29.68 26.40 37.70
CA LYS A 2431 28.24 26.21 37.73
C LYS A 2431 27.59 27.53 37.39
N GLN A 2432 27.15 27.66 36.14
CA GLN A 2432 26.68 28.92 35.62
C GLN A 2432 25.30 29.24 36.16
N LEU A 2433 24.82 30.45 35.84
CA LEU A 2433 23.51 30.86 36.28
C LEU A 2433 22.43 30.26 35.40
N THR A 2434 22.61 30.34 34.08
CA THR A 2434 21.60 29.96 33.10
C THR A 2434 22.19 28.85 32.24
N GLU A 2435 21.43 27.78 32.07
CA GLU A 2435 21.97 26.54 31.52
C GLU A 2435 21.80 26.48 30.02
N GLU A 2436 22.77 25.87 29.35
CA GLU A 2436 22.72 25.63 27.92
C GLU A 2436 21.96 24.33 27.70
N THR A 2437 20.64 24.46 27.61
CA THR A 2437 19.75 23.31 27.49
C THR A 2437 18.40 23.79 26.96
N VAL A 2438 17.64 22.84 26.42
CA VAL A 2438 16.40 23.17 25.73
C VAL A 2438 15.38 23.77 26.69
N SER A 2439 14.36 24.39 26.12
CA SER A 2439 13.17 24.84 26.84
C SER A 2439 12.05 23.80 26.79
N LEU A 2440 12.40 22.54 26.53
CA LEU A 2440 11.44 21.47 26.34
C LEU A 2440 11.24 20.62 27.58
N THR A 2441 12.33 20.10 28.13
CA THR A 2441 12.33 19.04 29.14
C THR A 2441 11.95 17.68 28.54
N LEU A 2442 11.87 17.59 27.21
CA LEU A 2442 11.78 16.29 26.57
C LEU A 2442 12.41 16.34 25.19
N ASN A 2443 13.72 16.20 25.13
CA ASN A 2443 14.43 16.07 23.86
C ASN A 2443 15.69 15.24 23.99
N GLU A 2444 15.89 14.59 25.14
CA GLU A 2444 17.23 14.40 25.65
C GLU A 2444 17.31 13.15 26.50
N TYR A 2445 18.52 12.88 26.99
CA TYR A 2445 18.78 11.79 27.92
C TYR A 2445 18.76 12.25 29.38
N VAL A 2446 18.89 13.55 29.63
CA VAL A 2446 19.07 14.05 30.99
C VAL A 2446 17.78 14.11 31.80
N LEU A 2447 16.66 13.61 31.27
CA LEU A 2447 15.38 13.61 31.98
C LEU A 2447 15.45 12.95 33.35
N PRO A 2448 16.01 11.73 33.48
CA PRO A 2448 15.96 11.08 34.80
C PRO A 2448 16.77 11.78 35.87
N THR A 2449 17.70 12.65 35.50
CA THR A 2449 18.27 13.58 36.48
C THR A 2449 17.26 14.66 36.83
N VAL A 2450 16.48 15.10 35.85
CA VAL A 2450 15.41 16.06 36.11
C VAL A 2450 14.22 15.41 36.81
N SER A 2451 13.89 14.17 36.47
CA SER A 2451 12.71 13.51 36.99
C SER A 2451 12.99 12.75 38.28
N LYS A 2452 13.66 13.41 39.22
CA LYS A 2452 13.66 12.98 40.61
C LYS A 2452 12.31 13.22 41.26
N TYR A 2453 11.49 14.10 40.68
CA TYR A 2453 10.08 14.21 40.99
C TYR A 2453 9.36 14.45 39.67
N SER A 2454 8.03 14.47 39.72
CA SER A 2454 7.23 14.80 38.55
C SER A 2454 7.46 13.85 37.40
N ASP A 2455 7.04 12.59 37.55
CA ASP A 2455 7.01 11.62 36.46
C ASP A 2455 5.96 11.96 35.38
N LYS A 2456 5.22 13.05 35.54
CA LYS A 2456 4.43 13.65 34.48
C LYS A 2456 5.27 14.08 33.29
N ILE A 2457 6.57 14.31 33.49
CA ILE A 2457 7.48 14.71 32.42
C ILE A 2457 7.43 13.74 31.26
N LYS A 2458 7.29 12.45 31.53
CA LYS A 2458 7.14 11.42 30.51
C LYS A 2458 5.68 11.15 30.19
N SER A 2459 4.82 12.16 30.40
CA SER A 2459 3.42 12.18 30.01
C SER A 2459 3.28 13.49 29.24
N PRO A 2460 2.29 13.66 28.36
CA PRO A 2460 2.36 14.75 27.37
C PRO A 2460 2.33 16.17 27.93
N GLU A 2461 2.09 16.37 29.22
CA GLU A 2461 1.86 17.71 29.73
C GLU A 2461 3.07 18.62 29.59
N SER A 2462 4.28 18.07 29.49
CA SER A 2462 5.44 18.89 29.18
C SER A 2462 5.32 19.54 27.82
N LEU A 2463 4.93 18.77 26.80
CA LEU A 2463 4.68 19.33 25.47
C LEU A 2463 3.61 20.39 25.52
N TYR A 2464 2.42 20.04 25.99
CA TYR A 2464 1.27 20.93 25.98
C TYR A 2464 1.46 22.15 26.87
N LEU A 2465 2.42 22.12 27.80
CA LEU A 2465 2.78 23.35 28.50
C LEU A 2465 3.24 24.42 27.53
N LEU A 2466 4.11 24.06 26.60
CA LEU A 2466 4.61 25.00 25.61
C LEU A 2466 3.54 25.36 24.59
N SER A 2467 2.91 24.34 24.01
CA SER A 2467 1.95 24.56 22.94
C SER A 2467 0.76 25.39 23.41
N SER A 2468 0.18 25.03 24.55
CA SER A 2468 -0.87 25.86 25.12
C SER A 2468 -0.40 27.28 25.37
N LEU A 2469 0.87 27.44 25.76
CA LEU A 2469 1.38 28.77 26.05
C LEU A 2469 1.46 29.65 24.81
N ARG A 2470 1.56 29.08 23.60
CA ARG A 2470 1.48 29.96 22.44
C ARG A 2470 0.03 30.31 22.14
N LEU A 2471 -0.90 29.38 22.39
CA LEU A 2471 -2.30 29.61 22.05
C LEU A 2471 -2.88 30.79 22.81
N LEU A 2472 -2.69 30.82 24.13
CA LEU A 2472 -3.01 31.99 24.93
C LEU A 2472 -2.39 33.23 24.34
N LEU A 2473 -1.10 33.18 24.04
CA LEU A 2473 -0.44 34.32 23.44
C LEU A 2473 -0.98 34.59 22.05
N ASN A 2474 -1.40 33.55 21.34
CA ASN A 2474 -2.02 33.73 20.04
C ASN A 2474 -3.40 34.33 20.17
N SER A 2475 -4.07 34.14 21.32
CA SER A 2475 -5.40 34.66 21.53
C SER A 2475 -5.40 36.12 21.98
N LEU A 2476 -4.56 36.45 22.98
CA LEU A 2476 -4.48 37.80 23.50
C LEU A 2476 -4.17 38.82 22.42
N ASN A 2477 -3.23 38.50 21.54
CA ASN A 2477 -2.91 39.37 20.43
C ASN A 2477 -4.10 39.58 19.51
N ALA A 2478 -4.90 38.54 19.29
CA ALA A 2478 -6.07 38.64 18.40
C ALA A 2478 -7.25 39.29 19.10
N LEU A 2479 -7.51 38.90 20.34
CA LEU A 2479 -8.58 39.51 21.11
C LEU A 2479 -8.35 40.99 21.33
N LYS A 2480 -7.11 41.37 21.65
CA LYS A 2480 -6.81 42.75 22.00
C LYS A 2480 -7.10 43.71 20.85
N LEU A 2481 -6.88 43.27 19.61
CA LEU A 2481 -7.20 44.11 18.47
C LEU A 2481 -8.70 44.38 18.36
N ILE A 2482 -9.54 43.45 18.83
CA ILE A 2482 -10.96 43.75 18.87
C ILE A 2482 -11.23 44.85 19.90
N ASN A 2483 -10.54 44.80 21.05
CA ASN A 2483 -10.65 45.87 22.03
C ASN A 2483 -10.18 47.21 21.49
N GLU A 2484 -9.18 47.21 20.60
CA GLU A 2484 -8.82 48.42 19.88
C GLU A 2484 -9.86 48.74 18.81
N LYS A 2485 -10.45 47.72 18.20
CA LYS A 2485 -11.48 47.95 17.21
C LYS A 2485 -12.76 48.50 17.82
N SER A 2486 -13.23 47.93 18.93
CA SER A 2486 -14.36 48.51 19.64
C SER A 2486 -14.02 49.88 20.22
N THR A 2487 -12.77 50.07 20.66
CA THR A 2487 -12.33 51.40 21.05
C THR A 2487 -12.40 52.37 19.87
N HIS A 2488 -12.01 51.90 18.68
CA HIS A 2488 -12.10 52.64 17.43
C HIS A 2488 -13.38 52.32 16.68
N GLY A 2489 -14.43 51.97 17.42
CA GLY A 2489 -15.64 51.39 16.84
C GLY A 2489 -16.38 52.27 15.86
N LYS A 2490 -16.91 51.64 14.81
CA LYS A 2490 -17.64 52.33 13.77
C LYS A 2490 -18.78 51.43 13.30
N ILE A 2491 -19.82 52.06 12.75
CA ILE A 2491 -20.94 51.31 12.19
C ILE A 2491 -20.54 50.49 10.98
N ASP A 2492 -19.51 50.91 10.24
CA ASP A 2492 -18.91 50.11 9.17
C ASP A 2492 -17.79 49.31 9.81
N GLU A 2493 -17.56 48.09 9.29
CA GLU A 2493 -16.72 47.09 9.95
C GLU A 2493 -17.28 46.92 11.37
N LEU A 2494 -18.58 46.64 11.43
CA LEU A 2494 -19.30 46.43 12.68
C LEU A 2494 -19.72 44.97 12.73
N THR A 2495 -19.29 44.26 13.78
CA THR A 2495 -19.51 42.83 13.92
C THR A 2495 -19.95 42.51 15.34
N TYR A 2496 -20.56 41.33 15.47
CA TYR A 2496 -21.25 40.94 16.69
C TYR A 2496 -20.26 40.76 17.84
N ILE A 2497 -19.08 40.18 17.56
CA ILE A 2497 -18.04 40.12 18.57
C ILE A 2497 -17.61 41.52 18.99
N GLU A 2498 -17.60 42.46 18.05
CA GLU A 2498 -17.27 43.84 18.40
C GLU A 2498 -18.41 44.51 19.14
N LEU A 2499 -19.65 44.09 18.89
CA LEU A 2499 -20.76 44.58 19.71
C LEU A 2499 -20.64 44.08 21.14
N SER A 2500 -20.13 42.86 21.33
CA SER A 2500 -19.86 42.36 22.67
C SER A 2500 -18.66 43.06 23.29
N ALA A 2501 -17.69 43.47 22.46
CA ALA A 2501 -16.56 44.22 22.96
C ALA A 2501 -16.94 45.62 23.40
N ALA A 2502 -17.82 46.28 22.66
CA ALA A 2502 -18.42 47.53 23.11
C ALA A 2502 -19.16 47.35 24.43
N ALA A 2503 -19.79 46.20 24.64
CA ALA A 2503 -20.43 45.92 25.91
C ALA A 2503 -19.43 45.89 27.07
N PHE A 2504 -18.24 45.32 26.85
CA PHE A 2504 -17.18 45.41 27.84
C PHE A 2504 -16.54 46.79 27.84
N ASN A 2505 -16.30 47.35 26.65
CA ASN A 2505 -15.55 48.58 26.53
C ASN A 2505 -16.36 49.75 27.09
N GLY A 2506 -15.66 50.64 27.81
CA GLY A 2506 -16.30 51.81 28.36
C GLY A 2506 -16.92 52.72 27.31
N ARG A 2507 -16.33 52.77 26.12
CA ARG A 2507 -16.95 53.43 24.97
C ARG A 2507 -17.86 52.42 24.30
N HIS A 2508 -19.16 52.53 24.57
CA HIS A 2508 -20.16 51.57 24.15
C HIS A 2508 -21.06 52.19 23.09
N LEU A 2509 -21.41 51.39 22.08
CA LEU A 2509 -22.35 51.79 21.05
C LEU A 2509 -23.77 51.36 21.44
N LYS A 2510 -24.73 52.18 21.03
CA LYS A 2510 -26.13 51.97 21.42
C LYS A 2510 -26.69 50.62 20.97
N ASN A 2511 -26.18 50.08 19.87
CA ASN A 2511 -26.84 48.93 19.24
C ASN A 2511 -26.51 47.63 19.96
N ILE A 2512 -27.56 46.83 20.20
CA ILE A 2512 -27.55 45.51 20.85
C ILE A 2512 -26.58 45.46 22.04
N PRO A 2513 -26.89 46.12 23.15
CA PRO A 2513 -26.02 45.97 24.33
C PRO A 2513 -26.02 44.56 24.89
N ARG A 2514 -27.07 43.78 24.65
CA ARG A 2514 -27.21 42.46 25.26
C ARG A 2514 -26.30 41.48 24.55
N ILE A 2515 -25.01 41.56 24.85
CA ILE A 2515 -24.06 40.49 24.48
C ILE A 2515 -22.82 40.68 25.34
N PRO A 2516 -22.90 40.53 26.66
CA PRO A 2516 -21.73 40.80 27.51
C PRO A 2516 -20.81 39.59 27.61
N ILE A 2517 -20.22 39.20 26.48
CA ILE A 2517 -19.44 37.97 26.36
C ILE A 2517 -17.95 38.24 26.17
N PHE A 2518 -17.57 39.40 25.66
CA PHE A 2518 -16.16 39.74 25.48
C PHE A 2518 -15.39 39.65 26.78
N CYS A 2519 -15.96 40.19 27.86
CA CYS A 2519 -15.34 40.03 29.18
C CYS A 2519 -15.29 38.56 29.59
N ILE A 2520 -16.29 37.78 29.20
CA ILE A 2520 -16.37 36.38 29.61
C ILE A 2520 -15.34 35.58 28.84
N LEU A 2521 -15.09 35.95 27.58
CA LEU A 2521 -14.00 35.38 26.79
C LEU A 2521 -12.73 36.22 26.91
N TYR A 2522 -12.60 36.99 27.98
CA TYR A 2522 -11.36 37.69 28.31
C TYR A 2522 -10.80 37.32 29.66
N ASN A 2523 -11.62 37.16 30.69
CA ASN A 2523 -11.16 36.81 32.02
C ASN A 2523 -10.55 35.40 32.08
N ILE A 2524 -10.89 34.52 31.14
CA ILE A 2524 -10.36 33.16 31.18
C ILE A 2524 -8.86 33.18 30.95
N LEU A 2525 -8.40 34.06 30.05
CA LEU A 2525 -6.98 34.21 29.81
C LEU A 2525 -6.29 34.79 31.03
N THR A 2526 -6.98 35.63 31.80
CA THR A 2526 -6.40 36.12 33.05
C THR A 2526 -6.29 35.00 34.08
N VAL A 2527 -7.31 34.15 34.18
CA VAL A 2527 -7.26 32.98 35.05
C VAL A 2527 -6.06 32.11 34.70
N MET A 2528 -5.93 31.77 33.43
CA MET A 2528 -4.80 30.96 32.98
C MET A 2528 -3.47 31.65 33.24
N SER A 2529 -3.34 32.93 32.91
CA SER A 2529 -2.09 33.65 33.06
C SER A 2529 -1.64 33.73 34.51
N GLU A 2530 -2.50 34.16 35.42
CA GLU A 2530 -2.12 34.21 36.82
C GLU A 2530 -1.93 32.83 37.42
N ASN A 2531 -2.74 31.84 37.01
CA ASN A 2531 -2.59 30.48 37.49
C ASN A 2531 -1.24 29.90 37.11
N LEU A 2532 -0.92 29.95 35.81
CA LEU A 2532 0.38 29.45 35.35
C LEU A 2532 1.55 30.24 35.94
N LYS A 2533 1.33 31.50 36.29
CA LYS A 2533 2.41 32.30 36.88
C LYS A 2533 2.78 31.80 38.27
N THR A 2534 1.80 31.34 39.04
CA THR A 2534 1.96 31.01 40.45
C THR A 2534 1.44 29.62 40.77
N GLU A 2535 1.50 28.71 39.79
CA GLU A 2535 1.23 27.30 40.03
C GLU A 2535 2.49 26.68 40.61
N SER A 2536 3.59 26.77 39.85
CA SER A 2536 4.91 26.30 40.26
C SER A 2536 5.02 24.79 40.40
N LEU A 2537 3.99 24.04 40.01
CA LEU A 2537 4.00 22.60 40.24
C LEU A 2537 4.68 21.85 39.10
N PHE A 2538 4.08 21.89 37.92
CA PHE A 2538 4.42 21.00 36.81
C PHE A 2538 4.29 19.52 37.22
N CYS A 2539 3.42 19.26 38.20
CA CYS A 2539 3.24 17.94 38.78
C CYS A 2539 1.77 17.71 39.13
N GLY A 2540 0.86 18.33 38.38
CA GLY A 2540 -0.56 18.26 38.68
C GLY A 2540 -1.14 16.91 38.32
N SER A 2541 -2.39 16.94 37.88
CA SER A 2541 -3.15 15.77 37.47
C SER A 2541 -3.53 15.92 36.01
N ASN A 2542 -2.52 16.22 35.17
CA ASN A 2542 -2.64 16.43 33.74
C ASN A 2542 -3.31 17.78 33.47
N GLN A 2543 -3.04 18.75 34.35
CA GLN A 2543 -3.70 20.05 34.29
C GLN A 2543 -3.44 20.77 32.98
N TYR A 2544 -2.22 20.70 32.46
CA TYR A 2544 -1.88 21.40 31.23
C TYR A 2544 -2.59 20.83 30.02
N GLN A 2545 -2.95 19.55 30.05
CA GLN A 2545 -3.81 19.00 29.01
C GLN A 2545 -5.18 19.66 29.01
N TYR A 2546 -5.65 20.11 30.17
CA TYR A 2546 -6.94 20.76 30.30
C TYR A 2546 -6.86 22.28 30.21
N TYR A 2547 -5.65 22.84 30.28
CA TYR A 2547 -5.41 24.20 29.81
C TYR A 2547 -5.17 24.27 28.32
N TRP A 2548 -5.51 23.21 27.56
CA TRP A 2548 -5.41 23.15 26.12
C TRP A 2548 -6.76 22.98 25.45
N ASP A 2549 -7.52 21.97 25.88
CA ASP A 2549 -8.84 21.73 25.29
C ASP A 2549 -9.76 22.90 25.52
N LEU A 2550 -9.66 23.55 26.68
CA LEU A 2550 -10.41 24.77 26.93
C LEU A 2550 -10.04 25.85 25.92
N LEU A 2551 -8.77 25.94 25.57
CA LEU A 2551 -8.30 26.97 24.66
C LEU A 2551 -8.80 26.75 23.25
N VAL A 2552 -8.98 25.50 22.84
CA VAL A 2552 -9.65 25.20 21.58
C VAL A 2552 -11.09 25.68 21.61
N ILE A 2553 -11.77 25.40 22.72
CA ILE A 2553 -13.16 25.79 22.89
C ILE A 2553 -13.31 27.31 22.82
N VAL A 2554 -12.35 28.03 23.37
CA VAL A 2554 -12.42 29.49 23.36
C VAL A 2554 -12.19 30.02 21.95
N ILE A 2555 -11.25 29.42 21.22
CA ILE A 2555 -10.99 29.84 19.86
C ILE A 2555 -12.20 29.54 18.98
N ALA A 2556 -12.94 28.49 19.32
CA ALA A 2556 -14.19 28.21 18.61
C ALA A 2556 -15.28 29.20 19.01
N ALA A 2557 -15.37 29.54 20.29
CA ALA A 2557 -16.36 30.50 20.79
C ALA A 2557 -16.20 31.87 20.16
N LEU A 2558 -14.99 32.38 20.02
CA LEU A 2558 -14.83 33.69 19.41
C LEU A 2558 -15.09 33.67 17.91
N GLU A 2559 -14.75 32.58 17.22
CA GLU A 2559 -14.96 32.52 15.79
C GLU A 2559 -16.43 32.47 15.43
N THR A 2560 -17.23 31.77 16.23
CA THR A 2560 -18.68 31.75 16.07
C THR A 2560 -19.37 32.91 16.77
N ALA A 2561 -18.60 33.86 17.31
CA ALA A 2561 -19.13 35.07 17.92
C ALA A 2561 -19.03 36.29 17.01
N VAL A 2562 -18.44 36.16 15.83
CA VAL A 2562 -18.25 37.30 14.94
C VAL A 2562 -19.54 37.70 14.23
N THR A 2563 -20.52 36.80 14.13
CA THR A 2563 -21.79 37.09 13.49
C THR A 2563 -22.91 36.41 14.26
N LYS A 2564 -24.14 36.64 13.81
CA LYS A 2564 -25.33 36.31 14.57
C LYS A 2564 -25.48 34.81 14.75
N ASP A 2565 -25.13 34.32 15.94
CA ASP A 2565 -25.51 32.98 16.37
C ASP A 2565 -25.60 32.95 17.89
N GLU A 2566 -26.82 33.15 18.43
CA GLU A 2566 -26.97 33.20 19.88
C GLU A 2566 -27.11 31.80 20.48
N ALA A 2567 -27.84 30.91 19.82
CA ALA A 2567 -28.04 29.57 20.35
C ALA A 2567 -26.75 28.77 20.38
N ARG A 2568 -25.80 29.07 19.48
CA ARG A 2568 -24.50 28.44 19.49
C ARG A 2568 -23.72 28.70 20.78
N LEU A 2569 -24.06 29.76 21.51
CA LEU A 2569 -23.44 30.04 22.80
C LEU A 2569 -24.10 29.31 23.94
N ARG A 2570 -25.25 28.66 23.71
CA ARG A 2570 -25.82 27.74 24.68
C ARG A 2570 -24.98 26.49 24.88
N VAL A 2571 -24.11 26.17 23.91
CA VAL A 2571 -23.25 25.00 23.97
C VAL A 2571 -21.83 25.46 24.26
N TYR A 2572 -21.69 26.54 25.03
CA TYR A 2572 -20.38 27.03 25.45
C TYR A 2572 -20.34 27.29 26.95
N LYS A 2573 -21.50 27.43 27.60
CA LYS A 2573 -21.60 27.24 29.04
C LYS A 2573 -21.87 25.80 29.40
N GLU A 2574 -22.43 25.01 28.48
CA GLU A 2574 -22.48 23.57 28.58
C GLU A 2574 -21.11 22.93 28.62
N LEU A 2575 -20.16 23.47 27.86
CA LEU A 2575 -18.90 22.79 27.62
C LEU A 2575 -17.88 23.08 28.72
N ILE A 2576 -17.78 24.33 29.17
CA ILE A 2576 -16.90 24.69 30.26
C ILE A 2576 -17.31 23.97 31.52
N ASP A 2577 -18.62 23.76 31.70
CA ASP A 2577 -19.11 23.09 32.89
C ASP A 2577 -18.85 21.59 32.76
N SER A 2578 -19.02 21.06 31.55
CA SER A 2578 -18.55 19.71 31.28
C SER A 2578 -17.05 19.59 31.44
N TRP A 2579 -16.30 20.61 30.99
CA TRP A 2579 -14.86 20.63 31.23
C TRP A 2579 -14.57 20.66 32.72
N ILE A 2580 -15.29 21.48 33.47
CA ILE A 2580 -15.13 21.54 34.93
C ILE A 2580 -15.47 20.20 35.56
N ALA A 2581 -16.63 19.64 35.19
CA ALA A 2581 -17.05 18.38 35.80
C ALA A 2581 -16.13 17.22 35.44
N SER A 2582 -15.45 17.30 34.29
CA SER A 2582 -14.53 16.25 33.88
C SER A 2582 -13.19 16.37 34.57
N VAL A 2583 -12.61 17.57 34.60
CA VAL A 2583 -11.36 17.74 35.35
C VAL A 2583 -11.59 17.55 36.85
N LYS A 2584 -12.77 17.92 37.35
CA LYS A 2584 -13.11 17.61 38.73
C LYS A 2584 -13.30 16.12 38.95
N SER A 2585 -13.73 15.39 37.93
CA SER A 2585 -13.75 13.94 38.00
C SER A 2585 -12.35 13.36 38.07
N LYS A 2586 -11.36 14.05 37.51
CA LYS A 2586 -9.96 13.70 37.65
C LYS A 2586 -9.35 14.20 38.96
N SER A 2587 -10.08 14.99 39.74
CA SER A 2587 -9.62 15.53 41.02
C SER A 2587 -8.36 16.40 40.86
N ASP A 2588 -8.18 17.02 39.70
CA ASP A 2588 -7.12 18.00 39.54
C ASP A 2588 -7.45 19.25 40.33
N ILE A 2589 -6.63 19.58 41.32
CA ILE A 2589 -6.85 20.76 42.15
C ILE A 2589 -6.41 21.99 41.37
N GLU A 2590 -7.32 22.49 40.54
CA GLU A 2590 -7.11 23.70 39.74
C GLU A 2590 -8.40 24.51 39.74
N ILE A 2591 -9.22 24.32 40.76
CA ILE A 2591 -10.66 24.51 40.59
C ILE A 2591 -11.16 25.82 41.21
N THR A 2592 -10.45 26.35 42.20
CA THR A 2592 -10.84 27.59 42.87
C THR A 2592 -11.00 28.81 41.96
N PRO A 2593 -10.07 29.13 41.03
CA PRO A 2593 -10.00 30.51 40.54
C PRO A 2593 -11.04 30.90 39.50
N PHE A 2594 -12.10 30.12 39.34
CA PHE A 2594 -13.14 30.38 38.35
C PHE A 2594 -14.46 29.88 38.93
N LEU A 2595 -15.40 29.55 38.05
CA LEU A 2595 -16.64 28.83 38.36
C LEU A 2595 -17.61 29.71 39.14
N ASN A 2596 -17.38 31.01 39.13
CA ASN A 2596 -18.46 31.97 39.05
C ASN A 2596 -18.41 32.76 37.76
N ILE A 2597 -17.28 32.73 37.04
CA ILE A 2597 -17.20 33.26 35.68
C ILE A 2597 -17.83 32.35 34.65
N ASN A 2598 -17.71 31.04 34.83
CA ASN A 2598 -18.37 30.05 33.98
C ASN A 2598 -19.86 29.94 34.24
N LEU A 2599 -20.37 30.61 35.28
CA LEU A 2599 -21.77 30.56 35.69
C LEU A 2599 -22.45 31.92 35.50
N GLU A 2600 -21.66 33.00 35.59
CA GLU A 2600 -22.13 34.31 35.17
C GLU A 2600 -22.64 34.31 33.74
N PHE A 2601 -21.99 33.55 32.86
CA PHE A 2601 -22.53 33.31 31.53
C PHE A 2601 -23.91 32.67 31.61
N THR A 2602 -24.10 31.75 32.55
CA THR A 2602 -25.40 31.10 32.72
C THR A 2602 -26.43 32.02 33.33
N ASP A 2603 -26.01 33.07 34.03
CA ASP A 2603 -26.97 33.99 34.64
C ASP A 2603 -27.77 34.76 33.60
N VAL A 2604 -27.22 34.95 32.40
CA VAL A 2604 -27.83 35.79 31.38
C VAL A 2604 -28.50 34.97 30.29
N LEU A 2605 -27.95 33.80 29.96
CA LEU A 2605 -28.48 32.94 28.89
C LEU A 2605 -29.46 31.89 29.40
N GLN A 2606 -29.55 31.70 30.72
CA GLN A 2606 -30.54 30.80 31.32
C GLN A 2606 -31.95 31.12 30.84
N LEU A 2607 -32.81 30.10 30.91
CA LEU A 2607 -34.20 30.20 30.55
C LEU A 2607 -35.04 29.68 31.70
N SER A 2608 -36.35 29.68 31.50
CA SER A 2608 -37.30 29.16 32.48
C SER A 2608 -38.41 28.32 31.85
N ARG A 2609 -38.62 28.43 30.54
CA ARG A 2609 -39.85 27.91 29.95
C ARG A 2609 -39.70 26.49 29.43
N GLY A 2610 -38.91 26.30 28.38
CA GLY A 2610 -38.93 25.11 27.58
C GLY A 2610 -37.58 24.43 27.54
N HIS A 2611 -37.52 23.24 28.15
CA HIS A 2611 -36.27 22.55 28.40
C HIS A 2611 -36.21 21.19 27.73
N SER A 2612 -37.36 20.56 27.47
CA SER A 2612 -37.45 19.24 26.87
C SER A 2612 -37.61 19.29 25.35
N ILE A 2613 -37.22 20.40 24.73
CA ILE A 2613 -37.17 20.48 23.27
C ILE A 2613 -36.32 19.34 22.69
N THR A 2614 -35.16 19.09 23.29
CA THR A 2614 -34.32 18.00 22.85
C THR A 2614 -34.96 16.64 23.06
N LEU A 2615 -35.85 16.51 24.03
CA LEU A 2615 -36.53 15.26 24.32
C LEU A 2615 -37.68 14.96 23.37
N LEU A 2616 -38.04 15.91 22.50
CA LEU A 2616 -39.08 15.71 21.49
C LEU A 2616 -38.50 15.64 20.10
N TRP A 2617 -37.45 16.41 19.84
CA TRP A 2617 -36.71 16.35 18.59
C TRP A 2617 -36.08 14.98 18.35
N ASP A 2618 -35.84 14.21 19.42
CA ASP A 2618 -35.21 12.90 19.31
C ASP A 2618 -36.21 11.76 19.10
N ILE A 2619 -37.51 12.01 19.36
CA ILE A 2619 -38.54 10.97 19.32
C ILE A 2619 -39.64 11.35 18.34
N PHE A 2620 -39.85 12.66 18.11
CA PHE A 2620 -40.75 13.15 17.09
C PHE A 2620 -39.90 13.92 16.09
N ARG A 2621 -39.31 13.18 15.16
CA ARG A 2621 -38.53 13.74 14.08
C ARG A 2621 -38.45 12.67 13.00
N LYS A 2622 -39.06 12.92 11.87
CA LYS A 2622 -39.17 11.93 10.81
C LYS A 2622 -37.97 12.00 9.88
N ASN A 2623 -37.76 10.91 9.16
CA ASN A 2623 -36.84 10.90 8.04
C ASN A 2623 -37.12 12.07 7.11
N TYR A 2624 -36.13 12.94 6.98
CA TYR A 2624 -36.18 14.12 6.13
C TYR A 2624 -34.95 14.12 5.25
N PRO A 2625 -34.90 14.97 4.22
CA PRO A 2625 -33.71 15.00 3.35
C PRO A 2625 -32.47 15.45 4.10
N THR A 2626 -31.37 14.75 3.85
CA THR A 2626 -30.11 14.96 4.54
C THR A 2626 -29.10 15.76 3.73
N THR A 2627 -29.46 16.26 2.55
CA THR A 2627 -28.53 16.99 1.71
C THR A 2627 -29.29 18.05 0.92
N SER A 2628 -28.62 19.18 0.69
CA SER A 2628 -29.23 20.29 -0.04
C SER A 2628 -29.63 19.90 -1.46
N ASN A 2629 -28.76 19.20 -2.18
CA ASN A 2629 -29.08 18.73 -3.52
C ASN A 2629 -30.33 17.87 -3.57
N SER A 2630 -30.60 17.11 -2.51
CA SER A 2630 -31.85 16.35 -2.39
C SER A 2630 -32.99 17.24 -1.94
N TRP A 2631 -32.72 18.26 -1.13
CA TRP A 2631 -33.76 19.22 -0.76
C TRP A 2631 -34.30 19.95 -1.98
N LEU A 2632 -33.44 20.29 -2.92
CA LEU A 2632 -33.90 20.96 -4.13
C LEU A 2632 -34.70 20.03 -5.01
N ALA A 2633 -34.26 18.79 -5.18
CA ALA A 2633 -35.04 17.76 -5.84
C ALA A 2633 -36.40 17.57 -5.19
N PHE A 2634 -36.44 17.60 -3.86
CA PHE A 2634 -37.70 17.53 -3.13
C PHE A 2634 -38.59 18.73 -3.45
N GLU A 2635 -38.01 19.93 -3.49
CA GLU A 2635 -38.75 21.12 -3.88
C GLU A 2635 -39.28 21.02 -5.30
N LYS A 2636 -38.49 20.49 -6.22
CA LYS A 2636 -38.97 20.30 -7.59
C LYS A 2636 -40.13 19.32 -7.64
N LEU A 2637 -40.02 18.22 -6.91
CA LEU A 2637 -41.12 17.27 -6.77
C LEU A 2637 -42.37 17.94 -6.26
N ILE A 2638 -42.23 18.80 -5.26
CA ILE A 2638 -43.40 19.43 -4.66
C ILE A 2638 -44.03 20.42 -5.61
N ASN A 2639 -43.23 21.22 -6.31
CA ASN A 2639 -43.81 22.17 -7.25
C ASN A 2639 -44.48 21.45 -8.41
N LEU A 2640 -43.87 20.37 -8.89
CA LEU A 2640 -44.47 19.55 -9.92
C LEU A 2640 -45.79 18.94 -9.47
N SER A 2641 -45.83 18.38 -8.25
CA SER A 2641 -47.05 17.84 -7.69
C SER A 2641 -48.11 18.91 -7.47
N GLU A 2642 -47.71 20.13 -7.15
CA GLU A 2642 -48.66 21.21 -6.99
C GLU A 2642 -49.28 21.60 -8.32
N LYS A 2643 -48.49 21.60 -9.40
CA LYS A 2643 -49.05 21.83 -10.72
C LYS A 2643 -49.89 20.66 -11.20
N PHE A 2644 -49.56 19.44 -10.78
CA PHE A 2644 -50.34 18.25 -11.13
C PHE A 2644 -51.78 18.35 -10.65
N ASP A 2645 -52.04 19.07 -9.57
CA ASP A 2645 -53.42 19.31 -9.16
C ASP A 2645 -54.18 20.08 -10.23
N LYS A 2646 -53.50 21.01 -10.90
CA LYS A 2646 -54.14 21.90 -11.86
C LYS A 2646 -54.70 21.15 -13.06
N VAL A 2647 -54.15 19.98 -13.38
CA VAL A 2647 -54.71 19.12 -14.42
C VAL A 2647 -55.55 18.02 -13.83
N ARG A 2648 -55.29 17.61 -12.58
CA ARG A 2648 -56.14 16.63 -11.93
C ARG A 2648 -57.58 17.14 -11.81
N LEU A 2649 -57.75 18.46 -11.67
CA LEU A 2649 -59.08 19.05 -11.54
C LEU A 2649 -59.77 19.27 -12.87
N LEU A 2650 -59.31 18.63 -13.97
CA LEU A 2650 -59.87 18.91 -15.30
C LEU A 2650 -60.07 17.66 -16.15
N GLN A 2651 -59.74 16.47 -15.69
CA GLN A 2651 -59.93 15.24 -16.46
C GLN A 2651 -61.23 14.57 -16.05
N PHE A 2652 -61.67 13.61 -16.87
CA PHE A 2652 -62.92 12.91 -16.64
C PHE A 2652 -62.67 11.60 -15.90
N SER A 2653 -63.75 10.89 -15.62
CA SER A 2653 -63.67 9.75 -14.71
C SER A 2653 -62.89 8.59 -15.31
N GLU A 2654 -62.97 8.39 -16.62
CA GLU A 2654 -62.24 7.29 -17.25
C GLU A 2654 -60.73 7.43 -17.11
N SER A 2655 -60.23 8.66 -16.95
CA SER A 2655 -58.81 8.93 -16.82
C SER A 2655 -58.25 8.54 -15.46
N TYR A 2656 -59.09 8.11 -14.52
CA TYR A 2656 -58.67 7.94 -13.12
C TYR A 2656 -58.13 6.53 -12.88
N ASN A 2657 -57.23 6.10 -13.76
CA ASN A 2657 -56.47 4.86 -13.54
C ASN A 2657 -54.99 5.09 -13.78
N SER A 2658 -54.65 5.97 -14.73
CA SER A 2658 -53.32 6.50 -14.84
C SER A 2658 -52.98 7.45 -13.71
N ILE A 2659 -53.96 8.21 -13.23
CA ILE A 2659 -53.72 9.11 -12.11
C ILE A 2659 -53.45 8.31 -10.85
N LYS A 2660 -54.06 7.12 -10.75
CA LYS A 2660 -53.70 6.21 -9.67
C LYS A 2660 -52.25 5.79 -9.75
N ASP A 2661 -51.70 5.65 -10.95
CA ASP A 2661 -50.28 5.34 -11.10
C ASP A 2661 -49.42 6.53 -10.74
N LEU A 2662 -49.86 7.73 -11.13
CA LEU A 2662 -49.15 8.94 -10.77
C LEU A 2662 -49.13 9.17 -9.27
N MET A 2663 -50.21 8.83 -8.58
CA MET A 2663 -50.27 8.92 -7.13
C MET A 2663 -49.33 7.92 -6.45
N ASP A 2664 -48.88 6.90 -7.17
CA ASP A 2664 -47.90 5.94 -6.67
C ASP A 2664 -46.47 6.28 -7.02
N VAL A 2665 -46.23 6.87 -8.19
CA VAL A 2665 -44.86 7.20 -8.54
C VAL A 2665 -44.35 8.33 -7.65
N PHE A 2666 -45.25 9.20 -7.20
CA PHE A 2666 -44.86 10.20 -6.22
C PHE A 2666 -44.41 9.54 -4.92
N ARG A 2667 -45.03 8.43 -4.54
CA ARG A 2667 -44.55 7.69 -3.38
C ARG A 2667 -43.18 7.10 -3.65
N LEU A 2668 -43.01 6.49 -4.82
CA LEU A 2668 -41.70 5.93 -5.18
C LEU A 2668 -40.61 6.98 -5.18
N LEU A 2669 -40.94 8.20 -5.57
CA LEU A 2669 -39.98 9.28 -5.64
C LEU A 2669 -39.66 9.87 -4.27
N ASN A 2670 -40.69 10.16 -3.47
CA ASN A 2670 -40.45 10.74 -2.16
C ASN A 2670 -39.92 9.68 -1.19
N ASP A 2671 -40.05 8.40 -1.53
CA ASP A 2671 -39.25 7.37 -0.91
C ASP A 2671 -37.79 7.46 -1.31
N ASP A 2672 -37.52 7.73 -2.59
CA ASP A 2672 -36.16 7.73 -3.13
C ASP A 2672 -35.37 8.98 -2.75
N VAL A 2673 -36.05 10.11 -2.53
CA VAL A 2673 -35.34 11.33 -2.17
C VAL A 2673 -34.68 11.17 -0.80
N LEU A 2674 -35.30 10.41 0.11
CA LEU A 2674 -34.73 10.17 1.42
C LEU A 2674 -33.81 8.95 1.45
N ASN A 2675 -33.85 8.13 0.41
CA ASN A 2675 -32.71 7.27 0.10
C ASN A 2675 -31.50 8.07 -0.37
N ASN A 2676 -31.69 9.32 -0.77
CA ASN A 2676 -30.63 10.19 -1.26
C ASN A 2676 -30.02 9.64 -2.55
N LYS A 2677 -30.85 9.03 -3.38
CA LYS A 2677 -30.50 8.64 -4.74
C LYS A 2677 -31.00 9.74 -5.66
N LEU A 2678 -30.08 10.41 -6.35
CA LEU A 2678 -30.36 11.54 -7.21
C LEU A 2678 -30.02 11.29 -8.67
N SER A 2679 -29.73 10.04 -9.04
CA SER A 2679 -29.36 9.73 -10.42
C SER A 2679 -30.59 9.58 -11.30
N GLU A 2680 -31.44 8.61 -10.99
CA GLU A 2680 -32.66 8.35 -11.75
C GLU A 2680 -33.80 9.30 -11.36
N PHE A 2681 -33.59 10.19 -10.40
CA PHE A 2681 -34.66 11.09 -9.99
C PHE A 2681 -34.91 12.15 -11.06
N ASN A 2682 -33.87 12.88 -11.45
CA ASN A 2682 -34.01 13.88 -12.49
C ASN A 2682 -34.42 13.25 -13.82
N LEU A 2683 -34.04 12.00 -14.05
CA LEU A 2683 -34.52 11.25 -15.21
C LEU A 2683 -36.04 11.15 -15.21
N LEU A 2684 -36.60 10.48 -14.21
CA LEU A 2684 -38.02 10.17 -14.21
C LEU A 2684 -38.89 11.38 -13.91
N LEU A 2685 -38.33 12.39 -13.23
CA LEU A 2685 -38.95 13.70 -13.13
C LEU A 2685 -39.31 14.23 -14.51
N SER A 2686 -38.40 14.11 -15.47
CA SER A 2686 -38.67 14.56 -16.83
C SER A 2686 -39.74 13.71 -17.51
N LYS A 2687 -39.75 12.39 -17.26
CA LYS A 2687 -40.79 11.53 -17.83
C LYS A 2687 -42.16 11.96 -17.36
N LEU A 2688 -42.29 12.20 -16.05
CA LEU A 2688 -43.58 12.61 -15.52
C LEU A 2688 -43.93 14.03 -15.93
N GLU A 2689 -42.92 14.89 -16.11
CA GLU A 2689 -43.18 16.20 -16.71
C GLU A 2689 -43.78 16.04 -18.09
N ASP A 2690 -43.25 15.13 -18.91
CA ASP A 2690 -43.82 14.91 -20.23
C ASP A 2690 -45.23 14.38 -20.16
N GLY A 2691 -45.50 13.44 -19.26
CA GLY A 2691 -46.84 12.90 -19.13
C GLY A 2691 -47.85 13.93 -18.69
N ILE A 2692 -47.46 14.73 -17.70
CA ILE A 2692 -48.35 15.74 -17.17
C ILE A 2692 -48.58 16.84 -18.20
N ASN A 2693 -47.54 17.19 -18.97
CA ASN A 2693 -47.71 18.23 -19.98
C ASN A 2693 -48.52 17.72 -21.16
N GLU A 2694 -48.41 16.41 -21.47
CA GLU A 2694 -49.31 15.79 -22.42
C GLU A 2694 -50.76 15.96 -21.99
N LEU A 2695 -51.09 15.52 -20.77
CA LEU A 2695 -52.48 15.63 -20.34
C LEU A 2695 -52.91 17.08 -20.14
N GLU A 2696 -51.96 17.99 -19.89
CA GLU A 2696 -52.27 19.42 -19.90
C GLU A 2696 -52.67 19.89 -21.29
N LEU A 2697 -51.97 19.42 -22.32
CA LEU A 2697 -52.35 19.79 -23.67
C LEU A 2697 -53.71 19.20 -24.03
N ILE A 2698 -53.97 17.96 -23.61
CA ILE A 2698 -55.27 17.36 -23.82
C ILE A 2698 -56.35 18.15 -23.07
N SER A 2699 -56.00 18.77 -21.95
CA SER A 2699 -56.93 19.65 -21.25
C SER A 2699 -57.38 20.80 -22.11
N ASN A 2700 -56.51 21.33 -22.97
CA ASN A 2700 -56.86 22.47 -23.80
C ASN A 2700 -57.72 22.08 -25.00
N LYS A 2701 -57.74 20.81 -25.37
CA LYS A 2701 -58.57 20.31 -26.46
C LYS A 2701 -59.89 19.74 -25.96
N PHE A 2702 -60.41 20.26 -24.85
CA PHE A 2702 -61.71 19.85 -24.33
C PHE A 2702 -62.69 21.01 -24.44
N LEU A 2703 -63.71 20.82 -25.25
CA LEU A 2703 -64.82 21.75 -25.38
C LEU A 2703 -65.78 21.67 -24.21
N ASN A 2704 -65.88 20.51 -23.56
CA ASN A 2704 -66.70 20.31 -22.37
C ASN A 2704 -65.83 20.46 -21.13
N LYS A 2705 -65.68 21.70 -20.65
CA LYS A 2705 -64.86 21.94 -19.47
C LYS A 2705 -65.53 21.33 -18.25
N ARG A 2706 -64.96 20.23 -17.77
CA ARG A 2706 -65.53 19.53 -16.63
C ARG A 2706 -65.49 20.43 -15.40
N LYS A 2707 -66.61 20.47 -14.69
CA LYS A 2707 -66.75 21.18 -13.43
C LYS A 2707 -66.98 20.15 -12.35
N HIS A 2708 -66.19 20.20 -11.30
CA HIS A 2708 -66.19 19.15 -10.29
C HIS A 2708 -67.37 19.31 -9.36
N TYR A 2709 -68.32 18.38 -9.50
CA TYR A 2709 -69.51 18.32 -8.66
C TYR A 2709 -69.29 17.25 -7.61
N PHE A 2710 -70.00 17.37 -6.50
CA PHE A 2710 -69.84 16.54 -5.31
C PHE A 2710 -68.43 16.65 -4.71
N ALA A 2711 -67.66 17.68 -5.06
CA ALA A 2711 -66.26 17.74 -4.63
C ALA A 2711 -66.16 17.96 -3.12
N ASP A 2712 -66.97 18.85 -2.57
CA ASP A 2712 -67.05 19.01 -1.13
C ASP A 2712 -67.56 17.77 -0.43
N GLU A 2713 -68.31 16.92 -1.12
CA GLU A 2713 -68.81 15.70 -0.51
C GLU A 2713 -67.72 14.64 -0.41
N PHE A 2714 -67.01 14.39 -1.52
CA PHE A 2714 -65.86 13.51 -1.48
C PHE A 2714 -64.78 14.02 -0.53
N ASP A 2715 -64.61 15.35 -0.47
CA ASP A 2715 -63.66 15.92 0.48
C ASP A 2715 -64.04 15.58 1.91
N ASN A 2716 -65.33 15.60 2.24
CA ASN A 2716 -65.78 15.30 3.59
C ASN A 2716 -65.84 13.82 3.89
N LEU A 2717 -66.01 12.97 2.88
CA LEU A 2717 -65.71 11.56 3.07
C LEU A 2717 -64.25 11.34 3.40
N ILE A 2718 -63.36 12.09 2.74
CA ILE A 2718 -61.93 11.97 3.03
C ILE A 2718 -61.63 12.47 4.43
N ARG A 2719 -62.29 13.56 4.86
CA ARG A 2719 -62.07 14.08 6.21
C ARG A 2719 -62.40 13.05 7.28
N TYR A 2720 -63.35 12.15 7.00
CA TYR A 2720 -63.69 11.06 7.92
C TYR A 2720 -62.66 9.96 7.90
N THR A 2721 -62.08 9.67 6.73
CA THR A 2721 -61.18 8.55 6.54
C THR A 2721 -59.72 8.97 6.40
N PHE A 2722 -59.38 10.21 6.74
CA PHE A 2722 -58.01 10.69 6.64
C PHE A 2722 -57.23 10.04 7.80
N SER A 2723 -56.86 8.79 7.59
CA SER A 2723 -56.13 8.00 8.57
C SER A 2723 -55.00 7.29 7.83
N VAL A 2724 -53.95 6.95 8.58
CA VAL A 2724 -52.87 6.14 8.01
C VAL A 2724 -53.42 4.79 7.55
N ASP A 2725 -54.35 4.23 8.32
CA ASP A 2725 -55.08 3.07 7.87
C ASP A 2725 -56.10 3.48 6.81
N THR A 2726 -56.44 2.55 5.94
CA THR A 2726 -57.48 2.75 4.92
C THR A 2726 -57.07 3.85 3.94
N ALA A 2727 -55.77 3.94 3.69
CA ALA A 2727 -55.26 4.88 2.69
C ALA A 2727 -55.53 4.41 1.27
N GLU A 2728 -55.60 3.10 1.05
CA GLU A 2728 -56.15 2.55 -0.18
C GLU A 2728 -57.51 3.12 -0.51
N LEU A 2729 -58.37 3.33 0.48
CA LEU A 2729 -59.67 3.96 0.24
C LEU A 2729 -59.51 5.46 0.05
N ILE A 2730 -58.58 6.08 0.75
CA ILE A 2730 -58.22 7.46 0.45
C ILE A 2730 -57.69 7.56 -0.97
N LYS A 2731 -56.88 6.57 -1.37
CA LYS A 2731 -56.27 6.59 -2.69
C LYS A 2731 -57.29 6.36 -3.78
N GLU A 2732 -58.36 5.63 -3.48
CA GLU A 2732 -59.43 5.46 -4.45
C GLU A 2732 -60.20 6.75 -4.69
N LEU A 2733 -60.23 7.65 -3.70
CA LEU A 2733 -61.12 8.80 -3.68
C LEU A 2733 -60.40 10.13 -3.89
N ALA A 2734 -59.07 10.14 -3.93
CA ALA A 2734 -58.28 11.32 -4.28
C ALA A 2734 -58.72 12.03 -5.55
N PRO A 2735 -58.83 11.35 -6.71
CA PRO A 2735 -58.99 12.10 -7.97
C PRO A 2735 -60.28 12.88 -8.07
N ALA A 2736 -61.33 12.47 -7.38
CA ALA A 2736 -62.56 13.26 -7.30
C ALA A 2736 -62.42 14.47 -6.39
N SER A 2737 -61.42 14.48 -5.51
CA SER A 2737 -61.31 15.45 -4.44
C SER A 2737 -60.54 16.68 -4.90
N SER A 2738 -60.21 17.56 -3.95
CA SER A 2738 -59.36 18.73 -4.17
C SER A 2738 -58.14 18.62 -3.27
N LEU A 2739 -57.58 17.42 -3.21
CA LEU A 2739 -56.51 17.10 -2.27
C LEU A 2739 -55.15 17.27 -2.94
N ALA A 2740 -54.35 18.19 -2.41
CA ALA A 2740 -52.94 18.24 -2.81
C ALA A 2740 -52.25 16.94 -2.40
N THR A 2741 -51.68 16.25 -3.40
CA THR A 2741 -51.19 14.89 -3.19
C THR A 2741 -50.01 14.81 -2.23
N GLN A 2742 -49.31 15.92 -1.99
CA GLN A 2742 -48.21 15.94 -1.03
C GLN A 2742 -48.63 15.49 0.36
N LYS A 2743 -49.90 15.66 0.72
CA LYS A 2743 -50.44 15.13 1.97
C LYS A 2743 -50.72 13.64 1.88
N LEU A 2744 -51.29 13.18 0.77
CA LEU A 2744 -51.53 11.77 0.56
C LEU A 2744 -50.23 10.97 0.58
N THR A 2745 -49.13 11.58 0.14
CA THR A 2745 -47.82 10.96 0.21
C THR A 2745 -47.36 10.71 1.65
N LYS A 2746 -47.97 11.36 2.64
CA LYS A 2746 -47.61 11.20 4.04
C LYS A 2746 -48.45 10.15 4.74
N LEU A 2747 -49.21 9.32 4.01
CA LEU A 2747 -50.09 8.32 4.58
C LEU A 2747 -49.66 6.90 4.25
N ILE A 2748 -49.48 6.59 2.96
CA ILE A 2748 -48.93 5.29 2.61
C ILE A 2748 -47.47 5.23 3.05
N THR A 2749 -46.81 6.39 3.13
CA THR A 2749 -45.52 6.55 3.77
C THR A 2749 -45.71 7.48 4.96
N ASN A 2750 -45.93 6.89 6.14
CA ASN A 2750 -46.26 7.66 7.33
C ASN A 2750 -45.09 8.55 7.73
N LYS A 2751 -45.22 9.85 7.48
CA LYS A 2751 -44.27 10.86 7.93
C LYS A 2751 -44.96 11.87 8.84
N TYR A 2752 -46.10 11.49 9.41
CA TYR A 2752 -46.82 12.35 10.34
C TYR A 2752 -46.47 11.95 11.76
N ASN A 2753 -46.43 12.97 12.63
CA ASN A 2753 -46.20 12.77 14.06
C ASN A 2753 -47.40 13.22 14.89
N TYR A 2754 -48.57 13.37 14.30
CA TYR A 2754 -49.77 13.86 14.98
C TYR A 2754 -50.97 13.34 14.21
N PRO A 2755 -52.18 13.58 14.71
CA PRO A 2755 -53.36 13.21 13.95
C PRO A 2755 -53.39 13.91 12.60
N PRO A 2756 -53.51 13.18 11.49
CA PRO A 2756 -53.30 13.80 10.17
C PRO A 2756 -54.39 14.77 9.74
N ILE A 2757 -55.60 14.61 10.27
CA ILE A 2757 -56.78 15.34 9.79
C ILE A 2757 -56.54 16.85 9.82
N PHE A 2758 -55.72 17.31 10.76
CA PHE A 2758 -55.46 18.72 10.95
C PHE A 2758 -54.89 19.39 9.72
N ASP A 2759 -54.27 18.65 8.81
CA ASP A 2759 -53.72 19.29 7.62
C ASP A 2759 -54.78 19.64 6.58
N VAL A 2760 -56.06 19.29 6.83
CA VAL A 2760 -57.13 19.44 5.86
C VAL A 2760 -58.10 20.54 6.26
N LEU A 2761 -58.56 20.53 7.52
CA LEU A 2761 -59.81 21.18 7.86
C LEU A 2761 -59.72 22.69 7.78
N TRP A 2762 -58.55 23.27 8.06
CA TRP A 2762 -58.35 24.71 7.99
C TRP A 2762 -57.98 25.10 6.56
N THR A 2763 -58.65 26.10 6.03
CA THR A 2763 -58.50 26.47 4.63
C THR A 2763 -58.85 27.94 4.44
N GLU A 2764 -58.43 28.47 3.29
CA GLU A 2764 -58.82 29.80 2.85
C GLU A 2764 -59.05 29.81 1.35
N PHE A 2772 -65.77 23.99 8.81
CA PHE A 2772 -64.47 23.35 8.77
C PHE A 2772 -64.51 22.06 9.60
N THR A 2773 -64.32 22.16 10.92
CA THR A 2773 -64.25 20.99 11.77
C THR A 2773 -65.62 20.46 12.19
N SER A 2774 -66.70 21.01 11.65
CA SER A 2774 -68.03 20.62 12.10
C SER A 2774 -68.53 19.37 11.41
N THR A 2775 -68.20 19.19 10.14
CA THR A 2775 -68.73 18.11 9.32
C THR A 2775 -68.22 16.73 9.73
N ILE A 2776 -67.23 16.67 10.62
CA ILE A 2776 -66.78 15.41 11.20
C ILE A 2776 -67.45 15.19 12.56
N PHE A 2777 -68.40 16.05 12.94
CA PHE A 2777 -69.18 15.85 14.15
C PHE A 2777 -70.64 16.21 13.91
N SER A 2778 -71.12 15.97 12.70
CA SER A 2778 -72.50 16.30 12.35
C SER A 2778 -72.84 15.60 11.04
N SER A 2779 -74.06 15.84 10.56
CA SER A 2779 -74.59 15.23 9.35
C SER A 2779 -74.71 16.24 8.21
N GLN A 2780 -73.89 17.29 8.22
CA GLN A 2780 -73.96 18.31 7.18
C GLN A 2780 -73.62 17.74 5.81
N PHE A 2781 -72.79 16.70 5.76
CA PHE A 2781 -72.52 16.03 4.50
C PHE A 2781 -73.78 15.38 3.95
N LEU A 2782 -74.46 14.59 4.78
CA LEU A 2782 -75.59 13.81 4.31
C LEU A 2782 -76.77 14.68 3.91
N GLU A 2783 -76.85 15.92 4.41
CA GLU A 2783 -77.85 16.86 3.92
C GLU A 2783 -77.47 17.46 2.58
N ASP A 2784 -76.19 17.81 2.39
CA ASP A 2784 -75.74 18.44 1.16
C ASP A 2784 -75.87 17.53 -0.05
N VAL A 2785 -75.83 16.22 0.17
CA VAL A 2785 -76.17 15.27 -0.88
C VAL A 2785 -77.58 15.53 -1.41
N VAL A 2786 -78.56 15.57 -0.51
CA VAL A 2786 -79.95 15.65 -0.93
C VAL A 2786 -80.24 16.97 -1.64
N ARG A 2787 -79.61 18.05 -1.19
CA ARG A 2787 -79.69 19.31 -1.91
C ARG A 2787 -79.14 19.17 -3.33
N LYS A 2788 -77.90 18.71 -3.45
CA LYS A 2788 -77.28 18.51 -4.75
C LYS A 2788 -77.91 17.36 -5.52
N SER A 2789 -78.58 16.43 -4.84
CA SER A 2789 -79.32 15.38 -5.53
C SER A 2789 -80.57 15.92 -6.20
N ASN A 2790 -81.30 16.82 -5.55
CA ASN A 2790 -82.47 17.42 -6.18
C ASN A 2790 -82.08 18.42 -7.25
N ASN A 2791 -81.07 19.26 -7.00
CA ASN A 2791 -80.54 20.17 -8.00
C ASN A 2791 -79.58 19.50 -8.98
N LEU A 2792 -79.49 18.17 -8.96
CA LEU A 2792 -78.87 17.41 -10.03
C LEU A 2792 -79.38 17.81 -11.40
N LYS A 2793 -80.68 18.04 -11.53
CA LYS A 2793 -81.30 18.44 -12.78
C LYS A 2793 -81.23 19.96 -12.92
N SER A 2794 -81.93 20.47 -13.94
CA SER A 2794 -81.86 21.87 -14.33
C SER A 2794 -80.42 22.23 -14.73
N PHE A 2795 -79.71 21.26 -15.31
CA PHE A 2795 -78.31 21.39 -15.66
C PHE A 2795 -78.08 21.04 -17.12
N SER A 2796 -76.94 21.48 -17.64
CA SER A 2796 -76.61 21.25 -19.05
C SER A 2796 -76.26 19.78 -19.28
N GLY A 2797 -76.70 19.28 -20.44
CA GLY A 2797 -76.42 17.90 -20.82
C GLY A 2797 -74.94 17.55 -20.82
N ASN A 2798 -74.09 18.55 -21.08
CA ASN A 2798 -72.64 18.36 -20.97
C ASN A 2798 -72.27 17.82 -19.60
N GLN A 2799 -72.97 18.28 -18.56
CA GLN A 2799 -72.72 17.90 -17.18
C GLN A 2799 -73.56 16.71 -16.75
N ILE A 2800 -74.02 15.88 -17.70
CA ILE A 2800 -74.92 14.78 -17.40
C ILE A 2800 -74.30 13.42 -17.66
N LYS A 2801 -73.40 13.29 -18.62
CA LYS A 2801 -72.59 12.08 -18.77
C LYS A 2801 -71.33 12.13 -17.93
N GLN A 2802 -71.21 13.09 -17.01
CA GLN A 2802 -70.08 13.21 -16.10
C GLN A 2802 -70.51 13.36 -14.66
N SER A 2803 -71.65 13.97 -14.37
CA SER A 2803 -72.21 14.01 -13.03
C SER A 2803 -72.74 12.65 -12.56
N ILE A 2804 -73.45 11.92 -13.43
CA ILE A 2804 -73.99 10.62 -13.06
C ILE A 2804 -72.90 9.64 -12.66
N SER A 2805 -71.77 9.62 -13.37
CA SER A 2805 -70.68 8.71 -13.08
C SER A 2805 -70.05 8.99 -11.73
N ASP A 2806 -70.17 10.22 -11.22
CA ASP A 2806 -69.78 10.54 -9.86
C ASP A 2806 -70.70 9.91 -8.84
N ALA A 2807 -72.00 9.92 -9.10
CA ALA A 2807 -72.96 9.39 -8.15
C ALA A 2807 -72.89 7.88 -8.03
N GLU A 2808 -72.71 7.17 -9.15
CA GLU A 2808 -72.49 5.73 -9.09
C GLU A 2808 -71.22 5.41 -8.31
N LEU A 2809 -70.15 6.14 -8.63
CA LEU A 2809 -68.93 6.05 -7.85
C LEU A 2809 -69.14 6.46 -6.41
N LEU A 2810 -70.02 7.42 -6.17
CA LEU A 2810 -70.29 7.85 -4.80
C LEU A 2810 -70.98 6.76 -3.99
N LEU A 2811 -71.94 6.05 -4.60
CA LEU A 2811 -72.51 4.88 -3.95
C LEU A 2811 -71.45 3.84 -3.67
N SER A 2812 -70.61 3.54 -4.65
CA SER A 2812 -69.50 2.62 -4.46
C SER A 2812 -68.59 3.02 -3.31
N SER A 2813 -68.41 4.32 -3.08
CA SER A 2813 -67.57 4.85 -2.02
C SER A 2813 -68.21 4.80 -0.65
N THR A 2814 -69.37 5.44 -0.48
CA THR A 2814 -69.94 5.61 0.85
C THR A 2814 -70.32 4.29 1.51
N ILE A 2815 -70.60 3.25 0.73
CA ILE A 2815 -70.85 1.94 1.32
C ILE A 2815 -69.58 1.41 1.95
N LYS A 2816 -68.47 1.48 1.22
CA LYS A 2816 -67.18 1.00 1.71
C LYS A 2816 -66.67 1.83 2.88
N CYS A 2817 -67.03 3.11 2.96
CA CYS A 2817 -66.60 3.99 4.04
C CYS A 2817 -67.64 4.10 5.15
N SER A 2818 -68.68 3.28 5.12
CA SER A 2818 -69.76 3.36 6.11
C SER A 2818 -69.32 3.11 7.54
N PRO A 2819 -68.57 2.05 7.86
CA PRO A 2819 -68.23 1.81 9.26
C PRO A 2819 -67.33 2.87 9.85
N ASN A 2820 -66.59 3.62 9.03
CA ASN A 2820 -65.85 4.78 9.51
C ASN A 2820 -66.77 5.89 9.98
N LEU A 2821 -68.00 5.95 9.47
CA LEU A 2821 -68.92 7.02 9.82
C LEU A 2821 -69.54 6.82 11.19
N LEU A 2822 -70.00 5.61 11.48
CA LEU A 2822 -70.85 5.36 12.62
C LEU A 2822 -70.09 5.31 13.94
N LYS A 2823 -68.78 5.40 13.92
CA LYS A 2823 -68.02 5.48 15.16
C LYS A 2823 -68.42 6.71 15.95
N SER A 2824 -68.37 6.59 17.27
CA SER A 2824 -68.57 7.74 18.14
C SER A 2824 -67.34 8.61 17.97
N GLN A 2825 -67.46 9.62 17.14
CA GLN A 2825 -66.33 10.48 16.82
C GLN A 2825 -65.87 11.29 18.02
N MET A 2826 -66.74 11.55 18.99
CA MET A 2826 -66.36 12.11 20.27
C MET A 2826 -65.63 11.12 21.16
N GLU A 2827 -65.70 9.82 20.85
CA GLU A 2827 -64.99 8.78 21.58
C GLU A 2827 -63.65 8.46 20.93
N TYR A 2828 -63.54 8.63 19.62
CA TYR A 2828 -62.33 8.34 18.88
C TYR A 2828 -61.24 9.38 19.11
N TYR A 2829 -61.59 10.67 19.01
CA TYR A 2829 -60.61 11.71 19.27
C TYR A 2829 -60.22 11.78 20.73
N LYS A 2830 -61.16 11.48 21.64
CA LYS A 2830 -60.82 11.21 23.03
C LYS A 2830 -59.73 10.15 23.14
N ASN A 2831 -60.00 8.96 22.59
CA ASN A 2831 -59.07 7.84 22.73
C ASN A 2831 -57.76 8.15 22.01
N MET A 2832 -57.82 8.82 20.87
CA MET A 2832 -56.63 9.23 20.16
C MET A 2832 -55.80 10.23 20.96
N LEU A 2833 -56.45 11.18 21.63
CA LEU A 2833 -55.75 12.07 22.54
C LEU A 2833 -55.03 11.29 23.62
N LEU A 2834 -55.72 10.32 24.23
CA LEU A 2834 -55.08 9.53 25.26
C LEU A 2834 -53.88 8.75 24.72
N SER A 2835 -53.99 8.18 23.54
CA SER A 2835 -52.92 7.38 22.97
C SER A 2835 -51.70 8.21 22.59
N TRP A 2836 -51.88 9.52 22.39
CA TRP A 2836 -50.77 10.43 22.20
C TRP A 2836 -50.25 10.99 23.52
N LEU A 2837 -51.13 11.18 24.51
CA LEU A 2837 -50.78 11.81 25.76
C LEU A 2837 -50.16 10.85 26.75
N ARG A 2838 -50.63 9.61 26.78
CA ARG A 2838 -49.99 8.55 27.53
C ARG A 2838 -48.53 8.35 27.14
N LYS A 2839 -48.18 8.64 25.89
CA LYS A 2839 -46.82 8.47 25.40
C LYS A 2839 -45.87 9.55 25.88
N VAL A 2840 -46.32 10.81 25.87
CA VAL A 2840 -45.47 11.94 26.27
C VAL A 2840 -44.96 11.74 27.68
N ILE A 2841 -45.86 11.39 28.60
CA ILE A 2841 -45.47 11.23 29.99
C ILE A 2841 -44.55 10.04 30.18
N ASP A 2842 -44.72 8.98 29.39
CA ASP A 2842 -43.78 7.87 29.44
C ASP A 2842 -42.39 8.30 29.03
N ILE A 2843 -42.29 9.14 28.02
CA ILE A 2843 -40.98 9.66 27.63
C ILE A 2843 -40.41 10.57 28.70
N HIS A 2844 -41.21 11.50 29.21
CA HIS A 2844 -40.73 12.44 30.22
C HIS A 2844 -40.46 11.71 31.53
N VAL A 2845 -41.26 10.70 31.84
CA VAL A 2845 -41.11 9.90 33.04
C VAL A 2845 -41.35 8.45 32.64
N GLY A 2846 -40.27 7.68 32.50
CA GLY A 2846 -40.30 6.27 32.14
C GLY A 2846 -41.32 5.42 32.86
N GLY A 2847 -42.06 4.62 32.09
CA GLY A 2847 -43.09 3.74 32.58
C GLY A 2847 -44.32 3.79 31.68
N ASP A 2848 -45.49 3.71 32.30
CA ASP A 2848 -46.75 3.74 31.57
C ASP A 2848 -47.88 4.11 32.52
N CYS A 2849 -48.68 5.11 32.15
CA CYS A 2849 -49.93 5.39 32.87
C CYS A 2849 -51.09 4.70 32.16
N LEU A 2850 -50.87 3.43 31.85
CA LEU A 2850 -51.93 2.44 31.77
C LEU A 2850 -51.60 1.29 32.71
N LYS A 2851 -50.67 1.53 33.64
CA LYS A 2851 -50.09 0.53 34.52
C LYS A 2851 -49.93 1.04 35.96
N LEU A 2852 -50.06 2.35 36.16
CA LEU A 2852 -49.61 3.05 37.35
C LEU A 2852 -50.59 4.16 37.66
N THR A 2853 -50.55 4.65 38.90
CA THR A 2853 -51.47 5.68 39.34
C THR A 2853 -50.84 7.06 39.22
N LEU A 2854 -51.70 8.07 39.17
CA LEU A 2854 -51.29 9.45 38.95
C LEU A 2854 -50.34 9.98 40.03
N LYS A 2855 -50.57 9.61 41.28
CA LYS A 2855 -49.74 10.12 42.37
C LYS A 2855 -48.40 9.43 42.48
N GLU A 2856 -48.32 8.14 42.09
CA GLU A 2856 -47.02 7.50 41.92
C GLU A 2856 -46.19 8.24 40.90
N LEU A 2857 -46.83 8.71 39.84
CA LEU A 2857 -46.13 9.36 38.73
C LEU A 2857 -45.75 10.79 39.07
N CYS A 2858 -46.58 11.51 39.83
CA CYS A 2858 -46.26 12.88 40.17
C CYS A 2858 -45.01 12.98 41.03
N SER A 2859 -44.87 12.08 42.01
CA SER A 2859 -43.65 12.02 42.80
C SER A 2859 -42.46 11.63 41.95
N LEU A 2860 -42.66 10.80 40.93
CA LEU A 2860 -41.58 10.25 40.13
C LEU A 2860 -40.92 11.27 39.22
N ILE A 2861 -41.57 12.42 38.99
CA ILE A 2861 -41.01 13.42 38.10
C ILE A 2861 -39.74 14.01 38.71
N GLU A 2862 -39.77 14.29 40.01
CA GLU A 2862 -38.61 14.83 40.70
C GLU A 2862 -37.41 13.91 40.61
N GLU A 2863 -37.66 12.59 40.61
CA GLU A 2863 -36.61 11.61 40.42
C GLU A 2863 -36.02 11.65 39.01
N LYS A 2864 -36.78 12.19 38.05
CA LYS A 2864 -36.35 12.27 36.65
C LYS A 2864 -36.04 13.68 36.18
N THR A 2865 -36.67 14.70 36.76
CA THR A 2865 -36.80 16.00 36.09
C THR A 2865 -36.71 17.13 37.11
N ALA A 2866 -36.47 18.36 36.61
CA ALA A 2866 -36.41 19.55 37.44
C ALA A 2866 -37.79 19.90 38.00
N SER A 2867 -37.83 21.00 38.74
CA SER A 2867 -39.04 21.41 39.43
C SER A 2867 -39.91 22.35 38.61
N GLU A 2868 -39.33 23.37 38.00
CA GLU A 2868 -40.07 24.42 37.31
C GLU A 2868 -40.94 23.88 36.18
N THR A 2869 -40.51 22.78 35.54
CA THR A 2869 -41.27 22.20 34.45
C THR A 2869 -42.29 21.19 34.94
N ARG A 2870 -41.98 20.50 36.04
CA ARG A 2870 -42.93 19.63 36.69
C ARG A 2870 -44.19 20.38 37.11
N VAL A 2871 -44.04 21.67 37.42
CA VAL A 2871 -45.19 22.55 37.64
C VAL A 2871 -46.14 22.46 36.46
N THR A 2872 -45.65 22.82 35.26
CA THR A 2872 -46.42 22.69 34.03
C THR A 2872 -46.89 21.26 33.81
N PHE A 2873 -46.07 20.28 34.20
CA PHE A 2873 -46.43 18.89 34.01
C PHE A 2873 -47.62 18.48 34.88
N ALA A 2874 -47.94 19.25 35.92
CA ALA A 2874 -49.16 19.06 36.70
C ALA A 2874 -50.09 20.28 36.66
N GLU A 2875 -49.61 21.44 36.22
CA GLU A 2875 -50.42 22.63 36.16
C GLU A 2875 -51.30 22.70 34.92
N TYR A 2876 -50.96 21.99 33.83
CA TYR A 2876 -51.73 22.03 32.60
C TYR A 2876 -51.92 20.66 31.96
N ILE A 2877 -51.30 19.59 32.48
CA ILE A 2877 -51.09 18.35 31.74
C ILE A 2877 -51.81 17.18 32.41
N PHE A 2878 -51.47 16.88 33.65
CA PHE A 2878 -52.22 15.88 34.39
C PHE A 2878 -53.70 16.21 34.50
N PRO A 2879 -54.12 17.45 34.85
CA PRO A 2879 -55.55 17.72 34.87
C PRO A 2879 -56.18 17.67 33.49
N ALA A 2880 -55.42 17.96 32.44
CA ALA A 2880 -55.91 17.75 31.09
C ALA A 2880 -56.25 16.29 30.82
N LEU A 2881 -55.46 15.36 31.37
CA LEU A 2881 -55.83 13.95 31.35
C LEU A 2881 -56.98 13.65 32.28
N ASP A 2882 -57.04 14.32 33.43
CA ASP A 2882 -58.13 14.11 34.36
C ASP A 2882 -59.47 14.47 33.72
N LEU A 2883 -59.46 15.43 32.81
CA LEU A 2883 -60.63 15.75 32.02
C LEU A 2883 -60.85 14.77 30.88
N ALA A 2884 -59.78 14.26 30.28
CA ALA A 2884 -59.91 13.29 29.20
C ALA A 2884 -60.51 11.98 29.66
N GLU A 2885 -60.15 11.52 30.85
CA GLU A 2885 -60.77 10.35 31.44
C GLU A 2885 -62.27 10.54 31.60
N SER A 2886 -62.69 11.75 31.94
CA SER A 2886 -64.07 12.07 32.28
C SER A 2886 -64.76 12.85 31.17
N SER A 2887 -64.43 12.56 29.92
CA SER A 2887 -64.87 13.35 28.78
C SER A 2887 -66.03 12.67 28.08
N LYS A 2888 -67.24 13.04 28.47
CA LYS A 2888 -68.48 12.62 27.81
C LYS A 2888 -68.97 13.71 26.86
N SER A 2889 -69.00 14.95 27.32
CA SER A 2889 -69.36 16.08 26.49
C SER A 2889 -68.22 16.44 25.56
N LEU A 2890 -68.40 17.51 24.80
CA LEU A 2890 -67.40 18.02 23.87
C LEU A 2890 -66.66 19.22 24.42
N GLU A 2891 -67.30 20.02 25.26
CA GLU A 2891 -66.57 21.00 26.05
C GLU A 2891 -65.52 20.34 26.90
N GLU A 2892 -65.80 19.13 27.38
CA GLU A 2892 -64.84 18.32 28.09
C GLU A 2892 -63.64 17.96 27.23
N LEU A 2893 -63.85 17.68 25.95
CA LEU A 2893 -62.75 17.46 25.03
C LEU A 2893 -62.00 18.74 24.73
N GLY A 2894 -62.72 19.83 24.48
CA GLY A 2894 -62.08 21.09 24.17
C GLY A 2894 -61.24 21.65 25.29
N GLU A 2895 -61.72 21.58 26.52
CA GLU A 2895 -60.94 22.01 27.68
C GLU A 2895 -59.66 21.17 27.85
N ALA A 2896 -59.81 19.85 27.84
CA ALA A 2896 -58.66 18.96 27.95
C ALA A 2896 -57.66 19.18 26.84
N TRP A 2897 -58.15 19.43 25.63
CA TRP A 2897 -57.35 19.54 24.44
C TRP A 2897 -56.70 20.90 24.26
N ILE A 2898 -57.41 21.97 24.60
CA ILE A 2898 -56.80 23.29 24.59
C ILE A 2898 -55.70 23.35 25.64
N THR A 2899 -55.91 22.72 26.80
CA THR A 2899 -54.83 22.68 27.79
C THR A 2899 -53.69 21.78 27.32
N PHE A 2900 -54.01 20.67 26.66
CA PHE A 2900 -52.98 19.82 26.07
C PHE A 2900 -52.14 20.58 25.07
N GLY A 2901 -52.76 21.52 24.36
CA GLY A 2901 -52.02 22.35 23.44
C GLY A 2901 -51.16 23.34 24.18
N THR A 2902 -51.73 24.02 25.18
CA THR A 2902 -51.00 25.02 25.94
C THR A 2902 -49.79 24.44 26.66
N GLY A 2903 -49.83 23.17 27.02
CA GLY A 2903 -48.74 22.57 27.74
C GLY A 2903 -47.47 22.48 26.93
N LEU A 2904 -47.55 21.81 25.79
CA LEU A 2904 -46.37 21.44 25.02
C LEU A 2904 -45.75 22.61 24.27
N LEU A 2905 -46.31 23.81 24.38
CA LEU A 2905 -45.61 25.03 24.00
C LEU A 2905 -44.75 25.57 25.14
N LEU A 2906 -44.64 24.86 26.25
CA LEU A 2906 -43.86 25.26 27.41
C LEU A 2906 -42.83 24.21 27.80
N LEU A 2907 -42.62 23.20 26.95
CA LEU A 2907 -41.53 22.26 27.08
C LEU A 2907 -40.71 22.16 25.79
N PHE A 2908 -41.25 22.71 24.69
CA PHE A 2908 -40.60 22.70 23.40
C PHE A 2908 -40.04 24.07 23.01
N VAL A 2909 -40.41 25.11 23.77
CA VAL A 2909 -40.24 26.49 23.36
C VAL A 2909 -39.40 27.22 24.40
N PRO A 2910 -38.17 27.67 24.10
CA PRO A 2910 -37.36 28.29 25.15
C PRO A 2910 -37.60 29.79 25.27
N ASP A 2911 -37.04 30.38 26.32
CA ASP A 2911 -37.07 31.83 26.50
C ASP A 2911 -35.95 32.52 25.72
N SER A 2912 -34.81 31.83 25.56
CA SER A 2912 -33.66 32.26 24.77
C SER A 2912 -33.40 31.27 23.64
N PRO A 2913 -32.68 31.63 22.55
CA PRO A 2913 -32.54 30.70 21.42
C PRO A 2913 -31.83 29.40 21.74
N TYR A 2914 -32.37 28.29 21.23
CA TYR A 2914 -31.80 26.96 21.47
C TYR A 2914 -32.29 25.94 20.45
N ASP A 2915 -31.38 25.41 19.65
CA ASP A 2915 -31.68 24.43 18.61
C ASP A 2915 -30.89 23.15 18.88
N PRO A 2916 -31.52 21.98 19.08
CA PRO A 2916 -30.71 20.78 19.37
C PRO A 2916 -29.96 20.24 18.17
N ALA A 2917 -30.35 20.58 16.95
CA ALA A 2917 -29.60 20.16 15.78
C ALA A 2917 -28.23 20.83 15.70
N ILE A 2918 -28.13 22.07 16.20
CA ILE A 2918 -26.85 22.79 16.16
C ILE A 2918 -25.85 22.18 17.12
N HIS A 2919 -26.32 21.58 18.21
CA HIS A 2919 -25.43 20.89 19.15
C HIS A 2919 -24.57 19.85 18.46
N ASP A 2920 -25.14 19.12 17.49
CA ASP A 2920 -24.36 18.19 16.69
C ASP A 2920 -23.48 18.88 15.65
N TYR A 2921 -23.92 20.00 15.09
CA TYR A 2921 -23.18 20.69 14.05
C TYR A 2921 -22.03 21.53 14.60
N VAL A 2922 -21.94 21.68 15.92
CA VAL A 2922 -20.82 22.34 16.56
C VAL A 2922 -19.71 21.35 16.91
N LEU A 2923 -20.08 20.20 17.49
CA LEU A 2923 -19.11 19.19 17.91
C LEU A 2923 -18.23 18.71 16.76
N TYR A 2924 -18.77 18.66 15.54
CA TYR A 2924 -17.98 18.30 14.38
C TYR A 2924 -16.87 19.30 14.11
N ASP A 2925 -17.17 20.59 14.23
CA ASP A 2925 -16.17 21.63 14.02
C ASP A 2925 -15.03 21.53 15.02
N LEU A 2926 -15.34 21.24 16.28
CA LEU A 2926 -14.30 21.15 17.30
C LEU A 2926 -13.40 19.94 17.04
N PHE A 2927 -14.01 18.81 16.69
CA PHE A 2927 -13.27 17.62 16.29
C PHE A 2927 -12.35 17.92 15.10
N LEU A 2928 -12.85 18.65 14.11
CA LEU A 2928 -12.01 19.04 12.98
C LEU A 2928 -10.87 19.96 13.39
N LYS A 2929 -11.13 20.91 14.28
CA LYS A 2929 -10.09 21.87 14.61
C LYS A 2929 -9.01 21.25 15.47
N THR A 2930 -9.38 20.40 16.43
CA THR A 2930 -8.36 19.69 17.19
C THR A 2930 -7.62 18.68 16.35
N LYS A 2931 -8.27 18.11 15.32
CA LYS A 2931 -7.53 17.36 14.31
C LYS A 2931 -6.51 18.22 13.59
N THR A 2932 -6.90 19.45 13.24
CA THR A 2932 -6.03 20.33 12.49
C THR A 2932 -4.80 20.73 13.31
N PHE A 2933 -5.04 21.19 14.54
CA PHE A 2933 -3.95 21.56 15.42
C PHE A 2933 -3.03 20.38 15.71
N SER A 2934 -3.59 19.18 15.86
CA SER A 2934 -2.76 18.00 16.10
C SER A 2934 -1.92 17.66 14.88
N GLN A 2935 -2.48 17.80 13.68
CA GLN A 2935 -1.70 17.62 12.47
C GLN A 2935 -0.56 18.62 12.38
N ASN A 2936 -0.86 19.89 12.68
CA ASN A 2936 0.16 20.92 12.63
C ASN A 2936 1.27 20.63 13.62
N LEU A 2937 0.90 20.22 14.84
CA LEU A 2937 1.89 19.83 15.83
C LEU A 2937 2.69 18.62 15.39
N MET A 2938 2.04 17.66 14.74
CA MET A 2938 2.72 16.47 14.25
C MET A 2938 3.82 16.84 13.25
N LYS A 2939 3.47 17.60 12.22
CA LYS A 2939 4.45 17.85 11.17
C LYS A 2939 5.44 18.93 11.56
N SER A 2940 5.05 19.89 12.39
CA SER A 2940 6.00 20.89 12.85
C SER A 2940 7.06 20.30 13.75
N TRP A 2941 6.76 19.20 14.44
CA TRP A 2941 7.75 18.43 15.16
C TRP A 2941 8.48 17.44 14.27
N ARG A 2942 7.82 16.92 13.24
CA ARG A 2942 8.43 15.93 12.38
C ARG A 2942 9.65 16.47 11.65
N ASN A 2943 9.60 17.72 11.18
CA ASN A 2943 10.79 18.27 10.54
C ASN A 2943 11.92 18.51 11.53
N VAL A 2944 11.61 18.73 12.81
CA VAL A 2944 12.64 18.85 13.82
C VAL A 2944 13.17 17.47 14.20
N ARG A 2945 12.39 16.42 13.98
CA ARG A 2945 12.95 15.08 14.00
C ARG A 2945 14.02 14.93 12.94
N LYS A 2946 13.89 15.62 11.82
CA LYS A 2946 14.75 15.46 10.66
C LYS A 2946 15.99 16.35 10.69
N VAL A 2947 16.26 17.04 11.80
CA VAL A 2947 17.39 17.97 11.90
C VAL A 2947 18.30 17.56 13.03
N ILE A 2948 17.81 17.65 14.26
CA ILE A 2948 18.59 17.35 15.45
C ILE A 2948 18.61 15.84 15.74
N SER A 2949 17.81 15.06 15.02
CA SER A 2949 17.85 13.60 15.11
C SER A 2949 17.62 13.03 13.72
N GLY A 2950 17.42 11.72 13.66
CA GLY A 2950 17.26 11.04 12.38
C GLY A 2950 15.81 10.86 11.96
N ASP A 2951 15.56 9.84 11.15
CA ASP A 2951 14.22 9.55 10.66
C ASP A 2951 13.36 8.80 11.66
N GLU A 2952 13.97 8.04 12.56
CA GLU A 2952 13.25 7.31 13.60
C GLU A 2952 12.69 8.29 14.63
N GLU A 2953 11.49 7.99 15.11
CA GLU A 2953 10.71 8.96 15.89
C GLU A 2953 11.42 9.35 17.18
N ILE A 2954 11.47 10.67 17.42
CA ILE A 2954 11.99 11.17 18.68
C ILE A 2954 11.05 10.80 19.82
N PHE A 2955 11.54 10.98 21.05
CA PHE A 2955 10.75 10.75 22.25
C PHE A 2955 9.46 11.56 22.27
N THR A 2956 9.47 12.75 21.68
CA THR A 2956 8.37 13.70 21.83
C THR A 2956 7.24 13.48 20.83
N GLU A 2957 7.54 12.92 19.66
CA GLU A 2957 6.49 12.58 18.70
C GLU A 2957 5.55 11.52 19.25
N LYS A 2958 6.01 10.73 20.22
CA LYS A 2958 5.17 9.72 20.85
C LYS A 2958 4.11 10.34 21.74
N LEU A 2959 4.47 11.38 22.49
CA LEU A 2959 3.60 11.88 23.55
C LEU A 2959 2.44 12.71 23.02
N ILE A 2960 2.63 13.41 21.91
CA ILE A 2960 1.57 14.19 21.29
C ILE A 2960 0.45 13.23 20.93
N ASN A 2961 -0.78 13.61 21.24
CA ASN A 2961 -1.91 12.75 20.97
C ASN A 2961 -2.16 12.68 19.47
N THR A 2962 -3.00 11.73 19.09
CA THR A 2962 -3.45 11.60 17.71
C THR A 2962 -4.92 11.24 17.76
N ILE A 2963 -5.76 12.17 17.33
CA ILE A 2963 -7.21 11.97 17.38
C ILE A 2963 -7.59 10.96 16.31
N SER A 2964 -8.30 9.90 16.73
CA SER A 2964 -8.83 8.94 15.79
C SER A 2964 -9.83 9.65 14.89
N ASP A 2965 -9.68 9.51 13.58
CA ASP A 2965 -10.51 10.25 12.62
C ASP A 2965 -11.83 9.51 12.40
N ASP A 2966 -12.56 9.25 13.48
CA ASP A 2966 -13.86 8.58 13.42
C ASP A 2966 -14.85 9.13 14.43
N ASP A 2967 -14.49 10.17 15.19
CA ASP A 2967 -15.26 10.61 16.34
C ASP A 2967 -16.21 11.76 16.01
N ALA A 2968 -16.64 11.89 14.76
CA ALA A 2968 -17.59 12.92 14.42
C ALA A 2968 -18.94 12.60 15.05
N PRO A 2969 -19.85 13.58 15.22
CA PRO A 2969 -21.14 13.31 15.84
C PRO A 2969 -22.23 12.83 14.89
N GLN A 2970 -21.98 12.83 13.58
CA GLN A 2970 -22.98 12.47 12.57
C GLN A 2970 -24.18 13.41 12.65
N SER A 2971 -23.91 14.70 12.78
CA SER A 2971 -24.91 15.75 12.69
C SER A 2971 -25.76 15.67 11.41
N PRO A 2972 -25.23 15.19 10.24
CA PRO A 2972 -26.14 15.20 9.05
C PRO A 2972 -27.11 14.02 8.97
N ARG A 2973 -27.72 13.66 10.12
CA ARG A 2973 -29.05 13.08 10.11
C ARG A 2973 -30.13 14.14 9.98
N VAL A 2974 -29.85 15.36 10.46
CA VAL A 2974 -30.63 16.55 10.16
C VAL A 2974 -29.72 17.45 9.33
N TYR A 2975 -30.28 18.05 8.28
CA TYR A 2975 -29.49 18.89 7.38
C TYR A 2975 -29.66 20.34 7.80
N ARG A 2976 -28.63 20.87 8.47
CA ARG A 2976 -28.52 22.29 8.77
C ARG A 2976 -27.13 22.75 8.37
N THR A 2977 -26.90 24.05 8.51
CA THR A 2977 -25.69 24.72 8.05
C THR A 2977 -25.22 25.70 9.11
N GLY A 2978 -24.30 26.59 8.72
CA GLY A 2978 -23.91 27.70 9.56
C GLY A 2978 -24.85 28.90 9.48
N MET A 2979 -26.05 28.71 8.92
CA MET A 2979 -27.05 29.76 8.85
C MET A 2979 -27.38 30.30 10.23
N SER A 2980 -27.63 31.60 10.29
CA SER A 2980 -28.09 32.25 11.52
C SER A 2980 -29.54 31.87 11.76
N ILE A 2981 -29.77 30.82 12.55
CA ILE A 2981 -31.11 30.35 12.85
C ILE A 2981 -31.80 31.17 13.94
N ASP A 2982 -31.17 32.25 14.43
CA ASP A 2982 -31.78 33.08 15.44
C ASP A 2982 -33.10 33.69 14.99
N SER A 2983 -33.19 34.08 13.71
CA SER A 2983 -34.42 34.65 13.15
C SER A 2983 -35.62 33.74 13.33
N LEU A 2984 -35.41 32.42 13.26
CA LEU A 2984 -36.51 31.48 13.47
C LEU A 2984 -37.14 31.66 14.85
N PHE A 2985 -36.35 31.46 15.90
CA PHE A 2985 -36.87 31.58 17.24
C PHE A 2985 -37.32 33.00 17.56
N ASP A 2986 -36.69 34.01 16.94
CA ASP A 2986 -37.19 35.38 17.07
C ASP A 2986 -38.60 35.51 16.51
N GLU A 2987 -38.89 34.82 15.41
CA GLU A 2987 -40.26 34.77 14.92
C GLU A 2987 -41.15 34.01 15.88
N TRP A 2988 -40.63 32.95 16.48
CA TRP A 2988 -41.45 32.09 17.31
C TRP A 2988 -41.93 32.83 18.55
N MET A 2989 -41.01 33.33 19.38
CA MET A 2989 -41.39 34.12 20.53
C MET A 2989 -42.19 35.36 20.17
N ALA A 2990 -41.94 35.95 19.01
CA ALA A 2990 -42.74 37.07 18.55
C ALA A 2990 -44.20 36.68 18.35
N PHE A 2991 -44.45 35.45 17.92
CA PHE A 2991 -45.81 34.96 17.71
C PHE A 2991 -46.50 34.61 19.01
N LEU A 2992 -45.81 33.90 19.90
CA LEU A 2992 -46.40 33.52 21.17
C LEU A 2992 -46.68 34.72 22.05
N SER A 2993 -45.76 35.69 22.08
CA SER A 2993 -45.94 36.93 22.83
C SER A 2993 -47.14 37.72 22.35
N SER A 2994 -47.50 37.60 21.08
CA SER A 2994 -48.55 38.43 20.51
C SER A 2994 -49.94 37.91 20.83
N THR A 2995 -50.20 36.63 20.52
CA THR A 2995 -51.57 36.14 20.36
C THR A 2995 -51.85 34.79 21.03
N MET A 2996 -50.84 34.13 21.58
CA MET A 2996 -50.97 32.79 22.14
C MET A 2996 -50.56 32.72 23.60
N SER A 2997 -50.54 33.84 24.31
CA SER A 2997 -50.32 33.79 25.75
C SER A 2997 -51.54 33.17 26.43
N SER A 2998 -51.26 32.35 27.44
CA SER A 2998 -52.31 31.79 28.30
C SER A 2998 -53.23 32.86 28.85
N ARG A 2999 -52.67 34.01 29.22
CA ARG A 2999 -53.43 35.19 29.62
C ARG A 2999 -54.52 35.55 28.64
N GLN A 3000 -54.22 35.60 27.34
CA GLN A 3000 -55.24 35.86 26.34
C GLN A 3000 -56.14 34.67 26.08
N ILE A 3001 -55.65 33.46 26.30
CA ILE A 3001 -56.39 32.26 25.93
C ILE A 3001 -57.50 31.98 26.93
N LYS A 3002 -57.23 32.19 28.21
CA LYS A 3002 -58.26 31.93 29.21
C LYS A 3002 -59.39 32.93 29.15
N GLU A 3003 -59.15 34.12 28.59
CA GLU A 3003 -60.25 35.00 28.21
C GLU A 3003 -61.20 34.27 27.27
N LEU A 3004 -60.65 33.53 26.31
CA LEU A 3004 -61.48 32.84 25.33
C LEU A 3004 -62.19 31.66 25.97
N VAL A 3005 -61.47 30.92 26.80
CA VAL A 3005 -62.06 29.78 27.50
C VAL A 3005 -63.22 30.24 28.38
N SER A 3006 -63.04 31.36 29.07
CA SER A 3006 -64.11 31.93 29.87
C SER A 3006 -65.27 32.44 29.04
N SER A 3007 -64.99 33.11 27.91
CA SER A 3007 -66.02 33.63 27.03
C SER A 3007 -66.89 32.53 26.47
N TYR A 3008 -66.31 31.40 26.10
CA TYR A 3008 -67.13 30.26 25.70
C TYR A 3008 -67.84 29.65 26.89
N LYS A 3009 -67.17 29.61 28.04
CA LYS A 3009 -67.77 29.00 29.22
C LYS A 3009 -68.93 29.79 29.79
N CYS A 3010 -68.90 31.12 29.68
CA CYS A 3010 -69.98 31.97 30.12
C CYS A 3010 -70.93 32.38 29.01
N ASN A 3011 -70.69 31.92 27.77
CA ASN A 3011 -71.55 32.25 26.63
C ASN A 3011 -71.58 33.75 26.38
N SER A 3012 -70.40 34.33 26.22
CA SER A 3012 -70.26 35.76 25.96
C SER A 3012 -70.55 36.04 24.49
N ASP A 3013 -70.37 37.30 24.10
CA ASP A 3013 -70.66 37.77 22.76
C ASP A 3013 -69.35 37.94 21.98
N GLN A 3014 -69.45 37.82 20.65
CA GLN A 3014 -68.38 38.13 19.71
C GLN A 3014 -67.07 37.41 20.04
N SER A 3015 -67.20 36.19 20.57
CA SER A 3015 -66.05 35.34 20.83
C SER A 3015 -65.67 34.53 19.61
N ASP A 3016 -66.66 34.17 18.79
CA ASP A 3016 -66.46 33.39 17.59
C ASP A 3016 -65.65 34.12 16.53
N ARG A 3017 -65.47 35.44 16.65
CA ARG A 3017 -64.73 36.23 15.66
C ARG A 3017 -63.27 36.42 16.04
N ARG A 3018 -62.96 36.56 17.33
CA ARG A 3018 -61.57 36.54 17.76
C ARG A 3018 -60.92 35.20 17.44
N LEU A 3019 -61.73 34.13 17.50
CA LEU A 3019 -61.31 32.84 17.00
C LEU A 3019 -60.79 32.93 15.57
N GLU A 3020 -61.49 33.67 14.72
CA GLU A 3020 -61.06 33.77 13.33
C GLU A 3020 -59.78 34.60 13.22
N MET A 3021 -59.63 35.62 14.07
CA MET A 3021 -58.36 36.34 14.12
C MET A 3021 -57.21 35.41 14.46
N LEU A 3022 -57.42 34.56 15.46
CA LEU A 3022 -56.40 33.59 15.84
C LEU A 3022 -56.11 32.62 14.71
N GLN A 3023 -57.16 32.11 14.07
CA GLN A 3023 -57.00 31.18 12.95
C GLN A 3023 -56.25 31.81 11.79
N GLN A 3024 -56.47 33.09 11.51
CA GLN A 3024 -55.76 33.77 10.44
C GLN A 3024 -54.32 34.07 10.81
N ASN A 3025 -54.06 34.47 12.06
CA ASN A 3025 -52.69 34.73 12.47
C ASN A 3025 -51.88 33.45 12.54
N SER A 3026 -52.53 32.35 12.93
CA SER A 3026 -51.92 31.04 12.89
C SER A 3026 -51.54 30.64 11.47
N ALA A 3027 -52.40 30.89 10.50
CA ALA A 3027 -52.09 30.61 9.10
C ALA A 3027 -51.00 31.52 8.58
N HIS A 3028 -50.96 32.77 9.04
CA HIS A 3028 -49.86 33.66 8.72
C HIS A 3028 -48.52 33.08 9.16
N PHE A 3029 -48.39 32.80 10.47
CA PHE A 3029 -47.18 32.19 11.03
C PHE A 3029 -46.84 30.89 10.31
N LEU A 3030 -47.85 30.06 10.07
CA LEU A 3030 -47.65 28.75 9.47
C LEU A 3030 -47.17 28.84 8.03
N ASN A 3031 -47.88 29.57 7.18
CA ASN A 3031 -47.47 29.71 5.79
C ASN A 3031 -46.14 30.42 5.67
N ARG A 3032 -45.85 31.37 6.57
CA ARG A 3032 -44.56 32.02 6.60
C ARG A 3032 -43.45 31.01 6.79
N LEU A 3033 -43.48 30.26 7.89
CA LEU A 3033 -42.43 29.27 8.13
C LEU A 3033 -42.50 28.10 7.16
N GLU A 3034 -43.66 27.84 6.55
CA GLU A 3034 -43.82 26.69 5.67
C GLU A 3034 -43.14 26.94 4.34
N SER A 3035 -43.47 28.06 3.69
CA SER A 3035 -42.64 28.55 2.61
C SER A 3035 -41.28 29.02 3.12
N GLY A 3036 -41.20 29.41 4.39
CA GLY A 3036 -39.97 29.87 4.98
C GLY A 3036 -38.93 28.78 5.17
N TYR A 3037 -37.71 29.12 4.79
CA TYR A 3037 -36.46 28.43 5.12
C TYR A 3037 -36.23 27.09 4.42
N SER A 3038 -37.29 26.46 3.89
CA SER A 3038 -37.26 25.35 2.91
C SER A 3038 -36.21 24.28 3.20
N LYS A 3039 -35.82 24.10 4.47
CA LYS A 3039 -34.70 23.25 4.84
C LYS A 3039 -34.93 22.43 6.10
N PHE A 3040 -35.98 22.71 6.87
CA PHE A 3040 -36.24 21.95 8.08
C PHE A 3040 -37.72 21.99 8.39
N ALA A 3041 -38.27 20.81 8.65
CA ALA A 3041 -39.54 20.67 9.36
C ALA A 3041 -39.36 19.64 10.47
N ASP A 3042 -38.13 19.55 11.00
CA ASP A 3042 -37.87 18.73 12.18
C ASP A 3042 -38.70 19.23 13.35
N LEU A 3043 -38.74 20.55 13.50
CA LEU A 3043 -39.39 21.22 14.61
C LEU A 3043 -40.75 21.78 14.21
N ASN A 3044 -40.91 22.18 12.96
CA ASN A 3044 -42.09 22.91 12.55
C ASN A 3044 -43.31 22.00 12.46
N ASP A 3045 -43.12 20.76 12.04
CA ASP A 3045 -44.25 19.83 11.97
C ASP A 3045 -44.81 19.53 13.34
N ILE A 3046 -43.94 19.15 14.28
CA ILE A 3046 -44.39 18.89 15.65
C ILE A 3046 -44.93 20.17 16.28
N LEU A 3047 -44.38 21.33 15.91
CA LEU A 3047 -44.90 22.58 16.44
C LEU A 3047 -46.32 22.85 15.94
N ALA A 3048 -46.54 22.67 14.65
CA ALA A 3048 -47.86 22.86 14.08
C ALA A 3048 -48.82 21.76 14.51
N GLY A 3049 -48.29 20.64 15.01
CA GLY A 3049 -49.10 19.64 15.66
C GLY A 3049 -49.64 20.02 17.01
N TYR A 3050 -49.32 21.23 17.50
CA TYR A 3050 -49.81 21.74 18.77
C TYR A 3050 -50.71 22.95 18.61
N ILE A 3051 -50.58 23.70 17.52
CA ILE A 3051 -51.41 24.86 17.27
C ILE A 3051 -52.65 24.51 16.46
N TYR A 3052 -52.53 23.59 15.49
CA TYR A 3052 -53.72 22.99 14.92
C TYR A 3052 -54.59 22.39 16.01
N SER A 3053 -53.95 21.74 16.98
CA SER A 3053 -54.67 21.23 18.13
C SER A 3053 -55.35 22.36 18.89
N ILE A 3054 -54.66 23.47 19.09
CA ILE A 3054 -55.19 24.53 19.94
C ILE A 3054 -56.38 25.21 19.26
N ASN A 3055 -56.46 25.14 17.93
CA ASN A 3055 -57.64 25.64 17.23
C ASN A 3055 -58.76 24.60 17.19
N PHE A 3056 -58.41 23.33 17.02
CA PHE A 3056 -59.38 22.24 17.07
C PHE A 3056 -60.15 22.24 18.37
N GLY A 3057 -59.45 22.49 19.48
CA GLY A 3057 -60.10 22.59 20.77
C GLY A 3057 -61.15 23.67 20.85
N PHE A 3058 -60.82 24.89 20.41
CA PHE A 3058 -61.80 25.97 20.39
C PHE A 3058 -62.96 25.68 19.47
N ASP A 3059 -62.70 25.01 18.35
CA ASP A 3059 -63.79 24.68 17.44
C ASP A 3059 -64.74 23.68 18.07
N LEU A 3060 -64.23 22.74 18.84
CA LEU A 3060 -65.11 21.84 19.58
C LEU A 3060 -65.99 22.60 20.57
N LEU A 3061 -65.47 23.65 21.19
CA LEU A 3061 -66.29 24.49 22.05
C LEU A 3061 -67.36 25.25 21.29
N LYS A 3062 -67.03 25.86 20.16
CA LYS A 3062 -68.04 26.50 19.32
C LYS A 3062 -69.12 25.50 18.93
N LEU A 3063 -68.72 24.27 18.66
CA LEU A 3063 -69.66 23.24 18.26
C LEU A 3063 -70.66 22.90 19.35
N GLN A 3064 -70.35 23.19 20.62
CA GLN A 3064 -71.27 23.02 21.74
C GLN A 3064 -71.99 24.31 22.09
N LYS A 3065 -71.37 25.46 21.83
CA LYS A 3065 -72.11 26.72 21.93
C LYS A 3065 -73.27 26.74 20.95
N SER A 3066 -73.08 26.13 19.79
CA SER A 3066 -74.18 25.97 18.84
C SER A 3066 -75.32 25.15 19.43
N LYS A 3067 -75.02 24.19 20.29
CA LYS A 3067 -76.03 23.42 21.00
C LYS A 3067 -76.49 24.11 22.29
N ASP A 3068 -75.83 25.21 22.67
CA ASP A 3068 -76.38 26.15 23.62
C ASP A 3068 -77.53 26.95 23.02
N ARG A 3069 -77.74 26.86 21.70
CA ARG A 3069 -78.89 27.42 21.03
C ARG A 3069 -79.44 26.32 20.13
N ALA A 3070 -80.32 25.50 20.71
CA ALA A 3070 -81.14 24.54 19.97
C ALA A 3070 -82.57 25.08 20.08
N SER A 3071 -82.91 26.02 19.22
CA SER A 3071 -84.24 26.60 19.21
C SER A 3071 -85.30 25.60 18.76
N PHE A 3072 -84.89 24.60 18.00
CA PHE A 3072 -85.72 23.46 17.64
C PHE A 3072 -84.91 22.21 17.92
N GLN A 3073 -85.52 21.25 18.60
CA GLN A 3073 -84.85 20.02 19.02
C GLN A 3073 -85.12 18.89 18.04
N ILE A 3074 -85.22 19.23 16.76
CA ILE A 3074 -85.33 18.27 15.68
C ILE A 3074 -84.38 18.71 14.58
N SER A 3075 -83.62 17.78 14.05
CA SER A 3075 -82.72 18.07 12.94
C SER A 3075 -83.43 17.83 11.62
N PRO A 3076 -82.87 18.27 10.51
CA PRO A 3076 -83.27 17.67 9.23
C PRO A 3076 -82.90 16.20 9.23
N LEU A 3077 -83.48 15.46 8.30
CA LEU A 3077 -83.50 14.00 8.32
C LEU A 3077 -84.32 13.50 9.49
N TRP A 3078 -85.32 14.25 9.91
CA TRP A 3078 -86.31 13.66 10.80
C TRP A 3078 -87.04 12.54 10.09
N SER A 3079 -87.74 12.88 9.01
CA SER A 3079 -88.46 11.92 8.18
C SER A 3079 -87.54 11.52 7.03
N MET A 3080 -86.36 11.05 7.37
CA MET A 3080 -85.48 10.43 6.38
C MET A 3080 -84.81 9.20 7.00
N ASP A 3081 -85.52 8.51 7.89
CA ASP A 3081 -85.11 7.22 8.39
C ASP A 3081 -86.37 6.44 8.73
N PRO A 3082 -86.35 5.10 8.64
CA PRO A 3082 -87.56 4.33 8.98
C PRO A 3082 -88.04 4.46 10.41
N ILE A 3083 -87.13 4.48 11.36
CA ILE A 3083 -87.47 4.26 12.76
C ILE A 3083 -88.07 5.48 13.43
N ASN A 3084 -87.85 6.69 12.90
CA ASN A 3084 -88.54 7.87 13.40
C ASN A 3084 -89.95 8.02 12.81
N ILE A 3085 -90.41 7.04 12.02
CA ILE A 3085 -91.75 7.06 11.46
C ILE A 3085 -92.66 6.08 12.20
N SER A 3086 -92.20 4.84 12.36
CA SER A 3086 -93.02 3.82 13.01
C SER A 3086 -93.29 4.15 14.47
N CYS A 3087 -92.36 4.81 15.15
CA CYS A 3087 -92.54 5.18 16.54
C CYS A 3087 -93.52 6.35 16.59
N ALA A 3088 -94.82 6.02 16.62
CA ALA A 3088 -95.88 6.99 16.46
C ALA A 3088 -95.83 8.13 17.47
N GLU A 3089 -95.33 7.88 18.68
CA GLU A 3089 -95.14 8.95 19.63
C GLU A 3089 -93.99 9.87 19.20
N ASN A 3090 -92.99 9.31 18.52
CA ASN A 3090 -91.78 10.06 18.22
C ASN A 3090 -92.05 11.12 17.16
N VAL A 3091 -92.79 10.77 16.11
CA VAL A 3091 -93.19 11.75 15.11
C VAL A 3091 -94.05 12.83 15.75
N LEU A 3092 -94.92 12.45 16.68
CA LEU A 3092 -95.80 13.41 17.32
C LEU A 3092 -95.00 14.39 18.18
N SER A 3093 -93.93 13.92 18.80
CA SER A 3093 -93.07 14.77 19.59
C SER A 3093 -92.29 15.78 18.77
N ALA A 3094 -92.27 15.65 17.45
CA ALA A 3094 -91.64 16.62 16.57
C ALA A 3094 -92.60 17.71 16.12
N TYR A 3095 -93.89 17.40 16.02
CA TYR A 3095 -94.90 18.36 15.63
C TYR A 3095 -94.99 19.55 16.57
N HIS A 3096 -95.07 19.31 17.88
CA HIS A 3096 -95.15 20.38 18.85
C HIS A 3096 -93.87 21.20 18.90
N GLU A 3097 -92.74 20.62 18.50
CA GLU A 3097 -91.51 21.38 18.34
C GLU A 3097 -91.56 22.24 17.09
N LEU A 3098 -92.18 21.73 16.03
CA LEU A 3098 -92.36 22.47 14.80
C LEU A 3098 -93.58 23.38 14.82
N SER A 3099 -94.35 23.38 15.93
CA SER A 3099 -95.55 24.20 16.00
C SER A 3099 -95.24 25.71 15.95
N ARG A 3100 -93.99 26.11 16.13
CA ARG A 3100 -93.58 27.50 16.00
C ARG A 3100 -93.24 27.86 14.57
N PHE A 3101 -92.67 26.91 13.82
CA PHE A 3101 -92.36 27.09 12.41
C PHE A 3101 -93.57 27.44 11.57
N PHE A 3102 -94.75 26.90 11.91
CA PHE A 3102 -95.92 27.13 11.08
C PHE A 3102 -96.49 28.53 11.29
N LYS A 3103 -96.67 28.94 12.55
CA LYS A 3103 -97.11 30.31 12.82
C LYS A 3103 -96.09 31.30 12.32
N LYS A 3104 -94.82 31.01 12.53
CA LYS A 3104 -93.75 31.74 11.86
C LYS A 3104 -93.93 31.63 10.36
N GLY A 3105 -93.50 32.66 9.65
CA GLY A 3105 -93.54 32.68 8.20
C GLY A 3105 -94.79 33.36 7.68
N ASP A 3106 -94.59 34.23 6.69
CA ASP A 3106 -95.67 34.99 6.12
C ASP A 3106 -96.58 34.10 5.29
N MET A 3107 -97.73 34.64 4.90
CA MET A 3107 -98.50 34.03 3.84
C MET A 3107 -97.68 34.04 2.56
N GLU A 3108 -97.97 33.09 1.68
CA GLU A 3108 -97.25 32.92 0.42
C GLU A 3108 -95.78 32.61 0.64
N ASP A 3109 -95.45 32.01 1.79
CA ASP A 3109 -94.13 31.43 1.97
C ASP A 3109 -93.93 30.17 1.14
N THR A 3110 -95.01 29.41 0.93
CA THR A 3110 -95.11 28.25 0.04
C THR A 3110 -93.96 27.25 0.21
N SER A 3111 -93.49 27.15 1.45
CA SER A 3111 -92.56 26.10 1.85
C SER A 3111 -93.09 25.41 3.10
N ILE A 3112 -93.69 26.20 3.99
CA ILE A 3112 -94.46 25.65 5.11
C ILE A 3112 -95.50 24.67 4.61
N GLU A 3113 -96.28 25.08 3.61
CA GLU A 3113 -97.41 24.27 3.18
C GLU A 3113 -96.98 23.00 2.46
N LYS A 3114 -95.71 22.89 2.06
CA LYS A 3114 -95.16 21.63 1.61
C LYS A 3114 -94.85 20.68 2.75
N VAL A 3115 -94.87 21.16 4.00
CA VAL A 3115 -94.61 20.30 5.15
C VAL A 3115 -95.89 19.63 5.63
N LEU A 3116 -96.93 20.42 5.88
CA LEU A 3116 -98.13 19.89 6.52
C LEU A 3116 -98.89 18.93 5.62
N MET A 3117 -98.58 18.89 4.32
CA MET A 3117 -99.07 17.81 3.48
C MET A 3117 -98.39 16.50 3.82
N TYR A 3118 -97.10 16.55 4.18
CA TYR A 3118 -96.33 15.34 4.40
C TYR A 3118 -96.81 14.57 5.61
N PHE A 3119 -97.19 15.26 6.67
CA PHE A 3119 -97.58 14.59 7.89
C PHE A 3119 -98.90 13.85 7.76
N LEU A 3120 -99.69 14.13 6.73
CA LEU A 3120 -100.96 13.44 6.55
C LEU A 3120 -100.78 12.02 6.07
N THR A 3121 -100.03 11.81 5.01
CA THR A 3121 -99.78 10.47 4.48
C THR A 3121 -99.15 9.53 5.50
N LEU A 3122 -98.42 10.08 6.48
CA LEU A 3122 -97.98 9.28 7.62
C LEU A 3122 -99.14 8.68 8.39
N PHE A 3123 -100.27 9.40 8.47
CA PHE A 3123 -101.48 8.80 9.00
C PHE A 3123 -101.90 7.59 8.20
N LYS A 3124 -101.75 7.66 6.88
CA LYS A 3124 -102.04 6.50 6.05
C LYS A 3124 -100.94 5.46 6.14
N PHE A 3125 -99.70 5.92 6.35
CA PHE A 3125 -98.59 5.02 6.60
C PHE A 3125 -98.79 4.19 7.85
N HIS A 3126 -99.52 4.71 8.84
CA HIS A 3126 -99.84 4.01 10.07
C HIS A 3126 -101.17 3.28 9.99
N LYS A 3127 -101.93 3.43 8.91
CA LYS A 3127 -103.23 2.79 8.74
C LYS A 3127 -104.20 3.25 9.82
N ARG A 3128 -104.30 4.57 9.98
CA ARG A 3128 -105.32 5.21 10.81
C ARG A 3128 -105.20 4.85 12.28
N ASP A 3129 -104.04 5.13 12.88
CA ASP A 3129 -103.92 5.16 14.33
C ASP A 3129 -104.67 6.36 14.88
N THR A 3130 -105.26 6.17 16.05
CA THR A 3130 -106.12 7.19 16.65
C THR A 3130 -105.33 8.23 17.44
N ASN A 3131 -104.10 7.92 17.85
CA ASN A 3131 -103.23 8.92 18.45
C ASN A 3131 -102.93 10.08 17.53
N LEU A 3132 -102.97 9.86 16.22
CA LEU A 3132 -102.66 10.86 15.22
C LEU A 3132 -103.90 11.53 14.66
N LEU A 3133 -105.07 11.31 15.26
CA LEU A 3133 -106.21 12.16 14.94
C LEU A 3133 -105.95 13.61 15.29
N GLU A 3134 -105.10 13.87 16.28
CA GLU A 3134 -104.78 15.24 16.67
C GLU A 3134 -103.98 15.95 15.59
N ILE A 3135 -102.87 15.34 15.16
CA ILE A 3135 -101.99 15.92 14.17
C ILE A 3135 -102.64 15.97 12.80
N PHE A 3136 -103.56 15.06 12.52
CA PHE A 3136 -104.36 15.10 11.32
C PHE A 3136 -105.31 16.27 11.29
N GLU A 3137 -106.01 16.55 12.39
CA GLU A 3137 -107.05 17.56 12.39
C GLU A 3137 -106.48 18.96 12.55
N ALA A 3138 -105.60 19.13 13.53
CA ALA A 3138 -105.02 20.45 13.82
C ALA A 3138 -104.17 20.97 12.67
N ALA A 3139 -103.51 20.07 11.94
CA ALA A 3139 -102.72 20.51 10.79
C ALA A 3139 -103.61 21.12 9.72
N LEU A 3140 -104.70 20.43 9.38
CA LEU A 3140 -105.67 20.99 8.45
C LEU A 3140 -106.28 22.27 8.98
N TYR A 3141 -106.48 22.38 10.29
CA TYR A 3141 -106.96 23.64 10.84
C TYR A 3141 -105.99 24.78 10.57
N THR A 3142 -104.70 24.55 10.78
CA THR A 3142 -103.74 25.62 10.52
C THR A 3142 -103.63 25.93 9.04
N LEU A 3143 -103.74 24.92 8.18
CA LEU A 3143 -103.75 25.15 6.74
C LEU A 3143 -104.95 25.99 6.32
N TYR A 3144 -106.13 25.62 6.80
CA TYR A 3144 -107.34 26.38 6.52
C TYR A 3144 -107.27 27.79 7.09
N SER A 3145 -106.50 27.98 8.17
CA SER A 3145 -106.29 29.34 8.66
C SER A 3145 -105.39 30.13 7.73
N ARG A 3146 -104.33 29.51 7.23
CA ARG A 3146 -103.49 30.14 6.23
C ARG A 3146 -104.23 30.50 4.96
N TRP A 3147 -105.26 29.73 4.61
CA TRP A 3147 -106.07 29.98 3.43
C TRP A 3147 -107.15 31.02 3.65
N SER A 3148 -107.80 30.99 4.82
CA SER A 3148 -108.85 31.96 5.13
C SER A 3148 -108.28 33.34 5.37
N VAL A 3149 -107.01 33.45 5.75
CA VAL A 3149 -106.36 34.74 5.88
C VAL A 3149 -106.12 35.38 4.52
N ARG A 3150 -105.90 34.56 3.50
CA ARG A 3150 -105.53 35.09 2.19
C ARG A 3150 -106.70 35.69 1.45
N ARG A 3151 -107.87 35.04 1.46
CA ARG A 3151 -109.08 35.63 0.90
C ARG A 3151 -109.44 36.95 1.54
N PHE A 3152 -109.06 37.16 2.81
CA PHE A 3152 -109.25 38.43 3.48
C PHE A 3152 -108.43 39.55 2.85
N ARG A 3153 -107.39 39.22 2.08
CA ARG A 3153 -106.57 40.20 1.39
C ARG A 3153 -107.01 40.44 -0.04
N GLN A 3154 -107.62 39.43 -0.67
CA GLN A 3154 -108.05 39.57 -2.05
C GLN A 3154 -109.20 40.57 -2.20
N GLU A 3155 -110.08 40.63 -1.19
CA GLU A 3155 -111.10 41.67 -1.17
C GLU A 3155 -110.50 43.07 -1.15
N GLN A 3156 -109.32 43.22 -0.53
CA GLN A 3156 -108.63 44.50 -0.53
C GLN A 3156 -108.01 44.77 -1.89
N TYR A 3174 -97.83 23.28 -26.83
CA TYR A 3174 -98.43 24.13 -27.85
C TYR A 3174 -99.92 24.40 -27.60
N GLU A 3175 -100.57 23.48 -26.89
CA GLU A 3175 -102.02 23.56 -26.73
C GLU A 3175 -102.44 24.80 -25.97
N ALA A 3176 -101.98 24.94 -24.73
CA ALA A 3176 -102.18 26.16 -23.97
C ALA A 3176 -101.46 27.36 -24.58
N ASP A 3177 -100.40 27.11 -25.35
CA ASP A 3177 -99.76 28.18 -26.10
C ASP A 3177 -100.69 28.70 -27.19
N PHE A 3178 -101.43 27.80 -27.83
CA PHE A 3178 -102.39 28.18 -28.85
C PHE A 3178 -103.72 28.62 -28.27
N ARG A 3179 -104.06 28.19 -27.06
CA ARG A 3179 -105.32 28.55 -26.44
C ARG A 3179 -105.29 29.93 -25.81
N LYS A 3180 -104.14 30.35 -25.28
CA LYS A 3180 -103.95 31.77 -24.99
C LYS A 3180 -104.04 32.62 -26.24
N LEU A 3181 -103.67 32.06 -27.40
CA LEU A 3181 -103.64 32.80 -28.65
C LEU A 3181 -105.04 33.16 -29.11
N PHE A 3182 -106.02 32.33 -28.77
CA PHE A 3182 -107.42 32.61 -29.08
C PHE A 3182 -107.96 33.71 -28.18
N ASN A 3202 -99.55 28.26 -9.35
CA ASN A 3202 -98.71 27.74 -8.28
C ASN A 3202 -99.53 27.04 -7.22
N LEU A 3203 -100.27 27.82 -6.44
CA LEU A 3203 -101.02 27.27 -5.31
C LEU A 3203 -102.07 26.27 -5.72
N ASP A 3204 -102.68 26.44 -6.90
CA ASP A 3204 -103.58 25.45 -7.47
C ASP A 3204 -102.92 24.08 -7.59
N ASP A 3205 -101.62 24.02 -7.86
CA ASP A 3205 -100.89 22.77 -7.83
C ASP A 3205 -100.65 22.27 -6.41
N ILE A 3206 -100.54 23.18 -5.44
CA ILE A 3206 -100.33 22.80 -4.06
C ILE A 3206 -101.63 22.30 -3.44
N TYR A 3207 -102.68 23.12 -3.54
CA TYR A 3207 -103.98 22.70 -3.03
C TYR A 3207 -104.48 21.46 -3.75
N PHE A 3208 -104.09 21.27 -5.01
CA PHE A 3208 -104.42 20.02 -5.67
C PHE A 3208 -103.73 18.84 -5.00
N LYS A 3209 -102.52 19.05 -4.50
CA LYS A 3209 -101.80 18.03 -3.76
C LYS A 3209 -102.30 17.89 -2.32
N LEU A 3210 -103.15 18.82 -1.87
CA LEU A 3210 -103.65 18.82 -0.50
C LEU A 3210 -104.91 17.98 -0.33
N ALA A 3211 -105.52 17.53 -1.42
CA ALA A 3211 -106.82 16.85 -1.39
C ALA A 3211 -106.77 15.42 -1.88
N ASP A 3212 -106.09 15.14 -2.99
CA ASP A 3212 -105.77 13.77 -3.38
C ASP A 3212 -105.12 13.01 -2.22
N THR A 3213 -104.25 13.67 -1.46
CA THR A 3213 -103.78 13.11 -0.20
C THR A 3213 -104.93 12.82 0.75
N TYR A 3214 -105.78 13.82 0.99
CA TYR A 3214 -106.94 13.64 1.84
C TYR A 3214 -107.86 12.54 1.33
N ILE A 3215 -107.97 12.40 0.02
CA ILE A 3215 -108.74 11.31 -0.56
C ILE A 3215 -108.09 9.98 -0.24
N SER A 3216 -106.79 9.87 -0.49
CA SER A 3216 -106.09 8.60 -0.45
C SER A 3216 -106.04 8.00 0.96
N VAL A 3217 -106.26 8.81 1.99
CA VAL A 3217 -106.39 8.29 3.34
C VAL A 3217 -107.51 7.25 3.41
N PHE A 3218 -108.67 7.58 2.86
CA PHE A 3218 -109.87 6.76 2.97
C PHE A 3218 -110.02 5.78 1.83
N ASP A 3219 -108.91 5.36 1.23
CA ASP A 3219 -108.92 4.15 0.42
C ASP A 3219 -109.00 2.93 1.33
N LYS A 3220 -108.92 1.76 0.72
CA LYS A 3220 -109.00 0.52 1.49
C LYS A 3220 -107.73 0.32 2.32
N ASP A 3221 -106.59 0.17 1.65
CA ASP A 3221 -105.30 -0.05 2.30
C ASP A 3221 -104.24 -0.03 1.21
N HIS A 3222 -102.96 0.05 1.58
CA HIS A 3222 -101.86 0.22 0.64
C HIS A 3222 -100.72 -0.76 0.84
N ASP A 3223 -100.64 -1.45 1.99
CA ASP A 3223 -99.47 -2.25 2.33
C ASP A 3223 -98.24 -1.35 2.31
N ALA A 3224 -98.20 -0.40 3.24
CA ALA A 3224 -97.22 0.69 3.27
C ALA A 3224 -95.79 0.20 3.11
N ASN A 3225 -95.03 0.93 2.29
CA ASN A 3225 -93.61 0.68 2.07
C ASN A 3225 -92.81 1.94 2.34
N PHE A 3226 -91.67 1.79 2.99
CA PHE A 3226 -90.85 2.91 3.42
C PHE A 3226 -90.21 3.66 2.25
N SER A 3227 -89.88 2.97 1.16
CA SER A 3227 -89.10 3.58 0.09
C SER A 3227 -89.84 4.70 -0.61
N SER A 3228 -91.18 4.71 -0.52
CA SER A 3228 -91.98 5.77 -1.12
C SER A 3228 -92.01 7.04 -0.28
N GLU A 3229 -91.97 6.90 1.04
CA GLU A 3229 -92.14 8.02 1.95
C GLU A 3229 -90.85 8.81 2.15
N LEU A 3230 -89.70 8.16 2.04
CA LEU A 3230 -88.43 8.82 2.28
C LEU A 3230 -87.99 9.70 1.13
N LYS A 3231 -88.38 9.38 -0.10
CA LYS A 3231 -88.20 10.31 -1.19
C LYS A 3231 -88.96 11.60 -0.95
N SER A 3232 -90.17 11.50 -0.43
CA SER A 3232 -90.86 12.69 0.03
C SER A 3232 -90.10 13.35 1.18
N GLY A 3233 -89.43 12.55 1.99
CA GLY A 3233 -88.49 13.06 2.97
C GLY A 3233 -87.32 13.80 2.35
N ALA A 3234 -86.86 13.31 1.19
CA ALA A 3234 -85.79 14.00 0.50
C ALA A 3234 -86.23 15.36 -0.02
N ILE A 3235 -87.53 15.55 -0.26
CA ILE A 3235 -88.04 16.86 -0.64
C ILE A 3235 -88.14 17.77 0.58
N ILE A 3236 -88.57 17.21 1.70
CA ILE A 3236 -88.93 18.04 2.85
C ILE A 3236 -87.68 18.45 3.63
N THR A 3237 -86.66 17.59 3.72
CA THR A 3237 -85.51 17.90 4.55
C THR A 3237 -84.61 18.94 3.90
N THR A 3238 -84.62 19.01 2.56
CA THR A 3238 -84.03 20.14 1.87
C THR A 3238 -84.64 21.46 2.34
N ILE A 3239 -85.96 21.52 2.43
CA ILE A 3239 -86.65 22.73 2.82
C ILE A 3239 -86.34 23.05 4.28
N LEU A 3240 -86.39 22.01 5.11
CA LEU A 3240 -86.28 22.19 6.56
C LEU A 3240 -84.85 22.47 6.99
N SER A 3241 -83.87 22.38 6.09
CA SER A 3241 -82.47 22.61 6.41
C SER A 3241 -81.99 24.00 5.99
N GLU A 3242 -82.36 24.46 4.80
CA GLU A 3242 -81.87 25.73 4.27
C GLU A 3242 -82.63 26.94 4.78
N ASP A 3243 -83.95 26.80 4.95
CA ASP A 3243 -84.76 27.93 5.39
C ASP A 3243 -84.66 28.11 6.90
N LEU A 3244 -84.89 27.03 7.64
CA LEU A 3244 -84.80 27.06 9.09
C LEU A 3244 -83.35 26.87 9.50
N LYS A 3245 -82.93 27.62 10.52
CA LYS A 3245 -81.59 27.55 11.07
C LYS A 3245 -81.72 27.51 12.58
N ASN A 3246 -80.56 27.41 13.25
CA ASN A 3246 -80.51 27.38 14.71
C ASN A 3246 -81.24 26.15 15.22
N THR A 3247 -80.94 25.00 14.62
CA THR A 3247 -81.70 23.76 14.80
C THR A 3247 -80.88 22.76 15.61
N ARG A 3248 -81.45 21.57 15.78
CA ARG A 3248 -80.72 20.50 16.45
C ARG A 3248 -79.62 19.97 15.57
N ILE A 3249 -78.48 19.67 16.20
CA ILE A 3249 -77.32 19.10 15.55
C ILE A 3249 -77.05 17.75 16.20
N GLU A 3250 -76.64 16.78 15.38
CA GLU A 3250 -76.51 15.41 15.85
C GLU A 3250 -75.54 14.65 14.98
N GLU A 3251 -74.89 13.66 15.59
CA GLU A 3251 -74.06 12.74 14.85
C GLU A 3251 -74.90 11.97 13.84
N LEU A 3252 -74.24 11.45 12.81
CA LEU A 3252 -74.92 10.60 11.86
C LEU A 3252 -75.41 9.33 12.56
N LYS A 3253 -76.29 8.62 11.88
CA LYS A 3253 -76.96 7.45 12.42
C LYS A 3253 -76.71 6.26 11.50
N SER A 3254 -77.26 5.12 11.89
CA SER A 3254 -77.06 3.86 11.19
C SER A 3254 -78.29 3.34 10.47
N GLY A 3255 -79.34 4.14 10.35
CA GLY A 3255 -80.49 3.82 9.52
C GLY A 3255 -80.73 4.82 8.42
N SER A 3256 -80.39 6.08 8.67
CA SER A 3256 -80.68 7.18 7.76
C SER A 3256 -80.05 7.01 6.39
N LEU A 3257 -78.88 6.38 6.29
CA LEU A 3257 -78.25 6.15 5.01
C LEU A 3257 -79.08 5.25 4.11
N SER A 3258 -79.93 4.41 4.70
CA SER A 3258 -80.88 3.62 3.96
C SER A 3258 -81.90 4.44 3.20
N ALA A 3259 -82.03 5.74 3.48
CA ALA A 3259 -82.82 6.66 2.70
C ALA A 3259 -82.04 7.33 1.58
N VAL A 3260 -80.84 7.82 1.89
CA VAL A 3260 -80.05 8.54 0.90
C VAL A 3260 -79.61 7.61 -0.21
N ILE A 3261 -79.20 6.39 0.13
CA ILE A 3261 -78.71 5.46 -0.88
C ILE A 3261 -79.83 5.09 -1.84
N ASN A 3262 -81.02 4.82 -1.32
CA ASN A 3262 -82.14 4.46 -2.19
C ASN A 3262 -82.64 5.66 -2.98
N THR A 3263 -82.58 6.86 -2.39
CA THR A 3263 -82.89 8.08 -3.11
C THR A 3263 -81.97 8.25 -4.31
N LEU A 3264 -80.67 8.05 -4.12
CA LEU A 3264 -79.73 8.17 -5.23
C LEU A 3264 -79.95 7.09 -6.26
N ASP A 3265 -80.23 5.86 -5.81
CA ASP A 3265 -80.60 4.78 -6.71
C ASP A 3265 -81.82 5.11 -7.56
N ALA A 3266 -82.77 5.85 -7.00
CA ALA A 3266 -83.93 6.26 -7.78
C ALA A 3266 -83.62 7.43 -8.70
N GLU A 3267 -82.72 8.32 -8.30
CA GLU A 3267 -82.31 9.43 -9.15
C GLU A 3267 -81.49 8.95 -10.33
N THR A 3268 -80.45 8.16 -10.06
CA THR A 3268 -79.56 7.68 -11.11
C THR A 3268 -80.26 6.76 -12.09
N GLN A 3269 -81.25 5.99 -11.64
CA GLN A 3269 -82.11 5.21 -12.52
C GLN A 3269 -83.36 5.97 -12.94
N SER A 3270 -83.33 7.30 -12.88
CA SER A 3270 -84.29 8.15 -13.56
C SER A 3270 -83.79 8.60 -14.92
N PHE A 3271 -82.47 8.80 -15.06
CA PHE A 3271 -81.86 9.12 -16.33
C PHE A 3271 -81.77 7.93 -17.26
N LYS A 3272 -81.75 6.71 -16.72
CA LYS A 3272 -81.50 5.49 -17.49
C LYS A 3272 -82.78 4.75 -17.84
N ASN A 3273 -83.79 4.84 -16.97
CA ASN A 3273 -84.96 3.99 -17.09
C ASN A 3273 -86.01 4.60 -18.00
N THR A 3274 -87.01 3.79 -18.36
CA THR A 3274 -88.11 4.21 -19.21
C THR A 3274 -89.43 3.67 -18.66
N ILE A 3280 -97.73 8.82 -19.70
CA ILE A 3280 -96.90 9.07 -20.87
C ILE A 3280 -97.39 10.36 -21.54
N ASP A 3281 -96.46 11.24 -21.91
CA ASP A 3281 -96.80 12.61 -22.24
C ASP A 3281 -95.74 13.21 -23.16
N PHE A 3282 -96.16 14.20 -23.95
CA PHE A 3282 -95.34 14.91 -24.91
C PHE A 3282 -95.50 16.40 -24.66
N TYR A 3283 -94.52 17.18 -25.14
CA TYR A 3283 -94.50 18.65 -25.25
C TYR A 3283 -94.59 19.38 -23.90
N HIS A 3284 -94.63 18.68 -22.77
CA HIS A 3284 -94.23 19.24 -21.48
C HIS A 3284 -93.32 18.27 -20.75
N ASP A 3285 -93.56 16.96 -20.93
CA ASP A 3285 -92.59 15.95 -20.53
C ASP A 3285 -91.29 16.15 -21.29
N PHE A 3286 -90.19 15.63 -20.73
CA PHE A 3286 -88.85 15.88 -21.26
C PHE A 3286 -88.08 14.62 -21.64
N SER A 3287 -88.41 13.45 -21.05
CA SER A 3287 -87.99 12.13 -21.51
C SER A 3287 -86.49 12.00 -21.80
N ILE A 3288 -85.68 12.09 -20.75
CA ILE A 3288 -84.21 12.02 -20.78
C ILE A 3288 -83.63 10.95 -21.71
N PRO A 3289 -84.13 9.70 -21.74
CA PRO A 3289 -83.49 8.69 -22.61
C PRO A 3289 -83.43 9.05 -24.09
N GLU A 3290 -84.31 9.92 -24.56
CA GLU A 3290 -84.24 10.42 -25.93
C GLU A 3290 -83.31 11.61 -26.05
N PHE A 3291 -83.26 12.47 -25.02
CA PHE A 3291 -82.37 13.60 -25.05
C PHE A 3291 -80.91 13.15 -25.03
N GLN A 3292 -80.60 12.08 -24.32
CA GLN A 3292 -79.24 11.55 -24.33
C GLN A 3292 -78.87 11.01 -25.70
N LYS A 3293 -79.81 10.32 -26.36
CA LYS A 3293 -79.59 9.86 -27.72
C LYS A 3293 -79.32 11.02 -28.65
N ALA A 3294 -80.10 12.09 -28.53
CA ALA A 3294 -79.82 13.31 -29.27
C ALA A 3294 -78.44 13.85 -28.95
N GLY A 3295 -78.05 13.82 -27.66
CA GLY A 3295 -76.79 14.40 -27.24
C GLY A 3295 -75.57 13.74 -27.81
N ASP A 3296 -75.57 12.40 -27.95
CA ASP A 3296 -74.42 11.75 -28.55
C ASP A 3296 -74.50 11.70 -30.07
N ILE A 3297 -75.71 11.49 -30.64
CA ILE A 3297 -75.82 11.44 -32.09
C ILE A 3297 -75.55 12.80 -32.71
N ILE A 3298 -75.73 13.89 -31.97
CA ILE A 3298 -75.30 15.20 -32.45
C ILE A 3298 -73.83 15.47 -32.10
N GLU A 3299 -73.33 14.87 -31.02
CA GLU A 3299 -71.95 15.15 -30.63
C GLU A 3299 -70.96 14.56 -31.62
N THR A 3300 -71.25 13.35 -32.13
CA THR A 3300 -70.43 12.78 -33.19
C THR A 3300 -70.37 13.70 -34.41
N VAL A 3301 -71.50 14.30 -34.77
CA VAL A 3301 -71.53 15.16 -35.93
C VAL A 3301 -70.80 16.47 -35.65
N LEU A 3302 -70.89 16.94 -34.41
CA LEU A 3302 -70.18 18.15 -34.02
C LEU A 3302 -68.68 17.94 -34.11
N LYS A 3303 -68.21 16.76 -33.72
CA LYS A 3303 -66.80 16.44 -33.90
C LYS A 3303 -66.45 16.38 -35.39
N SER A 3304 -67.29 15.69 -36.17
CA SER A 3304 -67.03 15.47 -37.59
C SER A 3304 -66.98 16.77 -38.39
N VAL A 3305 -67.83 17.74 -38.06
CA VAL A 3305 -67.81 19.01 -38.79
C VAL A 3305 -66.60 19.82 -38.37
N LEU A 3306 -66.27 19.80 -37.09
CA LEU A 3306 -65.17 20.62 -36.60
C LEU A 3306 -63.83 20.15 -37.12
N LYS A 3307 -63.63 18.83 -37.24
CA LYS A 3307 -62.43 18.37 -37.95
C LYS A 3307 -62.49 18.79 -39.42
N LEU A 3308 -63.69 18.81 -40.01
CA LEU A 3308 -63.88 19.15 -41.41
C LEU A 3308 -64.04 20.64 -41.62
N LEU A 3309 -64.05 21.43 -40.54
CA LEU A 3309 -63.89 22.88 -40.63
C LEU A 3309 -62.45 23.28 -40.92
N LYS A 3310 -61.50 22.33 -40.94
CA LYS A 3310 -60.09 22.61 -41.16
C LYS A 3310 -59.60 22.26 -42.55
N GLN A 3311 -60.38 21.53 -43.35
CA GLN A 3311 -60.03 21.27 -44.75
C GLN A 3311 -60.46 22.45 -45.62
N TRP A 3312 -61.58 23.06 -45.26
CA TRP A 3312 -62.03 24.38 -45.71
C TRP A 3312 -62.22 25.26 -44.49
N PRO A 3313 -61.48 26.37 -44.34
CA PRO A 3313 -61.29 26.95 -43.00
C PRO A 3313 -62.54 27.60 -42.40
N GLU A 3314 -63.55 27.87 -43.22
CA GLU A 3314 -64.69 28.61 -42.71
C GLU A 3314 -65.88 28.61 -43.65
N HIS A 3315 -67.08 28.41 -43.09
CA HIS A 3315 -68.33 28.76 -43.73
C HIS A 3315 -69.31 29.21 -42.66
N ALA A 3316 -70.29 30.02 -43.08
CA ALA A 3316 -71.31 30.50 -42.16
C ALA A 3316 -72.36 29.44 -41.86
N THR A 3317 -72.72 28.64 -42.86
CA THR A 3317 -73.63 27.51 -42.60
C THR A 3317 -73.03 26.56 -41.58
N LEU A 3318 -71.73 26.28 -41.70
CA LEU A 3318 -71.07 25.39 -40.77
C LEU A 3318 -70.97 26.01 -39.40
N LYS A 3319 -70.63 27.29 -39.32
CA LYS A 3319 -70.68 28.03 -38.07
C LYS A 3319 -72.08 28.03 -37.47
N GLU A 3320 -73.10 28.20 -38.31
CA GLU A 3320 -74.48 28.23 -37.83
C GLU A 3320 -74.86 26.91 -37.17
N LEU A 3321 -74.71 25.79 -37.90
CA LEU A 3321 -75.05 24.51 -37.32
C LEU A 3321 -74.13 24.11 -36.16
N TYR A 3322 -72.88 24.58 -36.17
CA TYR A 3322 -72.01 24.36 -35.03
C TYR A 3322 -72.57 25.02 -33.79
N ARG A 3323 -72.93 26.30 -33.89
CA ARG A 3323 -73.51 27.00 -32.75
C ARG A 3323 -74.84 26.39 -32.34
N VAL A 3324 -75.59 25.87 -33.31
CA VAL A 3324 -76.87 25.25 -33.00
C VAL A 3324 -76.65 23.99 -32.16
N SER A 3325 -75.74 23.13 -32.61
CA SER A 3325 -75.43 21.93 -31.84
C SER A 3325 -74.86 22.27 -30.47
N GLN A 3326 -74.02 23.31 -30.41
CA GLN A 3326 -73.49 23.77 -29.14
C GLN A 3326 -74.60 24.19 -28.18
N GLU A 3327 -75.42 25.16 -28.59
CA GLU A 3327 -76.47 25.69 -27.73
C GLU A 3327 -77.52 24.64 -27.38
N PHE A 3328 -77.91 23.78 -28.33
CA PHE A 3328 -78.85 22.71 -28.03
C PHE A 3328 -78.29 21.77 -26.97
N LEU A 3329 -76.99 21.50 -27.04
CA LEU A 3329 -76.33 20.73 -26.01
C LEU A 3329 -76.18 21.50 -24.71
N ASN A 3330 -76.24 22.84 -24.75
CA ASN A 3330 -76.27 23.66 -23.55
C ASN A 3330 -77.68 23.88 -23.01
N TYR A 3331 -78.68 23.10 -23.51
CA TYR A 3331 -80.03 23.29 -23.00
C TYR A 3331 -80.17 22.70 -21.60
N PRO A 3332 -81.28 22.97 -20.91
CA PRO A 3332 -81.61 22.18 -19.71
C PRO A 3332 -81.98 20.76 -20.05
N ILE A 3333 -82.37 20.00 -19.03
CA ILE A 3333 -82.77 18.60 -19.20
C ILE A 3333 -84.20 18.35 -18.73
N LYS A 3334 -84.86 19.38 -18.17
CA LYS A 3334 -86.30 19.38 -17.97
C LYS A 3334 -87.04 19.86 -19.21
N THR A 3335 -86.33 20.04 -20.35
CA THR A 3335 -86.86 20.76 -21.50
C THR A 3335 -87.86 19.89 -22.25
N PRO A 3336 -89.04 20.43 -22.65
CA PRO A 3336 -89.92 19.62 -23.50
C PRO A 3336 -89.44 19.55 -24.93
N LEU A 3337 -90.21 18.88 -25.79
CA LEU A 3337 -89.65 18.23 -26.95
C LEU A 3337 -90.01 18.90 -28.27
N ALA A 3338 -91.08 19.68 -28.33
CA ALA A 3338 -91.39 20.39 -29.56
C ALA A 3338 -90.27 21.37 -29.91
N ARG A 3339 -89.77 22.08 -28.89
CA ARG A 3339 -88.67 23.02 -29.10
C ARG A 3339 -87.41 22.29 -29.51
N GLN A 3340 -87.14 21.16 -28.88
CA GLN A 3340 -85.98 20.35 -29.24
C GLN A 3340 -86.06 19.86 -30.67
N LEU A 3341 -87.19 19.27 -31.05
CA LEU A 3341 -87.40 18.81 -32.42
C LEU A 3341 -87.28 19.95 -33.41
N GLN A 3342 -87.72 21.15 -33.03
CA GLN A 3342 -87.52 22.32 -33.88
C GLN A 3342 -86.03 22.55 -34.12
N LYS A 3343 -85.25 22.62 -33.04
CA LYS A 3343 -83.81 22.82 -33.17
C LYS A 3343 -83.14 21.71 -33.97
N ILE A 3344 -83.55 20.46 -33.77
CA ILE A 3344 -82.98 19.34 -34.50
C ILE A 3344 -83.29 19.43 -35.99
N GLU A 3345 -84.50 19.84 -36.37
CA GLU A 3345 -84.82 19.97 -37.78
C GLU A 3345 -84.06 21.13 -38.42
N GLN A 3346 -83.83 22.21 -37.65
CA GLN A 3346 -83.02 23.32 -38.17
C GLN A 3346 -81.62 22.86 -38.57
N ILE A 3347 -80.91 22.25 -37.62
CA ILE A 3347 -79.57 21.76 -37.90
C ILE A 3347 -79.57 20.68 -38.97
N TYR A 3348 -80.61 19.84 -39.00
CA TYR A 3348 -80.76 18.86 -40.07
C TYR A 3348 -80.80 19.53 -41.44
N THR A 3349 -81.56 20.60 -41.56
CA THR A 3349 -81.63 21.31 -42.84
C THR A 3349 -80.29 21.94 -43.18
N TYR A 3350 -79.60 22.50 -42.19
CA TYR A 3350 -78.34 23.19 -42.46
C TYR A 3350 -77.27 22.20 -42.91
N LEU A 3351 -77.11 21.10 -42.18
CA LEU A 3351 -76.17 20.08 -42.60
C LEU A 3351 -76.58 19.42 -43.90
N ALA A 3352 -77.87 19.33 -44.19
CA ALA A 3352 -78.30 18.76 -45.46
C ALA A 3352 -77.88 19.64 -46.63
N GLU A 3353 -78.10 20.95 -46.52
CA GLU A 3353 -77.71 21.83 -47.61
C GLU A 3353 -76.20 21.91 -47.75
N TRP A 3354 -75.45 21.82 -46.65
CA TRP A 3354 -74.01 21.76 -46.80
C TRP A 3354 -73.54 20.46 -47.43
N GLU A 3355 -74.08 19.31 -46.99
CA GLU A 3355 -73.69 18.03 -47.54
C GLU A 3355 -74.04 17.92 -49.01
N LYS A 3356 -75.08 18.61 -49.44
CA LYS A 3356 -75.37 18.71 -50.87
C LYS A 3356 -74.18 19.33 -51.62
N TYR A 3357 -73.71 20.48 -51.16
CA TYR A 3357 -72.66 21.19 -51.87
C TYR A 3357 -71.30 20.52 -51.67
N ALA A 3358 -71.06 19.96 -50.49
CA ALA A 3358 -69.77 19.40 -50.16
C ALA A 3358 -69.45 18.22 -51.06
N SER A 3359 -68.18 17.82 -51.05
CA SER A 3359 -67.74 16.67 -51.83
C SER A 3359 -68.37 15.40 -51.28
N SER A 3360 -68.43 14.39 -52.14
CA SER A 3360 -68.91 13.07 -51.74
C SER A 3360 -67.94 12.33 -50.83
N GLU A 3361 -66.71 12.83 -50.67
CA GLU A 3361 -65.78 12.24 -49.72
C GLU A 3361 -66.29 12.35 -48.29
N VAL A 3362 -67.08 13.37 -47.99
CA VAL A 3362 -67.53 13.58 -46.62
C VAL A 3362 -68.49 12.47 -46.20
N SER A 3363 -69.64 12.38 -46.88
CA SER A 3363 -70.52 11.23 -46.80
C SER A 3363 -71.02 10.95 -45.39
N LEU A 3364 -71.75 11.90 -44.80
CA LEU A 3364 -72.31 11.75 -43.45
C LEU A 3364 -73.72 11.18 -43.49
N ASN A 3365 -74.03 10.37 -44.51
CA ASN A 3365 -75.36 9.78 -44.64
C ASN A 3365 -75.70 8.89 -43.44
N ASN A 3366 -74.69 8.21 -42.89
CA ASN A 3366 -74.89 7.41 -41.68
C ASN A 3366 -75.42 8.23 -40.52
N THR A 3367 -74.98 9.47 -40.38
CA THR A 3367 -75.43 10.35 -39.30
C THR A 3367 -76.82 10.91 -39.54
N VAL A 3368 -77.04 11.46 -40.73
CA VAL A 3368 -78.32 12.11 -41.03
C VAL A 3368 -79.42 11.07 -41.08
N LYS A 3369 -79.09 9.84 -41.49
CA LYS A 3369 -80.06 8.75 -41.50
C LYS A 3369 -80.56 8.46 -40.10
N LEU A 3370 -79.64 8.33 -39.15
CA LEU A 3370 -80.02 8.13 -37.75
C LEU A 3370 -80.80 9.30 -37.20
N ILE A 3371 -80.41 10.52 -37.56
CA ILE A 3371 -81.15 11.70 -37.14
C ILE A 3371 -82.59 11.64 -37.63
N THR A 3372 -82.77 11.30 -38.91
CA THR A 3372 -84.11 11.27 -39.49
C THR A 3372 -84.94 10.16 -38.86
N ASP A 3373 -84.33 9.01 -38.61
CA ASP A 3373 -85.06 7.93 -37.95
C ASP A 3373 -85.43 8.29 -36.52
N LEU A 3374 -84.57 9.05 -35.82
CA LEU A 3374 -84.90 9.53 -34.49
C LEU A 3374 -86.10 10.47 -34.53
N ILE A 3375 -86.12 11.38 -35.50
CA ILE A 3375 -87.27 12.27 -35.66
C ILE A 3375 -88.52 11.46 -35.95
N VAL A 3376 -88.39 10.46 -36.81
CA VAL A 3376 -89.51 9.59 -37.19
C VAL A 3376 -90.03 8.86 -35.98
N SER A 3377 -89.15 8.43 -35.09
CA SER A 3377 -89.59 7.80 -33.85
C SER A 3377 -90.28 8.78 -32.92
N TRP A 3378 -89.75 10.00 -32.79
CA TRP A 3378 -90.33 11.02 -31.94
C TRP A 3378 -91.73 11.43 -32.38
N ARG A 3379 -92.01 11.35 -33.68
CA ARG A 3379 -93.33 11.76 -34.12
C ARG A 3379 -94.42 10.81 -33.63
N LYS A 3380 -94.11 9.54 -33.35
CA LYS A 3380 -95.08 8.68 -32.71
C LYS A 3380 -95.43 9.17 -31.32
N LEU A 3381 -94.44 9.71 -30.59
CA LEU A 3381 -94.72 10.19 -29.25
C LEU A 3381 -95.46 11.51 -29.29
N GLU A 3382 -95.20 12.34 -30.29
CA GLU A 3382 -96.08 13.48 -30.54
C GLU A 3382 -97.50 13.02 -30.85
N LEU A 3383 -97.64 11.87 -31.51
CA LEU A 3383 -98.94 11.39 -31.96
C LEU A 3383 -99.75 10.79 -30.82
N ARG A 3384 -99.08 10.06 -29.91
CA ARG A 3384 -99.78 9.35 -28.83
C ARG A 3384 -100.58 10.30 -27.95
N THR A 3385 -100.10 11.53 -27.75
CA THR A 3385 -100.84 12.50 -26.98
C THR A 3385 -102.09 12.97 -27.70
N TRP A 3386 -102.02 13.11 -29.02
CA TRP A 3386 -103.23 13.39 -29.79
C TRP A 3386 -104.20 12.22 -29.74
N LYS A 3387 -103.68 11.00 -29.64
CA LYS A 3387 -104.54 9.81 -29.70
C LYS A 3387 -105.51 9.78 -28.53
N GLY A 3388 -105.00 9.77 -27.30
CA GLY A 3388 -105.90 9.82 -26.18
C GLY A 3388 -106.51 11.19 -26.04
N LEU A 3389 -105.72 12.14 -25.54
CA LEU A 3389 -106.02 13.57 -25.56
C LEU A 3389 -107.18 14.03 -24.70
N PHE A 3390 -107.93 13.10 -24.08
CA PHE A 3390 -109.00 13.43 -23.16
C PHE A 3390 -108.55 13.38 -21.72
N ASN A 3391 -107.75 12.39 -21.36
CA ASN A 3391 -107.40 12.20 -19.96
C ASN A 3391 -106.46 13.31 -19.51
N SER A 3392 -105.72 13.89 -20.45
CA SER A 3392 -105.15 15.21 -20.24
C SER A 3392 -106.22 16.21 -19.82
N GLU A 3393 -107.32 16.27 -20.57
CA GLU A 3393 -108.37 17.23 -20.28
C GLU A 3393 -109.13 16.87 -19.00
N ASP A 3394 -109.25 15.57 -18.70
CA ASP A 3394 -109.97 15.17 -17.49
C ASP A 3394 -109.17 15.40 -16.21
N ALA A 3395 -107.94 15.93 -16.32
CA ALA A 3395 -107.17 16.35 -15.16
C ALA A 3395 -107.30 17.83 -14.88
N LYS A 3396 -107.39 18.64 -15.94
CA LYS A 3396 -107.52 20.08 -15.74
C LYS A 3396 -108.83 20.46 -15.07
N THR A 3397 -109.87 19.63 -15.22
CA THR A 3397 -111.02 19.71 -14.34
C THR A 3397 -110.69 19.21 -12.94
N ARG A 3398 -109.86 18.17 -12.82
CA ARG A 3398 -109.44 17.65 -11.53
C ARG A 3398 -108.55 18.62 -10.77
N LYS A 3399 -107.94 19.59 -11.45
CA LYS A 3399 -107.12 20.61 -10.79
C LYS A 3399 -107.94 21.66 -10.08
N SER A 3400 -109.27 21.67 -10.26
CA SER A 3400 -110.16 22.56 -9.53
C SER A 3400 -110.48 22.06 -8.13
N ILE A 3401 -109.89 20.96 -7.70
CA ILE A 3401 -110.28 20.37 -6.42
C ILE A 3401 -109.75 21.17 -5.25
N GLY A 3402 -108.63 21.87 -5.44
CA GLY A 3402 -108.05 22.63 -4.34
C GLY A 3402 -108.99 23.67 -3.77
N LYS A 3403 -109.58 24.50 -4.63
CA LYS A 3403 -110.52 25.51 -4.19
C LYS A 3403 -111.94 24.97 -3.98
N TRP A 3404 -112.12 23.65 -3.96
CA TRP A 3404 -113.34 23.04 -3.47
C TRP A 3404 -113.22 22.61 -2.01
N TRP A 3405 -112.04 22.14 -1.62
CA TRP A 3405 -111.89 21.48 -0.33
C TRP A 3405 -112.05 22.46 0.82
N PHE A 3406 -111.47 23.64 0.69
CA PHE A 3406 -111.58 24.66 1.72
C PHE A 3406 -113.03 25.06 1.98
N TYR A 3407 -113.84 25.20 0.94
CA TYR A 3407 -115.24 25.55 1.13
C TYR A 3407 -115.99 24.46 1.88
N LEU A 3408 -115.69 23.20 1.58
CA LEU A 3408 -116.36 22.09 2.25
C LEU A 3408 -115.95 21.99 3.71
N TYR A 3409 -114.65 22.06 3.99
CA TYR A 3409 -114.17 22.08 5.36
C TYR A 3409 -114.73 23.27 6.13
N GLU A 3410 -114.91 24.42 5.48
CA GLU A 3410 -115.57 25.55 6.10
C GLU A 3410 -117.01 25.23 6.43
N SER A 3411 -117.72 24.58 5.52
CA SER A 3411 -119.12 24.25 5.72
C SER A 3411 -119.33 23.12 6.71
N ILE A 3412 -118.37 22.20 6.83
CA ILE A 3412 -118.60 20.90 7.46
C ILE A 3412 -117.83 20.82 8.76
N VAL A 3413 -116.50 20.92 8.68
CA VAL A 3413 -115.69 20.72 9.88
C VAL A 3413 -115.91 21.84 10.86
N ILE A 3414 -116.25 23.04 10.39
CA ILE A 3414 -116.71 24.11 11.27
C ILE A 3414 -118.23 23.95 11.33
N SER A 3415 -118.66 22.92 12.05
CA SER A 3415 -120.00 22.84 12.62
C SER A 3415 -120.01 22.22 14.01
N ASN A 3416 -118.85 21.74 14.48
CA ASN A 3416 -118.72 21.02 15.74
C ASN A 3416 -117.43 21.43 16.44
N PHE A 3417 -116.95 22.64 16.14
CA PHE A 3417 -115.55 22.98 16.36
C PHE A 3417 -115.40 24.47 16.66
N ASN A 3427 -128.30 23.65 12.17
CA ASN A 3427 -127.07 22.95 11.86
C ASN A 3427 -127.21 22.11 10.60
N ALA A 3428 -128.37 21.47 10.44
CA ALA A 3428 -128.53 20.41 9.45
C ALA A 3428 -129.11 20.95 8.15
N THR A 3429 -130.26 21.63 8.23
CA THR A 3429 -130.96 22.12 7.05
C THR A 3429 -130.10 23.08 6.25
N LEU A 3430 -129.45 24.02 6.94
CA LEU A 3430 -128.47 24.90 6.33
C LEU A 3430 -127.37 24.12 5.64
N LEU A 3431 -126.94 23.01 6.22
CA LEU A 3431 -125.83 22.25 5.65
C LEU A 3431 -126.24 21.57 4.36
N VAL A 3432 -127.39 20.88 4.36
CA VAL A 3432 -127.84 20.23 3.14
C VAL A 3432 -128.10 21.27 2.06
N SER A 3433 -128.60 22.45 2.43
CA SER A 3433 -128.85 23.47 1.43
C SER A 3433 -127.55 24.01 0.84
N SER A 3434 -126.57 24.30 1.69
CA SER A 3434 -125.27 24.76 1.24
C SER A 3434 -124.53 23.71 0.42
N LEU A 3435 -124.72 22.43 0.75
CA LEU A 3435 -124.16 21.34 -0.02
C LEU A 3435 -124.81 21.17 -1.37
N ASN A 3436 -126.14 21.34 -1.46
CA ASN A 3436 -126.85 21.10 -2.70
C ASN A 3436 -126.36 22.00 -3.82
N LEU A 3437 -125.88 23.20 -3.48
CA LEU A 3437 -125.19 24.02 -4.46
C LEU A 3437 -123.93 23.35 -5.00
N PHE A 3438 -123.17 22.69 -4.13
CA PHE A 3438 -121.86 22.18 -4.52
C PHE A 3438 -121.95 21.10 -5.58
N PHE A 3439 -123.08 20.39 -5.66
CA PHE A 3439 -123.34 19.45 -6.74
C PHE A 3439 -124.21 20.03 -7.84
N SER A 3440 -125.22 20.83 -7.49
CA SER A 3440 -126.09 21.41 -8.49
C SER A 3440 -125.38 22.52 -9.26
N LYS A 3441 -124.34 23.12 -8.67
CA LYS A 3441 -123.47 24.08 -9.37
C LYS A 3441 -122.20 23.33 -9.75
N SER A 3442 -122.28 22.58 -10.84
CA SER A 3442 -121.16 21.81 -11.36
C SER A 3442 -121.49 21.42 -12.79
N THR A 3443 -120.66 20.55 -13.36
CA THR A 3443 -120.84 20.05 -14.71
C THR A 3443 -120.51 18.57 -14.75
N LEU A 3444 -120.82 17.94 -15.88
CA LEU A 3444 -120.88 16.48 -15.94
C LEU A 3444 -119.51 15.85 -15.80
N GLY A 3445 -118.48 16.50 -16.32
CA GLY A 3445 -117.10 16.09 -16.11
C GLY A 3445 -116.51 16.66 -14.84
N GLU A 3446 -117.17 17.67 -14.25
CA GLU A 3446 -116.78 18.25 -12.98
C GLU A 3446 -117.61 17.70 -11.84
N PHE A 3447 -118.04 16.44 -11.95
CA PHE A 3447 -119.03 15.85 -11.06
C PHE A 3447 -118.50 14.73 -10.19
N ASN A 3448 -117.89 13.70 -10.80
CA ASN A 3448 -117.49 12.53 -10.02
C ASN A 3448 -116.37 12.87 -9.05
N ALA A 3449 -115.51 13.81 -9.42
CA ALA A 3449 -114.52 14.35 -8.51
C ALA A 3449 -115.13 14.94 -7.26
N ARG A 3450 -116.31 15.57 -7.39
CA ARG A 3450 -117.00 16.13 -6.24
C ARG A 3450 -117.42 15.02 -5.28
N LEU A 3451 -117.97 13.94 -5.82
CA LEU A 3451 -118.37 12.80 -4.99
C LEU A 3451 -117.17 12.13 -4.33
N ASP A 3452 -116.10 11.92 -5.06
CA ASP A 3452 -114.91 11.31 -4.47
C ASP A 3452 -114.14 12.28 -3.58
N LEU A 3453 -114.45 13.57 -3.63
CA LEU A 3453 -114.00 14.53 -2.64
C LEU A 3453 -114.86 14.51 -1.38
N VAL A 3454 -116.16 14.26 -1.53
CA VAL A 3454 -117.06 14.36 -0.39
C VAL A 3454 -117.06 13.05 0.40
N LYS A 3455 -116.85 11.92 -0.27
CA LYS A 3455 -116.79 10.66 0.47
C LYS A 3455 -115.57 10.59 1.37
N ALA A 3456 -114.51 11.32 1.01
CA ALA A 3456 -113.41 11.54 1.94
C ALA A 3456 -113.87 12.21 3.22
N PHE A 3457 -114.68 13.25 3.13
CA PHE A 3457 -115.23 13.90 4.29
C PHE A 3457 -116.17 12.97 5.06
N TYR A 3458 -116.90 12.12 4.36
CA TYR A 3458 -117.83 11.22 5.03
C TYR A 3458 -117.09 10.16 5.83
N LYS A 3459 -116.03 9.59 5.25
CA LYS A 3459 -115.19 8.65 5.99
C LYS A 3459 -114.26 9.34 6.97
N HIS A 3460 -114.21 10.68 6.97
CA HIS A 3460 -113.44 11.41 7.97
C HIS A 3460 -114.20 11.58 9.27
N ILE A 3461 -115.52 11.74 9.19
CA ILE A 3461 -116.33 12.02 10.36
C ILE A 3461 -116.56 10.72 11.11
N GLN A 3462 -116.70 9.62 10.38
CA GLN A 3462 -116.68 8.30 11.00
C GLN A 3462 -115.42 8.09 11.82
N LEU A 3463 -114.29 8.60 11.35
CA LEU A 3463 -113.02 8.43 12.05
C LEU A 3463 -113.05 9.08 13.43
N ILE A 3464 -113.60 10.29 13.54
CA ILE A 3464 -113.73 10.91 14.85
C ILE A 3464 -114.62 10.08 15.75
N GLY A 3465 -115.62 9.41 15.17
CA GLY A 3465 -116.42 8.41 15.84
C GLY A 3465 -117.90 8.53 15.54
N LEU A 3466 -118.66 7.53 15.94
CA LEU A 3466 -120.11 7.57 15.90
C LEU A 3466 -120.67 8.27 17.13
N ARG A 3467 -119.77 8.75 18.00
CA ARG A 3467 -120.04 9.91 18.84
C ARG A 3467 -120.77 11.00 18.08
N SER A 3468 -120.30 11.34 16.88
CA SER A 3468 -120.97 12.25 15.97
C SER A 3468 -121.70 11.41 14.93
N SER A 3469 -123.01 11.21 15.15
CA SER A 3469 -123.84 10.42 14.26
C SER A 3469 -125.12 11.18 13.91
N LYS A 3470 -125.01 12.51 13.75
CA LYS A 3470 -126.09 13.36 13.28
C LYS A 3470 -125.75 14.03 11.95
N ILE A 3471 -124.48 13.98 11.53
CA ILE A 3471 -123.97 14.79 10.43
C ILE A 3471 -123.37 13.90 9.35
N ALA A 3472 -122.93 12.71 9.72
CA ALA A 3472 -122.52 11.71 8.75
C ALA A 3472 -123.70 10.96 8.15
N GLY A 3473 -124.80 10.82 8.90
CA GLY A 3473 -126.02 10.29 8.35
C GLY A 3473 -126.54 11.18 7.24
N LEU A 3474 -126.32 12.50 7.39
CA LEU A 3474 -126.68 13.44 6.33
C LEU A 3474 -125.95 13.12 5.04
N LEU A 3475 -124.61 13.15 5.06
CA LEU A 3475 -123.79 12.93 3.89
C LEU A 3475 -124.05 11.59 3.24
N HIS A 3476 -124.34 10.56 4.04
CA HIS A 3476 -124.73 9.27 3.50
C HIS A 3476 -125.97 9.37 2.62
N ASN A 3477 -127.01 10.04 3.10
CA ASN A 3477 -128.24 10.13 2.32
C ASN A 3477 -128.06 11.03 1.11
N THR A 3478 -127.29 12.12 1.23
CA THR A 3478 -127.04 12.97 0.07
C THR A 3478 -126.25 12.24 -1.00
N ILE A 3479 -125.27 11.43 -0.61
CA ILE A 3479 -124.52 10.66 -1.57
C ILE A 3479 -125.39 9.59 -2.19
N LYS A 3480 -126.27 8.96 -1.40
CA LYS A 3480 -127.21 8.02 -1.98
C LYS A 3480 -128.17 8.70 -2.94
N PHE A 3481 -128.45 9.99 -2.71
CA PHE A 3481 -129.35 10.72 -3.57
C PHE A 3481 -128.70 11.07 -4.90
N TYR A 3482 -127.53 11.69 -4.88
CA TYR A 3482 -126.86 12.14 -6.10
C TYR A 3482 -126.15 11.02 -6.84
N TYR A 3483 -125.64 10.00 -6.14
CA TYR A 3483 -125.08 8.82 -6.78
C TYR A 3483 -126.12 8.06 -7.59
N GLN A 3484 -127.40 8.24 -7.27
CA GLN A 3484 -128.47 7.69 -8.08
C GLN A 3484 -128.42 8.20 -9.52
N PHE A 3485 -127.87 9.40 -9.74
CA PHE A 3485 -127.90 10.06 -11.04
C PHE A 3485 -126.68 9.76 -11.90
N LYS A 3486 -125.61 9.20 -11.32
CA LYS A 3486 -124.32 9.13 -11.98
C LYS A 3486 -124.28 8.28 -13.26
N PRO A 3487 -124.89 7.10 -13.31
CA PRO A 3487 -124.83 6.33 -14.57
C PRO A 3487 -125.52 7.03 -15.73
N LEU A 3488 -126.58 7.78 -15.46
CA LEU A 3488 -127.25 8.52 -16.53
C LEU A 3488 -126.41 9.70 -16.97
N ILE A 3489 -125.61 10.26 -16.05
CA ILE A 3489 -124.64 11.28 -16.43
C ILE A 3489 -123.57 10.68 -17.33
N ASP A 3490 -123.04 9.51 -16.96
CA ASP A 3490 -121.97 8.92 -17.73
C ASP A 3490 -122.45 8.45 -19.11
N GLU A 3491 -123.73 8.03 -19.18
CA GLU A 3491 -124.36 7.72 -20.45
C GLU A 3491 -124.22 8.86 -21.46
N ARG A 3492 -124.39 10.09 -20.99
CA ARG A 3492 -124.33 11.25 -21.88
C ARG A 3492 -122.95 11.41 -22.50
N ILE A 3493 -121.89 11.32 -21.70
CA ILE A 3493 -120.55 11.48 -22.26
C ILE A 3493 -120.20 10.30 -23.15
N THR A 3494 -120.65 9.10 -22.79
CA THR A 3494 -120.31 7.93 -23.60
C THR A 3494 -120.96 7.97 -24.96
N ASN A 3495 -122.22 8.40 -25.06
CA ASN A 3495 -122.83 8.61 -26.37
C ASN A 3495 -122.44 9.94 -27.00
N GLY A 3496 -121.77 10.82 -26.26
CA GLY A 3496 -121.33 12.09 -26.81
C GLY A 3496 -119.93 12.07 -27.36
N LYS A 3497 -119.03 11.31 -26.73
CA LYS A 3497 -117.64 11.24 -27.18
C LYS A 3497 -117.49 10.57 -28.53
N LYS A 3498 -118.50 9.81 -28.99
CA LYS A 3498 -118.33 8.96 -30.16
C LYS A 3498 -118.04 9.76 -31.42
N SER A 3499 -118.62 10.95 -31.54
CA SER A 3499 -118.29 11.85 -32.64
C SER A 3499 -116.82 12.25 -32.61
N LEU A 3500 -116.28 12.51 -31.42
CA LEU A 3500 -114.96 13.08 -31.26
C LEU A 3500 -113.84 12.05 -31.36
N GLU A 3501 -114.05 10.87 -30.79
CA GLU A 3501 -113.09 9.78 -30.93
C GLU A 3501 -112.87 9.44 -32.39
N LYS A 3502 -113.95 9.41 -33.17
CA LYS A 3502 -113.85 9.14 -34.60
C LYS A 3502 -113.06 10.23 -35.32
N GLU A 3503 -113.29 11.49 -34.97
CA GLU A 3503 -112.56 12.58 -35.63
C GLU A 3503 -111.07 12.52 -35.33
N ILE A 3504 -110.71 12.25 -34.07
CA ILE A 3504 -109.28 12.18 -33.77
C ILE A 3504 -108.66 10.96 -34.45
N ASP A 3505 -109.39 9.84 -34.54
CA ASP A 3505 -108.87 8.71 -35.32
C ASP A 3505 -108.68 9.06 -36.79
N ASP A 3506 -109.60 9.85 -37.35
CA ASP A 3506 -109.48 10.26 -38.75
C ASP A 3506 -108.27 11.15 -38.97
N ILE A 3507 -108.03 12.10 -38.07
CA ILE A 3507 -106.84 12.95 -38.21
C ILE A 3507 -105.57 12.17 -37.92
N ILE A 3508 -105.64 11.14 -37.07
CA ILE A 3508 -104.47 10.31 -36.82
C ILE A 3508 -104.08 9.55 -38.08
N LEU A 3509 -105.02 8.79 -38.65
CA LEU A 3509 -104.71 8.06 -39.87
C LEU A 3509 -104.44 9.00 -41.05
N LEU A 3510 -104.97 10.22 -41.01
CA LEU A 3510 -104.50 11.25 -41.93
C LEU A 3510 -103.02 11.53 -41.67
N ALA A 3511 -102.65 11.69 -40.41
CA ALA A 3511 -101.28 11.96 -40.01
C ALA A 3511 -100.37 10.75 -40.16
N SER A 3512 -100.92 9.57 -40.43
CA SER A 3512 -100.10 8.40 -40.73
C SER A 3512 -99.26 8.67 -41.97
N TRP A 3513 -97.96 8.42 -41.86
CA TRP A 3513 -96.97 8.88 -42.83
C TRP A 3513 -96.42 7.71 -43.62
N LYS A 3514 -96.19 7.94 -44.91
CA LYS A 3514 -95.59 6.97 -45.82
C LYS A 3514 -94.62 7.76 -46.69
N ASP A 3515 -93.48 7.14 -47.02
CA ASP A 3515 -92.43 7.82 -47.79
C ASP A 3515 -92.00 9.07 -47.05
N VAL A 3516 -91.28 8.87 -45.93
CA VAL A 3516 -91.34 9.72 -44.74
C VAL A 3516 -91.20 11.20 -45.08
N ASN A 3517 -90.13 11.60 -45.78
CA ASN A 3517 -90.03 12.95 -46.33
C ASN A 3517 -90.12 14.05 -45.28
N VAL A 3518 -89.04 14.19 -44.49
CA VAL A 3518 -88.95 15.07 -43.31
C VAL A 3518 -89.59 16.43 -43.53
N ASP A 3519 -89.30 17.08 -44.66
CA ASP A 3519 -89.74 18.47 -44.86
C ASP A 3519 -91.26 18.58 -44.90
N ALA A 3520 -91.94 17.55 -45.42
CA ALA A 3520 -93.39 17.55 -45.44
C ALA A 3520 -94.01 17.31 -44.07
N LEU A 3521 -93.25 16.79 -43.11
CA LEU A 3521 -93.83 16.43 -41.84
C LEU A 3521 -94.22 17.64 -41.00
N LYS A 3522 -93.33 18.61 -40.91
CA LYS A 3522 -93.52 19.76 -40.02
C LYS A 3522 -94.80 20.52 -40.36
N GLN A 3523 -95.06 20.76 -41.65
CA GLN A 3523 -96.28 21.46 -42.04
C GLN A 3523 -97.51 20.63 -41.69
N SER A 3524 -97.42 19.31 -41.80
CA SER A 3524 -98.52 18.46 -41.39
C SER A 3524 -98.72 18.45 -39.89
N SER A 3525 -97.70 18.82 -39.10
CA SER A 3525 -97.88 18.92 -37.67
C SER A 3525 -98.60 20.21 -37.28
N ARG A 3526 -98.10 21.35 -37.76
CA ARG A 3526 -98.62 22.61 -37.27
C ARG A 3526 -100.01 22.91 -37.82
N LYS A 3527 -100.34 22.35 -38.99
CA LYS A 3527 -101.73 22.39 -39.43
C LYS A 3527 -102.61 21.56 -38.51
N SER A 3528 -102.13 20.37 -38.11
CA SER A 3528 -102.98 19.44 -37.36
C SER A 3528 -103.34 20.00 -36.00
N HIS A 3529 -102.42 20.72 -35.37
CA HIS A 3529 -102.70 21.35 -34.09
C HIS A 3529 -103.87 22.33 -34.19
N ASN A 3530 -104.07 22.95 -35.36
CA ASN A 3530 -105.24 23.80 -35.53
C ASN A 3530 -106.52 22.98 -35.55
N ASN A 3531 -106.48 21.80 -36.18
CA ASN A 3531 -107.66 20.96 -36.26
C ASN A 3531 -108.01 20.35 -34.92
N LEU A 3532 -107.01 19.95 -34.13
CA LEU A 3532 -107.27 19.46 -32.78
C LEU A 3532 -107.93 20.50 -31.91
N TYR A 3533 -107.57 21.78 -32.08
CA TYR A 3533 -108.00 22.83 -31.16
C TYR A 3533 -109.51 22.97 -31.10
N LYS A 3534 -110.19 22.92 -32.24
CA LYS A 3534 -111.64 22.97 -32.21
C LYS A 3534 -112.22 21.69 -31.62
N ILE A 3535 -111.56 20.55 -31.84
CA ILE A 3535 -112.18 19.27 -31.52
C ILE A 3535 -112.21 19.06 -30.02
N VAL A 3536 -111.13 19.47 -29.33
CA VAL A 3536 -111.16 19.47 -27.87
C VAL A 3536 -112.23 20.44 -27.37
N ARG A 3537 -112.46 21.53 -28.10
CA ARG A 3537 -113.49 22.49 -27.72
C ARG A 3537 -114.86 21.83 -27.61
N LYS A 3538 -115.15 20.92 -28.54
CA LYS A 3538 -116.37 20.13 -28.47
C LYS A 3538 -116.46 19.36 -27.17
N TYR A 3539 -115.35 18.75 -26.75
CA TYR A 3539 -115.26 18.14 -25.43
C TYR A 3539 -115.64 19.13 -24.35
N ARG A 3540 -115.08 20.34 -24.41
CA ARG A 3540 -115.42 21.36 -23.43
C ARG A 3540 -116.86 21.81 -23.55
N ASP A 3541 -117.47 21.67 -24.72
CA ASP A 3541 -118.90 21.93 -24.82
C ASP A 3541 -119.69 20.84 -24.11
N LEU A 3542 -119.24 19.58 -24.21
CA LEU A 3542 -119.84 18.54 -23.39
C LEU A 3542 -119.44 18.70 -21.93
N LEU A 3543 -118.20 19.12 -21.68
CA LEU A 3543 -117.69 19.10 -20.32
C LEU A 3543 -118.29 20.22 -19.48
N ASN A 3544 -118.50 21.39 -20.10
CA ASN A 3544 -119.09 22.53 -19.40
C ASN A 3544 -120.61 22.51 -19.40
N GLY A 3545 -121.22 21.40 -19.80
CA GLY A 3545 -122.67 21.30 -19.73
C GLY A 3545 -123.17 21.32 -18.30
N ASP A 3546 -124.33 21.95 -18.12
CA ASP A 3546 -124.87 22.16 -16.78
C ASP A 3546 -125.26 20.83 -16.14
N ALA A 3547 -124.67 20.57 -14.98
CA ALA A 3547 -125.07 19.45 -14.13
C ALA A 3547 -126.50 19.59 -13.61
N LYS A 3548 -127.06 20.80 -13.61
CA LYS A 3548 -128.40 21.04 -13.12
C LYS A 3548 -129.48 20.33 -13.94
N THR A 3549 -129.38 20.39 -15.26
CA THR A 3549 -130.50 19.97 -16.10
C THR A 3549 -130.80 18.48 -15.97
N ILE A 3550 -129.79 17.68 -15.65
CA ILE A 3550 -130.03 16.26 -15.43
C ILE A 3550 -130.86 16.07 -14.17
N ILE A 3551 -130.62 16.90 -13.16
CA ILE A 3551 -131.48 16.89 -11.98
C ILE A 3551 -132.88 17.36 -12.36
N GLU A 3552 -132.96 18.41 -13.17
CA GLU A 3552 -134.23 19.00 -13.56
C GLU A 3552 -135.11 18.05 -14.35
N ALA A 3553 -134.52 17.13 -15.10
CA ALA A 3553 -135.30 16.09 -15.77
C ALA A 3553 -135.74 15.00 -14.82
N GLY A 3554 -135.10 14.87 -13.67
CA GLY A 3554 -135.49 13.86 -12.72
C GLY A 3554 -135.09 12.47 -13.19
N LEU A 3555 -136.07 11.56 -13.13
CA LEU A 3555 -135.87 10.18 -13.52
C LEU A 3555 -137.22 9.54 -13.80
N LEU A 3556 -137.30 8.79 -14.90
CA LEU A 3556 -138.57 8.35 -15.45
C LEU A 3556 -139.18 7.15 -14.74
N TYR A 3557 -138.39 6.11 -14.49
CA TYR A 3557 -138.93 4.81 -14.13
C TYR A 3557 -137.84 3.87 -13.66
N TYR A 3573 -131.93 -8.81 -2.90
CA TYR A 3573 -131.98 -8.99 -1.45
C TYR A 3573 -130.63 -9.47 -0.94
N GLU A 3574 -130.29 -9.04 0.28
CA GLU A 3574 -129.03 -9.46 0.90
C GLU A 3574 -129.09 -10.88 1.45
N ASP A 3575 -130.28 -11.48 1.54
CA ASP A 3575 -130.44 -12.91 1.83
C ASP A 3575 -129.82 -13.34 3.16
N PRO A 3576 -130.36 -12.83 4.27
CA PRO A 3576 -129.90 -13.23 5.59
C PRO A 3576 -130.66 -14.48 6.02
N ASN A 3577 -130.02 -15.31 6.84
CA ASN A 3577 -130.60 -16.55 7.33
C ASN A 3577 -129.72 -17.13 8.43
N LEU A 3578 -130.30 -18.02 9.22
CA LEU A 3578 -129.53 -18.70 10.26
C LEU A 3578 -130.33 -19.87 10.82
N GLU A 3579 -129.63 -20.97 11.00
CA GLU A 3579 -130.05 -22.05 11.89
C GLU A 3579 -128.79 -22.49 12.61
N ALA A 3580 -128.07 -21.51 13.16
CA ALA A 3580 -126.66 -21.58 13.54
C ALA A 3580 -126.31 -22.81 14.37
N SER A 3581 -125.03 -23.18 14.34
CA SER A 3581 -124.58 -24.55 14.58
C SER A 3581 -123.70 -24.65 15.81
N LYS A 3582 -124.18 -24.12 16.94
CA LYS A 3582 -123.40 -24.16 18.18
C LYS A 3582 -123.55 -25.48 18.93
N ASN A 3583 -123.90 -26.57 18.23
CA ASN A 3583 -124.07 -27.89 18.83
C ASN A 3583 -122.87 -28.36 19.62
N LEU A 3584 -123.07 -29.38 20.43
CA LEU A 3584 -122.07 -29.87 21.38
C LEU A 3584 -120.78 -30.30 20.70
N VAL A 3585 -119.50 -31.24 23.73
CA VAL A 3585 -119.59 -30.20 24.75
C VAL A 3585 -120.90 -30.27 25.53
N LYS A 3586 -121.97 -29.71 24.97
CA LYS A 3586 -123.23 -29.59 25.68
C LYS A 3586 -123.86 -30.97 25.88
N GLU A 3587 -124.31 -31.24 27.10
CA GLU A 3587 -124.89 -32.53 27.46
C GLU A 3587 -125.64 -32.39 28.77
N ILE A 3588 -125.94 -33.53 29.40
CA ILE A 3588 -126.33 -33.56 30.81
C ILE A 3588 -125.23 -33.06 31.74
N SER A 3589 -123.99 -32.91 31.24
CA SER A 3589 -122.96 -32.09 31.87
C SER A 3589 -123.51 -30.75 32.35
N THR A 3590 -124.43 -30.14 31.58
CA THR A 3590 -125.13 -28.94 32.01
C THR A 3590 -125.75 -29.06 33.39
N TRP A 3591 -126.11 -30.28 33.83
CA TRP A 3591 -126.75 -30.49 35.11
C TRP A 3591 -125.80 -30.46 36.30
N SER A 3592 -124.54 -30.07 36.10
CA SER A 3592 -123.56 -30.07 37.20
C SER A 3592 -123.99 -29.20 38.37
N MET A 3593 -124.72 -28.12 38.12
CA MET A 3593 -125.15 -27.23 39.19
C MET A 3593 -126.17 -27.93 40.09
N ARG A 3594 -124.87 -25.65 41.99
CA ARG A 3594 -123.70 -24.78 42.02
C ARG A 3594 -123.98 -23.54 42.87
N ALA A 3595 -124.76 -22.61 42.32
CA ALA A 3595 -125.20 -21.43 43.06
C ALA A 3595 -126.64 -21.06 42.71
N ALA A 3596 -127.38 -22.02 42.13
CA ALA A 3596 -128.68 -21.71 41.55
C ALA A 3596 -129.81 -22.21 42.43
N PRO A 3597 -130.85 -21.38 42.56
CA PRO A 3597 -132.12 -21.79 43.14
C PRO A 3597 -133.27 -21.16 42.36
N LEU A 3598 -133.05 -20.90 41.07
CA LEU A 3598 -134.01 -20.14 40.28
C LEU A 3598 -133.87 -20.50 38.80
N ARG A 3599 -134.08 -25.23 37.28
CA ARG A 3599 -134.87 -24.89 36.09
C ARG A 3599 -134.67 -25.95 35.02
N ASN A 3600 -135.76 -26.28 34.32
CA ASN A 3600 -135.72 -27.25 33.22
C ASN A 3600 -135.41 -26.49 31.94
N ILE A 3601 -134.65 -27.12 31.05
CA ILE A 3601 -134.31 -26.57 29.76
C ILE A 3601 -134.82 -27.41 28.60
N ASP A 3602 -135.36 -28.61 28.86
CA ASP A 3602 -135.69 -29.52 27.77
C ASP A 3602 -136.86 -29.02 26.94
N THR A 3603 -138.03 -28.86 27.56
CA THR A 3603 -139.24 -28.50 26.84
C THR A 3603 -139.28 -27.03 26.45
N VAL A 3604 -138.67 -26.15 27.25
CA VAL A 3604 -138.69 -24.72 26.93
C VAL A 3604 -137.94 -24.45 25.63
N ALA A 3605 -136.85 -25.18 25.37
CA ALA A 3605 -136.23 -25.13 24.06
C ALA A 3605 -137.18 -25.54 22.95
N SER A 3606 -138.06 -26.51 23.21
CA SER A 3606 -139.14 -26.85 22.29
C SER A 3606 -140.20 -25.76 22.26
N ASN A 3607 -140.50 -25.15 23.41
CA ASN A 3607 -141.48 -24.07 23.43
C ASN A 3607 -141.06 -22.92 22.52
N MET A 3608 -139.79 -22.54 22.56
CA MET A 3608 -139.36 -21.36 21.81
C MET A 3608 -139.27 -21.64 20.32
N ASP A 3609 -138.81 -22.83 19.92
CA ASP A 3609 -138.83 -23.14 18.49
C ASP A 3609 -140.25 -23.37 17.98
N SER A 3610 -141.18 -23.83 18.83
CA SER A 3610 -142.57 -23.88 18.41
C SER A 3610 -143.14 -22.49 18.24
N TYR A 3611 -142.79 -21.56 19.13
CA TYR A 3611 -143.12 -20.16 18.93
C TYR A 3611 -142.52 -19.62 17.64
N LEU A 3612 -141.30 -20.04 17.32
CA LEU A 3612 -140.65 -19.60 16.09
C LEU A 3612 -141.37 -20.13 14.87
N GLU A 3613 -141.89 -21.35 14.95
CA GLU A 3613 -142.73 -21.87 13.88
C GLU A 3613 -143.97 -21.01 13.68
N LYS A 3614 -144.60 -20.58 14.78
CA LYS A 3614 -145.83 -19.82 14.65
C LYS A 3614 -145.57 -18.43 14.12
N ILE A 3615 -144.52 -17.76 14.59
CA ILE A 3615 -144.24 -16.40 14.15
C ILE A 3615 -143.62 -16.40 12.75
N SER A 3616 -142.85 -17.42 12.40
CA SER A 3616 -142.33 -17.52 11.06
C SER A 3616 -143.43 -17.72 10.03
N SER A 3617 -144.53 -18.35 10.44
CA SER A 3617 -145.72 -18.44 9.59
C SER A 3617 -146.47 -17.12 9.49
N GLN A 3618 -146.16 -16.14 10.33
CA GLN A 3618 -146.79 -14.82 10.22
C GLN A 3618 -146.37 -14.16 8.92
N GLU A 3619 -147.29 -13.45 8.28
CA GLU A 3619 -147.01 -12.77 7.02
C GLU A 3619 -148.12 -11.77 6.74
N PHE A 3620 -147.76 -10.65 6.11
CA PHE A 3620 -148.69 -9.61 5.69
C PHE A 3620 -148.84 -9.64 4.18
N PRO A 3621 -149.86 -8.98 3.61
CA PRO A 3621 -149.94 -8.93 2.14
C PRO A 3621 -148.97 -7.92 1.57
N ASN A 3622 -148.68 -8.06 0.28
CA ASN A 3622 -147.86 -7.08 -0.41
C ASN A 3622 -148.72 -5.93 -0.92
N PHE A 3623 -148.08 -4.95 -1.55
CA PHE A 3623 -148.76 -3.76 -2.04
C PHE A 3623 -148.43 -3.44 -3.49
N ALA A 3624 -147.24 -3.80 -3.95
CA ALA A 3624 -146.81 -3.43 -5.31
C ALA A 3624 -147.68 -4.05 -6.38
N ASP A 3625 -148.30 -5.21 -6.10
CA ASP A 3625 -149.25 -5.80 -7.03
C ASP A 3625 -150.39 -4.85 -7.36
N LEU A 3626 -150.84 -4.08 -6.39
CA LEU A 3626 -151.99 -3.21 -6.60
C LEU A 3626 -151.59 -1.99 -7.43
N ALA A 3627 -150.47 -1.36 -7.09
CA ALA A 3627 -149.95 -0.27 -7.88
C ALA A 3627 -149.61 -0.71 -9.30
N SER A 3628 -149.22 -1.98 -9.49
CA SER A 3628 -148.95 -2.47 -10.83
C SER A 3628 -150.24 -2.75 -11.61
N ASP A 3629 -151.30 -3.19 -10.92
CA ASP A 3629 -152.60 -3.28 -11.59
C ASP A 3629 -153.06 -1.90 -12.06
N PHE A 3630 -152.89 -0.90 -11.20
CA PHE A 3630 -153.21 0.47 -11.61
C PHE A 3630 -152.30 0.92 -12.73
N TYR A 3631 -151.02 0.55 -12.69
CA TYR A 3631 -150.08 0.84 -13.77
C TYR A 3631 -150.58 0.27 -15.09
N ALA A 3632 -150.99 -0.99 -15.09
CA ALA A 3632 -151.51 -1.64 -16.27
C ALA A 3632 -152.74 -0.92 -16.82
N GLU A 3633 -153.77 -0.73 -15.99
CA GLU A 3633 -155.00 -0.15 -16.50
C GLU A 3633 -154.84 1.32 -16.86
N ALA A 3634 -153.96 2.04 -16.17
CA ALA A 3634 -153.71 3.44 -16.49
C ALA A 3634 -152.92 3.60 -17.78
N GLU A 3635 -151.88 2.79 -17.99
CA GLU A 3635 -151.19 2.83 -19.27
C GLU A 3635 -152.11 2.35 -20.39
N ARG A 3636 -153.04 1.45 -20.08
CA ARG A 3636 -154.05 1.08 -21.07
C ARG A 3636 -154.88 2.29 -21.48
N LEU A 3637 -155.50 2.96 -20.50
CA LEU A 3637 -156.30 4.15 -20.78
C LEU A 3637 -155.53 5.21 -21.54
N ARG A 3638 -154.31 5.52 -21.12
CA ARG A 3638 -153.51 6.55 -21.77
C ARG A 3638 -152.93 6.09 -23.10
N LYS A 3639 -152.93 4.78 -23.37
CA LYS A 3639 -152.42 4.21 -24.62
C LYS A 3639 -153.53 3.76 -25.56
N GLU A 3640 -154.73 3.50 -25.04
CA GLU A 3640 -155.88 3.10 -25.86
C GLU A 3640 -156.61 4.28 -26.46
N THR A 3641 -156.00 5.46 -26.51
CA THR A 3641 -156.67 6.65 -27.03
C THR A 3641 -156.42 6.77 -28.53
N PRO A 3642 -157.47 6.78 -29.39
CA PRO A 3642 -157.23 7.20 -30.78
C PRO A 3642 -157.04 8.69 -30.90
N ASN A 3643 -157.70 9.44 -30.02
CA ASN A 3643 -157.72 10.90 -30.04
C ASN A 3643 -158.44 11.43 -31.27
N VAL A 3644 -159.42 10.69 -31.77
CA VAL A 3644 -160.14 11.01 -32.99
C VAL A 3644 -161.58 11.34 -32.63
N TYR A 3645 -162.13 12.34 -33.30
CA TYR A 3645 -163.45 12.88 -32.98
C TYR A 3645 -164.46 12.48 -34.05
N ARG A 3652 -166.49 7.59 -28.64
CA ARG A 3652 -165.78 6.73 -27.69
C ARG A 3652 -164.68 7.48 -26.95
N LEU A 3653 -164.36 8.69 -27.44
CA LEU A 3653 -163.67 9.65 -26.59
C LEU A 3653 -164.43 9.88 -25.29
N ALA A 3654 -165.75 10.03 -25.39
CA ALA A 3654 -166.57 10.13 -24.19
C ALA A 3654 -166.56 8.82 -23.39
N TYR A 3655 -166.54 7.67 -24.06
CA TYR A 3655 -166.48 6.41 -23.34
C TYR A 3655 -165.13 6.19 -22.67
N LEU A 3656 -164.05 6.54 -23.37
CA LEU A 3656 -162.75 6.48 -22.73
C LEU A 3656 -162.66 7.44 -21.55
N LYS A 3657 -163.34 8.59 -21.64
CA LYS A 3657 -163.44 9.48 -20.49
C LYS A 3657 -164.26 8.86 -19.36
N THR A 3658 -165.29 8.08 -19.71
CA THR A 3658 -166.04 7.36 -18.69
C THR A 3658 -165.14 6.38 -17.95
N GLN A 3659 -164.33 5.62 -18.68
CA GLN A 3659 -163.40 4.71 -18.00
C GLN A 3659 -162.32 5.46 -17.22
N LYS A 3660 -161.91 6.62 -17.72
CA LYS A 3660 -160.98 7.48 -16.99
C LYS A 3660 -161.54 7.84 -15.63
N SER A 3661 -162.75 8.40 -15.60
CA SER A 3661 -163.47 8.69 -14.36
C SER A 3661 -163.64 7.46 -13.48
N LYS A 3662 -164.03 6.32 -14.05
CA LYS A 3662 -164.22 5.10 -13.28
C LYS A 3662 -162.95 4.70 -12.55
N LEU A 3663 -161.83 4.63 -13.27
CA LEU A 3663 -160.59 4.20 -12.64
C LEU A 3663 -160.09 5.21 -11.60
N LEU A 3664 -160.14 6.51 -11.92
CA LEU A 3664 -159.63 7.47 -10.94
C LEU A 3664 -160.51 7.53 -9.69
N GLY A 3665 -161.79 7.17 -9.81
CA GLY A 3665 -162.62 7.03 -8.62
C GLY A 3665 -162.32 5.76 -7.85
N ASP A 3666 -162.26 4.63 -8.54
CA ASP A 3666 -162.06 3.33 -7.89
C ASP A 3666 -160.72 3.26 -7.17
N ALA A 3667 -159.68 3.85 -7.78
CA ALA A 3667 -158.35 3.84 -7.17
C ALA A 3667 -158.36 4.51 -5.81
N LEU A 3668 -158.85 5.75 -5.73
CA LEU A 3668 -158.92 6.45 -4.47
C LEU A 3668 -159.86 5.80 -3.47
N LYS A 3669 -161.00 5.25 -3.92
CA LYS A 3669 -161.88 4.53 -3.00
C LYS A 3669 -161.18 3.35 -2.36
N GLU A 3670 -160.60 2.46 -3.15
CA GLU A 3670 -159.95 1.28 -2.58
C GLU A 3670 -158.70 1.66 -1.81
N LEU A 3671 -158.09 2.80 -2.14
CA LEU A 3671 -156.95 3.27 -1.36
C LEU A 3671 -157.39 3.72 0.02
N ARG A 3672 -158.50 4.45 0.11
CA ARG A 3672 -159.04 4.80 1.41
C ARG A 3672 -159.52 3.57 2.17
N ARG A 3673 -159.94 2.52 1.45
CA ARG A 3673 -160.55 1.37 2.10
C ARG A 3673 -159.59 0.68 3.06
N ILE A 3674 -158.31 0.60 2.68
CA ILE A 3674 -157.26 0.01 3.52
C ILE A 3674 -156.41 1.18 4.02
N GLY A 3675 -156.54 1.46 5.31
CA GLY A 3675 -155.75 2.50 5.95
C GLY A 3675 -155.93 3.89 5.39
N LEU A 3676 -155.20 4.84 5.97
CA LEU A 3676 -155.20 6.24 5.51
C LEU A 3676 -156.57 6.90 5.64
N ASP A 3683 -151.39 15.96 10.83
CA ASP A 3683 -150.79 17.23 10.46
C ASP A 3683 -149.28 17.07 10.30
N ILE A 3684 -148.86 16.96 9.04
CA ILE A 3684 -147.47 16.70 8.65
C ILE A 3684 -146.95 17.75 7.68
N GLN A 3685 -147.82 18.63 7.16
CA GLN A 3685 -147.44 19.71 6.25
C GLN A 3685 -146.24 20.53 6.72
N LYS A 3686 -146.15 20.79 8.02
CA LYS A 3686 -145.14 21.69 8.56
C LYS A 3686 -143.72 21.14 8.50
N VAL A 3687 -143.55 19.83 8.31
CA VAL A 3687 -142.24 19.20 8.26
C VAL A 3687 -141.97 18.59 6.90
N GLN A 3688 -142.98 17.98 6.28
CA GLN A 3688 -142.83 17.27 5.02
C GLN A 3688 -143.38 18.14 3.90
N SER A 3689 -142.54 19.06 3.43
CA SER A 3689 -142.89 19.94 2.32
C SER A 3689 -141.75 20.10 1.31
N SER A 3690 -140.56 19.60 1.63
CA SER A 3690 -139.41 19.77 0.76
C SER A 3690 -138.37 18.73 1.15
N THR A 3691 -137.41 18.52 0.25
CA THR A 3691 -136.40 17.49 0.45
C THR A 3691 -135.50 17.82 1.64
N THR A 3692 -135.01 19.05 1.71
CA THR A 3692 -134.10 19.43 2.77
C THR A 3692 -134.76 19.45 4.15
N THR A 3693 -136.06 19.73 4.21
CA THR A 3693 -136.80 19.64 5.47
C THR A 3693 -136.86 18.22 6.01
N ILE A 3694 -136.92 17.22 5.12
CA ILE A 3694 -137.04 15.82 5.52
C ILE A 3694 -135.70 15.10 5.48
N LEU A 3695 -134.83 15.45 4.54
CA LEU A 3695 -133.56 14.77 4.37
C LEU A 3695 -132.53 15.18 5.42
N ALA A 3696 -132.71 16.35 6.04
CA ALA A 3696 -131.83 16.82 7.10
C ALA A 3696 -132.25 16.28 8.47
N ASN A 3697 -133.19 15.34 8.51
CA ASN A 3697 -133.58 14.66 9.75
C ASN A 3697 -133.81 13.17 9.54
N ILE A 3698 -133.50 12.65 8.35
CA ILE A 3698 -133.82 11.27 8.03
C ILE A 3698 -132.89 10.33 8.78
N ALA A 3699 -133.40 9.14 9.11
CA ALA A 3699 -132.58 8.08 9.66
C ALA A 3699 -132.04 7.24 8.50
N PRO A 3700 -130.72 7.07 8.38
CA PRO A 3700 -130.20 6.38 7.19
C PRO A 3700 -130.15 4.88 7.40
N PHE A 3701 -129.68 4.19 6.37
CA PHE A 3701 -129.13 2.84 6.52
C PHE A 3701 -127.64 2.90 6.18
N ASN A 3702 -126.82 2.42 7.10
CA ASN A 3702 -125.37 2.33 6.92
C ASN A 3702 -124.89 0.90 6.85
N ASN A 3703 -125.43 0.02 7.68
CA ASN A 3703 -125.06 -1.38 7.63
C ASN A 3703 -125.65 -2.00 6.37
N GLU A 3704 -124.87 -2.87 5.73
CA GLU A 3704 -125.15 -3.31 4.37
C GLU A 3704 -126.08 -4.52 4.42
N TYR A 3705 -127.25 -4.32 5.01
CA TYR A 3705 -128.39 -5.21 4.88
C TYR A 3705 -129.55 -4.48 4.20
N LEU A 3706 -129.58 -3.15 4.33
CA LEU A 3706 -130.66 -2.30 3.84
C LEU A 3706 -130.18 -1.24 2.86
N ASN A 3707 -128.90 -1.22 2.51
CA ASN A 3707 -128.39 -0.39 1.41
C ASN A 3707 -128.38 -1.22 0.12
N SER A 3708 -129.46 -1.95 -0.11
CA SER A 3708 -129.84 -2.44 -1.43
C SER A 3708 -131.35 -2.38 -1.64
N SER A 3709 -132.09 -1.94 -0.62
CA SER A 3709 -133.54 -2.13 -0.55
C SER A 3709 -134.18 -0.82 -0.10
N ASP A 3710 -133.56 0.31 -0.49
CA ASP A 3710 -134.06 1.62 -0.10
C ASP A 3710 -133.98 2.65 -1.22
N ALA A 3711 -133.56 2.27 -2.43
CA ALA A 3711 -133.54 3.24 -3.52
C ALA A 3711 -134.95 3.56 -4.01
N PHE A 3712 -135.89 2.65 -3.82
CA PHE A 3712 -137.30 2.90 -4.09
C PHE A 3712 -137.90 3.96 -3.17
N PHE A 3713 -137.20 4.32 -2.09
CA PHE A 3713 -137.50 5.51 -1.32
C PHE A 3713 -136.83 6.76 -1.87
N PHE A 3714 -135.55 6.72 -2.17
CA PHE A 3714 -134.82 7.88 -2.65
C PHE A 3714 -135.31 8.33 -4.02
N LYS A 3715 -135.78 7.40 -4.83
CA LYS A 3715 -136.44 7.72 -6.08
C LYS A 3715 -137.69 8.58 -5.89
N ILE A 3716 -138.34 8.48 -4.72
CA ILE A 3716 -139.54 9.27 -4.46
C ILE A 3716 -139.19 10.75 -4.35
N LEU A 3717 -137.93 11.07 -4.05
CA LEU A 3717 -137.54 12.43 -3.75
C LEU A 3717 -137.36 13.27 -5.00
N ASP A 3718 -136.96 12.65 -6.11
CA ASP A 3718 -136.67 13.43 -7.31
C ASP A 3718 -137.93 14.02 -7.94
N LEU A 3719 -138.94 13.20 -8.17
CA LEU A 3719 -140.18 13.66 -8.78
C LEU A 3719 -141.04 14.49 -7.83
N LEU A 3720 -140.79 14.40 -6.53
CA LEU A 3720 -141.66 14.99 -5.51
C LEU A 3720 -141.78 16.51 -5.69
N PRO A 3721 -140.68 17.26 -5.82
CA PRO A 3721 -140.81 18.68 -6.20
C PRO A 3721 -141.57 18.90 -7.48
N LYS A 3722 -141.47 17.97 -8.44
CA LYS A 3722 -142.25 18.10 -9.65
C LYS A 3722 -143.73 17.87 -9.36
N LEU A 3723 -144.04 17.02 -8.37
CA LEU A 3723 -145.43 16.88 -7.95
C LEU A 3723 -145.93 18.16 -7.31
N ARG A 3724 -145.11 18.79 -6.47
CA ARG A 3724 -145.54 20.01 -5.80
C ARG A 3724 -145.75 21.14 -6.81
N SER A 3725 -144.88 21.26 -7.80
CA SER A 3725 -145.07 22.25 -8.84
C SER A 3725 -146.27 21.90 -9.72
N ALA A 3726 -146.54 20.61 -9.89
CA ALA A 3726 -147.64 20.18 -10.74
C ALA A 3726 -148.99 20.61 -10.16
N ALA A 3727 -149.09 20.66 -8.84
CA ALA A 3727 -150.32 21.10 -8.18
C ALA A 3727 -150.59 22.56 -8.49
N VAL A 3736 -159.91 16.75 -9.78
CA VAL A 3736 -160.92 17.72 -9.37
C VAL A 3736 -160.69 18.05 -7.89
N ALA A 3737 -161.18 17.17 -7.01
CA ALA A 3737 -160.82 17.18 -5.60
C ALA A 3737 -160.17 15.89 -5.16
N ALA A 3738 -160.39 14.80 -5.92
CA ALA A 3738 -159.55 13.60 -5.80
C ALA A 3738 -158.08 13.92 -5.94
N ILE A 3739 -157.71 14.89 -6.77
CA ILE A 3739 -156.34 15.37 -6.81
C ILE A 3739 -155.92 15.88 -5.44
N GLU A 3740 -156.79 16.63 -4.77
CA GLU A 3740 -156.46 17.19 -3.47
C GLU A 3740 -156.42 16.12 -2.39
N ARG A 3741 -157.30 15.13 -2.49
CA ARG A 3741 -157.22 13.97 -1.61
C ARG A 3741 -155.91 13.23 -1.78
N GLY A 3742 -155.55 12.90 -3.03
CA GLY A 3742 -154.43 12.01 -3.26
C GLY A 3742 -153.09 12.64 -2.99
N MET A 3743 -152.91 13.92 -3.34
CA MET A 3743 -151.64 14.58 -3.07
C MET A 3743 -151.39 14.66 -1.57
N ALA A 3744 -152.45 14.86 -0.79
CA ALA A 3744 -152.37 14.81 0.66
C ALA A 3744 -152.39 13.40 1.20
N LEU A 3745 -152.99 12.45 0.47
CA LEU A 3745 -153.04 11.07 0.91
C LEU A 3745 -151.65 10.45 1.06
N ALA A 3746 -150.79 10.69 0.09
CA ALA A 3746 -149.47 10.08 0.09
C ALA A 3746 -148.56 10.67 1.15
N GLN A 3747 -148.85 11.87 1.65
CA GLN A 3747 -147.97 12.47 2.65
C GLN A 3747 -148.06 11.71 3.97
N SER A 3748 -149.26 11.28 4.35
CA SER A 3748 -149.39 10.39 5.49
C SER A 3748 -148.67 9.07 5.24
N LEU A 3749 -148.78 8.55 4.02
CA LEU A 3749 -148.06 7.33 3.66
C LEU A 3749 -146.56 7.57 3.65
N MET A 3750 -146.14 8.75 3.18
CA MET A 3750 -144.72 9.09 3.23
C MET A 3750 -144.22 9.14 4.66
N PHE A 3751 -145.03 9.69 5.57
CA PHE A 3751 -144.64 9.75 6.97
C PHE A 3751 -144.56 8.36 7.58
N SER A 3752 -145.52 7.50 7.28
CA SER A 3752 -145.47 6.11 7.72
C SER A 3752 -144.25 5.39 7.18
N LEU A 3753 -143.80 5.74 5.99
CA LEU A 3753 -142.59 5.19 5.40
C LEU A 3753 -141.31 5.80 5.96
N ILE A 3754 -141.39 7.01 6.51
CA ILE A 3754 -140.21 7.73 6.98
C ILE A 3754 -139.91 7.41 8.43
N THR A 3755 -140.91 7.59 9.30
CA THR A 3755 -140.81 7.44 10.74
C THR A 3755 -140.21 6.10 11.17
N VAL A 3756 -140.45 5.05 10.40
CA VAL A 3756 -139.97 3.72 10.74
C VAL A 3756 -138.44 3.63 10.77
N ARG A 3757 -137.74 4.51 10.06
CA ARG A 3757 -136.35 4.25 9.72
C ARG A 3757 -135.42 4.32 10.93
N HIS A 3758 -135.65 5.23 11.87
CA HIS A 3758 -134.77 5.33 13.03
C HIS A 3758 -134.92 4.12 13.96
N PRO A 3759 -136.15 3.70 14.28
CA PRO A 3759 -136.30 2.43 15.03
C PRO A 3759 -135.61 1.25 14.39
N LEU A 3760 -135.81 1.02 13.09
CA LEU A 3760 -135.22 -0.15 12.47
C LEU A 3760 -133.71 -0.01 12.30
N SER A 3761 -133.22 1.22 12.14
CA SER A 3761 -131.77 1.44 12.14
C SER A 3761 -131.16 1.05 13.48
N GLU A 3762 -131.78 1.45 14.59
CA GLU A 3762 -131.27 1.04 15.89
C GLU A 3762 -131.44 -0.46 16.10
N PHE A 3763 -132.49 -1.04 15.53
CA PHE A 3763 -132.68 -2.48 15.63
C PHE A 3763 -131.54 -3.23 14.96
N THR A 3764 -131.25 -2.88 13.70
CA THR A 3764 -130.11 -3.44 12.99
C THR A 3764 -128.79 -3.18 13.68
N ASN A 3765 -128.62 -2.00 14.29
CA ASN A 3765 -127.35 -1.68 14.92
C ASN A 3765 -127.09 -2.59 16.12
N ASP A 3766 -128.16 -3.06 16.77
CA ASP A 3766 -128.06 -4.11 17.75
C ASP A 3766 -127.79 -5.47 17.12
N TYR A 3767 -128.43 -5.74 15.98
CA TYR A 3767 -128.45 -7.08 15.40
C TYR A 3767 -127.05 -7.57 15.04
N CYS A 3768 -126.27 -6.74 14.37
CA CYS A 3768 -124.91 -7.11 13.99
C CYS A 3768 -124.04 -7.39 15.20
N LYS A 3769 -124.19 -6.62 16.27
CA LYS A 3769 -123.41 -6.84 17.48
C LYS A 3769 -123.71 -8.21 18.09
N ILE A 3770 -124.99 -8.50 18.30
CA ILE A 3770 -125.36 -9.78 18.89
C ILE A 3770 -124.98 -10.94 17.98
N ASN A 3771 -124.99 -10.76 16.66
CA ASN A 3771 -124.47 -11.82 15.81
C ASN A 3771 -122.97 -12.01 16.02
N GLY A 3772 -122.21 -10.92 16.02
CA GLY A 3772 -120.78 -10.99 16.26
C GLY A 3772 -120.40 -11.52 17.62
N MET A 3773 -121.32 -11.45 18.59
CA MET A 3773 -121.08 -11.97 19.92
C MET A 3773 -121.60 -13.38 20.11
N MET A 3774 -122.69 -13.75 19.43
CA MET A 3774 -123.04 -15.16 19.31
C MET A 3774 -121.89 -15.93 18.69
N LEU A 3775 -121.23 -15.33 17.70
CA LEU A 3775 -120.01 -15.88 17.15
C LEU A 3775 -118.94 -16.10 18.21
N ASP A 3776 -118.70 -15.10 19.06
CA ASP A 3776 -117.69 -15.21 20.11
C ASP A 3776 -118.03 -16.33 21.09
N LEU A 3777 -119.27 -16.33 21.58
CA LEU A 3777 -119.66 -17.30 22.59
C LEU A 3777 -119.74 -18.71 22.02
N GLU A 3778 -120.10 -18.86 20.74
CA GLU A 3778 -120.01 -20.16 20.10
C GLU A 3778 -118.56 -20.58 19.95
N HIS A 3779 -117.65 -19.62 19.78
CA HIS A 3779 -116.23 -19.93 19.86
C HIS A 3779 -115.79 -20.13 21.30
N PHE A 3780 -116.46 -19.50 22.26
CA PHE A 3780 -116.16 -19.73 23.66
C PHE A 3780 -116.51 -21.14 24.10
N THR A 3781 -117.45 -21.80 23.40
CA THR A 3781 -117.67 -23.23 23.60
C THR A 3781 -116.41 -24.04 23.30
N CYS A 3782 -115.56 -23.55 22.40
CA CYS A 3782 -114.34 -24.25 22.02
C CYS A 3782 -113.19 -24.03 23.01
N LEU A 3783 -113.49 -23.56 24.23
CA LEU A 3783 -112.49 -23.55 25.29
C LEU A 3783 -111.91 -24.93 25.51
N LYS A 3784 -110.62 -24.96 25.84
CA LYS A 3784 -109.90 -26.16 26.20
C LYS A 3784 -109.22 -26.04 27.55
N GLY A 3785 -108.77 -24.83 27.91
CA GLY A 3785 -108.19 -24.53 29.20
C GLY A 3785 -109.17 -23.72 30.03
N ASP A 3786 -108.75 -22.51 30.37
CA ASP A 3786 -109.54 -21.60 31.21
C ASP A 3786 -109.22 -20.16 30.80
N ILE A 3787 -109.78 -19.22 31.56
CA ILE A 3787 -109.82 -17.81 31.18
C ILE A 3787 -108.43 -17.23 31.34
N VAL A 3788 -107.72 -17.05 30.23
CA VAL A 3788 -106.51 -16.24 30.22
C VAL A 3788 -106.49 -15.34 28.99
N HIS A 3789 -107.03 -14.12 29.14
CA HIS A 3789 -107.05 -13.13 28.06
C HIS A 3789 -106.55 -11.76 28.48
N SER A 3790 -106.84 -11.32 29.71
CA SER A 3790 -106.33 -10.04 30.18
C SER A 3790 -104.81 -10.06 30.25
N SER A 3791 -104.25 -11.15 30.77
CA SER A 3791 -102.82 -11.36 30.68
C SER A 3791 -102.35 -11.52 29.24
N LEU A 3792 -103.20 -12.05 28.38
CA LEU A 3792 -102.93 -12.14 26.95
C LEU A 3792 -103.25 -10.86 26.20
N LYS A 3793 -103.98 -9.93 26.81
CA LYS A 3793 -104.48 -8.76 26.10
C LYS A 3793 -103.37 -7.87 25.57
N ALA A 3794 -102.18 -7.92 26.17
CA ALA A 3794 -101.09 -7.04 25.77
C ALA A 3794 -100.26 -7.63 24.65
N ASN A 3795 -99.85 -8.89 24.76
CA ASN A 3795 -98.93 -9.48 23.81
C ASN A 3795 -99.56 -9.74 22.46
N VAL A 3796 -100.89 -9.94 22.41
CA VAL A 3796 -101.57 -9.98 21.13
C VAL A 3796 -101.36 -8.68 20.37
N ASP A 3797 -101.43 -7.55 21.07
CA ASP A 3797 -101.16 -6.27 20.42
C ASP A 3797 -99.68 -6.12 20.10
N ASN A 3798 -98.81 -6.76 20.87
CA ASN A 3798 -97.39 -6.75 20.55
C ASN A 3798 -97.10 -7.44 19.23
N VAL A 3799 -97.65 -8.63 19.03
CA VAL A 3799 -97.41 -9.36 17.80
C VAL A 3799 -98.14 -8.72 16.63
N ARG A 3800 -99.37 -8.24 16.86
CA ARG A 3800 -100.11 -7.58 15.80
C ARG A 3800 -99.43 -6.28 15.38
N LEU A 3801 -98.79 -5.59 16.31
CA LEU A 3801 -97.92 -4.48 15.97
C LEU A 3801 -96.77 -4.94 15.10
N PHE A 3802 -96.24 -6.14 15.35
CA PHE A 3802 -95.19 -6.72 14.54
C PHE A 3802 -95.71 -7.32 13.24
N GLU A 3803 -97.03 -7.36 13.04
CA GLU A 3803 -97.58 -7.89 11.80
C GLU A 3803 -97.55 -6.85 10.68
N LYS A 3804 -97.67 -5.58 11.02
CA LYS A 3804 -97.84 -4.53 10.03
C LYS A 3804 -96.52 -3.90 9.58
N TRP A 3805 -95.51 -3.85 10.46
CA TRP A 3805 -94.27 -3.15 10.18
C TRP A 3805 -93.18 -4.04 9.61
N LEU A 3806 -92.79 -5.08 10.34
CA LEU A 3806 -91.66 -5.93 9.98
C LEU A 3806 -91.75 -6.55 8.59
N PRO A 3807 -92.91 -7.06 8.15
CA PRO A 3807 -92.99 -7.63 6.79
C PRO A 3807 -92.73 -6.62 5.68
N SER A 3808 -92.79 -5.32 5.97
CA SER A 3808 -92.41 -4.28 5.01
C SER A 3808 -90.95 -3.86 5.20
N LEU A 3809 -90.50 -3.82 6.45
CA LEU A 3809 -89.10 -3.53 6.73
C LEU A 3809 -88.18 -4.52 6.04
N LEU A 3810 -88.57 -5.79 6.03
CA LEU A 3810 -87.77 -6.80 5.35
C LEU A 3810 -87.61 -6.50 3.88
N ASP A 3811 -88.70 -6.16 3.19
CA ASP A 3811 -88.60 -5.88 1.76
C ASP A 3811 -87.88 -4.57 1.50
N TYR A 3812 -87.94 -3.63 2.44
CA TYR A 3812 -87.18 -2.40 2.29
C TYR A 3812 -85.68 -2.66 2.36
N ALA A 3813 -85.26 -3.40 3.38
CA ALA A 3813 -83.90 -3.92 3.42
C ALA A 3813 -83.53 -4.66 2.15
N ALA A 3814 -84.43 -5.48 1.63
CA ALA A 3814 -84.20 -6.21 0.39
C ALA A 3814 -83.96 -5.30 -0.80
N GLN A 3815 -84.64 -4.17 -0.90
CA GLN A 3815 -84.26 -3.15 -1.87
C GLN A 3815 -82.84 -2.68 -1.66
N THR A 3816 -82.51 -2.34 -0.41
CA THR A 3816 -81.14 -1.90 -0.13
C THR A 3816 -80.14 -3.01 -0.40
N LEU A 3817 -80.51 -4.26 -0.15
CA LEU A 3817 -79.58 -5.36 -0.42
C LEU A 3817 -79.32 -5.56 -1.90
N SER A 3818 -80.34 -5.49 -2.75
CA SER A 3818 -80.12 -5.49 -4.18
C SER A 3818 -79.26 -4.31 -4.63
N VAL A 3819 -79.51 -3.14 -4.08
CA VAL A 3819 -78.72 -1.97 -4.43
C VAL A 3819 -77.27 -2.19 -4.02
N ILE A 3820 -77.05 -2.86 -2.89
CA ILE A 3820 -75.69 -3.17 -2.46
C ILE A 3820 -75.07 -4.19 -3.39
N SER A 3821 -75.85 -5.17 -3.84
CA SER A 3821 -75.34 -6.21 -4.72
C SER A 3821 -74.91 -5.65 -6.07
N LYS A 3822 -75.54 -4.56 -6.51
CA LYS A 3822 -75.07 -3.89 -7.72
C LYS A 3822 -73.61 -3.44 -7.62
N TYR A 3823 -73.20 -2.97 -6.45
CA TYR A 3823 -71.94 -2.26 -6.28
C TYR A 3823 -70.92 -3.04 -5.46
N SER A 3824 -71.32 -4.16 -4.84
CA SER A 3824 -70.44 -4.88 -3.94
C SER A 3824 -70.85 -6.34 -3.91
N ALA A 3825 -70.27 -7.09 -2.97
CA ALA A 3825 -70.24 -8.53 -3.03
C ALA A 3825 -71.53 -9.22 -2.59
N THR A 3826 -72.30 -8.62 -1.69
CA THR A 3826 -73.33 -9.37 -0.99
C THR A 3826 -74.65 -9.38 -1.76
N SER A 3827 -75.11 -10.59 -2.10
CA SER A 3827 -76.49 -10.83 -2.50
C SER A 3827 -76.97 -12.15 -1.91
N GLU A 3828 -76.36 -12.57 -0.80
CA GLU A 3828 -76.53 -13.91 -0.26
C GLU A 3828 -77.23 -13.92 1.10
N GLN A 3829 -77.28 -12.79 1.79
CA GLN A 3829 -78.00 -12.66 3.05
C GLN A 3829 -79.45 -12.24 2.84
N GLN A 3830 -80.01 -12.53 1.67
CA GLN A 3830 -81.39 -12.23 1.34
C GLN A 3830 -82.28 -13.44 1.54
N LYS A 3831 -81.75 -14.62 1.20
CA LYS A 3831 -82.42 -15.90 1.44
C LYS A 3831 -82.78 -16.10 2.90
N ILE A 3832 -82.00 -15.54 3.83
CA ILE A 3832 -82.25 -15.70 5.26
C ILE A 3832 -83.38 -14.81 5.76
N LEU A 3833 -83.98 -13.99 4.89
CA LEU A 3833 -85.05 -13.07 5.23
C LEU A 3833 -86.41 -13.54 4.76
N LEU A 3834 -86.49 -14.13 3.58
CA LEU A 3834 -87.76 -14.63 3.08
C LEU A 3834 -88.30 -15.76 3.95
N ASP A 3835 -87.43 -16.62 4.46
CA ASP A 3835 -87.88 -17.64 5.41
C ASP A 3835 -88.38 -17.02 6.70
N ALA A 3836 -87.61 -16.05 7.23
CA ALA A 3836 -88.00 -15.34 8.43
C ALA A 3836 -89.28 -14.55 8.26
N LYS A 3837 -89.65 -14.21 7.04
CA LYS A 3837 -90.92 -13.57 6.72
C LYS A 3837 -92.05 -14.57 6.58
N SER A 3838 -91.79 -15.67 5.87
CA SER A 3838 -92.82 -16.66 5.62
C SER A 3838 -93.26 -17.34 6.91
N THR A 3839 -92.32 -17.61 7.81
CA THR A 3839 -92.66 -18.22 9.09
C THR A 3839 -93.60 -17.37 9.93
N LEU A 3840 -93.62 -16.05 9.72
CA LEU A 3840 -94.46 -15.19 10.56
C LEU A 3840 -95.94 -15.42 10.27
N SER A 3841 -96.28 -15.66 9.01
CA SER A 3841 -97.64 -16.02 8.64
C SER A 3841 -98.14 -17.25 9.39
N SER A 3842 -97.25 -18.21 9.66
CA SER A 3842 -97.62 -19.41 10.38
C SER A 3842 -98.05 -19.14 11.82
N PHE A 3843 -97.69 -17.98 12.37
CA PHE A 3843 -98.20 -17.50 13.65
C PHE A 3843 -99.36 -16.55 13.49
N PHE A 3844 -99.30 -15.66 12.50
CA PHE A 3844 -100.39 -14.71 12.28
C PHE A 3844 -101.70 -15.41 11.97
N VAL A 3845 -101.64 -16.56 11.29
CA VAL A 3845 -102.85 -17.35 11.06
C VAL A 3845 -103.54 -17.68 12.37
N HIS A 3846 -102.81 -18.21 13.35
CA HIS A 3846 -103.44 -18.59 14.61
C HIS A 3846 -103.82 -17.38 15.43
N PHE A 3847 -102.94 -16.37 15.49
CA PHE A 3847 -103.20 -15.17 16.25
C PHE A 3847 -104.40 -14.39 15.72
N ASN A 3848 -104.69 -14.48 14.43
CA ASN A 3848 -105.86 -13.86 13.83
C ASN A 3848 -106.95 -14.84 13.48
N SER A 3849 -106.71 -16.16 13.60
CA SER A 3849 -107.78 -17.12 13.64
C SER A 3849 -108.65 -16.99 14.88
N SER A 3850 -108.13 -16.37 15.94
CA SER A 3850 -108.88 -16.20 17.16
C SER A 3850 -110.08 -15.29 16.94
N ARG A 3851 -111.12 -15.57 17.67
CA ARG A 3851 -112.29 -14.72 17.85
C ARG A 3851 -112.42 -14.33 19.30
N ILE A 3852 -112.29 -15.29 20.21
CA ILE A 3852 -112.01 -15.05 21.62
C ILE A 3852 -110.78 -15.87 21.95
N PHE A 3853 -109.98 -15.37 22.88
CA PHE A 3853 -108.61 -15.82 23.01
C PHE A 3853 -108.54 -17.15 23.74
N ASP A 3854 -107.34 -17.76 23.70
CA ASP A 3854 -107.11 -19.13 24.16
C ASP A 3854 -105.87 -19.19 25.03
N SER A 3855 -105.75 -20.31 25.74
CA SER A 3855 -104.57 -20.59 26.55
C SER A 3855 -103.40 -21.10 25.71
N SER A 3856 -103.68 -21.71 24.56
CA SER A 3856 -102.61 -22.21 23.69
C SER A 3856 -101.76 -21.09 23.11
N PHE A 3857 -102.29 -19.87 23.03
CA PHE A 3857 -101.51 -18.78 22.44
C PHE A 3857 -100.32 -18.39 23.29
N ILE A 3858 -100.27 -18.80 24.56
CA ILE A 3858 -99.06 -18.56 25.35
C ILE A 3858 -97.95 -19.47 24.84
N GLU A 3859 -98.30 -20.73 24.56
CA GLU A 3859 -97.37 -21.71 24.01
C GLU A 3859 -96.68 -21.21 22.76
N SER A 3860 -97.43 -20.61 21.84
CA SER A 3860 -96.88 -20.15 20.58
C SER A 3860 -96.36 -18.73 20.64
N TYR A 3861 -96.85 -17.92 21.59
CA TYR A 3861 -96.20 -16.65 21.84
C TYR A 3861 -94.78 -16.86 22.32
N SER A 3862 -94.55 -17.90 23.12
CA SER A 3862 -93.18 -18.25 23.48
C SER A 3862 -92.37 -18.66 22.26
N ARG A 3863 -92.95 -19.44 21.34
CA ARG A 3863 -92.25 -19.83 20.12
C ARG A 3863 -91.92 -18.61 19.27
N PHE A 3864 -92.82 -17.62 19.27
CA PHE A 3864 -92.61 -16.38 18.54
C PHE A 3864 -91.50 -15.55 19.18
N GLU A 3865 -91.50 -15.47 20.51
CA GLU A 3865 -90.51 -14.66 21.21
C GLU A 3865 -89.12 -15.26 21.12
N LEU A 3866 -88.98 -16.55 21.44
CA LEU A 3866 -87.69 -17.21 21.30
C LEU A 3866 -87.22 -17.21 19.86
N PHE A 3867 -88.14 -17.26 18.90
CA PHE A 3867 -87.73 -17.21 17.51
C PHE A 3867 -87.21 -15.83 17.15
N ILE A 3868 -87.82 -14.77 17.69
CA ILE A 3868 -87.32 -13.42 17.45
C ILE A 3868 -85.94 -13.28 18.07
N ASN A 3869 -85.76 -13.82 19.28
CA ASN A 3869 -84.45 -13.76 19.93
C ASN A 3869 -83.39 -14.54 19.15
N GLU A 3870 -83.76 -15.68 18.58
CA GLU A 3870 -82.91 -16.40 17.64
C GLU A 3870 -82.58 -15.56 16.43
N LEU A 3871 -83.60 -14.95 15.82
CA LEU A 3871 -83.44 -14.18 14.60
C LEU A 3871 -82.52 -12.99 14.82
N LEU A 3872 -82.55 -12.41 16.02
CA LEU A 3872 -81.55 -11.41 16.40
C LEU A 3872 -80.13 -11.92 16.20
N LYS A 3873 -79.85 -13.14 16.64
CA LYS A 3873 -78.53 -13.72 16.46
C LYS A 3873 -78.22 -14.00 15.02
N LYS A 3874 -79.21 -14.42 14.23
CA LYS A 3874 -78.98 -14.65 12.81
C LYS A 3874 -78.64 -13.36 12.08
N LEU A 3875 -79.35 -12.28 12.41
CA LEU A 3875 -79.02 -10.97 11.86
C LEU A 3875 -77.62 -10.54 12.26
N GLU A 3876 -77.27 -10.68 13.54
CA GLU A 3876 -75.96 -10.26 13.99
C GLU A 3876 -74.86 -11.12 13.36
N ASN A 3877 -75.17 -12.37 13.02
CA ASN A 3877 -74.25 -13.19 12.26
C ASN A 3877 -74.11 -12.69 10.83
N ALA A 3878 -75.21 -12.29 10.21
CA ALA A 3878 -75.17 -11.69 8.89
C ALA A 3878 -74.60 -10.28 8.89
N LYS A 3879 -74.67 -9.57 10.02
CA LYS A 3879 -74.06 -8.27 10.13
C LYS A 3879 -72.56 -8.31 9.93
N GLU A 3880 -71.86 -9.21 10.61
CA GLU A 3880 -70.45 -9.48 10.37
C GLU A 3880 -70.33 -10.02 8.94
N THR A 3881 -69.29 -9.58 8.23
CA THR A 3881 -69.06 -9.98 6.85
C THR A 3881 -70.25 -9.57 5.98
N GLY A 3882 -70.47 -8.27 5.88
CA GLY A 3882 -71.62 -7.70 5.21
C GLY A 3882 -71.94 -6.33 5.77
N ASN A 3883 -72.59 -5.51 4.96
CA ASN A 3883 -72.87 -4.14 5.38
C ASN A 3883 -73.90 -4.14 6.50
N ALA A 3884 -73.53 -3.46 7.58
CA ALA A 3884 -74.17 -3.69 8.86
C ALA A 3884 -75.35 -2.77 9.11
N PHE A 3885 -75.21 -1.51 8.69
CA PHE A 3885 -76.18 -0.47 9.01
C PHE A 3885 -77.59 -0.82 8.60
N VAL A 3886 -77.77 -1.60 7.53
CA VAL A 3886 -79.10 -2.04 7.15
C VAL A 3886 -79.66 -3.01 8.18
N PHE A 3887 -78.78 -3.81 8.78
CA PHE A 3887 -79.19 -4.73 9.83
C PHE A 3887 -79.32 -4.05 11.18
N ASP A 3888 -78.51 -3.02 11.42
CA ASP A 3888 -78.55 -2.29 12.68
C ASP A 3888 -79.92 -1.71 12.96
N ILE A 3889 -80.59 -1.20 11.95
CA ILE A 3889 -81.87 -0.52 12.22
C ILE A 3889 -82.97 -1.52 12.53
N ILE A 3890 -83.05 -2.63 11.78
CA ILE A 3890 -84.03 -3.66 12.12
C ILE A 3890 -83.77 -4.21 13.52
N ILE A 3891 -82.49 -4.38 13.87
CA ILE A 3891 -82.15 -4.85 15.20
C ILE A 3891 -82.59 -3.84 16.25
N GLU A 3892 -82.35 -2.56 16.01
CA GLU A 3892 -82.70 -1.53 16.98
C GLU A 3892 -84.21 -1.40 17.12
N TRP A 3893 -84.94 -1.59 16.02
CA TRP A 3893 -86.39 -1.51 16.10
C TRP A 3893 -86.95 -2.69 16.89
N ILE A 3894 -86.42 -3.89 16.67
CA ILE A 3894 -86.90 -5.05 17.41
C ILE A 3894 -86.54 -4.90 18.89
N LYS A 3895 -85.36 -4.35 19.18
CA LYS A 3895 -84.96 -4.15 20.56
C LYS A 3895 -85.81 -3.10 21.25
N ALA A 3896 -86.11 -2.00 20.56
CA ALA A 3896 -86.90 -0.91 21.13
C ALA A 3896 -88.39 -1.23 21.19
N ASN A 3897 -88.82 -2.37 20.67
CA ASN A 3897 -90.22 -2.78 20.72
C ASN A 3897 -90.32 -4.25 21.11
N LYS A 3898 -89.42 -4.68 22.01
CA LYS A 3898 -89.47 -6.01 22.60
C LYS A 3898 -90.80 -6.21 23.32
N GLU A 3913 -119.84 -17.96 39.27
CA GLU A 3913 -120.81 -17.95 40.37
C GLU A 3913 -121.49 -16.59 40.45
N ASP A 3914 -120.71 -15.53 40.50
CA ASP A 3914 -121.25 -14.21 40.22
C ASP A 3914 -121.82 -14.14 38.81
N VAL A 3915 -121.14 -14.80 37.87
CA VAL A 3915 -121.63 -14.83 36.50
C VAL A 3915 -122.85 -15.72 36.38
N GLU A 3916 -123.09 -16.61 37.36
CA GLU A 3916 -124.39 -17.28 37.43
C GLU A 3916 -125.51 -16.25 37.52
N GLN A 3917 -125.39 -15.29 38.43
CA GLN A 3917 -126.37 -14.21 38.51
C GLN A 3917 -126.35 -13.37 37.25
N ALA A 3918 -125.17 -13.10 36.70
CA ALA A 3918 -125.09 -12.27 35.50
C ALA A 3918 -125.83 -12.87 34.32
N PHE A 3919 -125.60 -14.15 34.04
CA PHE A 3919 -126.20 -14.84 32.92
C PHE A 3919 -127.62 -15.29 33.20
N ARG A 3920 -128.02 -15.35 34.47
CA ARG A 3920 -129.43 -15.50 34.80
C ARG A 3920 -130.21 -14.21 34.59
N ARG A 3921 -129.58 -13.05 34.83
CA ARG A 3921 -130.28 -11.79 34.69
C ARG A 3921 -130.65 -11.51 33.25
N THR A 3922 -129.84 -11.97 32.30
CA THR A 3922 -130.22 -11.88 30.89
C THR A 3922 -131.13 -13.01 30.47
N PHE A 3923 -130.97 -14.21 31.04
CA PHE A 3923 -131.83 -15.33 30.75
C PHE A 3923 -133.28 -15.06 31.11
N THR A 3924 -133.52 -14.27 32.16
CA THR A 3924 -134.89 -13.86 32.47
C THR A 3924 -135.39 -12.79 31.51
N SER A 3925 -134.52 -11.89 31.07
CA SER A 3925 -134.88 -10.81 30.18
C SER A 3925 -135.34 -11.27 28.81
N ILE A 3926 -134.83 -12.42 28.34
CA ILE A 3926 -134.99 -12.82 26.95
C ILE A 3926 -136.18 -13.73 26.73
N ILE A 3927 -136.39 -14.73 27.58
CA ILE A 3927 -137.56 -15.59 27.48
C ILE A 3927 -138.85 -14.79 27.64
N LEU A 3928 -138.81 -13.84 28.58
CA LEU A 3928 -139.90 -12.89 28.80
C LEU A 3928 -140.38 -12.26 27.50
N SER A 3929 -139.45 -11.84 26.64
CA SER A 3929 -139.82 -11.27 25.35
C SER A 3929 -140.57 -12.27 24.49
N PHE A 3930 -140.14 -13.53 24.45
CA PHE A 3930 -140.89 -14.54 23.73
C PHE A 3930 -142.27 -14.75 24.32
N GLN A 3931 -142.42 -14.65 25.65
CA GLN A 3931 -143.75 -14.68 26.22
C GLN A 3931 -144.55 -13.45 25.81
N LYS A 3932 -143.88 -12.33 25.53
CA LYS A 3932 -144.60 -11.17 24.99
C LYS A 3932 -144.98 -11.38 23.53
N VAL A 3933 -144.18 -12.11 22.75
CA VAL A 3933 -144.54 -12.36 21.35
C VAL A 3933 -145.84 -13.15 21.27
N ILE A 3934 -145.91 -14.29 21.97
CA ILE A 3934 -147.17 -15.00 22.09
C ILE A 3934 -148.22 -14.18 22.83
N GLY A 3935 -147.78 -13.20 23.64
CA GLY A 3935 -148.71 -12.23 24.19
C GLY A 3935 -149.53 -11.52 23.12
N ASP A 3936 -148.91 -11.21 21.99
CA ASP A 3936 -149.61 -10.65 20.84
C ASP A 3936 -150.00 -11.77 19.88
N GLY A 3937 -151.04 -11.51 19.10
CA GLY A 3937 -151.58 -12.52 18.20
C GLY A 3937 -150.71 -12.71 16.98
N ILE A 3938 -151.37 -13.05 15.87
CA ILE A 3938 -150.72 -13.29 14.59
C ILE A 3938 -151.64 -12.76 13.50
N GLU A 3939 -151.03 -12.25 12.42
CA GLU A 3939 -151.73 -11.64 11.29
C GLU A 3939 -151.50 -12.52 10.08
N SER A 3940 -152.57 -12.74 9.30
CA SER A 3940 -152.51 -13.47 8.05
C SER A 3940 -152.91 -12.55 6.89
N THR A 3944 -155.09 -8.78 4.27
CA THR A 3944 -155.40 -9.02 2.86
C THR A 3944 -156.83 -8.60 2.52
N ASP A 3945 -157.73 -8.63 3.50
CA ASP A 3945 -159.15 -8.42 3.26
C ASP A 3945 -159.54 -6.96 3.48
N ASP A 3946 -159.26 -6.43 4.67
CA ASP A 3946 -159.73 -5.10 5.04
C ASP A 3946 -158.83 -4.50 6.11
N ASN A 3947 -158.25 -3.34 5.81
CA ASN A 3947 -157.59 -2.48 6.80
C ASN A 3947 -156.45 -3.21 7.51
N TRP A 3948 -155.42 -3.55 6.73
CA TRP A 3948 -154.34 -4.42 7.16
C TRP A 3948 -152.97 -3.76 7.01
N LEU A 3949 -152.81 -2.86 6.03
CA LEU A 3949 -151.61 -2.05 6.01
C LEU A 3949 -151.52 -1.12 7.21
N SER A 3950 -152.59 -0.42 7.53
CA SER A 3950 -152.68 0.43 8.71
C SER A 3950 -152.65 -0.37 10.00
N ALA A 3951 -152.83 -1.69 9.93
CA ALA A 3951 -152.56 -2.59 11.04
C ALA A 3951 -151.13 -3.09 11.05
N SER A 3952 -150.53 -3.35 9.88
CA SER A 3952 -149.23 -3.99 9.85
C SER A 3952 -148.08 -3.01 10.09
N PHE A 3953 -148.21 -1.76 9.63
CA PHE A 3953 -147.25 -0.72 10.01
C PHE A 3953 -147.10 -0.62 11.52
N LYS A 3954 -148.19 -0.84 12.26
CA LYS A 3954 -148.20 -0.76 13.71
C LYS A 3954 -147.77 -2.08 14.33
N LYS A 3955 -148.14 -3.20 13.70
CA LYS A 3955 -147.72 -4.51 14.19
C LYS A 3955 -146.21 -4.65 14.17
N VAL A 3956 -145.57 -4.30 13.04
CA VAL A 3956 -144.12 -4.39 12.97
C VAL A 3956 -143.47 -3.42 13.96
N MET A 3957 -144.09 -2.26 14.19
CA MET A 3957 -143.50 -1.27 15.06
C MET A 3957 -143.64 -1.60 16.54
N VAL A 3958 -144.67 -2.35 16.92
CA VAL A 3958 -144.74 -2.90 18.27
C VAL A 3958 -143.92 -4.17 18.37
N ASN A 3959 -143.69 -4.88 17.26
CA ASN A 3959 -142.86 -6.08 17.30
C ASN A 3959 -141.39 -5.74 17.52
N VAL A 3960 -140.87 -4.75 16.78
CA VAL A 3960 -139.51 -4.30 17.05
C VAL A 3960 -139.38 -3.75 18.46
N LYS A 3961 -140.42 -3.07 18.95
CA LYS A 3961 -140.39 -2.51 20.30
C LYS A 3961 -140.46 -3.62 21.36
N LEU A 3962 -141.09 -4.74 21.01
CA LEU A 3962 -141.24 -5.87 21.92
C LEU A 3962 -139.91 -6.52 22.26
N LEU A 3963 -138.89 -6.34 21.42
CA LEU A 3963 -137.65 -7.08 21.57
C LEU A 3963 -136.71 -6.42 22.57
N ARG A 3964 -136.82 -5.09 22.74
CA ARG A 3964 -136.01 -4.27 23.65
C ARG A 3964 -134.52 -4.58 23.52
N SER A 3965 -134.11 -4.82 22.27
CA SER A 3965 -132.77 -5.28 21.94
C SER A 3965 -131.68 -4.33 22.41
N SER A 3966 -131.97 -3.03 22.48
CA SER A 3966 -131.02 -2.04 22.98
C SER A 3966 -130.59 -2.30 24.42
N VAL A 3967 -131.39 -3.04 25.19
CA VAL A 3967 -131.01 -3.49 26.52
C VAL A 3967 -130.45 -4.91 26.49
N VAL A 3968 -130.94 -5.74 25.57
CA VAL A 3968 -130.44 -7.11 25.46
C VAL A 3968 -128.98 -7.11 25.02
N SER A 3969 -128.70 -6.44 23.90
CA SER A 3969 -127.33 -6.28 23.44
C SER A 3969 -126.44 -5.55 24.43
N LYS A 3970 -127.02 -4.74 25.31
CA LYS A 3970 -126.24 -4.02 26.30
C LYS A 3970 -125.85 -4.90 27.48
N ASN A 3971 -126.81 -5.56 28.11
CA ASN A 3971 -126.49 -6.38 29.27
C ASN A 3971 -125.73 -7.64 28.87
N ILE A 3972 -125.95 -8.18 27.67
CA ILE A 3972 -125.18 -9.35 27.27
C ILE A 3972 -123.75 -8.95 26.95
N GLU A 3973 -123.55 -7.81 26.30
CA GLU A 3973 -122.20 -7.31 26.08
C GLU A 3973 -121.50 -7.01 27.40
N THR A 3974 -122.26 -6.55 28.39
CA THR A 3974 -121.70 -6.36 29.73
C THR A 3974 -121.28 -7.68 30.36
N ALA A 3975 -122.12 -8.71 30.20
CA ALA A 3975 -121.76 -10.04 30.70
C ALA A 3975 -120.52 -10.58 29.99
N LEU A 3976 -120.30 -10.18 28.74
CA LEU A 3976 -119.09 -10.54 28.04
C LEU A 3976 -117.87 -9.78 28.56
N SER A 3977 -118.00 -8.47 28.77
CA SER A 3977 -116.85 -7.60 28.97
C SER A 3977 -116.01 -8.02 30.16
N LEU A 3978 -116.64 -8.45 31.24
CA LEU A 3978 -115.93 -8.98 32.40
C LEU A 3978 -115.07 -10.20 32.07
N LEU A 3979 -115.44 -10.99 31.07
CA LEU A 3979 -114.73 -12.22 30.76
C LEU A 3979 -113.34 -11.99 30.21
N LYS A 3980 -113.11 -10.90 29.50
CA LYS A 3980 -111.78 -10.50 29.06
C LYS A 3980 -111.11 -9.52 30.01
N ASP A 3981 -111.88 -8.58 30.56
CA ASP A 3981 -111.31 -7.61 31.50
C ASP A 3981 -110.91 -8.29 32.80
N PHE A 3982 -111.66 -9.30 33.21
CA PHE A 3982 -111.35 -10.13 34.37
C PHE A 3982 -111.27 -11.59 33.95
N ASP A 3983 -110.49 -12.36 34.70
CA ASP A 3983 -110.38 -13.80 34.51
C ASP A 3983 -110.51 -14.52 35.85
N PHE A 3984 -110.76 -15.81 35.76
CA PHE A 3984 -110.87 -16.69 36.91
C PHE A 3984 -110.12 -17.97 36.56
N THR A 3985 -109.30 -18.46 37.49
CA THR A 3985 -108.27 -19.44 37.13
C THR A 3985 -108.88 -20.79 36.79
N THR A 3986 -109.39 -21.49 37.79
CA THR A 3986 -110.00 -22.81 37.61
C THR A 3986 -111.23 -22.95 38.51
N THR A 3987 -111.88 -21.83 38.81
CA THR A 3987 -112.96 -21.77 39.78
C THR A 3987 -113.94 -20.71 39.31
N GLU A 3988 -115.21 -21.10 39.18
CA GLU A 3988 -116.20 -20.45 38.32
C GLU A 3988 -115.61 -20.06 36.97
N SER A 3989 -114.78 -20.96 36.42
CA SER A 3989 -114.29 -20.91 35.06
C SER A 3989 -114.25 -22.29 34.41
N ILE A 3990 -114.70 -23.32 35.11
CA ILE A 3990 -114.52 -24.72 34.71
C ILE A 3990 -115.87 -25.43 34.63
N TYR A 3991 -116.83 -24.95 35.42
CA TYR A 3991 -118.24 -25.27 35.23
C TYR A 3991 -118.96 -24.16 34.49
N VAL A 3992 -118.25 -23.09 34.10
CA VAL A 3992 -118.85 -22.05 33.27
C VAL A 3992 -119.30 -22.64 31.95
N LYS A 3993 -118.61 -23.67 31.45
CA LYS A 3993 -119.11 -24.38 30.29
C LYS A 3993 -120.42 -25.08 30.60
N SER A 3994 -120.62 -25.55 31.82
CA SER A 3994 -121.93 -26.03 32.27
C SER A 3994 -122.93 -24.90 32.42
N VAL A 3995 -122.47 -23.67 32.61
CA VAL A 3995 -123.34 -22.50 32.63
C VAL A 3995 -123.68 -22.04 31.21
N ILE A 3996 -122.67 -21.79 30.38
CA ILE A 3996 -122.96 -21.24 29.07
C ILE A 3996 -123.61 -22.28 28.18
N SER A 3997 -123.41 -23.57 28.44
CA SER A 3997 -124.21 -24.59 27.81
C SER A 3997 -125.67 -24.54 28.24
N PHE A 3998 -125.95 -24.05 29.45
CA PHE A 3998 -127.29 -23.94 29.98
C PHE A 3998 -128.05 -22.75 29.42
N THR A 3999 -127.42 -21.94 28.55
CA THR A 3999 -128.02 -20.69 28.08
C THR A 3999 -127.80 -20.41 26.60
N LEU A 4000 -127.44 -21.43 25.81
CA LEU A 4000 -127.46 -21.33 24.35
C LEU A 4000 -128.04 -22.58 23.67
N PRO A 4001 -129.21 -23.08 24.13
CA PRO A 4001 -130.20 -23.58 23.16
C PRO A 4001 -131.24 -22.53 22.83
N VAL A 4002 -130.99 -21.28 23.23
CA VAL A 4002 -132.01 -20.25 23.32
C VAL A 4002 -131.66 -19.04 22.46
N ILE A 4003 -130.42 -18.54 22.58
CA ILE A 4003 -129.98 -17.46 21.70
C ILE A 4003 -129.98 -17.93 20.25
N THR A 4004 -129.74 -19.23 20.05
CA THR A 4004 -130.10 -19.90 18.81
C THR A 4004 -131.50 -19.54 18.36
N ARG A 4005 -132.50 -19.69 19.22
CA ARG A 4005 -133.87 -19.33 18.88
C ARG A 4005 -134.05 -17.83 18.72
N TYR A 4006 -133.35 -17.04 19.52
CA TYR A 4006 -133.58 -15.60 19.54
C TYR A 4006 -132.99 -14.93 18.32
N TYR A 4007 -131.69 -15.13 18.07
CA TYR A 4007 -131.06 -14.53 16.90
C TYR A 4007 -131.74 -14.98 15.61
N ASN A 4008 -132.19 -16.23 15.56
CA ASN A 4008 -133.05 -16.66 14.47
C ASN A 4008 -134.40 -15.96 14.48
N ALA A 4009 -134.94 -15.66 15.66
CA ALA A 4009 -136.18 -14.91 15.75
C ALA A 4009 -135.98 -13.43 15.43
N MET A 4010 -134.77 -12.92 15.58
CA MET A 4010 -134.46 -11.55 15.16
C MET A 4010 -134.49 -11.37 13.66
N THR A 4011 -134.43 -12.45 12.89
CA THR A 4011 -134.19 -12.38 11.46
C THR A 4011 -135.44 -12.60 10.63
N VAL A 4012 -136.31 -13.51 11.05
CA VAL A 4012 -137.57 -13.74 10.35
C VAL A 4012 -138.41 -12.47 10.31
N VAL A 4013 -138.34 -11.68 11.38
CA VAL A 4013 -138.97 -10.37 11.36
C VAL A 4013 -138.20 -9.42 10.46
N LEU A 4014 -136.86 -9.51 10.48
CA LEU A 4014 -136.05 -8.50 9.81
C LEU A 4014 -136.08 -8.73 8.30
N GLU A 4015 -135.90 -9.97 7.86
CA GLU A 4015 -136.01 -10.28 6.45
C GLU A 4015 -137.43 -10.06 5.94
N ARG A 4016 -138.44 -10.26 6.78
CA ARG A 4016 -139.82 -10.03 6.39
C ARG A 4016 -140.18 -8.55 6.43
N SER A 4017 -139.51 -7.77 7.27
CA SER A 4017 -139.73 -6.33 7.32
C SER A 4017 -139.02 -5.59 6.20
N ARG A 4018 -137.80 -6.00 5.86
CA ARG A 4018 -137.04 -5.44 4.75
C ARG A 4018 -137.84 -5.49 3.46
N ILE A 4019 -138.36 -6.67 3.13
CA ILE A 4019 -139.20 -6.81 1.95
C ILE A 4019 -140.47 -5.98 2.09
N TYR A 4020 -140.99 -5.86 3.31
CA TYR A 4020 -142.25 -5.15 3.51
C TYR A 4020 -142.10 -3.67 3.20
N TYR A 4021 -140.97 -3.08 3.59
CA TYR A 4021 -140.66 -1.71 3.22
C TYR A 4021 -140.64 -1.52 1.72
N THR A 4022 -140.08 -2.47 0.99
CA THR A 4022 -139.79 -2.32 -0.42
C THR A 4022 -141.04 -2.42 -1.30
N ASN A 4023 -141.98 -3.30 -0.96
CA ASN A 4023 -143.24 -3.39 -1.66
C ASN A 4023 -143.98 -2.06 -1.61
N THR A 4024 -144.07 -1.50 -0.40
CA THR A 4024 -144.78 -0.25 -0.20
C THR A 4024 -144.08 0.92 -0.87
N SER A 4025 -142.76 1.03 -0.73
CA SER A 4025 -142.06 2.16 -1.35
C SER A 4025 -142.12 2.08 -2.87
N ARG A 4026 -142.07 0.88 -3.45
CA ARG A 4026 -142.14 0.77 -4.89
C ARG A 4026 -143.54 1.03 -5.42
N GLY A 4027 -144.57 0.54 -4.72
CA GLY A 4027 -145.92 0.91 -5.07
C GLY A 4027 -146.16 2.39 -4.94
N MET A 4028 -145.54 3.03 -3.94
CA MET A 4028 -145.61 4.47 -3.80
C MET A 4028 -144.95 5.18 -4.97
N TYR A 4029 -143.80 4.66 -5.43
CA TYR A 4029 -143.16 5.20 -6.62
C TYR A 4029 -144.08 5.14 -7.83
N ILE A 4030 -144.69 3.98 -8.04
CA ILE A 4030 -145.61 3.82 -9.17
C ILE A 4030 -146.80 4.77 -9.04
N LEU A 4031 -147.33 4.94 -7.82
CA LEU A 4031 -148.48 5.81 -7.65
C LEU A 4031 -148.11 7.28 -7.85
N SER A 4032 -146.91 7.67 -7.40
CA SER A 4032 -146.43 9.02 -7.64
C SER A 4032 -146.29 9.28 -9.14
N THR A 4033 -145.76 8.31 -9.88
CA THR A 4033 -145.68 8.44 -11.32
C THR A 4033 -147.07 8.55 -11.95
N ILE A 4034 -148.01 7.76 -11.43
CA ILE A 4034 -149.38 7.75 -11.97
C ILE A 4034 -150.01 9.13 -11.78
N LEU A 4035 -150.01 9.63 -10.56
CA LEU A 4035 -150.64 10.93 -10.30
C LEU A 4035 -149.88 12.05 -10.98
N HIS A 4036 -148.58 11.89 -11.20
CA HIS A 4036 -147.86 12.90 -11.98
C HIS A 4036 -148.36 12.92 -13.41
N SER A 4037 -148.51 11.74 -14.02
CA SER A 4037 -149.12 11.64 -15.34
C SER A 4037 -150.53 12.23 -15.37
N LEU A 4038 -151.30 12.02 -14.29
CA LEU A 4038 -152.67 12.54 -14.26
C LEU A 4038 -152.70 14.03 -13.93
N ALA A 4039 -151.66 14.53 -13.26
CA ALA A 4039 -151.47 15.97 -13.16
C ALA A 4039 -151.33 16.60 -14.53
N LYS A 4040 -150.66 15.91 -15.45
CA LYS A 4040 -150.49 16.37 -16.82
C LYS A 4040 -151.69 16.03 -17.69
N ASN A 4041 -152.65 15.27 -17.17
CA ASN A 4041 -153.98 15.13 -17.77
C ASN A 4041 -154.96 16.04 -17.04
N PRO A 4622 29.07 -45.71 -23.41
CA PRO A 4622 28.10 -44.61 -23.35
C PRO A 4622 28.26 -43.77 -22.09
N GLU A 4623 27.50 -42.68 -22.01
CA GLU A 4623 27.49 -41.87 -20.80
C GLU A 4623 26.75 -42.61 -19.69
N ARG A 4624 27.27 -42.50 -18.47
CA ARG A 4624 26.72 -43.19 -17.32
C ARG A 4624 25.64 -42.32 -16.67
N SER A 4625 25.11 -42.79 -15.54
CA SER A 4625 24.23 -42.00 -14.71
C SER A 4625 25.07 -41.12 -13.80
N LEU A 4626 24.63 -39.88 -13.58
CA LEU A 4626 25.40 -38.97 -12.75
C LEU A 4626 25.46 -39.45 -11.31
N GLU A 4627 24.45 -40.20 -10.86
CA GLU A 4627 24.37 -40.57 -9.44
C GLU A 4627 25.41 -41.61 -9.08
N GLU A 4628 25.52 -42.68 -9.88
CA GLU A 4628 26.53 -43.70 -9.57
C GLU A 4628 27.93 -43.15 -9.78
N SER A 4629 28.10 -42.26 -10.77
CA SER A 4629 29.40 -41.64 -10.98
C SER A 4629 29.78 -40.78 -9.78
N ARG A 4630 28.84 -40.01 -9.25
CA ARG A 4630 29.12 -39.19 -8.08
C ARG A 4630 29.36 -40.05 -6.85
N GLU A 4631 28.67 -41.18 -6.74
CA GLU A 4631 28.88 -42.09 -5.62
C GLU A 4631 30.30 -42.66 -5.64
N LEU A 4632 30.70 -43.22 -6.79
CA LEU A 4632 32.04 -43.77 -6.90
C LEU A 4632 33.10 -42.68 -6.81
N TRP A 4633 32.76 -41.47 -7.28
CA TRP A 4633 33.64 -40.32 -7.12
C TRP A 4633 33.90 -40.04 -5.66
N HIS A 4634 32.83 -39.93 -4.87
CA HIS A 4634 32.98 -39.68 -3.44
C HIS A 4634 33.72 -40.83 -2.76
N LYS A 4635 33.51 -42.06 -3.23
CA LYS A 4635 34.22 -43.21 -2.68
C LYS A 4635 35.72 -43.06 -2.88
N SER A 4636 36.15 -42.80 -4.12
CA SER A 4636 37.57 -42.61 -4.39
C SER A 4636 38.10 -41.36 -3.69
N GLU A 4637 37.27 -40.34 -3.57
CA GLU A 4637 37.63 -39.13 -2.83
C GLU A 4637 37.92 -39.46 -1.37
N ILE A 4638 37.17 -40.40 -0.82
CA ILE A 4638 37.34 -40.78 0.58
C ILE A 4638 38.57 -41.65 0.75
N SER A 4639 38.74 -42.64 -0.13
CA SER A 4639 39.84 -43.58 0.01
C SER A 4639 41.20 -42.90 -0.14
N THR A 4640 41.27 -41.83 -0.92
CA THR A 4640 42.53 -41.11 -1.14
C THR A 4640 42.74 -39.96 -0.18
N ALA A 4641 41.85 -39.78 0.81
CA ALA A 4641 41.82 -38.57 1.64
C ALA A 4641 43.15 -38.34 2.37
N ASP A 4642 43.67 -39.39 3.00
CA ASP A 4642 44.94 -39.27 3.72
C ASP A 4642 46.07 -38.88 2.78
N LEU A 4643 46.09 -39.46 1.58
CA LEU A 4643 47.20 -39.23 0.67
C LEU A 4643 47.15 -37.81 0.11
N VAL A 4644 45.96 -37.35 -0.30
CA VAL A 4644 45.84 -35.98 -0.78
C VAL A 4644 46.16 -35.00 0.32
N SER A 4645 45.76 -35.29 1.55
CA SER A 4645 46.03 -34.36 2.65
C SER A 4645 47.52 -34.25 2.92
N ARG A 4646 48.21 -35.39 3.03
CA ARG A 4646 49.63 -35.35 3.38
C ARG A 4646 50.46 -34.80 2.24
N LEU A 4647 50.15 -35.16 1.00
CA LEU A 4647 50.88 -34.60 -0.13
C LEU A 4647 50.59 -33.11 -0.28
N GLY A 4648 49.35 -32.68 -0.01
CA GLY A 4648 49.03 -31.27 -0.13
C GLY A 4648 49.73 -30.41 0.91
N GLU A 4649 49.82 -30.92 2.15
CA GLU A 4649 50.53 -30.13 3.17
C GLU A 4649 52.03 -30.18 2.94
N GLN A 4650 52.55 -31.30 2.42
CA GLN A 4650 53.94 -31.33 1.96
C GLN A 4650 54.19 -30.27 0.90
N LEU A 4651 53.24 -30.10 -0.02
CA LEU A 4651 53.37 -29.09 -1.06
C LEU A 4651 53.27 -27.68 -0.48
N ARG A 4652 52.41 -27.50 0.52
CA ARG A 4652 52.27 -26.20 1.17
C ARG A 4652 53.56 -25.80 1.88
N LEU A 4653 54.30 -26.79 2.39
CA LEU A 4653 55.55 -26.49 3.08
C LEU A 4653 56.59 -25.87 2.15
N ILE A 4654 56.46 -26.12 0.84
CA ILE A 4654 57.54 -25.81 -0.11
C ILE A 4654 57.14 -24.72 -1.08
N LEU A 4655 55.83 -24.59 -1.36
CA LEU A 4655 55.38 -23.74 -2.46
C LEU A 4655 55.69 -22.28 -2.21
N GLU A 4656 55.66 -21.85 -0.96
CA GLU A 4656 55.95 -20.47 -0.64
C GLU A 4656 57.45 -20.21 -0.82
N PRO A 4657 57.84 -18.95 -1.05
CA PRO A 4657 59.28 -18.71 -1.21
C PRO A 4657 60.02 -18.83 0.11
N SER A 4699 51.65 -15.40 -8.78
CA SER A 4699 53.00 -14.91 -8.54
C SER A 4699 53.72 -14.67 -9.88
N LYS A 4700 55.04 -14.59 -9.86
CA LYS A 4700 55.83 -14.27 -11.04
C LYS A 4700 55.64 -15.24 -12.19
N ARG A 4701 55.34 -16.51 -11.91
CA ARG A 4701 55.08 -17.49 -12.96
C ARG A 4701 54.23 -18.59 -12.37
N GLN A 4702 53.65 -19.41 -13.26
CA GLN A 4702 52.58 -20.31 -12.86
C GLN A 4702 52.52 -21.50 -13.81
N TYR A 4703 51.52 -22.34 -13.58
CA TYR A 4703 51.38 -23.65 -14.20
C TYR A 4703 50.06 -23.73 -14.95
N GLN A 4704 50.09 -24.40 -16.11
CA GLN A 4704 48.91 -24.75 -16.88
C GLN A 4704 48.92 -26.27 -17.02
N ILE A 4705 48.16 -26.92 -16.14
CA ILE A 4705 48.18 -28.37 -15.99
C ILE A 4705 46.95 -28.95 -16.65
N MET A 4706 47.13 -30.07 -17.36
CA MET A 4706 46.01 -30.81 -17.91
C MET A 4706 46.35 -32.29 -17.88
N ILE A 4707 45.30 -33.11 -17.94
CA ILE A 4707 45.39 -34.55 -17.73
C ILE A 4707 44.63 -35.24 -18.85
N ALA A 4708 45.11 -36.40 -19.27
CA ALA A 4708 44.42 -37.26 -20.21
C ALA A 4708 43.58 -38.26 -19.43
N LEU A 4709 42.38 -38.53 -19.94
CA LEU A 4709 41.45 -39.46 -19.31
C LEU A 4709 40.97 -40.43 -20.39
N ASP A 4710 41.55 -41.63 -20.40
CA ASP A 4710 41.31 -42.57 -21.47
C ASP A 4710 39.88 -43.10 -21.44
N ASP A 4711 39.45 -43.61 -22.59
CA ASP A 4711 38.17 -44.26 -22.74
C ASP A 4711 38.40 -45.51 -23.60
N SER A 4712 39.52 -46.18 -23.37
CA SER A 4712 40.02 -47.23 -24.24
C SER A 4712 39.59 -48.61 -23.74
N LYS A 4713 39.76 -49.60 -24.62
CA LYS A 4713 39.59 -50.99 -24.25
C LYS A 4713 40.63 -51.45 -23.24
N SER A 4714 41.79 -50.80 -23.17
CA SER A 4714 42.74 -51.04 -22.11
C SER A 4714 42.16 -50.72 -20.74
N MET A 4715 41.24 -49.76 -20.66
CA MET A 4715 40.49 -49.48 -19.45
C MET A 4715 39.35 -50.46 -19.23
N SER A 4716 38.96 -51.20 -20.26
CA SER A 4716 38.05 -52.33 -20.12
C SER A 4716 38.77 -53.62 -19.71
N GLU A 4717 40.06 -53.55 -19.37
CA GLU A 4717 40.85 -54.73 -19.07
C GLU A 4717 41.83 -54.42 -17.95
N SER A 4718 42.13 -55.45 -17.15
CA SER A 4718 43.16 -55.42 -16.12
C SER A 4718 42.79 -54.61 -14.87
N LYS A 4719 41.59 -54.00 -14.84
CA LYS A 4719 41.07 -53.26 -13.70
C LYS A 4719 41.98 -52.12 -13.25
N CYS A 4720 42.73 -51.52 -14.18
CA CYS A 4720 43.51 -50.34 -13.84
C CYS A 4720 42.62 -49.12 -13.63
N VAL A 4721 41.36 -49.20 -14.06
CA VAL A 4721 40.39 -48.12 -13.83
C VAL A 4721 40.27 -47.79 -12.35
N LYS A 4722 40.39 -48.78 -11.48
CA LYS A 4722 40.33 -48.54 -10.04
C LYS A 4722 41.45 -47.61 -9.61
N LEU A 4723 42.70 -48.08 -9.78
CA LEU A 4723 43.87 -47.29 -9.41
C LEU A 4723 43.90 -45.97 -10.18
N ALA A 4724 43.49 -46.01 -11.45
CA ALA A 4724 43.49 -44.81 -12.27
C ALA A 4724 42.56 -43.74 -11.71
N PHE A 4725 41.29 -44.11 -11.48
CA PHE A 4725 40.33 -43.14 -11.00
C PHE A 4725 40.68 -42.65 -9.61
N ASP A 4726 41.26 -43.53 -8.77
CA ASP A 4726 41.75 -43.12 -7.47
C ASP A 4726 42.81 -42.02 -7.61
N SER A 4727 43.84 -42.29 -8.41
CA SER A 4727 44.90 -41.30 -8.62
C SER A 4727 44.36 -40.03 -9.25
N LEU A 4728 43.33 -40.15 -10.09
CA LEU A 4728 42.85 -38.98 -10.82
C LEU A 4728 42.07 -38.05 -9.89
N CYS A 4729 41.15 -38.61 -9.10
CA CYS A 4729 40.47 -37.77 -8.11
C CYS A 4729 41.47 -37.24 -7.09
N LEU A 4730 42.50 -38.02 -6.78
CA LEU A 4730 43.55 -37.57 -5.85
C LEU A 4730 44.23 -36.32 -6.37
N VAL A 4731 44.75 -36.38 -7.61
CA VAL A 4731 45.49 -35.24 -8.13
C VAL A 4731 44.57 -34.05 -8.36
N SER A 4732 43.32 -34.30 -8.76
CA SER A 4732 42.38 -33.20 -8.93
C SER A 4732 42.15 -32.48 -7.61
N LYS A 4733 41.80 -33.24 -6.56
CA LYS A 4733 41.60 -32.66 -5.24
C LYS A 4733 42.86 -31.98 -4.72
N THR A 4734 44.03 -32.51 -5.08
CA THR A 4734 45.29 -31.91 -4.61
C THR A 4734 45.52 -30.57 -5.29
N LEU A 4735 45.44 -30.55 -6.62
CA LEU A 4735 45.70 -29.35 -7.39
C LEU A 4735 44.63 -28.29 -7.16
N THR A 4736 43.45 -28.70 -6.69
CA THR A 4736 42.39 -27.74 -6.39
C THR A 4736 42.79 -26.74 -5.32
N GLN A 4737 43.71 -27.13 -4.42
CA GLN A 4737 43.95 -26.40 -3.18
C GLN A 4737 45.17 -25.51 -3.22
N LEU A 4738 45.95 -25.51 -4.31
CA LEU A 4738 47.19 -24.76 -4.39
C LEU A 4738 47.00 -23.40 -5.05
N GLU A 4739 46.42 -23.37 -6.24
CA GLU A 4739 45.78 -22.19 -6.79
C GLU A 4739 46.76 -21.06 -7.12
N ALA A 4740 48.00 -21.41 -7.48
CA ALA A 4740 48.97 -20.48 -8.04
C ALA A 4740 49.12 -20.68 -9.55
N GLY A 4741 48.01 -20.99 -10.21
CA GLY A 4741 48.03 -21.32 -11.62
C GLY A 4741 46.75 -22.00 -12.02
N GLY A 4742 46.74 -22.53 -13.24
CA GLY A 4742 45.54 -23.11 -13.82
C GLY A 4742 45.48 -24.63 -13.77
N LEU A 4743 44.28 -25.17 -13.93
CA LEU A 4743 44.06 -26.61 -13.97
C LEU A 4743 42.86 -26.89 -14.87
N SER A 4744 43.04 -27.83 -15.80
CA SER A 4744 42.03 -28.15 -16.80
C SER A 4744 41.94 -29.66 -16.95
N ILE A 4745 40.88 -30.11 -17.63
CA ILE A 4745 40.57 -31.54 -17.77
C ILE A 4745 40.12 -31.81 -19.19
N VAL A 4746 40.63 -32.89 -19.77
CA VAL A 4746 40.20 -33.36 -21.09
C VAL A 4746 40.30 -34.87 -21.11
N LYS A 4747 39.30 -35.52 -21.71
CA LYS A 4747 39.25 -36.96 -21.90
C LYS A 4747 39.41 -37.31 -23.37
N PHE A 4748 39.56 -38.61 -23.61
CA PHE A 4748 39.79 -39.14 -24.94
C PHE A 4748 39.46 -40.62 -24.94
N GLY A 4749 38.87 -41.07 -26.04
CA GLY A 4749 38.88 -42.46 -26.44
C GLY A 4749 39.89 -42.56 -27.57
N GLU A 4750 39.38 -42.52 -28.79
CA GLU A 4750 40.13 -41.95 -29.91
C GLU A 4750 39.65 -40.55 -30.29
N ASN A 4751 38.54 -40.09 -29.71
CA ASN A 4751 38.08 -38.71 -29.84
C ASN A 4751 38.73 -37.85 -28.75
N ILE A 4752 38.27 -36.60 -28.67
CA ILE A 4752 38.71 -35.63 -27.68
C ILE A 4752 37.48 -34.99 -27.06
N LYS A 4753 37.56 -34.63 -25.78
CA LYS A 4753 36.48 -33.89 -25.16
C LYS A 4753 36.96 -33.21 -23.90
N GLU A 4754 36.93 -31.87 -23.88
CA GLU A 4754 37.20 -31.14 -22.65
C GLU A 4754 36.07 -31.36 -21.66
N VAL A 4755 36.41 -31.27 -20.37
CA VAL A 4755 35.44 -31.34 -19.29
C VAL A 4755 35.60 -30.20 -18.30
N HIS A 4756 36.76 -29.54 -18.26
CA HIS A 4756 37.01 -28.47 -17.30
C HIS A 4756 38.15 -27.63 -17.82
N SER A 4757 37.92 -26.33 -18.00
CA SER A 4757 38.94 -25.43 -18.49
C SER A 4757 39.84 -24.97 -17.36
N PHE A 4758 40.76 -24.06 -17.70
CA PHE A 4758 41.66 -23.51 -16.69
C PHE A 4758 40.97 -22.49 -15.83
N ASP A 4759 40.23 -21.56 -16.44
CA ASP A 4759 39.47 -20.57 -15.70
C ASP A 4759 38.23 -21.16 -15.02
N GLN A 4760 37.81 -22.35 -15.41
CA GLN A 4760 36.72 -23.02 -14.71
C GLN A 4760 37.11 -23.30 -13.27
N GLN A 4761 36.11 -23.36 -12.40
CA GLN A 4761 36.27 -23.74 -11.00
C GLN A 4761 35.67 -25.12 -10.79
N PHE A 4762 36.40 -25.96 -10.05
CA PHE A 4762 36.12 -27.38 -9.99
C PHE A 4762 35.17 -27.69 -8.84
N SER A 4763 34.30 -28.68 -9.04
CA SER A 4763 33.42 -29.20 -8.01
C SER A 4763 33.44 -30.72 -8.06
N ASN A 4764 32.97 -31.34 -6.97
CA ASN A 4764 32.78 -32.78 -6.97
C ASN A 4764 31.82 -33.22 -8.07
N GLU A 4765 30.81 -32.38 -8.35
CA GLU A 4765 29.92 -32.63 -9.46
C GLU A 4765 30.68 -32.69 -10.78
N SER A 4766 31.71 -31.85 -10.94
CA SER A 4766 32.47 -31.86 -12.17
C SER A 4766 33.26 -33.15 -12.34
N GLY A 4767 33.84 -33.66 -11.24
CA GLY A 4767 34.54 -34.93 -11.32
C GLY A 4767 33.59 -36.08 -11.59
N ALA A 4768 32.42 -36.05 -10.96
CA ALA A 4768 31.40 -37.06 -11.25
C ALA A 4768 31.00 -37.03 -12.72
N ARG A 4769 30.86 -35.84 -13.29
CA ARG A 4769 30.53 -35.71 -14.70
C ARG A 4769 31.66 -36.24 -15.57
N ALA A 4770 32.90 -35.94 -15.18
CA ALA A 4770 34.04 -36.41 -15.96
C ALA A 4770 34.10 -37.94 -15.98
N PHE A 4771 33.78 -38.57 -14.85
CA PHE A 4771 33.69 -40.03 -14.85
C PHE A 4771 32.45 -40.53 -15.58
N GLN A 4772 31.40 -39.70 -15.65
CA GLN A 4772 30.16 -40.12 -16.29
C GLN A 4772 30.34 -40.39 -17.79
N TRP A 4773 31.30 -39.73 -18.42
CA TRP A 4773 31.39 -39.73 -19.88
C TRP A 4773 32.09 -40.98 -20.46
N PHE A 4774 32.71 -41.80 -19.64
CA PHE A 4774 33.48 -42.93 -20.15
C PHE A 4774 32.59 -44.15 -20.37
N GLY A 4775 32.98 -44.95 -21.36
CA GLY A 4775 32.45 -46.29 -21.56
C GLY A 4775 33.52 -47.35 -21.70
N PHE A 4776 34.75 -46.94 -22.01
CA PHE A 4776 35.90 -47.82 -22.19
C PHE A 4776 35.72 -48.76 -23.37
N GLN A 4777 35.00 -48.34 -24.40
CA GLN A 4777 34.72 -49.16 -25.59
C GLN A 4777 35.38 -48.49 -26.79
N GLU A 4778 36.58 -48.98 -27.14
CA GLU A 4778 37.32 -48.46 -28.28
C GLU A 4778 38.08 -49.60 -28.94
N THR A 4779 38.63 -49.31 -30.12
CA THR A 4779 39.68 -50.14 -30.70
C THR A 4779 40.88 -49.34 -31.16
N LYS A 4780 40.88 -48.01 -30.99
CA LYS A 4780 42.01 -47.17 -31.36
C LYS A 4780 42.19 -46.08 -30.31
N THR A 4781 43.30 -45.36 -30.42
CA THR A 4781 43.59 -44.23 -29.55
C THR A 4781 44.39 -43.22 -30.35
N ASP A 4782 43.83 -42.03 -30.51
CA ASP A 4782 44.41 -40.98 -31.34
C ASP A 4782 45.27 -40.08 -30.47
N VAL A 4783 46.31 -40.70 -29.90
CA VAL A 4783 47.18 -40.01 -28.95
C VAL A 4783 47.91 -38.86 -29.61
N LYS A 4784 48.19 -38.95 -30.91
CA LYS A 4784 48.84 -37.85 -31.61
C LYS A 4784 47.84 -36.71 -31.87
N LYS A 4785 46.60 -37.05 -32.20
CA LYS A 4785 45.55 -36.04 -32.24
C LYS A 4785 45.36 -35.42 -30.86
N LEU A 4786 45.45 -36.23 -29.81
CA LEU A 4786 45.35 -35.73 -28.45
C LEU A 4786 46.49 -34.75 -28.16
N VAL A 4787 47.69 -35.09 -28.63
CA VAL A 4787 48.84 -34.22 -28.49
C VAL A 4787 48.60 -32.89 -29.19
N ALA A 4788 48.10 -32.96 -30.43
CA ALA A 4788 47.89 -31.74 -31.20
C ALA A 4788 46.83 -30.85 -30.56
N GLU A 4789 45.74 -31.46 -30.09
CA GLU A 4789 44.67 -30.69 -29.48
C GLU A 4789 45.14 -30.06 -28.17
N SER A 4790 45.84 -30.84 -27.34
CA SER A 4790 46.38 -30.30 -26.10
C SER A 4790 47.37 -29.18 -26.37
N THR A 4791 48.18 -29.33 -27.43
CA THR A 4791 49.12 -28.29 -27.82
C THR A 4791 48.41 -27.01 -28.18
N LYS A 4792 47.35 -27.12 -29.00
CA LYS A 4792 46.58 -25.96 -29.40
C LYS A 4792 45.95 -25.28 -28.18
N ILE A 4793 45.49 -26.08 -27.22
CA ILE A 4793 44.79 -25.48 -26.08
C ILE A 4793 45.79 -24.87 -25.10
N PHE A 4794 47.00 -25.43 -25.00
CA PHE A 4794 48.03 -24.78 -24.19
C PHE A 4794 48.49 -23.49 -24.84
N GLU A 4795 48.55 -23.47 -26.18
CA GLU A 4795 48.82 -22.21 -26.87
C GLU A 4795 47.71 -21.20 -26.59
N ARG A 4796 46.46 -21.68 -26.55
CA ARG A 4796 45.33 -20.82 -26.19
C ARG A 4796 45.50 -20.25 -24.78
N ALA A 4797 45.86 -21.11 -23.83
CA ALA A 4797 46.06 -20.70 -22.45
C ALA A 4797 47.17 -19.67 -22.34
N ARG A 4798 48.32 -19.95 -22.97
CA ARG A 4798 49.44 -19.01 -22.93
C ARG A 4798 49.09 -17.71 -23.62
N ALA A 4799 48.20 -17.75 -24.61
CA ALA A 4799 47.73 -16.52 -25.23
C ALA A 4799 46.90 -15.70 -24.25
N MET A 4800 45.89 -16.33 -23.62
CA MET A 4800 45.02 -15.64 -22.70
C MET A 4800 45.54 -15.60 -21.26
N VAL A 4801 46.84 -15.82 -21.05
CA VAL A 4801 47.49 -15.60 -19.77
C VAL A 4801 48.81 -14.90 -20.03
N HIS A 4802 49.16 -13.97 -19.14
CA HIS A 4802 50.28 -13.04 -19.32
C HIS A 4802 51.38 -13.39 -18.32
N ASN A 4803 52.62 -13.64 -18.75
CA ASN A 4803 53.08 -14.00 -20.11
C ASN A 4803 54.14 -15.11 -20.11
N ASP A 4804 54.71 -15.44 -18.94
CA ASP A 4804 55.73 -16.48 -18.81
C ASP A 4804 55.26 -17.46 -17.74
N GLN A 4805 54.92 -18.67 -18.17
CA GLN A 4805 54.29 -19.69 -17.35
C GLN A 4805 54.37 -21.00 -18.12
N TRP A 4806 54.59 -22.10 -17.40
CA TRP A 4806 54.92 -23.38 -18.02
C TRP A 4806 53.67 -24.28 -18.01
N GLN A 4807 53.60 -25.24 -18.94
CA GLN A 4807 52.44 -26.08 -19.13
C GLN A 4807 52.80 -27.57 -19.23
N LEU A 4808 51.80 -28.41 -18.94
CA LEU A 4808 51.98 -29.87 -18.94
C LEU A 4808 50.71 -30.58 -19.38
N GLU A 4809 50.92 -31.66 -20.14
CA GLU A 4809 49.92 -32.70 -20.35
C GLU A 4809 50.49 -34.00 -19.82
N ILE A 4810 49.64 -34.76 -19.13
CA ILE A 4810 50.00 -36.06 -18.56
C ILE A 4810 49.16 -37.12 -19.25
N VAL A 4811 49.82 -38.05 -19.94
CA VAL A 4811 49.18 -39.03 -20.80
C VAL A 4811 48.93 -40.30 -19.97
N ILE A 4812 47.71 -40.82 -20.07
CA ILE A 4812 47.20 -41.87 -19.20
C ILE A 4812 46.64 -42.99 -20.09
N SER A 4813 47.48 -43.98 -20.39
CA SER A 4813 47.01 -45.23 -20.99
C SER A 4813 48.16 -46.21 -21.01
N ASP A 4814 47.83 -47.49 -21.22
CA ASP A 4814 48.83 -48.55 -21.24
C ASP A 4814 49.71 -48.53 -22.47
N GLY A 4815 49.32 -47.81 -23.52
CA GLY A 4815 50.03 -47.76 -24.77
C GLY A 4815 49.23 -48.44 -25.85
N ILE A 4816 48.51 -47.63 -26.63
CA ILE A 4816 47.68 -48.09 -27.73
C ILE A 4816 47.99 -47.18 -28.91
N CYS A 4817 48.94 -47.62 -29.75
CA CYS A 4817 49.52 -46.76 -30.76
C CYS A 4817 49.69 -47.53 -32.06
N GLU A 4818 49.50 -46.81 -33.17
CA GLU A 4818 49.82 -47.29 -34.50
C GLU A 4818 51.11 -46.71 -35.04
N ASP A 4819 51.65 -45.66 -34.43
CA ASP A 4819 52.93 -45.09 -34.84
C ASP A 4819 53.57 -44.42 -33.63
N HIS A 4820 54.88 -44.19 -33.74
CA HIS A 4820 55.64 -43.40 -32.77
C HIS A 4820 56.57 -42.39 -33.44
N GLU A 4821 56.77 -42.48 -34.76
CA GLU A 4821 57.70 -41.59 -35.45
C GLU A 4821 57.09 -40.21 -35.66
N THR A 4822 55.78 -40.16 -35.91
CA THR A 4822 55.07 -38.89 -35.82
C THR A 4822 55.18 -38.31 -34.42
N ILE A 4823 55.10 -39.19 -33.41
CA ILE A 4823 54.99 -38.74 -32.04
C ILE A 4823 56.32 -38.19 -31.54
N GLN A 4824 57.44 -38.69 -32.10
CA GLN A 4824 58.75 -38.17 -31.71
C GLN A 4824 58.90 -36.71 -32.12
N LYS A 4825 58.64 -36.40 -33.39
CA LYS A 4825 58.74 -35.02 -33.82
C LYS A 4825 57.63 -34.16 -33.21
N LEU A 4826 56.49 -34.76 -32.85
CA LEU A 4826 55.50 -34.01 -32.07
C LEU A 4826 56.06 -33.61 -30.72
N VAL A 4827 56.78 -34.54 -30.07
CA VAL A 4827 57.40 -34.24 -28.79
C VAL A 4827 58.46 -33.15 -28.96
N ARG A 4828 59.17 -33.17 -30.09
CA ARG A 4828 60.12 -32.10 -30.40
C ARG A 4828 59.41 -30.75 -30.47
N ARG A 4829 58.36 -30.68 -31.28
CA ARG A 4829 57.62 -29.43 -31.45
C ARG A 4829 56.96 -28.99 -30.15
N ALA A 4830 56.63 -29.95 -29.28
CA ALA A 4830 56.00 -29.61 -28.00
C ALA A 4830 57.04 -29.08 -27.01
N ARG A 4831 58.19 -29.73 -26.95
CA ARG A 4831 59.29 -29.23 -26.11
C ARG A 4831 59.73 -27.86 -26.57
N GLU A 4832 59.58 -27.56 -27.87
CA GLU A 4832 59.87 -26.22 -28.35
C GLU A 4832 58.93 -25.16 -27.78
N ASN A 4833 57.81 -25.55 -27.19
CA ASN A 4833 56.81 -24.63 -26.67
C ASN A 4833 56.84 -24.47 -25.15
N LYS A 4834 57.90 -24.95 -24.48
CA LYS A 4834 58.01 -24.92 -23.02
C LYS A 4834 56.84 -25.69 -22.42
N ILE A 4835 56.47 -26.78 -23.06
CA ILE A 4835 55.41 -27.68 -22.61
C ILE A 4835 56.04 -29.03 -22.33
N MET A 4836 55.58 -29.70 -21.29
CA MET A 4836 56.00 -31.06 -21.00
C MET A 4836 54.87 -32.05 -21.30
N LEU A 4837 55.27 -33.25 -21.70
CA LEU A 4837 54.37 -34.37 -21.99
C LEU A 4837 54.88 -35.56 -21.17
N VAL A 4838 54.13 -35.93 -20.14
CA VAL A 4838 54.55 -36.96 -19.18
C VAL A 4838 53.65 -38.16 -19.40
N PHE A 4839 54.18 -39.20 -20.05
CA PHE A 4839 53.47 -40.47 -20.14
C PHE A 4839 53.54 -41.16 -18.80
N VAL A 4840 52.42 -41.77 -18.40
CA VAL A 4840 52.37 -42.65 -17.23
C VAL A 4840 52.16 -44.06 -17.78
N ILE A 4841 53.14 -44.92 -17.59
CA ILE A 4841 53.07 -46.26 -18.17
C ILE A 4841 52.05 -47.05 -17.36
N ILE A 4842 50.81 -47.09 -17.84
CA ILE A 4842 49.75 -47.81 -17.16
C ILE A 4842 49.95 -49.30 -17.40
N ASP A 4843 49.98 -50.07 -16.31
CA ASP A 4843 50.24 -51.50 -16.36
C ASP A 4843 49.19 -52.24 -15.56
N GLY A 4844 48.81 -53.42 -16.04
CA GLY A 4844 47.78 -54.22 -15.38
C GLY A 4844 48.17 -54.63 -13.98
N ILE A 4845 47.24 -54.45 -13.03
CA ILE A 4845 47.48 -54.72 -11.62
C ILE A 4845 46.95 -56.11 -11.27
N THR A 4846 45.88 -56.54 -11.95
CA THR A 4846 45.33 -57.88 -11.79
C THR A 4846 45.97 -58.89 -12.73
N SER A 4847 46.75 -58.44 -13.71
CA SER A 4847 47.36 -59.32 -14.72
C SER A 4847 48.85 -59.51 -14.42
N ASN A 4848 49.35 -60.70 -14.77
CA ASN A 4848 50.79 -60.91 -14.86
C ASN A 4848 51.42 -60.12 -16.00
N GLU A 4849 50.62 -59.66 -16.97
CA GLU A 4849 51.12 -58.92 -18.12
C GLU A 4849 51.81 -57.64 -17.67
N SER A 4850 52.89 -57.30 -18.37
CA SER A 4850 53.67 -56.11 -18.07
C SER A 4850 54.25 -55.54 -19.36
N ILE A 4851 54.54 -54.24 -19.33
CA ILE A 4851 55.22 -53.59 -20.45
C ILE A 4851 56.59 -54.20 -20.67
N LEU A 4852 57.26 -54.60 -19.59
CA LEU A 4852 58.56 -55.24 -19.72
C LEU A 4852 58.47 -56.61 -20.36
N ASP A 4853 57.30 -57.26 -20.31
CA ASP A 4853 57.03 -58.48 -21.04
C ASP A 4853 56.38 -58.23 -22.40
N MET A 4854 55.87 -57.02 -22.66
CA MET A 4854 55.25 -56.73 -23.94
C MET A 4854 56.30 -56.75 -25.03
N SER A 4855 56.22 -57.75 -25.90
CA SER A 4855 57.05 -57.84 -27.08
C SER A 4855 56.40 -57.03 -28.21
N GLN A 4856 56.99 -57.13 -29.40
CA GLN A 4856 56.50 -56.43 -30.57
C GLN A 4856 57.09 -57.06 -31.81
N VAL A 4857 56.32 -57.04 -32.90
CA VAL A 4857 56.73 -57.57 -34.19
C VAL A 4857 57.43 -56.48 -34.97
N ASN A 4858 58.45 -56.86 -35.73
CA ASN A 4858 59.20 -55.97 -36.60
C ASN A 4858 59.27 -56.57 -37.99
N TYR A 4859 58.50 -56.00 -38.92
CA TYR A 4859 58.45 -56.47 -40.29
C TYR A 4859 59.69 -55.96 -41.02
N ILE A 4860 60.40 -56.87 -41.68
CA ILE A 4860 61.70 -56.61 -42.28
C ILE A 4860 61.57 -56.76 -43.79
N PRO A 4861 60.90 -55.83 -44.49
CA PRO A 4861 60.69 -56.01 -45.93
C PRO A 4861 61.95 -55.97 -46.77
N ASP A 4862 63.05 -55.41 -46.27
CA ASP A 4862 64.32 -55.53 -47.00
C ASP A 4862 64.76 -56.98 -47.06
N GLN A 4863 64.45 -57.74 -46.01
CA GLN A 4863 64.56 -59.19 -46.00
C GLN A 4863 63.21 -59.86 -46.25
N TYR A 4864 62.36 -59.24 -47.06
CA TYR A 4864 61.09 -59.81 -47.52
C TYR A 4864 60.09 -60.05 -46.40
N GLY A 4865 60.28 -59.44 -45.24
CA GLY A 4865 59.24 -59.38 -44.24
C GLY A 4865 59.11 -60.62 -43.37
N ASN A 4866 58.14 -61.47 -43.74
CA ASN A 4866 57.80 -62.71 -43.01
C ASN A 4866 58.98 -63.58 -42.58
N PRO A 4867 59.98 -63.88 -43.44
CA PRO A 4867 61.04 -64.80 -43.00
C PRO A 4867 62.02 -64.23 -41.98
N GLN A 4868 61.88 -62.97 -41.56
CA GLN A 4868 62.83 -62.34 -40.64
C GLN A 4868 62.11 -61.43 -39.64
N LEU A 4869 60.91 -61.79 -39.23
CA LEU A 4869 60.13 -60.98 -38.30
C LEU A 4869 60.82 -60.98 -36.94
N LYS A 4870 61.55 -59.91 -36.67
CA LYS A 4870 62.28 -59.81 -35.41
C LYS A 4870 61.33 -59.59 -34.25
N ILE A 4871 61.76 -60.02 -33.07
CA ILE A 4871 61.00 -59.86 -31.82
C ILE A 4871 61.70 -58.76 -31.04
N THR A 4872 61.00 -57.64 -30.85
CA THR A 4872 61.52 -56.45 -30.21
C THR A 4872 60.58 -56.07 -29.07
N LYS A 4873 60.75 -54.87 -28.52
CA LYS A 4873 59.96 -54.38 -27.40
C LYS A 4873 59.25 -53.08 -27.76
N TYR A 4874 58.07 -52.91 -27.15
CA TYR A 4874 57.38 -51.62 -27.19
C TYR A 4874 58.22 -50.52 -26.56
N LEU A 4875 59.04 -50.88 -25.57
CA LEU A 4875 59.87 -49.91 -24.87
C LEU A 4875 60.94 -49.32 -25.79
N ASP A 4876 61.48 -50.14 -26.69
CA ASP A 4876 62.60 -49.70 -27.52
C ASP A 4876 62.19 -48.57 -28.45
N THR A 4877 61.02 -48.68 -29.05
CA THR A 4877 60.46 -47.63 -29.91
C THR A 4877 59.69 -46.58 -29.12
N PHE A 4878 59.75 -46.60 -27.79
CA PHE A 4878 58.89 -45.75 -27.00
C PHE A 4878 59.32 -44.30 -27.15
N PRO A 4879 58.45 -43.41 -27.67
CA PRO A 4879 58.94 -42.11 -28.14
C PRO A 4879 59.21 -41.11 -27.03
N PHE A 4880 58.64 -41.34 -25.85
CA PHE A 4880 58.79 -40.41 -24.74
C PHE A 4880 60.14 -40.61 -24.06
N GLU A 4881 60.47 -39.67 -23.17
CA GLU A 4881 61.69 -39.71 -22.38
C GLU A 4881 61.41 -39.80 -20.88
N PHE A 4882 60.24 -39.33 -20.43
CA PHE A 4882 59.90 -39.21 -19.02
C PHE A 4882 58.68 -40.08 -18.77
N TYR A 4883 58.88 -41.18 -18.05
CA TYR A 4883 57.84 -42.18 -17.90
C TYR A 4883 58.17 -43.09 -16.73
N VAL A 4884 57.13 -43.71 -16.17
CA VAL A 4884 57.27 -44.58 -15.00
C VAL A 4884 56.27 -45.72 -15.09
N VAL A 4885 56.77 -46.96 -15.01
CA VAL A 4885 55.88 -48.10 -14.78
C VAL A 4885 55.38 -48.04 -13.36
N VAL A 4886 54.11 -48.44 -13.16
CA VAL A 4886 53.43 -48.26 -11.89
C VAL A 4886 52.66 -49.54 -11.56
N HIS A 4887 52.77 -49.96 -10.30
CA HIS A 4887 51.94 -51.01 -9.72
C HIS A 4887 51.26 -50.56 -8.44
N ASP A 4888 51.18 -49.25 -8.20
CA ASP A 4888 50.54 -48.71 -7.00
C ASP A 4888 50.21 -47.26 -7.28
N ILE A 4889 49.31 -46.70 -6.46
CA ILE A 4889 48.77 -45.38 -6.74
C ILE A 4889 49.77 -44.28 -6.35
N SER A 4890 50.69 -44.59 -5.45
CA SER A 4890 51.50 -43.54 -4.83
C SER A 4890 52.55 -42.95 -5.78
N GLU A 4891 52.93 -43.70 -6.82
CA GLU A 4891 54.18 -43.45 -7.53
C GLU A 4891 54.12 -42.11 -8.28
N LEU A 4892 53.12 -41.93 -9.11
CA LEU A 4892 52.93 -40.69 -9.84
C LEU A 4892 52.76 -39.50 -8.89
N PRO A 4893 51.97 -39.63 -7.80
CA PRO A 4893 51.95 -38.56 -6.80
C PRO A 4893 53.31 -38.15 -6.27
N GLU A 4894 54.13 -39.11 -5.83
CA GLU A 4894 55.42 -38.73 -5.26
C GLU A 4894 56.36 -38.19 -6.34
N MET A 4895 56.26 -38.73 -7.56
CA MET A 4895 57.08 -38.21 -8.65
C MET A 4895 56.68 -36.78 -9.01
N LEU A 4896 55.38 -36.52 -9.18
CA LEU A 4896 54.93 -35.16 -9.42
C LEU A 4896 55.29 -34.24 -8.26
N SER A 4897 55.33 -34.80 -7.05
CA SER A 4897 55.82 -34.02 -5.92
C SER A 4897 57.27 -33.61 -6.15
N LEU A 4898 58.10 -34.54 -6.65
CA LEU A 4898 59.47 -34.20 -7.01
C LEU A 4898 59.51 -33.11 -8.08
N ILE A 4899 58.62 -33.20 -9.06
CA ILE A 4899 58.57 -32.22 -10.16
C ILE A 4899 58.27 -30.83 -9.60
N LEU A 4900 57.20 -30.72 -8.81
CA LEU A 4900 56.82 -29.43 -8.28
C LEU A 4900 57.83 -28.94 -7.26
N ARG A 4901 58.54 -29.84 -6.58
CA ARG A 4901 59.61 -29.42 -5.70
C ARG A 4901 60.76 -28.83 -6.49
N GLN A 4902 61.02 -29.36 -7.68
CA GLN A 4902 62.04 -28.77 -8.54
C GLN A 4902 61.63 -27.38 -8.99
N TYR A 4903 60.34 -27.21 -9.31
CA TYR A 4903 59.86 -25.89 -9.69
C TYR A 4903 59.99 -24.90 -8.53
N PHE A 4904 59.49 -25.27 -7.35
CA PHE A 4904 59.52 -24.35 -6.21
C PHE A 4904 60.94 -24.11 -5.74
N THR A 4905 61.86 -25.03 -6.06
CA THR A 4905 63.28 -24.73 -5.92
C THR A 4905 63.71 -23.65 -6.90
N ASP A 4906 63.31 -23.80 -8.18
CA ASP A 4906 63.63 -22.78 -9.16
C ASP A 4906 62.88 -21.48 -8.91
N LEU A 4907 61.55 -21.51 -8.95
CA LEU A 4907 60.73 -20.32 -8.76
C LEU A 4907 60.45 -20.08 -7.28
N ASP B 28 46.01 -45.92 -42.74
CA ASP B 28 46.29 -46.54 -41.45
C ASP B 28 45.39 -47.74 -41.24
N LEU B 29 45.92 -48.74 -40.54
CA LEU B 29 45.17 -49.89 -40.06
C LEU B 29 45.55 -50.10 -38.59
N PRO B 30 44.60 -50.48 -37.74
CA PRO B 30 44.86 -50.43 -36.30
C PRO B 30 45.82 -51.52 -35.86
N ASN B 31 46.61 -51.19 -34.84
CA ASN B 31 47.50 -52.15 -34.21
C ASN B 31 46.69 -53.06 -33.30
N VAL B 32 46.98 -54.35 -33.35
CA VAL B 32 46.17 -55.39 -32.71
C VAL B 32 47.09 -56.24 -31.86
N SER B 33 46.75 -56.37 -30.58
CA SER B 33 47.57 -57.11 -29.63
C SER B 33 47.01 -58.50 -29.40
N ILE B 34 47.88 -59.50 -29.55
CA ILE B 34 47.52 -60.91 -29.48
C ILE B 34 48.44 -61.58 -28.48
N LYS B 35 47.89 -62.49 -27.69
CA LYS B 35 48.66 -63.43 -26.89
C LYS B 35 48.55 -64.81 -27.54
N PHE B 36 49.51 -65.67 -27.24
CA PHE B 36 49.63 -66.99 -27.84
C PHE B 36 49.80 -68.02 -26.73
N GLN B 37 48.81 -68.91 -26.61
CA GLN B 37 48.84 -69.97 -25.62
C GLN B 37 48.37 -71.24 -26.31
N ALA B 38 49.24 -72.25 -26.34
CA ALA B 38 48.98 -73.49 -27.04
C ALA B 38 47.78 -74.21 -26.40
N LEU B 39 47.29 -75.23 -27.12
CA LEU B 39 46.19 -76.04 -26.63
C LEU B 39 46.51 -76.75 -25.33
N ASP B 40 47.79 -77.01 -25.05
CA ASP B 40 48.24 -77.55 -23.78
C ASP B 40 48.73 -76.45 -22.83
N THR B 41 48.14 -75.26 -22.91
CA THR B 41 48.49 -74.14 -22.05
C THR B 41 49.93 -73.70 -22.25
N GLY B 42 50.27 -73.30 -23.46
CA GLY B 42 51.54 -72.65 -23.72
C GLY B 42 51.50 -71.19 -23.29
N ASP B 43 52.39 -70.36 -23.83
CA ASP B 43 52.43 -68.96 -23.46
C ASP B 43 53.35 -68.22 -24.41
N ASN B 44 53.00 -66.97 -24.71
CA ASN B 44 53.83 -66.09 -25.51
C ASN B 44 54.92 -65.46 -24.64
N ALA B 48 54.92 -62.86 -22.49
CA ALA B 48 53.59 -62.25 -22.51
C ALA B 48 53.18 -61.92 -23.94
N LEU B 49 52.06 -61.20 -24.09
CA LEU B 49 51.47 -60.94 -25.40
C LEU B 49 52.37 -60.08 -26.27
N ARG B 50 51.94 -59.84 -27.51
CA ARG B 50 52.69 -59.08 -28.50
C ARG B 50 51.72 -58.22 -29.30
N VAL B 51 52.22 -57.08 -29.77
CA VAL B 51 51.41 -56.04 -30.41
C VAL B 51 51.91 -55.84 -31.84
N PRO B 52 51.48 -56.65 -32.80
CA PRO B 52 51.75 -56.34 -34.22
C PRO B 52 50.76 -55.35 -34.80
N GLY B 53 50.93 -55.03 -36.08
CA GLY B 53 49.92 -54.34 -36.84
C GLY B 53 48.81 -55.28 -37.27
N ALA B 54 47.91 -54.76 -38.10
CA ALA B 54 46.77 -55.54 -38.56
C ALA B 54 47.23 -56.56 -39.59
N ILE B 55 46.83 -57.82 -39.39
CA ILE B 55 47.15 -58.91 -40.31
C ILE B 55 46.01 -59.92 -40.29
N SER B 56 46.06 -60.85 -41.23
CA SER B 56 45.06 -61.91 -41.36
C SER B 56 45.48 -63.13 -40.55
N GLU B 57 44.73 -64.23 -40.73
CA GLU B 57 44.87 -65.43 -39.92
C GLU B 57 45.77 -66.48 -40.56
N LYS B 58 46.72 -66.06 -41.42
CA LYS B 58 47.51 -66.98 -42.23
C LYS B 58 49.00 -66.87 -41.93
N GLN B 59 49.50 -65.64 -41.76
CA GLN B 59 50.94 -65.39 -41.62
C GLN B 59 51.47 -65.61 -40.20
N LEU B 60 50.72 -66.28 -39.33
CA LEU B 60 51.08 -66.37 -37.92
C LEU B 60 51.80 -67.67 -37.59
N GLU B 61 51.69 -68.68 -38.46
CA GLU B 61 52.45 -69.91 -38.28
C GLU B 61 53.94 -69.64 -38.25
N GLU B 62 54.40 -68.62 -38.99
CA GLU B 62 55.80 -68.24 -38.95
C GLU B 62 56.21 -67.80 -37.55
N LEU B 63 55.39 -66.96 -36.92
CA LEU B 63 55.66 -66.53 -35.55
C LEU B 63 55.66 -67.72 -34.60
N LEU B 64 54.72 -68.64 -34.81
CA LEU B 64 54.63 -69.82 -33.96
C LEU B 64 55.89 -70.68 -34.07
N ASN B 65 56.36 -70.90 -35.30
CA ASN B 65 57.48 -71.81 -35.51
C ASN B 65 58.81 -71.17 -35.13
N GLN B 66 58.94 -69.84 -35.24
CA GLN B 66 60.16 -69.22 -34.74
C GLN B 66 60.16 -69.17 -33.22
N LEU B 67 58.98 -69.04 -32.59
CA LEU B 67 58.93 -69.24 -31.15
C LEU B 67 59.33 -70.67 -30.78
N ASN B 68 58.87 -71.65 -31.56
CA ASN B 68 59.29 -73.03 -31.35
C ASN B 68 60.77 -73.23 -31.67
N GLY B 69 61.33 -72.40 -32.55
CA GLY B 69 62.70 -72.56 -32.98
C GLY B 69 62.89 -73.79 -33.83
N THR B 70 61.86 -74.10 -34.63
CA THR B 70 61.85 -75.27 -35.50
C THR B 70 61.97 -74.93 -36.98
N SER B 71 61.92 -73.65 -37.33
CA SER B 71 62.06 -73.23 -38.73
C SER B 71 63.43 -73.61 -39.27
N VAL B 75 55.97 -77.14 -40.15
CA VAL B 75 55.00 -77.64 -39.19
C VAL B 75 53.68 -76.87 -39.37
N PRO B 76 52.60 -77.53 -39.85
CA PRO B 76 51.29 -76.84 -39.87
C PRO B 76 50.56 -76.98 -38.55
N TYR B 77 49.70 -76.01 -38.23
CA TYR B 77 48.94 -75.98 -36.99
C TYR B 77 47.52 -75.55 -37.28
N THR B 78 46.60 -75.94 -36.40
CA THR B 78 45.24 -75.44 -36.39
C THR B 78 45.13 -74.32 -35.37
N PHE B 79 43.96 -73.69 -35.29
CA PHE B 79 43.77 -72.51 -34.46
C PHE B 79 42.36 -72.50 -33.88
N SER B 80 42.21 -71.71 -32.82
CA SER B 80 40.92 -71.41 -32.23
C SER B 80 41.09 -70.23 -31.28
N CYS B 81 40.05 -69.42 -31.18
CA CYS B 81 40.03 -68.28 -30.28
C CYS B 81 38.63 -67.71 -30.23
N THR B 82 38.35 -66.97 -29.15
CA THR B 82 37.05 -66.32 -28.94
C THR B 82 35.92 -67.36 -28.96
N ILE B 83 35.95 -68.27 -27.99
CA ILE B 83 34.95 -69.33 -27.89
C ILE B 83 33.80 -68.81 -27.03
N LYS B 87 32.12 -64.07 -30.38
CA LYS B 87 32.73 -65.31 -29.92
C LYS B 87 32.51 -66.40 -30.99
N ALA B 88 31.92 -67.56 -30.64
CA ALA B 88 31.68 -68.64 -31.58
C ALA B 88 32.98 -69.25 -32.12
N SER B 89 34.08 -69.14 -31.36
CA SER B 89 35.30 -69.90 -31.59
C SER B 89 35.90 -69.65 -32.97
N ASP B 90 36.33 -68.40 -33.20
CA ASP B 90 37.03 -68.07 -34.42
C ASP B 90 38.41 -68.76 -34.44
N PRO B 91 38.99 -68.98 -35.63
CA PRO B 91 40.28 -69.69 -35.63
C PRO B 91 41.42 -68.83 -35.09
N TYR B 102 41.47 -61.82 -41.05
CA TYR B 102 41.62 -60.42 -40.68
C TYR B 102 40.32 -59.87 -40.12
N SER B 103 39.23 -59.99 -40.87
CA SER B 103 37.93 -59.57 -40.36
C SER B 103 37.38 -60.58 -39.35
N SER B 104 37.87 -61.83 -39.41
CA SER B 104 37.66 -62.76 -38.30
C SER B 104 38.38 -62.29 -37.04
N LEU B 105 39.44 -61.49 -37.19
CA LEU B 105 40.33 -61.09 -36.12
C LEU B 105 40.05 -59.65 -35.68
N ILE B 106 38.76 -59.28 -35.61
CA ILE B 106 38.34 -57.88 -35.62
C ILE B 106 37.75 -57.42 -34.29
N LYS B 107 37.80 -58.24 -33.25
CA LYS B 107 37.01 -57.93 -32.06
C LYS B 107 37.59 -56.81 -31.20
N PRO B 108 38.87 -56.85 -30.76
CA PRO B 108 39.29 -55.76 -29.87
C PRO B 108 39.43 -54.43 -30.58
N GLN B 116 41.30 -58.15 -26.17
CA GLN B 116 42.53 -58.93 -26.26
C GLN B 116 42.21 -60.36 -26.72
N ILE B 117 43.18 -60.99 -27.38
CA ILE B 117 43.03 -62.32 -27.94
C ILE B 117 44.04 -63.25 -27.29
N THR B 118 43.56 -64.42 -26.84
CA THR B 118 44.40 -65.53 -26.42
C THR B 118 44.23 -66.64 -27.46
N LEU B 119 45.17 -66.72 -28.39
CA LEU B 119 45.05 -67.63 -29.53
C LEU B 119 45.35 -69.04 -29.07
N LEU B 120 44.46 -69.97 -29.38
CA LEU B 120 44.71 -71.39 -29.20
C LEU B 120 45.30 -71.95 -30.48
N TYR B 121 46.11 -73.00 -30.33
CA TYR B 121 46.79 -73.59 -31.47
C TYR B 121 47.42 -74.91 -31.06
N THR B 122 47.68 -75.74 -32.07
CA THR B 122 48.29 -77.05 -31.88
C THR B 122 48.64 -77.61 -33.26
N PRO B 123 49.68 -78.45 -33.38
CA PRO B 123 49.98 -79.02 -34.70
C PRO B 123 48.84 -79.89 -35.21
N ARG B 124 48.52 -79.71 -36.48
CA ARG B 124 47.46 -80.49 -37.13
C ARG B 124 48.00 -81.83 -37.60
#